data_1T5E
#
_entry.id   1T5E
#
_cell.length_a   130.551
_cell.length_b   183.585
_cell.length_c   213.314
_cell.angle_alpha   90.00
_cell.angle_beta   107.38
_cell.angle_gamma   90.00
#
_symmetry.space_group_name_H-M   'P 1 21 1'
#
loop_
_entity.id
_entity.type
_entity.pdbx_description
1 polymer 'Multidrug resistance protein mexA'
2 non-polymer GLYCEROL
3 non-polymer D-Glyceraldehyde
#
_entity_poly.entity_id   1
_entity_poly.type   'polypeptide(L)'
_entity_poly.pdbx_seq_one_letter_code
;CGKSEAPPPAQTPEVGIVTLEAQTVTLNTELPGRTNAFRIAEVRPQVNGIILKRLFKEGSDVKAGQQLYQIDPATYEADY
QSAQANLASTQEQAQRYKLLVADQAVSKQQYADANAAYLQSKAAVEQARINLRYTKVLSPISGRIGRSAVTEGALVTNGQ
ANAMATVQQLDPIYVDVTQPSTALLRLRRELASGQLERAGDNAAKVSLKLEDGSQYPLEGRLEFSEVSVDEGTGSVTIRA
VFPNPNNELLPGMFVHAQLQEGVKQKAILAPQQGVTRDLKGQATALVVNAQNKVELRVIKADRVIGDKWLVTEGLNAGDK
IITEGLQFVQPGVEVKTVPAKNVASAQKADAAPAKTDSKG
;
_entity_poly.pdbx_strand_id   A,B,C,D,E,F,G,H,I,J,K,L,M
#
# COMPACT_ATOMS: atom_id res chain seq x y z
N THR A 29 -54.49 15.94 -100.60
CA THR A 29 -54.39 14.56 -100.02
C THR A 29 -54.56 14.56 -98.52
N GLU A 30 -54.79 13.66 -98.15
CA GLU A 30 -55.04 13.58 -96.71
C GLU A 30 -54.57 12.25 -96.13
N LEU A 31 -53.66 12.34 -95.15
CA LEU A 31 -53.09 11.17 -94.49
C LEU A 31 -53.73 10.96 -93.12
N PRO A 32 -54.37 9.81 -92.90
CA PRO A 32 -55.00 9.52 -91.61
C PRO A 32 -53.96 9.16 -90.54
N GLY A 33 -54.25 9.51 -89.29
CA GLY A 33 -53.32 9.21 -88.21
C GLY A 33 -53.86 9.43 -86.82
N ARG A 34 -53.07 9.09 -85.82
CA ARG A 34 -53.45 9.23 -84.41
C ARG A 34 -52.50 10.18 -83.72
N THR A 35 -53.02 10.97 -82.79
CA THR A 35 -52.18 11.89 -82.03
C THR A 35 -51.54 11.11 -80.90
N ASN A 36 -50.29 11.42 -80.58
CA ASN A 36 -49.58 10.75 -79.49
C ASN A 36 -48.70 11.71 -78.73
N ALA A 37 -48.50 11.43 -77.44
CA ALA A 37 -47.68 12.27 -76.60
C ALA A 37 -46.30 12.42 -77.25
N PHE A 38 -45.71 13.59 -77.08
CA PHE A 38 -44.39 13.86 -77.64
C PHE A 38 -43.34 13.11 -76.84
N ARG A 39 -43.64 12.89 -75.56
CA ARG A 39 -42.71 12.23 -74.66
C ARG A 39 -43.47 11.77 -73.41
N ILE A 40 -43.14 10.59 -72.89
CA ILE A 40 -43.84 10.07 -71.73
C ILE A 40 -42.88 9.68 -70.60
N ALA A 41 -42.84 10.52 -69.57
CA ALA A 41 -41.99 10.27 -68.41
C ALA A 41 -42.83 9.66 -67.28
N GLU A 42 -42.19 8.87 -66.43
CA GLU A 42 -42.86 8.25 -65.30
C GLU A 42 -42.28 8.78 -64.01
N VAL A 43 -43.13 8.91 -62.99
CA VAL A 43 -42.68 9.40 -61.70
C VAL A 43 -42.58 8.18 -60.81
N ARG A 44 -41.39 7.95 -60.24
CA ARG A 44 -41.15 6.82 -59.38
C ARG A 44 -40.30 7.16 -58.17
N PRO A 45 -40.54 6.46 -57.05
CA PRO A 45 -39.76 6.73 -55.84
C PRO A 45 -38.39 6.07 -55.96
N GLN A 46 -37.40 6.63 -55.30
CA GLN A 46 -36.06 6.06 -55.33
C GLN A 46 -35.51 6.00 -53.90
N VAL A 47 -36.43 5.88 -52.96
CA VAL A 47 -36.07 5.83 -51.56
C VAL A 47 -37.32 5.27 -50.94
N ASN A 48 -37.20 4.59 -49.82
CA ASN A 48 -38.38 3.99 -49.18
C ASN A 48 -39.03 4.92 -48.19
N GLY A 49 -40.35 4.83 -48.07
CA GLY A 49 -41.01 5.69 -47.11
C GLY A 49 -42.51 5.87 -47.26
N ILE A 50 -43.03 6.81 -46.48
CA ILE A 50 -44.46 7.14 -46.49
C ILE A 50 -44.68 8.48 -47.20
N ILE A 51 -45.66 8.50 -48.11
CA ILE A 51 -46.01 9.72 -48.83
C ILE A 51 -46.61 10.70 -47.84
N LEU A 52 -45.91 11.81 -47.59
CA LEU A 52 -46.39 12.82 -46.65
C LEU A 52 -47.38 13.74 -47.35
N LYS A 53 -46.98 14.27 -48.51
CA LYS A 53 -47.82 15.17 -49.27
C LYS A 53 -47.68 14.99 -50.76
N ARG A 54 -48.79 15.23 -51.46
CA ARG A 54 -48.82 15.15 -52.91
C ARG A 54 -49.03 16.58 -53.40
N LEU A 55 -47.93 17.27 -53.72
CA LEU A 55 -47.94 18.66 -54.14
C LEU A 55 -48.41 19.06 -55.56
N PHE A 56 -49.34 18.35 -56.16
CA PHE A 56 -49.76 18.74 -57.50
C PHE A 56 -51.21 18.41 -57.75
N LYS A 57 -51.83 19.16 -58.65
CA LYS A 57 -53.23 18.94 -58.98
C LYS A 57 -53.36 17.92 -60.09
N GLU A 58 -54.11 16.86 -59.82
CA GLU A 58 -54.29 15.84 -60.84
C GLU A 58 -54.83 16.52 -62.06
N GLY A 59 -54.19 16.27 -63.21
CA GLY A 59 -54.64 16.89 -64.43
C GLY A 59 -54.08 18.27 -64.72
N SER A 60 -53.13 18.76 -63.91
CA SER A 60 -52.57 20.08 -64.16
C SER A 60 -51.34 20.06 -65.07
N ASP A 61 -50.63 21.18 -65.11
CA ASP A 61 -49.43 21.29 -65.93
C ASP A 61 -48.27 21.46 -64.97
N VAL A 62 -47.27 20.61 -65.13
CA VAL A 62 -46.12 20.64 -64.26
C VAL A 62 -44.81 20.86 -65.02
N LYS A 63 -43.84 21.47 -64.35
CA LYS A 63 -42.54 21.74 -64.95
C LYS A 63 -41.49 20.74 -64.50
N ALA A 64 -40.60 20.36 -65.41
CA ALA A 64 -39.54 19.42 -65.07
C ALA A 64 -38.72 20.00 -63.92
N GLY A 65 -38.48 19.18 -62.89
CA GLY A 65 -37.72 19.62 -61.73
C GLY A 65 -38.60 20.08 -60.58
N GLN A 66 -39.90 20.10 -60.84
CA GLN A 66 -40.90 20.53 -59.86
C GLN A 66 -41.21 19.38 -58.88
N GLN A 67 -41.22 19.70 -57.58
CA GLN A 67 -41.53 18.68 -56.59
C GLN A 67 -42.96 18.20 -56.75
N LEU A 68 -43.14 16.91 -56.97
CA LEU A 68 -44.49 16.37 -57.13
C LEU A 68 -44.98 15.68 -55.87
N TYR A 69 -44.04 15.18 -55.05
CA TYR A 69 -44.39 14.51 -53.80
C TYR A 69 -43.35 14.80 -52.74
N GLN A 70 -43.71 14.49 -51.50
CA GLN A 70 -42.81 14.64 -50.36
C GLN A 70 -42.91 13.37 -49.54
N ILE A 71 -41.79 12.65 -49.43
CA ILE A 71 -41.75 11.42 -48.64
C ILE A 71 -41.30 11.79 -47.23
N ASP A 72 -42.05 11.31 -46.23
CA ASP A 72 -41.71 11.62 -44.83
C ASP A 72 -40.21 11.44 -44.63
N PRO A 73 -39.53 12.48 -44.16
CA PRO A 73 -38.08 12.46 -43.93
C PRO A 73 -37.54 12.33 -42.49
N ALA A 74 -38.43 12.18 -41.52
CA ALA A 74 -37.98 12.07 -40.13
C ALA A 74 -36.68 11.27 -40.02
N THR A 75 -36.68 10.09 -40.61
CA THR A 75 -35.53 9.22 -40.53
C THR A 75 -34.36 9.58 -41.41
N TYR A 76 -34.59 9.69 -42.72
CA TYR A 76 -33.51 10.04 -43.63
C TYR A 76 -32.74 11.24 -43.11
N GLU A 77 -33.46 12.14 -42.46
CA GLU A 77 -32.86 13.33 -41.90
C GLU A 77 -32.01 12.93 -40.70
N ALA A 78 -32.50 11.96 -39.93
CA ALA A 78 -31.80 11.46 -38.74
C ALA A 78 -30.53 10.71 -39.14
N ASP A 79 -30.64 9.83 -40.14
CA ASP A 79 -29.52 9.06 -40.62
C ASP A 79 -28.47 10.00 -41.19
N TYR A 80 -28.92 11.01 -41.92
CA TYR A 80 -27.98 11.95 -42.52
C TYR A 80 -27.17 12.67 -41.47
N GLN A 81 -27.79 13.02 -40.37
CA GLN A 81 -27.06 13.71 -39.32
C GLN A 81 -26.29 12.71 -38.48
N SER A 82 -26.85 11.52 -38.34
CA SER A 82 -26.17 10.49 -37.59
C SER A 82 -24.83 10.25 -38.27
N ALA A 83 -24.87 10.19 -39.60
CA ALA A 83 -23.67 9.99 -40.40
C ALA A 83 -22.68 11.13 -40.24
N GLN A 84 -23.06 12.33 -40.65
CA GLN A 84 -22.20 13.50 -40.55
C GLN A 84 -21.47 13.56 -39.21
N ALA A 85 -22.13 13.09 -38.16
CA ALA A 85 -21.53 13.09 -36.83
C ALA A 85 -20.30 12.22 -36.90
N ASN A 86 -20.54 11.02 -37.42
CA ASN A 86 -19.52 10.00 -37.62
C ASN A 86 -18.33 10.56 -38.41
N LEU A 87 -18.60 11.00 -39.64
CA LEU A 87 -17.54 11.57 -40.49
C LEU A 87 -16.71 12.63 -39.78
N ALA A 88 -17.38 13.57 -39.11
CA ALA A 88 -16.67 14.62 -38.38
C ALA A 88 -15.67 13.99 -37.40
N SER A 89 -16.05 12.85 -36.83
CA SER A 89 -15.21 12.11 -35.88
C SER A 89 -13.99 11.45 -36.56
N THR A 90 -14.26 10.45 -37.40
CA THR A 90 -13.21 9.73 -38.12
C THR A 90 -12.30 10.67 -38.90
N GLN A 91 -12.86 11.76 -39.43
CA GLN A 91 -12.04 12.70 -40.19
C GLN A 91 -10.97 13.30 -39.30
N GLU A 92 -11.36 13.67 -38.09
CA GLU A 92 -10.42 14.25 -37.14
C GLU A 92 -9.36 13.18 -36.88
N GLN A 93 -9.82 12.00 -36.49
CA GLN A 93 -8.96 10.85 -36.22
C GLN A 93 -7.87 10.69 -37.28
N ALA A 94 -8.30 10.64 -38.53
CA ALA A 94 -7.38 10.49 -39.66
C ALA A 94 -6.38 11.64 -39.72
N GLN A 95 -6.88 12.86 -39.91
CA GLN A 95 -6.02 14.04 -40.00
C GLN A 95 -4.95 14.08 -38.92
N ARG A 96 -5.25 13.50 -37.76
CA ARG A 96 -4.30 13.50 -36.66
C ARG A 96 -3.26 12.39 -36.85
N TYR A 97 -3.72 11.19 -37.21
CA TYR A 97 -2.81 10.07 -37.48
C TYR A 97 -1.87 10.41 -38.62
N LYS A 98 -2.33 11.32 -39.48
CA LYS A 98 -1.55 11.74 -40.63
C LYS A 98 -0.30 12.51 -40.19
N LEU A 99 -0.41 13.20 -39.06
CA LEU A 99 0.71 13.97 -38.54
C LEU A 99 1.67 13.05 -37.79
N LEU A 100 1.13 11.94 -37.28
CA LEU A 100 1.95 10.97 -36.54
C LEU A 100 2.88 10.17 -37.43
N VAL A 101 2.33 9.55 -38.48
CA VAL A 101 3.15 8.78 -39.40
C VAL A 101 4.26 9.67 -39.92
N ALA A 102 3.96 10.95 -40.04
CA ALA A 102 4.94 11.92 -40.51
C ALA A 102 6.18 11.88 -39.61
N ASP A 103 5.98 11.65 -38.32
CA ASP A 103 7.08 11.59 -37.36
C ASP A 103 7.30 10.15 -36.90
N GLN A 104 6.87 9.20 -37.72
CA GLN A 104 7.01 7.78 -37.41
C GLN A 104 6.40 7.45 -36.05
N ALA A 105 5.45 8.28 -35.62
CA ALA A 105 4.77 8.09 -34.34
C ALA A 105 3.79 6.91 -34.41
N VAL A 106 3.42 6.54 -35.64
CA VAL A 106 2.51 5.42 -35.87
C VAL A 106 2.93 4.69 -37.15
N SER A 107 2.40 3.48 -37.33
CA SER A 107 2.71 2.67 -38.50
C SER A 107 1.92 3.11 -39.71
N LYS A 108 2.43 2.77 -40.89
CA LYS A 108 1.75 3.09 -42.14
C LYS A 108 0.42 2.37 -42.09
N GLN A 109 0.44 1.15 -41.56
CA GLN A 109 -0.75 0.33 -41.46
C GLN A 109 -1.83 0.97 -40.60
N GLN A 110 -1.43 1.69 -39.56
CA GLN A 110 -2.39 2.34 -38.68
C GLN A 110 -3.03 3.51 -39.41
N TYR A 111 -2.21 4.44 -39.87
CA TYR A 111 -2.73 5.59 -40.61
C TYR A 111 -3.61 5.10 -41.73
N ALA A 112 -3.36 3.86 -42.13
CA ALA A 112 -4.12 3.24 -43.20
C ALA A 112 -5.54 2.97 -42.73
N ASP A 113 -5.68 2.22 -41.63
CA ASP A 113 -7.00 1.90 -41.10
C ASP A 113 -7.80 3.16 -40.79
N ALA A 114 -7.12 4.16 -40.21
CA ALA A 114 -7.76 5.41 -39.86
C ALA A 114 -8.31 6.08 -41.10
N ASN A 115 -7.46 6.20 -42.11
CA ASN A 115 -7.89 6.83 -43.35
C ASN A 115 -8.92 5.97 -44.06
N ALA A 116 -8.93 4.68 -43.74
CA ALA A 116 -9.90 3.76 -44.34
C ALA A 116 -11.29 4.13 -43.82
N ALA A 117 -11.41 4.20 -42.50
CA ALA A 117 -12.66 4.54 -41.85
C ALA A 117 -13.13 5.89 -42.37
N TYR A 118 -12.23 6.86 -42.38
CA TYR A 118 -12.56 8.19 -42.86
C TYR A 118 -13.24 8.17 -44.22
N LEU A 119 -12.67 7.39 -45.13
CA LEU A 119 -13.23 7.30 -46.46
C LEU A 119 -14.60 6.65 -46.46
N GLN A 120 -14.80 5.65 -45.59
CA GLN A 120 -16.10 4.99 -45.53
C GLN A 120 -17.16 5.96 -45.04
N SER A 121 -16.83 6.74 -44.00
CA SER A 121 -17.75 7.72 -43.44
C SER A 121 -18.16 8.70 -44.53
N LYS A 122 -17.16 9.30 -45.15
CA LYS A 122 -17.37 10.27 -46.21
C LYS A 122 -18.33 9.71 -47.27
N ALA A 123 -18.24 8.41 -47.52
CA ALA A 123 -19.09 7.77 -48.50
C ALA A 123 -20.52 7.66 -47.96
N ALA A 124 -20.62 7.23 -46.70
CA ALA A 124 -21.89 7.07 -46.02
C ALA A 124 -22.67 8.38 -46.03
N VAL A 125 -22.00 9.46 -45.69
CA VAL A 125 -22.62 10.78 -45.66
C VAL A 125 -23.18 11.13 -47.03
N GLU A 126 -22.39 10.93 -48.08
CA GLU A 126 -22.86 11.24 -49.41
C GLU A 126 -24.13 10.45 -49.76
N GLN A 127 -24.18 9.19 -49.34
CA GLN A 127 -25.36 8.37 -49.64
C GLN A 127 -26.56 8.85 -48.83
N ALA A 128 -26.29 9.26 -47.60
CA ALA A 128 -27.34 9.76 -46.71
C ALA A 128 -27.91 11.02 -47.32
N ARG A 129 -27.01 11.94 -47.69
CA ARG A 129 -27.39 13.20 -48.32
C ARG A 129 -28.25 12.95 -49.56
N ILE A 130 -27.81 12.04 -50.42
CA ILE A 130 -28.55 11.72 -51.64
C ILE A 130 -29.97 11.29 -51.29
N ASN A 131 -30.10 10.33 -50.38
CA ASN A 131 -31.41 9.84 -50.00
C ASN A 131 -32.31 10.91 -49.43
N LEU A 132 -31.76 11.74 -48.55
CA LEU A 132 -32.54 12.82 -47.96
C LEU A 132 -33.10 13.66 -49.09
N ARG A 133 -32.23 14.01 -50.04
CA ARG A 133 -32.62 14.82 -51.19
C ARG A 133 -33.81 14.23 -51.95
N TYR A 134 -33.80 12.91 -52.13
CA TYR A 134 -34.90 12.26 -52.85
C TYR A 134 -36.20 12.25 -52.08
N THR A 135 -36.13 12.74 -50.84
CA THR A 135 -37.29 12.80 -49.99
C THR A 135 -38.26 13.76 -50.65
N LYS A 136 -37.68 14.54 -51.57
CA LYS A 136 -38.41 15.52 -52.37
C LYS A 136 -38.43 14.99 -53.79
N VAL A 137 -39.49 14.25 -54.11
CA VAL A 137 -39.66 13.68 -55.44
C VAL A 137 -39.83 14.82 -56.43
N LEU A 138 -39.21 14.70 -57.61
CA LEU A 138 -39.31 15.74 -58.62
C LEU A 138 -39.84 15.21 -59.94
N SER A 139 -40.26 16.11 -60.81
CA SER A 139 -40.77 15.70 -62.11
C SER A 139 -39.62 15.67 -63.11
N PRO A 140 -39.47 14.55 -63.83
CA PRO A 140 -38.39 14.39 -64.82
C PRO A 140 -38.54 15.26 -66.05
N ILE A 141 -39.79 15.42 -66.47
CA ILE A 141 -40.11 16.18 -67.68
C ILE A 141 -41.05 17.35 -67.41
N SER A 142 -41.21 18.22 -68.40
CA SER A 142 -42.15 19.32 -68.29
C SER A 142 -43.34 18.82 -69.09
N GLY A 143 -44.52 18.83 -68.49
CA GLY A 143 -45.67 18.34 -69.20
C GLY A 143 -46.94 18.39 -68.39
N ARG A 144 -47.83 17.45 -68.69
CA ARG A 144 -49.11 17.40 -68.01
C ARG A 144 -49.29 16.14 -67.16
N ILE A 145 -49.29 16.29 -65.84
CA ILE A 145 -49.49 15.14 -64.93
C ILE A 145 -50.98 14.88 -64.88
N GLY A 146 -51.35 13.61 -64.74
CA GLY A 146 -52.74 13.24 -64.66
C GLY A 146 -53.03 12.83 -63.22
N ARG A 147 -53.84 11.80 -63.05
CA ARG A 147 -54.17 11.29 -61.72
C ARG A 147 -52.91 10.75 -61.04
N SER A 148 -52.91 10.76 -59.71
CA SER A 148 -51.80 10.25 -58.91
C SER A 148 -52.21 8.85 -58.47
N ALA A 149 -51.56 7.84 -59.01
CA ALA A 149 -51.87 6.44 -58.69
C ALA A 149 -51.58 6.08 -57.23
N VAL A 150 -50.96 7.01 -56.51
CA VAL A 150 -50.63 6.80 -55.11
C VAL A 150 -51.29 7.84 -54.22
N THR A 151 -51.98 7.38 -53.18
CA THR A 151 -52.65 8.28 -52.25
C THR A 151 -51.63 8.84 -51.26
N GLU A 152 -52.00 9.89 -50.53
CA GLU A 152 -51.08 10.45 -49.55
C GLU A 152 -51.10 9.45 -48.41
N GLY A 153 -50.04 9.42 -47.61
CA GLY A 153 -49.96 8.49 -46.50
C GLY A 153 -49.66 7.05 -46.90
N ALA A 154 -49.64 6.80 -48.20
CA ALA A 154 -49.36 5.46 -48.71
C ALA A 154 -47.90 5.09 -48.53
N LEU A 155 -47.63 3.79 -48.59
CA LEU A 155 -46.27 3.28 -48.45
C LEU A 155 -45.64 3.17 -49.83
N VAL A 156 -44.45 3.72 -49.98
CA VAL A 156 -43.79 3.67 -51.27
C VAL A 156 -42.42 2.98 -51.17
N THR A 157 -42.13 2.11 -52.14
CA THR A 157 -40.88 1.37 -52.14
C THR A 157 -39.99 1.58 -53.36
N ASN A 158 -38.71 1.84 -53.10
CA ASN A 158 -37.76 2.03 -54.18
C ASN A 158 -37.73 0.76 -55.03
N GLY A 159 -37.91 0.92 -56.33
CA GLY A 159 -37.92 -0.21 -57.23
C GLY A 159 -39.29 -0.82 -57.41
N GLN A 160 -40.28 -0.30 -56.69
CA GLN A 160 -41.63 -0.83 -56.79
C GLN A 160 -42.10 -0.81 -58.24
N ALA A 161 -42.87 -1.83 -58.60
CA ALA A 161 -43.39 -2.00 -59.94
C ALA A 161 -44.11 -0.79 -60.53
N ASN A 162 -45.21 -0.41 -59.92
CA ASN A 162 -46.03 0.69 -60.39
C ASN A 162 -45.49 2.09 -60.20
N ALA A 163 -45.77 2.96 -61.17
CA ALA A 163 -45.34 4.35 -61.14
C ALA A 163 -46.34 5.18 -60.35
N MET A 164 -45.83 6.18 -59.63
CA MET A 164 -46.68 7.06 -58.83
C MET A 164 -47.58 7.92 -59.72
N ALA A 165 -47.01 8.42 -60.80
CA ALA A 165 -47.74 9.27 -61.75
C ALA A 165 -47.05 9.33 -63.12
N THR A 166 -47.76 9.87 -64.11
CA THR A 166 -47.22 9.99 -65.46
C THR A 166 -47.29 11.39 -66.03
N VAL A 167 -46.13 11.93 -66.41
CA VAL A 167 -46.03 13.26 -66.99
C VAL A 167 -45.82 13.17 -68.50
N GLN A 168 -46.91 13.30 -69.26
CA GLN A 168 -46.85 13.26 -70.72
C GLN A 168 -46.58 14.65 -71.27
N GLN A 169 -45.65 14.76 -72.21
CA GLN A 169 -45.34 16.05 -72.83
C GLN A 169 -46.31 16.21 -73.99
N LEU A 170 -47.23 17.16 -73.86
CA LEU A 170 -48.23 17.37 -74.88
C LEU A 170 -48.08 18.61 -75.75
N ASP A 171 -47.09 19.46 -75.50
CA ASP A 171 -46.98 20.63 -76.35
C ASP A 171 -46.61 20.15 -77.75
N PRO A 172 -45.33 20.26 -78.16
CA PRO A 172 -45.21 19.73 -79.53
C PRO A 172 -45.80 18.32 -79.46
N ILE A 173 -46.84 18.06 -80.24
CA ILE A 173 -47.48 16.76 -80.20
C ILE A 173 -47.35 16.00 -81.51
N TYR A 174 -47.15 14.69 -81.40
CA TYR A 174 -47.00 13.84 -82.57
C TYR A 174 -48.33 13.41 -83.16
N VAL A 175 -48.26 13.06 -84.44
CA VAL A 175 -49.40 12.56 -85.19
C VAL A 175 -48.82 11.43 -86.02
N ASP A 176 -49.01 10.21 -85.54
CA ASP A 176 -48.49 9.05 -86.24
C ASP A 176 -49.33 8.75 -87.46
N VAL A 177 -48.70 8.85 -88.62
CA VAL A 177 -49.34 8.61 -89.90
C VAL A 177 -48.79 7.33 -90.52
N THR A 178 -49.67 6.50 -91.07
CA THR A 178 -49.23 5.26 -91.69
C THR A 178 -49.63 5.20 -93.16
N GLN A 179 -48.61 5.13 -94.02
CA GLN A 179 -48.78 5.05 -95.47
C GLN A 179 -48.07 3.81 -96.01
N PRO A 180 -48.59 3.23 -97.10
CA PRO A 180 -47.93 2.05 -97.68
C PRO A 180 -46.54 2.47 -98.14
N SER A 181 -45.54 1.64 -97.88
CA SER A 181 -44.15 1.95 -98.25
C SER A 181 -44.00 2.74 -99.56
N THR A 182 -44.81 2.38 -100.56
CA THR A 182 -44.79 3.04 -101.85
C THR A 182 -45.05 4.55 -101.74
N ALA A 183 -46.22 4.88 -101.19
CA ALA A 183 -46.63 6.27 -100.99
C ALA A 183 -45.55 7.10 -100.30
N LEU A 184 -44.86 6.50 -99.33
CA LEU A 184 -43.81 7.20 -98.61
C LEU A 184 -42.73 7.70 -99.58
N LEU A 185 -42.40 6.87 -100.56
CA LEU A 185 -41.41 7.24 -101.57
C LEU A 185 -41.95 8.30 -102.51
N ARG A 186 -43.17 8.08 -102.99
CA ARG A 186 -43.84 9.02 -103.88
C ARG A 186 -43.75 10.42 -103.27
N LEU A 187 -44.14 10.54 -102.00
CA LEU A 187 -44.11 11.81 -101.29
C LEU A 187 -42.69 12.34 -101.11
N ARG A 188 -41.76 11.42 -100.84
CA ARG A 188 -40.37 11.79 -100.64
C ARG A 188 -39.79 12.49 -101.87
N ARG A 189 -40.24 12.07 -103.06
CA ARG A 189 -39.78 12.67 -104.32
C ARG A 189 -40.30 14.08 -104.39
N GLU A 190 -41.63 14.18 -104.39
CA GLU A 190 -42.31 15.47 -104.47
C GLU A 190 -41.66 16.47 -103.53
N LEU A 191 -41.19 15.98 -102.39
CA LEU A 191 -40.53 16.84 -101.41
C LEU A 191 -39.24 17.38 -102.01
N ALA A 192 -38.45 16.50 -102.62
CA ALA A 192 -37.19 16.88 -103.23
C ALA A 192 -37.38 17.63 -104.55
N SER A 193 -38.41 17.25 -105.32
CA SER A 193 -38.69 17.90 -106.60
C SER A 193 -39.48 19.20 -106.40
N GLY A 194 -39.36 19.78 -105.20
CA GLY A 194 -40.06 21.02 -104.90
C GLY A 194 -41.58 20.99 -105.07
N GLN A 195 -42.11 19.85 -105.49
CA GLN A 195 -43.55 19.70 -105.70
C GLN A 195 -44.32 19.74 -104.39
N LEU A 196 -43.58 19.75 -103.29
CA LEU A 196 -44.15 19.79 -101.93
C LEU A 196 -43.55 20.96 -101.14
N GLU A 197 -44.40 21.65 -100.39
CA GLU A 197 -43.96 22.80 -99.61
C GLU A 197 -42.99 22.43 -98.49
N ARG A 198 -41.71 22.77 -98.69
CA ARG A 198 -40.68 22.49 -97.71
C ARG A 198 -41.07 23.02 -96.33
N ALA A 199 -40.55 22.36 -95.30
CA ALA A 199 -40.81 22.74 -93.90
C ALA A 199 -39.48 22.54 -93.18
N GLY A 200 -38.54 21.95 -93.90
CA GLY A 200 -37.22 21.67 -93.37
C GLY A 200 -36.68 20.46 -94.09
N ASP A 201 -35.46 20.04 -93.77
CA ASP A 201 -34.87 18.87 -94.41
C ASP A 201 -35.74 17.65 -94.12
N ASN A 202 -36.25 17.01 -95.18
CA ASN A 202 -37.09 15.83 -95.03
C ASN A 202 -38.44 16.10 -94.36
N ALA A 203 -38.86 17.37 -94.36
CA ALA A 203 -40.13 17.73 -93.75
C ALA A 203 -40.95 18.66 -94.63
N ALA A 204 -42.22 18.32 -94.79
CA ALA A 204 -43.14 19.12 -95.61
C ALA A 204 -44.20 19.71 -94.69
N LYS A 205 -44.57 20.97 -94.93
CA LYS A 205 -45.59 21.62 -94.11
C LYS A 205 -46.91 20.89 -94.26
N VAL A 206 -47.66 20.77 -93.15
CA VAL A 206 -48.94 20.07 -93.15
C VAL A 206 -49.98 20.73 -92.25
N SER A 207 -51.23 20.47 -92.56
CA SER A 207 -52.35 20.99 -91.78
C SER A 207 -53.08 19.83 -91.14
N LEU A 208 -53.76 20.09 -90.02
CA LEU A 208 -54.47 19.04 -89.31
C LEU A 208 -55.99 19.24 -89.34
N LYS A 209 -56.71 18.14 -89.53
CA LYS A 209 -58.16 18.13 -89.59
C LYS A 209 -58.72 17.12 -88.59
N LEU A 210 -59.20 17.62 -87.45
CA LEU A 210 -59.75 16.79 -86.38
C LEU A 210 -60.90 15.92 -86.89
N GLU A 211 -61.11 14.76 -86.24
CA GLU A 211 -62.20 13.86 -86.64
C GLU A 211 -63.51 14.59 -86.40
N ASP A 212 -63.37 15.78 -85.83
CA ASP A 212 -64.47 16.66 -85.54
C ASP A 212 -64.93 17.21 -86.89
N GLY A 213 -63.96 17.42 -87.76
CA GLY A 213 -64.22 17.95 -89.09
C GLY A 213 -63.53 19.30 -89.16
N SER A 214 -63.43 19.95 -88.00
CA SER A 214 -62.80 21.26 -87.89
C SER A 214 -61.34 21.27 -88.34
N GLN A 215 -60.82 22.48 -88.53
CA GLN A 215 -59.43 22.67 -88.96
C GLN A 215 -58.56 23.20 -87.82
N TYR A 216 -57.61 22.39 -87.36
CA TYR A 216 -56.75 22.84 -86.29
C TYR A 216 -56.06 24.12 -86.79
N PRO A 217 -56.33 25.25 -86.11
CA PRO A 217 -55.75 26.56 -86.47
C PRO A 217 -54.26 26.58 -86.84
N LEU A 218 -53.43 25.92 -86.05
CA LEU A 218 -52.00 25.90 -86.34
C LEU A 218 -51.61 24.77 -87.28
N GLU A 219 -50.38 24.79 -87.77
CA GLU A 219 -49.88 23.76 -88.66
C GLU A 219 -48.44 23.42 -88.33
N GLY A 220 -48.02 22.21 -88.70
CA GLY A 220 -46.65 21.80 -88.41
C GLY A 220 -45.98 20.88 -89.41
N ARG A 221 -44.76 20.48 -89.06
CA ARG A 221 -43.92 19.60 -89.87
C ARG A 221 -44.44 18.17 -90.03
N LEU A 222 -44.00 17.54 -91.11
CA LEU A 222 -44.33 16.14 -91.37
C LEU A 222 -43.01 15.48 -91.78
N GLU A 223 -42.23 15.10 -90.77
CA GLU A 223 -40.94 14.46 -90.99
C GLU A 223 -41.11 13.17 -91.80
N PHE A 224 -40.23 12.97 -92.77
CA PHE A 224 -40.31 11.79 -93.61
C PHE A 224 -39.45 10.61 -93.19
N SER A 225 -38.57 10.81 -92.22
CA SER A 225 -37.74 9.70 -91.76
C SER A 225 -38.66 8.69 -91.08
N GLU A 226 -38.57 7.43 -91.49
CA GLU A 226 -39.43 6.37 -90.95
C GLU A 226 -39.16 6.11 -89.47
N VAL A 227 -40.21 5.76 -88.75
CA VAL A 227 -40.10 5.47 -87.33
C VAL A 227 -40.30 3.98 -87.09
N SER A 228 -41.12 3.34 -87.93
CA SER A 228 -41.39 1.91 -87.79
C SER A 228 -42.07 1.36 -89.04
N VAL A 229 -41.90 0.06 -89.26
CA VAL A 229 -42.49 -0.60 -90.42
C VAL A 229 -43.11 -1.95 -90.06
N ASP A 230 -44.41 -2.09 -90.27
CA ASP A 230 -45.09 -3.34 -89.99
C ASP A 230 -44.78 -4.26 -91.16
N GLU A 231 -43.64 -4.94 -91.09
CA GLU A 231 -43.21 -5.84 -92.16
C GLU A 231 -44.31 -6.83 -92.57
N GLY A 232 -45.27 -7.06 -91.69
CA GLY A 232 -46.36 -7.97 -92.00
C GLY A 232 -47.36 -7.31 -92.93
N THR A 233 -47.25 -5.99 -93.04
CA THR A 233 -48.12 -5.19 -93.89
C THR A 233 -47.27 -4.42 -94.89
N GLY A 234 -46.00 -4.24 -94.56
CA GLY A 234 -45.09 -3.51 -95.41
C GLY A 234 -45.25 -2.01 -95.26
N SER A 235 -46.36 -1.60 -94.63
CA SER A 235 -46.65 -0.18 -94.41
C SER A 235 -45.69 0.48 -93.44
N VAL A 236 -45.40 1.76 -93.69
CA VAL A 236 -44.48 2.52 -92.84
C VAL A 236 -45.27 3.50 -91.98
N THR A 237 -44.60 4.01 -90.95
CA THR A 237 -45.21 4.97 -90.04
C THR A 237 -44.27 6.14 -89.81
N ILE A 238 -44.74 7.34 -90.18
CA ILE A 238 -43.96 8.55 -90.01
C ILE A 238 -44.70 9.51 -89.08
N ARG A 239 -43.98 10.52 -88.58
CA ARG A 239 -44.57 11.46 -87.63
C ARG A 239 -44.71 12.92 -88.04
N ALA A 240 -45.84 13.49 -87.67
CA ALA A 240 -46.13 14.90 -87.92
C ALA A 240 -46.00 15.59 -86.57
N VAL A 241 -45.48 16.80 -86.55
CA VAL A 241 -45.29 17.53 -85.29
C VAL A 241 -46.00 18.87 -85.25
N PHE A 242 -47.12 18.93 -84.55
CA PHE A 242 -47.88 20.17 -84.43
C PHE A 242 -47.70 20.89 -83.10
N PRO A 243 -47.70 22.24 -83.13
CA PRO A 243 -47.55 22.98 -81.88
C PRO A 243 -48.88 22.80 -81.17
N ASN A 244 -48.85 22.62 -79.86
CA ASN A 244 -50.11 22.41 -79.14
C ASN A 244 -50.22 23.14 -77.82
N PRO A 245 -50.06 24.48 -77.84
CA PRO A 245 -50.20 25.21 -76.58
C PRO A 245 -51.71 25.17 -76.34
N ASN A 246 -52.19 25.78 -75.27
CA ASN A 246 -53.63 25.74 -74.98
C ASN A 246 -54.08 24.30 -74.73
N ASN A 247 -53.24 23.36 -75.11
CA ASN A 247 -53.51 21.93 -74.91
C ASN A 247 -54.83 21.47 -75.54
N GLU A 248 -55.14 21.99 -76.73
CA GLU A 248 -56.38 21.61 -77.40
C GLU A 248 -56.30 20.15 -77.87
N LEU A 249 -55.12 19.76 -78.33
CA LEU A 249 -54.90 18.41 -78.83
C LEU A 249 -54.47 17.43 -77.74
N LEU A 250 -55.11 16.26 -77.74
CA LEU A 250 -54.79 15.22 -76.77
C LEU A 250 -54.51 13.89 -77.44
N PRO A 251 -53.71 13.03 -76.78
CA PRO A 251 -53.36 11.72 -77.34
C PRO A 251 -54.61 10.87 -77.60
N GLY A 252 -54.54 10.04 -78.63
CA GLY A 252 -55.67 9.18 -78.95
C GLY A 252 -56.65 9.69 -79.98
N MET A 253 -56.53 10.96 -80.37
CA MET A 253 -57.43 11.55 -81.36
C MET A 253 -57.18 10.96 -82.75
N PHE A 254 -58.25 10.67 -83.49
CA PHE A 254 -58.15 10.15 -84.85
C PHE A 254 -58.24 11.36 -85.79
N VAL A 255 -57.09 11.83 -86.27
CA VAL A 255 -57.06 13.00 -87.15
C VAL A 255 -56.67 12.72 -88.60
N HIS A 256 -56.40 13.81 -89.32
CA HIS A 256 -55.99 13.75 -90.73
C HIS A 256 -54.98 14.85 -91.07
N ALA A 257 -53.82 14.44 -91.56
CA ALA A 257 -52.78 15.39 -91.96
C ALA A 257 -53.13 15.76 -93.40
N GLN A 258 -52.77 16.97 -93.82
CA GLN A 258 -53.09 17.42 -95.18
C GLN A 258 -51.95 18.07 -95.94
N LEU A 259 -51.93 17.84 -97.26
CA LEU A 259 -50.92 18.41 -98.16
C LEU A 259 -51.57 19.04 -99.39
N THR B 29 -78.63 19.09 -71.69
CA THR B 29 -77.52 18.12 -71.93
C THR B 29 -77.12 17.39 -70.64
N GLU B 30 -77.20 16.07 -70.68
CA GLU B 30 -76.86 15.26 -69.53
C GLU B 30 -75.60 14.41 -69.72
N LEU B 31 -74.60 14.66 -68.90
CA LEU B 31 -73.33 13.94 -68.96
C LEU B 31 -73.28 12.87 -67.87
N PRO B 32 -73.07 11.60 -68.24
CA PRO B 32 -73.01 10.52 -67.26
C PRO B 32 -71.65 10.52 -66.54
N GLY B 33 -71.64 10.12 -65.27
CA GLY B 33 -70.40 10.10 -64.52
C GLY B 33 -70.47 9.32 -63.22
N ARG B 34 -69.32 9.17 -62.56
CA ARG B 34 -69.25 8.45 -61.30
C ARG B 34 -68.71 9.38 -60.22
N THR B 35 -69.25 9.27 -59.01
CA THR B 35 -68.78 10.09 -57.90
C THR B 35 -67.50 9.49 -57.31
N ASN B 36 -66.55 10.34 -56.95
CA ASN B 36 -65.29 9.89 -56.37
C ASN B 36 -64.84 10.79 -55.25
N ALA B 37 -64.11 10.23 -54.30
CA ALA B 37 -63.63 11.03 -53.19
C ALA B 37 -62.82 12.20 -53.71
N PHE B 38 -62.84 13.30 -52.97
CA PHE B 38 -62.12 14.49 -53.38
C PHE B 38 -60.64 14.30 -53.13
N ARG B 39 -60.32 13.48 -52.14
CA ARG B 39 -58.93 13.23 -51.75
C ARG B 39 -58.90 11.98 -50.87
N ILE B 40 -57.90 11.11 -51.07
CA ILE B 40 -57.78 9.90 -50.24
C ILE B 40 -56.40 9.74 -49.61
N ALA B 41 -56.39 9.34 -48.34
CA ALA B 41 -55.14 9.12 -47.61
C ALA B 41 -55.22 7.78 -46.87
N GLU B 42 -54.07 7.16 -46.65
CA GLU B 42 -54.00 5.89 -45.94
C GLU B 42 -53.32 6.05 -44.58
N VAL B 43 -53.81 5.34 -43.59
CA VAL B 43 -53.22 5.41 -42.26
C VAL B 43 -52.37 4.15 -42.09
N ARG B 44 -51.08 4.35 -41.84
CA ARG B 44 -50.12 3.27 -41.68
C ARG B 44 -49.16 3.49 -40.51
N PRO B 45 -48.69 2.39 -39.89
CA PRO B 45 -47.76 2.49 -38.77
C PRO B 45 -46.36 2.69 -39.30
N GLN B 46 -45.52 3.40 -38.56
CA GLN B 46 -44.15 3.62 -39.03
C GLN B 46 -43.19 3.28 -37.89
N VAL B 47 -43.68 2.47 -36.98
CA VAL B 47 -42.90 2.06 -35.83
C VAL B 47 -43.56 0.75 -35.45
N ASN B 48 -42.79 -0.17 -34.86
CA ASN B 48 -43.34 -1.48 -34.50
C ASN B 48 -44.03 -1.51 -33.15
N GLY B 49 -45.10 -2.28 -33.05
CA GLY B 49 -45.74 -2.37 -31.75
C GLY B 49 -47.12 -2.96 -31.66
N ILE B 50 -47.69 -2.80 -30.47
CA ILE B 50 -49.04 -3.28 -30.20
C ILE B 50 -50.02 -2.10 -30.11
N ILE B 51 -51.15 -2.22 -30.81
CA ILE B 51 -52.19 -1.19 -30.81
C ILE B 51 -52.79 -1.14 -29.41
N LEU B 52 -52.53 -0.05 -28.69
CA LEU B 52 -53.06 0.11 -27.35
C LEU B 52 -54.50 0.59 -27.43
N LYS B 53 -54.72 1.66 -28.20
CA LYS B 53 -56.08 2.22 -28.35
C LYS B 53 -56.34 2.78 -29.74
N ARG B 54 -57.60 2.65 -30.15
CA ARG B 54 -58.05 3.16 -31.44
C ARG B 54 -58.97 4.33 -31.13
N LEU B 55 -58.41 5.54 -31.14
CA LEU B 55 -59.12 6.77 -30.79
C LEU B 55 -60.13 7.39 -31.76
N PHE B 56 -60.86 6.61 -32.54
CA PHE B 56 -61.78 7.23 -33.46
C PHE B 56 -62.98 6.35 -33.74
N LYS B 57 -64.10 6.98 -34.06
CA LYS B 57 -65.31 6.22 -34.34
C LYS B 57 -65.35 5.81 -35.79
N GLU B 58 -65.49 4.53 -36.06
CA GLU B 58 -65.53 4.08 -37.45
C GLU B 58 -66.66 4.85 -38.12
N GLY B 59 -66.39 5.37 -39.32
CA GLY B 59 -67.39 6.13 -40.05
C GLY B 59 -67.57 7.57 -39.60
N SER B 60 -66.67 8.10 -38.77
CA SER B 60 -66.82 9.48 -38.32
C SER B 60 -66.04 10.48 -39.20
N ASP B 61 -65.89 11.71 -38.71
CA ASP B 61 -65.17 12.74 -39.43
C ASP B 61 -63.95 13.04 -38.61
N VAL B 62 -62.79 13.04 -39.25
CA VAL B 62 -61.55 13.27 -38.55
C VAL B 62 -60.76 14.40 -39.20
N LYS B 63 -59.94 15.09 -38.40
CA LYS B 63 -59.14 16.21 -38.89
C LYS B 63 -57.68 15.83 -39.06
N ALA B 64 -57.07 16.30 -40.14
CA ALA B 64 -55.66 16.00 -40.38
C ALA B 64 -54.85 16.41 -39.14
N GLY B 65 -53.97 15.51 -38.70
CA GLY B 65 -53.14 15.76 -37.53
C GLY B 65 -53.73 15.16 -36.26
N GLN B 66 -54.93 14.62 -36.40
CA GLN B 66 -55.65 14.02 -35.28
C GLN B 66 -55.13 12.63 -34.96
N GLN B 67 -54.85 12.38 -33.68
CA GLN B 67 -54.38 11.05 -33.28
C GLN B 67 -55.48 10.03 -33.57
N LEU B 68 -55.16 9.02 -34.39
CA LEU B 68 -56.12 7.98 -34.73
C LEU B 68 -55.88 6.70 -33.94
N TYR B 69 -54.62 6.46 -33.59
CA TYR B 69 -54.23 5.27 -32.82
C TYR B 69 -53.12 5.59 -31.85
N GLN B 70 -53.00 4.74 -30.84
CA GLN B 70 -51.93 4.86 -29.85
C GLN B 70 -51.23 3.49 -29.82
N ILE B 71 -49.95 3.47 -30.19
CA ILE B 71 -49.19 2.22 -30.17
C ILE B 71 -48.51 2.14 -28.82
N ASP B 72 -48.68 1.02 -28.10
CA ASP B 72 -48.07 0.86 -26.78
C ASP B 72 -46.64 1.39 -26.82
N PRO B 73 -46.37 2.48 -26.09
CA PRO B 73 -45.10 3.16 -25.98
C PRO B 73 -44.21 2.91 -24.77
N ALA B 74 -44.60 1.98 -23.89
CA ALA B 74 -43.81 1.72 -22.69
C ALA B 74 -42.30 1.74 -22.92
N THR B 75 -41.86 1.01 -23.94
CA THR B 75 -40.44 0.90 -24.26
C THR B 75 -39.83 2.07 -25.01
N TYR B 76 -40.47 2.48 -26.11
CA TYR B 76 -40.00 3.62 -26.89
C TYR B 76 -39.80 4.80 -25.94
N GLU B 77 -40.76 4.96 -25.02
CA GLU B 77 -40.68 6.01 -24.04
C GLU B 77 -39.44 5.78 -23.17
N ALA B 78 -39.21 4.53 -22.77
CA ALA B 78 -38.06 4.18 -21.94
C ALA B 78 -36.74 4.39 -22.67
N ASP B 79 -36.68 3.98 -23.94
CA ASP B 79 -35.45 4.13 -24.71
C ASP B 79 -35.15 5.61 -24.87
N TYR B 80 -36.20 6.38 -25.15
CA TYR B 80 -36.03 7.81 -25.32
C TYR B 80 -35.46 8.47 -24.09
N GLN B 81 -35.94 8.07 -22.91
CA GLN B 81 -35.40 8.69 -21.71
C GLN B 81 -34.06 8.10 -21.39
N SER B 82 -33.87 6.83 -21.73
CA SER B 82 -32.61 6.17 -21.51
C SER B 82 -31.54 6.94 -22.28
N ALA B 83 -31.89 7.28 -23.51
CA ALA B 83 -30.99 8.02 -24.40
C ALA B 83 -30.68 9.40 -23.85
N GLN B 84 -31.72 10.20 -23.64
CA GLN B 84 -31.54 11.56 -23.12
C GLN B 84 -30.60 11.62 -21.92
N ALA B 85 -30.65 10.59 -21.07
CA ALA B 85 -29.81 10.52 -19.89
C ALA B 85 -28.38 10.49 -20.35
N ASN B 86 -28.14 9.62 -21.33
CA ASN B 86 -26.83 9.42 -21.93
C ASN B 86 -26.28 10.74 -22.48
N LEU B 87 -27.03 11.36 -23.38
CA LEU B 87 -26.63 12.63 -23.97
C LEU B 87 -26.29 13.66 -22.90
N ALA B 88 -27.16 13.77 -21.90
CA ALA B 88 -26.93 14.73 -20.83
C ALA B 88 -25.52 14.52 -20.28
N SER B 89 -25.16 13.25 -20.14
CA SER B 89 -23.86 12.86 -19.62
C SER B 89 -22.70 13.20 -20.55
N THR B 90 -22.70 12.57 -21.72
CA THR B 90 -21.67 12.80 -22.73
C THR B 90 -21.52 14.28 -23.05
N GLN B 91 -22.64 15.00 -23.12
CA GLN B 91 -22.59 16.42 -23.44
C GLN B 91 -21.76 17.19 -22.42
N GLU B 92 -21.97 16.89 -21.15
CA GLU B 92 -21.22 17.55 -20.10
C GLU B 92 -19.73 17.22 -20.29
N GLN B 93 -19.46 15.93 -20.47
CA GLN B 93 -18.11 15.42 -20.69
C GLN B 93 -17.39 16.27 -21.72
N ALA B 94 -18.00 16.38 -22.90
CA ALA B 94 -17.47 17.16 -24.00
C ALA B 94 -17.23 18.63 -23.63
N GLN B 95 -18.29 19.34 -23.30
CA GLN B 95 -18.19 20.75 -22.92
C GLN B 95 -17.05 21.02 -21.94
N ARG B 96 -16.77 20.04 -21.09
CA ARG B 96 -15.70 20.19 -20.10
C ARG B 96 -14.35 19.98 -20.76
N TYR B 97 -14.19 18.85 -21.46
CA TYR B 97 -12.94 18.56 -22.14
C TYR B 97 -12.56 19.71 -23.06
N LYS B 98 -13.58 20.48 -23.45
CA LYS B 98 -13.39 21.64 -24.32
C LYS B 98 -12.46 22.61 -23.59
N LEU B 99 -12.73 22.84 -22.31
CA LEU B 99 -11.92 23.74 -21.50
C LEU B 99 -10.62 23.06 -21.08
N LEU B 100 -10.57 21.73 -21.17
CA LEU B 100 -9.38 20.99 -20.82
C LEU B 100 -8.48 20.82 -22.03
N VAL B 101 -8.51 21.84 -22.89
CA VAL B 101 -7.71 21.90 -24.10
C VAL B 101 -6.96 23.22 -23.99
N ALA B 102 -7.72 24.28 -23.72
CA ALA B 102 -7.17 25.62 -23.54
C ALA B 102 -6.05 25.56 -22.52
N ASP B 103 -6.39 25.13 -21.31
CA ASP B 103 -5.39 24.98 -20.26
C ASP B 103 -4.67 23.66 -20.49
N GLN B 104 -4.71 23.22 -21.75
CA GLN B 104 -4.05 22.00 -22.19
C GLN B 104 -4.00 20.93 -21.10
N ALA B 105 -5.17 20.55 -20.59
CA ALA B 105 -5.28 19.54 -19.54
C ALA B 105 -5.64 18.17 -20.10
N VAL B 106 -6.20 18.15 -21.31
CA VAL B 106 -6.59 16.91 -21.97
C VAL B 106 -6.15 16.94 -23.43
N SER B 107 -5.75 15.78 -23.95
CA SER B 107 -5.27 15.67 -25.32
C SER B 107 -6.37 15.71 -26.35
N LYS B 108 -6.05 16.29 -27.51
CA LYS B 108 -6.98 16.39 -28.63
C LYS B 108 -7.50 14.99 -28.95
N GLN B 109 -6.65 13.98 -28.76
CA GLN B 109 -7.04 12.60 -28.99
C GLN B 109 -8.34 12.36 -28.22
N GLN B 110 -8.36 12.83 -26.97
CA GLN B 110 -9.50 12.66 -26.09
C GLN B 110 -10.65 13.61 -26.42
N TYR B 111 -10.42 14.93 -26.34
CA TYR B 111 -11.49 15.88 -26.64
C TYR B 111 -12.19 15.59 -27.96
N ALA B 112 -11.51 14.84 -28.82
CA ALA B 112 -12.06 14.44 -30.11
C ALA B 112 -13.00 13.28 -29.81
N ASP B 113 -12.48 12.28 -29.10
CA ASP B 113 -13.29 11.12 -28.73
C ASP B 113 -14.51 11.58 -27.93
N ALA B 114 -14.29 12.54 -27.03
CA ALA B 114 -15.36 13.07 -26.20
C ALA B 114 -16.46 13.65 -27.06
N ASN B 115 -16.07 14.54 -27.96
CA ASN B 115 -17.03 15.18 -28.85
C ASN B 115 -17.62 14.15 -29.81
N ALA B 116 -16.93 13.03 -29.98
CA ALA B 116 -17.42 11.98 -30.86
C ALA B 116 -18.64 11.37 -30.20
N ALA B 117 -18.46 10.91 -28.96
CA ALA B 117 -19.54 10.30 -28.19
C ALA B 117 -20.72 11.25 -28.08
N TYR B 118 -20.44 12.51 -27.79
CA TYR B 118 -21.49 13.51 -27.66
C TYR B 118 -22.35 13.57 -28.90
N LEU B 119 -21.73 13.58 -30.07
CA LEU B 119 -22.46 13.63 -31.31
C LEU B 119 -23.28 12.39 -31.52
N GLN B 120 -22.73 11.23 -31.17
CA GLN B 120 -23.47 9.99 -31.33
C GLN B 120 -24.71 10.01 -30.45
N SER B 121 -24.54 10.43 -29.19
CA SER B 121 -25.65 10.49 -28.24
C SER B 121 -26.75 11.35 -28.82
N LYS B 122 -26.37 12.55 -29.20
CA LYS B 122 -27.28 13.52 -29.78
C LYS B 122 -28.11 12.89 -30.90
N ALA B 123 -27.46 12.07 -31.71
CA ALA B 123 -28.13 11.39 -32.82
C ALA B 123 -29.09 10.33 -32.31
N ALA B 124 -28.64 9.54 -31.33
CA ALA B 124 -29.44 8.48 -30.72
C ALA B 124 -30.74 9.04 -30.15
N VAL B 125 -30.63 10.18 -29.45
CA VAL B 125 -31.79 10.83 -28.87
C VAL B 125 -32.76 11.24 -29.97
N GLU B 126 -32.24 11.82 -31.04
CA GLU B 126 -33.12 12.25 -32.10
C GLU B 126 -33.89 11.07 -32.69
N GLN B 127 -33.20 9.96 -32.88
CA GLN B 127 -33.83 8.78 -33.43
C GLN B 127 -34.86 8.17 -32.45
N ALA B 128 -34.57 8.28 -31.15
CA ALA B 128 -35.47 7.78 -30.13
C ALA B 128 -36.72 8.64 -30.17
N ARG B 129 -36.51 9.95 -30.17
CA ARG B 129 -37.57 10.94 -30.21
C ARG B 129 -38.51 10.65 -31.37
N ILE B 130 -37.92 10.48 -32.55
CA ILE B 130 -38.68 10.17 -33.75
C ILE B 130 -39.58 8.96 -33.56
N ASN B 131 -39.02 7.86 -33.05
CA ASN B 131 -39.80 6.64 -32.86
C ASN B 131 -40.90 6.78 -31.84
N LEU B 132 -40.62 7.51 -30.76
CA LEU B 132 -41.61 7.70 -29.72
C LEU B 132 -42.77 8.44 -30.36
N ARG B 133 -42.44 9.45 -31.17
CA ARG B 133 -43.47 10.25 -31.84
C ARG B 133 -44.39 9.40 -32.70
N TYR B 134 -43.84 8.50 -33.48
CA TYR B 134 -44.64 7.66 -34.35
C TYR B 134 -45.59 6.75 -33.58
N THR B 135 -45.40 6.73 -32.27
CA THR B 135 -46.20 5.93 -31.35
C THR B 135 -47.65 6.41 -31.43
N LYS B 136 -47.78 7.70 -31.72
CA LYS B 136 -49.07 8.41 -31.89
C LYS B 136 -49.34 8.54 -33.39
N VAL B 137 -50.17 7.63 -33.90
CA VAL B 137 -50.53 7.56 -35.30
C VAL B 137 -51.54 8.63 -35.62
N LEU B 138 -51.11 9.64 -36.37
CA LEU B 138 -52.00 10.75 -36.73
C LEU B 138 -52.64 10.60 -38.10
N SER B 139 -53.72 11.34 -38.32
CA SER B 139 -54.42 11.29 -39.62
C SER B 139 -53.75 12.30 -40.55
N PRO B 140 -53.35 11.85 -41.74
CA PRO B 140 -52.68 12.72 -42.71
C PRO B 140 -53.58 13.79 -43.37
N ILE B 141 -54.86 13.45 -43.51
CA ILE B 141 -55.83 14.30 -44.17
C ILE B 141 -57.03 14.56 -43.29
N SER B 142 -57.90 15.48 -43.71
CA SER B 142 -59.13 15.75 -42.98
C SER B 142 -60.20 15.13 -43.83
N GLY B 143 -61.06 14.33 -43.21
CA GLY B 143 -62.08 13.65 -43.98
C GLY B 143 -62.84 12.65 -43.14
N ARG B 144 -63.31 11.62 -43.81
CA ARG B 144 -64.10 10.58 -43.16
C ARG B 144 -63.41 9.19 -43.08
N ILE B 145 -63.03 8.76 -41.86
CA ILE B 145 -62.44 7.43 -41.67
C ILE B 145 -63.56 6.40 -41.66
N GLY B 146 -63.28 5.22 -42.20
CA GLY B 146 -64.28 4.17 -42.23
C GLY B 146 -63.96 3.13 -41.17
N ARG B 147 -64.06 1.86 -41.53
CA ARG B 147 -63.74 0.80 -40.58
C ARG B 147 -62.25 0.81 -40.31
N SER B 148 -61.87 0.21 -39.17
CA SER B 148 -60.45 0.10 -38.80
C SER B 148 -60.02 -1.33 -39.09
N ALA B 149 -59.18 -1.51 -40.10
CA ALA B 149 -58.73 -2.85 -40.49
C ALA B 149 -57.90 -3.56 -39.42
N VAL B 150 -57.55 -2.82 -38.38
CA VAL B 150 -56.74 -3.39 -37.31
C VAL B 150 -57.49 -3.30 -36.00
N THR B 151 -57.53 -4.41 -35.26
CA THR B 151 -58.21 -4.48 -33.97
C THR B 151 -57.28 -3.94 -32.88
N GLU B 152 -57.84 -3.63 -31.72
CA GLU B 152 -56.99 -3.15 -30.64
C GLU B 152 -56.20 -4.36 -30.18
N GLY B 153 -55.04 -4.11 -29.57
CA GLY B 153 -54.22 -5.20 -29.10
C GLY B 153 -53.48 -5.94 -30.21
N ALA B 154 -53.79 -5.63 -31.47
CA ALA B 154 -53.12 -6.28 -32.59
C ALA B 154 -51.67 -5.83 -32.74
N LEU B 155 -50.91 -6.62 -33.48
CA LEU B 155 -49.49 -6.33 -33.70
C LEU B 155 -49.35 -5.51 -34.98
N VAL B 156 -48.56 -4.47 -34.92
CA VAL B 156 -48.40 -3.63 -36.08
C VAL B 156 -46.92 -3.46 -36.41
N THR B 157 -46.61 -3.54 -37.71
CA THR B 157 -45.22 -3.45 -38.17
C THR B 157 -44.91 -2.34 -39.18
N ASN B 158 -43.87 -1.58 -38.91
CA ASN B 158 -43.46 -0.54 -39.83
C ASN B 158 -43.18 -1.24 -41.17
N GLY B 159 -43.69 -0.70 -42.26
CA GLY B 159 -43.44 -1.31 -43.55
C GLY B 159 -44.49 -2.33 -43.90
N GLN B 160 -45.34 -2.68 -42.94
CA GLN B 160 -46.35 -3.67 -43.25
C GLN B 160 -47.16 -3.35 -44.50
N ALA B 161 -47.54 -4.37 -45.23
CA ALA B 161 -48.31 -4.20 -46.47
C ALA B 161 -49.63 -3.46 -46.33
N ASN B 162 -50.54 -4.00 -45.52
CA ASN B 162 -51.85 -3.38 -45.36
C ASN B 162 -51.89 -2.09 -44.53
N ALA B 163 -52.90 -1.26 -44.82
CA ALA B 163 -53.08 -0.01 -44.09
C ALA B 163 -54.07 -0.22 -42.95
N MET B 164 -53.86 0.48 -41.85
CA MET B 164 -54.72 0.35 -40.69
C MET B 164 -56.12 0.90 -40.94
N ALA B 165 -56.18 2.00 -41.69
CA ALA B 165 -57.46 2.66 -42.02
C ALA B 165 -57.35 3.63 -43.21
N THR B 166 -58.50 4.00 -43.77
CA THR B 166 -58.53 4.93 -44.90
C THR B 166 -59.43 6.14 -44.66
N VAL B 167 -58.85 7.32 -44.83
CA VAL B 167 -59.57 8.57 -44.64
C VAL B 167 -59.85 9.22 -45.99
N GLN B 168 -61.14 9.38 -46.30
CA GLN B 168 -61.52 10.00 -47.57
C GLN B 168 -62.17 11.37 -47.34
N GLN B 169 -61.78 12.36 -48.15
CA GLN B 169 -62.41 13.69 -48.03
C GLN B 169 -63.61 13.62 -48.96
N LEU B 170 -64.80 13.60 -48.36
CA LEU B 170 -66.02 13.49 -49.12
C LEU B 170 -66.81 14.76 -49.29
N ASP B 171 -66.45 15.85 -48.62
CA ASP B 171 -67.24 17.05 -48.79
C ASP B 171 -67.13 17.48 -50.23
N PRO B 172 -66.30 18.49 -50.55
CA PRO B 172 -66.37 18.70 -52.00
C PRO B 172 -66.14 17.32 -52.60
N ILE B 173 -67.07 16.84 -53.43
CA ILE B 173 -66.92 15.52 -53.99
C ILE B 173 -66.84 15.56 -55.50
N TYR B 174 -65.99 14.73 -56.08
CA TYR B 174 -65.82 14.70 -57.52
C TYR B 174 -66.87 13.86 -58.21
N VAL B 175 -67.00 14.12 -59.51
CA VAL B 175 -67.91 13.38 -60.37
C VAL B 175 -67.13 13.27 -61.67
N ASP B 176 -66.53 12.10 -61.87
CA ASP B 176 -65.75 11.85 -63.06
C ASP B 176 -66.69 11.64 -64.24
N VAL B 177 -66.56 12.50 -65.23
CA VAL B 177 -67.37 12.43 -66.43
C VAL B 177 -66.49 12.11 -67.62
N THR B 178 -66.96 11.21 -68.47
CA THR B 178 -66.18 10.81 -69.65
C THR B 178 -66.91 11.13 -70.95
N GLN B 179 -66.32 12.05 -71.73
CA GLN B 179 -66.88 12.47 -73.02
C GLN B 179 -65.87 12.25 -74.14
N PRO B 180 -66.34 11.92 -75.36
CA PRO B 180 -65.41 11.70 -76.47
C PRO B 180 -64.63 13.00 -76.70
N SER B 181 -63.34 12.88 -76.97
CA SER B 181 -62.47 14.03 -77.17
C SER B 181 -63.15 15.19 -77.90
N THR B 182 -63.95 14.86 -78.90
CA THR B 182 -64.68 15.86 -79.69
C THR B 182 -65.60 16.73 -78.82
N ALA B 183 -66.54 16.06 -78.14
CA ALA B 183 -67.50 16.72 -77.28
C ALA B 183 -66.82 17.68 -76.31
N LEU B 184 -65.68 17.28 -75.75
CA LEU B 184 -64.96 18.12 -74.81
C LEU B 184 -64.64 19.47 -75.44
N LEU B 185 -64.29 19.47 -76.72
CA LEU B 185 -63.97 20.71 -77.44
C LEU B 185 -65.25 21.50 -77.68
N ARG B 186 -66.25 20.81 -78.19
CA ARG B 186 -67.55 21.42 -78.46
C ARG B 186 -67.98 22.23 -77.25
N LEU B 187 -67.95 21.61 -76.07
CA LEU B 187 -68.36 22.27 -74.83
C LEU B 187 -67.40 23.39 -74.48
N ARG B 188 -66.12 23.19 -74.78
CA ARG B 188 -65.11 24.20 -74.47
C ARG B 188 -65.37 25.51 -75.20
N ARG B 189 -65.89 25.42 -76.42
CA ARG B 189 -66.19 26.62 -77.20
C ARG B 189 -67.35 27.33 -76.55
N GLU B 190 -68.47 26.62 -76.47
CA GLU B 190 -69.69 27.16 -75.88
C GLU B 190 -69.36 27.87 -74.56
N LEU B 191 -68.40 27.34 -73.83
CA LEU B 191 -68.02 27.97 -72.56
C LEU B 191 -67.45 29.35 -72.86
N ALA B 192 -66.57 29.41 -73.85
CA ALA B 192 -65.93 30.67 -74.24
C ALA B 192 -66.89 31.60 -74.98
N SER B 193 -67.75 31.03 -75.82
CA SER B 193 -68.72 31.83 -76.58
C SER B 193 -69.96 32.16 -75.73
N GLY B 194 -69.77 32.28 -74.41
CA GLY B 194 -70.86 32.59 -73.51
C GLY B 194 -72.12 31.75 -73.64
N GLN B 195 -72.11 30.77 -74.53
CA GLN B 195 -73.27 29.89 -74.75
C GLN B 195 -73.50 28.95 -73.56
N LEU B 196 -72.55 28.95 -72.62
CA LEU B 196 -72.60 28.11 -71.42
C LEU B 196 -72.47 28.98 -70.17
N GLU B 197 -73.24 28.64 -69.14
CA GLU B 197 -73.22 29.41 -67.90
C GLU B 197 -71.90 29.33 -67.14
N ARG B 198 -71.10 30.39 -67.21
CA ARG B 198 -69.82 30.43 -66.51
C ARG B 198 -69.99 30.03 -65.05
N ALA B 199 -68.91 29.51 -64.49
CA ALA B 199 -68.87 29.08 -63.10
C ALA B 199 -67.48 29.44 -62.61
N GLY B 200 -66.65 29.86 -63.56
CA GLY B 200 -65.27 30.24 -63.26
C GLY B 200 -64.47 29.98 -64.51
N ASP B 201 -63.18 30.29 -64.49
CA ASP B 201 -62.34 30.07 -65.65
C ASP B 201 -62.33 28.57 -65.99
N ASN B 202 -62.74 28.24 -67.21
CA ASN B 202 -62.79 26.84 -67.64
C ASN B 202 -63.80 25.98 -66.91
N ALA B 203 -64.76 26.60 -66.24
CA ALA B 203 -65.77 25.85 -65.51
C ALA B 203 -67.17 26.37 -65.77
N ALA B 204 -68.10 25.45 -66.04
CA ALA B 204 -69.49 25.80 -66.29
C ALA B 204 -70.32 25.23 -65.15
N LYS B 205 -71.33 25.95 -64.70
CA LYS B 205 -72.17 25.45 -63.62
C LYS B 205 -72.93 24.22 -64.09
N VAL B 206 -73.17 23.28 -63.17
CA VAL B 206 -73.87 22.05 -63.51
C VAL B 206 -74.75 21.55 -62.38
N SER B 207 -75.74 20.74 -62.73
CA SER B 207 -76.66 20.15 -61.78
C SER B 207 -76.43 18.64 -61.78
N LEU B 208 -76.76 17.98 -60.67
CA LEU B 208 -76.55 16.55 -60.57
C LEU B 208 -77.86 15.76 -60.46
N LYS B 209 -77.94 14.66 -61.19
CA LYS B 209 -79.12 13.80 -61.19
C LYS B 209 -78.73 12.37 -60.81
N LEU B 210 -79.02 12.00 -59.56
CA LEU B 210 -78.71 10.68 -59.03
C LEU B 210 -79.36 9.58 -59.89
N GLU B 211 -78.77 8.38 -59.90
CA GLU B 211 -79.33 7.27 -60.68
C GLU B 211 -80.68 6.93 -60.08
N ASP B 212 -80.97 7.61 -58.98
CA ASP B 212 -82.22 7.47 -58.25
C ASP B 212 -83.30 8.09 -59.13
N GLY B 213 -82.90 9.14 -59.83
CA GLY B 213 -83.81 9.88 -60.69
C GLY B 213 -83.90 11.26 -60.09
N SER B 214 -83.83 11.31 -58.77
CA SER B 214 -83.91 12.56 -58.03
C SER B 214 -82.87 13.62 -58.42
N GLN B 215 -83.12 14.85 -58.00
CA GLN B 215 -82.23 15.97 -58.31
C GLN B 215 -81.47 16.40 -57.07
N TYR B 216 -80.16 16.27 -57.11
CA TYR B 216 -79.36 16.68 -55.97
C TYR B 216 -79.58 18.19 -55.80
N PRO B 217 -80.15 18.58 -54.66
CA PRO B 217 -80.43 19.98 -54.33
C PRO B 217 -79.36 21.01 -54.69
N LEU B 218 -78.12 20.78 -54.31
CA LEU B 218 -77.07 21.74 -54.63
C LEU B 218 -76.52 21.54 -56.03
N GLU B 219 -75.64 22.44 -56.45
CA GLU B 219 -75.02 22.36 -57.77
C GLU B 219 -73.58 22.79 -57.70
N GLY B 220 -72.79 22.40 -58.69
CA GLY B 220 -71.38 22.78 -58.66
C GLY B 220 -70.68 22.92 -59.99
N ARG B 221 -69.39 23.21 -59.92
CA ARG B 221 -68.52 23.40 -61.08
C ARG B 221 -68.26 22.16 -61.91
N LEU B 222 -67.96 22.37 -63.18
CA LEU B 222 -67.62 21.29 -64.08
C LEU B 222 -66.37 21.75 -64.80
N GLU B 223 -65.23 21.61 -64.14
CA GLU B 223 -63.93 22.00 -64.71
C GLU B 223 -63.70 21.32 -66.05
N PHE B 224 -63.12 22.05 -66.99
CA PHE B 224 -62.88 21.49 -68.32
C PHE B 224 -61.47 20.99 -68.56
N SER B 225 -60.55 21.28 -67.65
CA SER B 225 -59.17 20.80 -67.82
C SER B 225 -59.22 19.27 -67.71
N GLU B 226 -58.62 18.60 -68.68
CA GLU B 226 -58.62 17.14 -68.72
C GLU B 226 -57.79 16.56 -67.58
N VAL B 227 -58.22 15.39 -67.11
CA VAL B 227 -57.54 14.70 -66.03
C VAL B 227 -56.85 13.43 -66.56
N SER B 228 -57.46 12.81 -67.55
CA SER B 228 -56.91 11.59 -68.13
C SER B 228 -57.56 11.29 -69.48
N VAL B 229 -56.86 10.55 -70.34
CA VAL B 229 -57.38 10.22 -71.66
C VAL B 229 -57.09 8.76 -72.02
N ASP B 230 -58.15 7.97 -72.22
CA ASP B 230 -57.96 6.57 -72.60
C ASP B 230 -57.61 6.55 -74.07
N GLU B 231 -56.33 6.74 -74.39
CA GLU B 231 -55.87 6.77 -75.78
C GLU B 231 -56.38 5.58 -76.60
N GLY B 232 -56.79 4.52 -75.92
CA GLY B 232 -57.30 3.35 -76.60
C GLY B 232 -58.74 3.56 -77.05
N THR B 233 -59.34 4.63 -76.52
CA THR B 233 -60.72 4.99 -76.84
C THR B 233 -60.72 6.42 -77.37
N GLY B 234 -59.69 7.18 -77.00
CA GLY B 234 -59.58 8.57 -77.41
C GLY B 234 -60.39 9.47 -76.50
N SER B 235 -61.31 8.87 -75.74
CA SER B 235 -62.18 9.60 -74.82
C SER B 235 -61.44 10.26 -73.65
N VAL B 236 -61.91 11.44 -73.25
CA VAL B 236 -61.32 12.19 -72.16
C VAL B 236 -62.18 12.09 -70.91
N THR B 237 -61.58 12.40 -69.77
CA THR B 237 -62.28 12.37 -68.48
C THR B 237 -62.05 13.68 -67.74
N ILE B 238 -63.15 14.36 -67.43
CA ILE B 238 -63.08 15.62 -66.70
C ILE B 238 -63.87 15.49 -65.40
N ARG B 239 -63.63 16.43 -64.49
CA ARG B 239 -64.28 16.39 -63.19
C ARG B 239 -65.21 17.52 -62.78
N ALA B 240 -66.33 17.13 -62.20
CA ALA B 240 -67.31 18.07 -61.70
C ALA B 240 -67.07 18.09 -60.20
N VAL B 241 -67.38 19.21 -59.55
CA VAL B 241 -67.17 19.33 -58.11
C VAL B 241 -68.40 19.85 -57.39
N PHE B 242 -69.11 18.98 -56.69
CA PHE B 242 -70.29 19.39 -55.96
C PHE B 242 -70.08 19.47 -54.47
N PRO B 243 -70.76 20.40 -53.80
CA PRO B 243 -70.61 20.52 -52.35
C PRO B 243 -71.36 19.31 -51.81
N ASN B 244 -70.87 18.71 -50.73
CA ASN B 244 -71.56 17.55 -50.21
C ASN B 244 -71.60 17.48 -48.70
N PRO B 245 -72.17 18.50 -48.04
CA PRO B 245 -72.24 18.44 -46.59
C PRO B 245 -73.35 17.43 -46.38
N ASN B 246 -73.73 17.16 -45.13
CA ASN B 246 -74.78 16.16 -44.88
C ASN B 246 -74.33 14.79 -45.39
N ASN B 247 -73.25 14.78 -46.17
CA ASN B 247 -72.67 13.55 -46.72
C ASN B 247 -73.69 12.68 -47.44
N GLU B 248 -74.59 13.31 -48.19
CA GLU B 248 -75.61 12.56 -48.92
C GLU B 248 -74.98 11.76 -50.05
N LEU B 249 -74.01 12.37 -50.71
CA LEU B 249 -73.33 11.73 -51.84
C LEU B 249 -72.15 10.88 -51.39
N LEU B 250 -72.06 9.68 -51.96
CA LEU B 250 -70.98 8.74 -51.63
C LEU B 250 -70.29 8.24 -52.90
N PRO B 251 -69.00 7.90 -52.78
CA PRO B 251 -68.25 7.42 -53.94
C PRO B 251 -68.89 6.20 -54.58
N GLY B 252 -68.71 6.06 -55.89
CA GLY B 252 -69.26 4.92 -56.60
C GLY B 252 -70.67 5.05 -57.16
N MET B 253 -71.32 6.18 -56.91
CA MET B 253 -72.67 6.43 -57.42
C MET B 253 -72.63 6.74 -58.92
N PHE B 254 -73.55 6.13 -59.65
CA PHE B 254 -73.64 6.36 -61.09
C PHE B 254 -74.60 7.52 -61.28
N VAL B 255 -74.05 8.70 -61.58
CA VAL B 255 -74.88 9.89 -61.75
C VAL B 255 -74.86 10.52 -63.14
N HIS B 256 -75.48 11.70 -63.24
CA HIS B 256 -75.56 12.49 -64.47
C HIS B 256 -75.39 13.98 -64.20
N ALA B 257 -74.42 14.58 -64.87
CA ALA B 257 -74.19 16.02 -64.73
C ALA B 257 -75.08 16.63 -65.79
N GLN B 258 -75.62 17.83 -65.51
CA GLN B 258 -76.53 18.46 -66.46
C GLN B 258 -76.13 19.87 -66.88
N LEU B 259 -76.25 20.15 -68.17
CA LEU B 259 -75.94 21.46 -68.72
C LEU B 259 -77.15 22.06 -69.47
N THR C 29 -90.33 -2.75 -45.01
CA THR C 29 -89.05 -3.02 -45.74
C THR C 29 -88.06 -3.87 -44.93
N GLU C 30 -87.52 -4.91 -45.55
CA GLU C 30 -86.55 -5.81 -44.93
C GLU C 30 -85.15 -5.66 -45.52
N LEU C 31 -84.20 -5.34 -44.66
CA LEU C 31 -82.81 -5.15 -45.07
C LEU C 31 -81.94 -6.34 -44.66
N PRO C 32 -81.31 -7.02 -45.63
CA PRO C 32 -80.46 -8.17 -45.32
C PRO C 32 -79.11 -7.74 -44.73
N GLY C 33 -78.57 -8.54 -43.83
CA GLY C 33 -77.30 -8.20 -43.22
C GLY C 33 -76.68 -9.33 -42.41
N ARG C 34 -75.46 -9.09 -41.94
CA ARG C 34 -74.72 -10.08 -41.16
C ARG C 34 -74.45 -9.52 -39.76
N THR C 35 -74.49 -10.37 -38.75
CA THR C 35 -74.21 -9.93 -37.39
C THR C 35 -72.70 -9.88 -37.23
N ASN C 36 -72.21 -8.95 -36.41
CA ASN C 36 -70.78 -8.82 -36.17
C ASN C 36 -70.50 -8.36 -34.77
N ALA C 37 -69.33 -8.73 -34.26
CA ALA C 37 -68.97 -8.34 -32.91
C ALA C 37 -69.02 -6.83 -32.80
N PHE C 38 -69.42 -6.36 -31.64
CA PHE C 38 -69.50 -4.93 -31.40
C PHE C 38 -68.09 -4.37 -31.28
N ARG C 39 -67.19 -5.19 -30.77
CA ARG C 39 -65.81 -4.76 -30.57
C ARG C 39 -64.89 -5.99 -30.52
N ILE C 40 -63.69 -5.85 -31.09
CA ILE C 40 -62.74 -6.95 -31.12
C ILE C 40 -61.30 -6.57 -30.76
N ALA C 41 -60.68 -7.38 -29.91
CA ALA C 41 -59.31 -7.16 -29.49
C ALA C 41 -58.52 -8.47 -29.53
N GLU C 42 -57.21 -8.36 -29.68
CA GLU C 42 -56.33 -9.53 -29.74
C GLU C 42 -55.43 -9.55 -28.52
N VAL C 43 -55.19 -10.75 -27.99
CA VAL C 43 -54.31 -10.90 -26.84
C VAL C 43 -52.96 -11.40 -27.37
N ARG C 44 -51.90 -10.66 -27.08
CA ARG C 44 -50.56 -10.99 -27.55
C ARG C 44 -49.51 -10.79 -26.49
N PRO C 45 -48.37 -11.48 -26.61
CA PRO C 45 -47.31 -11.33 -25.62
C PRO C 45 -46.41 -10.16 -26.03
N GLN C 46 -45.76 -9.54 -25.06
CA GLN C 46 -44.89 -8.41 -25.38
C GLN C 46 -43.62 -8.57 -24.62
N VAL C 47 -43.33 -9.81 -24.26
CA VAL C 47 -42.14 -10.16 -23.51
C VAL C 47 -41.96 -11.62 -23.87
N ASN C 48 -40.71 -12.09 -23.84
CA ASN C 48 -40.42 -13.49 -24.17
C ASN C 48 -40.52 -14.43 -22.99
N GLY C 49 -41.04 -15.63 -23.22
CA GLY C 49 -41.14 -16.55 -22.12
C GLY C 49 -41.97 -17.80 -22.28
N ILE C 50 -42.21 -18.47 -21.16
CA ILE C 50 -42.99 -19.69 -21.16
C ILE C 50 -44.32 -19.43 -20.47
N ILE C 51 -45.41 -19.86 -21.11
CA ILE C 51 -46.73 -19.69 -20.51
C ILE C 51 -46.83 -20.53 -19.24
N LEU C 52 -46.82 -19.91 -18.07
CA LEU C 52 -46.95 -20.67 -16.83
C LEU C 52 -48.41 -21.12 -16.65
N LYS C 53 -49.32 -20.16 -16.58
CA LYS C 53 -50.73 -20.47 -16.40
C LYS C 53 -51.65 -19.67 -17.31
N ARG C 54 -52.77 -20.30 -17.71
CA ARG C 54 -53.77 -19.63 -18.52
C ARG C 54 -54.96 -19.43 -17.59
N LEU C 55 -55.11 -18.22 -17.04
CA LEU C 55 -56.17 -17.92 -16.10
C LEU C 55 -57.60 -17.66 -16.61
N PHE C 56 -58.05 -18.33 -17.65
CA PHE C 56 -59.40 -18.06 -18.11
C PHE C 56 -60.07 -19.24 -18.78
N LYS C 57 -61.39 -19.31 -18.66
CA LYS C 57 -62.13 -20.40 -19.24
C LYS C 57 -62.44 -20.13 -20.69
N GLU C 58 -61.98 -20.98 -21.59
CA GLU C 58 -62.26 -20.77 -23.00
C GLU C 58 -63.76 -20.58 -23.12
N GLY C 59 -64.17 -19.59 -23.90
CA GLY C 59 -65.59 -19.34 -24.09
C GLY C 59 -66.28 -18.54 -22.97
N SER C 60 -65.54 -18.07 -21.98
CA SER C 60 -66.17 -17.30 -20.89
C SER C 60 -66.25 -15.81 -21.18
N ASP C 61 -66.57 -15.04 -20.14
CA ASP C 61 -66.68 -13.60 -20.24
C ASP C 61 -65.57 -13.01 -19.42
N VAL C 62 -64.77 -12.18 -20.05
CA VAL C 62 -63.64 -11.55 -19.36
C VAL C 62 -63.76 -10.01 -19.36
N LYS C 63 -63.16 -9.37 -18.35
CA LYS C 63 -63.19 -7.92 -18.22
C LYS C 63 -61.86 -7.27 -18.62
N ALA C 64 -61.93 -6.13 -19.31
CA ALA C 64 -60.72 -5.46 -19.71
C ALA C 64 -59.84 -5.24 -18.48
N GLY C 65 -58.54 -5.54 -18.60
CA GLY C 65 -57.62 -5.38 -17.48
C GLY C 65 -57.40 -6.65 -16.67
N GLN C 66 -58.22 -7.66 -16.97
CA GLN C 66 -58.17 -8.95 -16.27
C GLN C 66 -56.98 -9.74 -16.78
N GLN C 67 -56.24 -10.37 -15.87
CA GLN C 67 -55.11 -11.20 -16.26
C GLN C 67 -55.60 -12.43 -17.00
N LEU C 68 -55.12 -12.62 -18.22
CA LEU C 68 -55.52 -13.77 -19.03
C LEU C 68 -54.50 -14.90 -19.03
N TYR C 69 -53.22 -14.55 -18.86
CA TYR C 69 -52.12 -15.50 -18.83
C TYR C 69 -51.05 -15.05 -17.86
N GLN C 70 -50.17 -15.96 -17.52
CA GLN C 70 -49.06 -15.65 -16.63
C GLN C 70 -47.80 -16.25 -17.22
N ILE C 71 -46.91 -15.40 -17.70
CA ILE C 71 -45.67 -15.87 -18.28
C ILE C 71 -44.71 -16.09 -17.12
N ASP C 72 -44.06 -17.26 -17.08
CA ASP C 72 -43.13 -17.57 -16.00
C ASP C 72 -42.23 -16.36 -15.75
N PRO C 73 -42.48 -15.63 -14.64
CA PRO C 73 -41.73 -14.44 -14.26
C PRO C 73 -40.52 -14.68 -13.39
N ALA C 74 -40.24 -15.93 -13.06
CA ALA C 74 -39.11 -16.23 -12.18
C ALA C 74 -37.89 -15.36 -12.43
N THR C 75 -37.51 -15.24 -13.69
CA THR C 75 -36.31 -14.48 -14.07
C THR C 75 -36.48 -12.97 -14.19
N TYR C 76 -37.54 -12.53 -14.88
CA TYR C 76 -37.83 -11.10 -15.02
C TYR C 76 -37.86 -10.50 -13.62
N GLU C 77 -38.53 -11.22 -12.72
CA GLU C 77 -38.64 -10.80 -11.33
C GLU C 77 -37.25 -10.71 -10.71
N ALA C 78 -36.40 -11.65 -11.10
CA ALA C 78 -35.03 -11.72 -10.59
C ALA C 78 -34.20 -10.57 -11.10
N ASP C 79 -34.25 -10.38 -12.43
CA ASP C 79 -33.50 -9.31 -13.05
C ASP C 79 -33.91 -7.97 -12.50
N TYR C 80 -35.22 -7.77 -12.34
CA TYR C 80 -35.72 -6.53 -11.80
C TYR C 80 -35.13 -6.23 -10.44
N GLN C 81 -35.09 -7.23 -9.56
CA GLN C 81 -34.55 -7.00 -8.24
C GLN C 81 -33.05 -6.93 -8.29
N SER C 82 -32.47 -7.69 -9.21
CA SER C 82 -31.04 -7.67 -9.38
C SER C 82 -30.65 -6.24 -9.73
N ALA C 83 -31.47 -5.61 -10.57
CA ALA C 83 -31.25 -4.24 -11.01
C ALA C 83 -31.43 -3.27 -9.88
N GLN C 84 -32.64 -3.19 -9.33
CA GLN C 84 -32.88 -2.26 -8.22
C GLN C 84 -31.77 -2.29 -7.18
N ALA C 85 -31.14 -3.45 -6.99
CA ALA C 85 -30.05 -3.56 -6.03
C ALA C 85 -28.95 -2.63 -6.50
N ASN C 86 -28.56 -2.85 -7.75
CA ASN C 86 -27.53 -2.07 -8.42
C ASN C 86 -27.81 -0.57 -8.28
N LEU C 87 -28.97 -0.13 -8.77
CA LEU C 87 -29.33 1.27 -8.69
C LEU C 87 -29.11 1.82 -7.29
N ALA C 88 -29.68 1.16 -6.29
CA ALA C 88 -29.54 1.58 -4.91
C ALA C 88 -28.08 1.83 -4.55
N SER C 89 -27.20 1.00 -5.11
CA SER C 89 -25.77 1.12 -4.88
C SER C 89 -25.21 2.38 -5.56
N THR C 90 -25.20 2.37 -6.90
CA THR C 90 -24.69 3.48 -7.70
C THR C 90 -25.31 4.82 -7.30
N GLN C 91 -26.58 4.79 -6.92
CA GLN C 91 -27.23 6.04 -6.54
C GLN C 91 -26.58 6.63 -5.29
N GLU C 92 -26.21 5.78 -4.34
CA GLU C 92 -25.58 6.24 -3.13
C GLU C 92 -24.22 6.80 -3.53
N GLN C 93 -23.47 5.98 -4.27
CA GLN C 93 -22.16 6.35 -4.77
C GLN C 93 -22.19 7.78 -5.34
N ALA C 94 -23.12 8.02 -6.26
CA ALA C 94 -23.27 9.32 -6.90
C ALA C 94 -23.52 10.43 -5.89
N GLN C 95 -24.68 10.36 -5.21
CA GLN C 95 -25.05 11.37 -4.22
C GLN C 95 -23.92 11.75 -3.27
N ARG C 96 -23.03 10.81 -2.98
CA ARG C 96 -21.91 11.08 -2.08
C ARG C 96 -20.82 11.86 -2.83
N TYR C 97 -20.32 11.26 -3.90
CA TYR C 97 -19.29 11.88 -4.73
C TYR C 97 -19.70 13.31 -5.08
N LYS C 98 -20.99 13.50 -5.34
CA LYS C 98 -21.52 14.80 -5.71
C LYS C 98 -21.12 15.87 -4.71
N LEU C 99 -21.08 15.49 -3.44
CA LEU C 99 -20.71 16.45 -2.41
C LEU C 99 -19.22 16.44 -2.08
N LEU C 100 -18.51 15.40 -2.52
CA LEU C 100 -17.07 15.32 -2.29
C LEU C 100 -16.35 16.24 -3.28
N VAL C 101 -16.85 16.22 -4.51
CA VAL C 101 -16.29 17.05 -5.59
C VAL C 101 -16.57 18.52 -5.24
N ALA C 102 -17.56 18.73 -4.39
CA ALA C 102 -17.92 20.07 -3.94
C ALA C 102 -16.81 20.59 -3.03
N ASP C 103 -16.08 19.64 -2.43
CA ASP C 103 -14.96 19.94 -1.53
C ASP C 103 -13.65 19.70 -2.26
N GLN C 104 -13.73 19.46 -3.56
CA GLN C 104 -12.54 19.20 -4.38
C GLN C 104 -11.82 17.95 -3.86
N ALA C 105 -12.56 17.10 -3.16
CA ALA C 105 -12.02 15.86 -2.60
C ALA C 105 -11.94 14.77 -3.67
N VAL C 106 -12.45 15.11 -4.85
CA VAL C 106 -12.48 14.19 -5.99
C VAL C 106 -12.67 15.04 -7.25
N SER C 107 -12.05 14.62 -8.35
CA SER C 107 -12.14 15.37 -9.61
C SER C 107 -13.53 15.25 -10.25
N LYS C 108 -13.90 16.26 -11.03
CA LYS C 108 -15.20 16.25 -11.69
C LYS C 108 -15.35 15.02 -12.56
N GLN C 109 -14.24 14.54 -13.09
CA GLN C 109 -14.29 13.36 -13.96
C GLN C 109 -14.73 12.14 -13.16
N GLN C 110 -14.24 12.05 -11.91
CA GLN C 110 -14.61 10.93 -11.07
C GLN C 110 -16.10 11.02 -10.79
N TYR C 111 -16.60 12.22 -10.47
CA TYR C 111 -18.02 12.41 -10.18
C TYR C 111 -18.85 12.25 -11.45
N ALA C 112 -18.28 12.60 -12.58
CA ALA C 112 -18.96 12.46 -13.84
C ALA C 112 -19.23 10.97 -14.07
N ASP C 113 -18.20 10.16 -13.85
CA ASP C 113 -18.33 8.71 -14.06
C ASP C 113 -19.36 8.12 -13.10
N ALA C 114 -19.32 8.58 -11.85
CA ALA C 114 -20.24 8.11 -10.84
C ALA C 114 -21.67 8.41 -11.28
N ASN C 115 -21.93 9.64 -11.68
CA ASN C 115 -23.28 9.98 -12.10
C ASN C 115 -23.66 9.24 -13.38
N ALA C 116 -22.65 8.86 -14.16
CA ALA C 116 -22.88 8.15 -15.40
C ALA C 116 -23.44 6.77 -15.07
N ALA C 117 -22.78 6.09 -14.13
CA ALA C 117 -23.21 4.76 -13.71
C ALA C 117 -24.63 4.84 -13.15
N TYR C 118 -24.84 5.81 -12.27
CA TYR C 118 -26.15 6.02 -11.66
C TYR C 118 -27.24 6.13 -12.70
N LEU C 119 -26.99 6.91 -13.75
CA LEU C 119 -27.99 7.09 -14.78
C LEU C 119 -28.29 5.82 -15.54
N GLN C 120 -27.25 5.02 -15.77
CA GLN C 120 -27.42 3.76 -16.49
C GLN C 120 -28.26 2.80 -15.67
N SER C 121 -27.95 2.70 -14.39
CA SER C 121 -28.68 1.81 -13.50
C SER C 121 -30.16 2.16 -13.56
N LYS C 122 -30.44 3.44 -13.31
CA LYS C 122 -31.80 3.96 -13.33
C LYS C 122 -32.51 3.55 -14.62
N ALA C 123 -31.77 3.50 -15.71
CA ALA C 123 -32.34 3.11 -16.99
C ALA C 123 -32.68 1.63 -16.97
N ALA C 124 -31.70 0.85 -16.53
CA ALA C 124 -31.83 -0.61 -16.43
C ALA C 124 -33.05 -1.01 -15.61
N VAL C 125 -33.21 -0.37 -14.45
CA VAL C 125 -34.34 -0.66 -13.58
C VAL C 125 -35.65 -0.42 -14.29
N GLU C 126 -35.74 0.71 -14.97
CA GLU C 126 -36.98 1.04 -15.66
C GLU C 126 -37.33 -0.02 -16.69
N GLN C 127 -36.34 -0.46 -17.46
CA GLN C 127 -36.58 -1.48 -18.47
C GLN C 127 -36.98 -2.82 -17.80
N ALA C 128 -36.31 -3.14 -16.70
CA ALA C 128 -36.57 -4.35 -15.95
C ALA C 128 -38.02 -4.34 -15.50
N ARG C 129 -38.42 -3.21 -14.94
CA ARG C 129 -39.77 -2.99 -14.45
C ARG C 129 -40.80 -3.15 -15.57
N ILE C 130 -40.50 -2.57 -16.73
CA ILE C 130 -41.41 -2.67 -17.86
C ILE C 130 -41.64 -4.13 -18.21
N ASN C 131 -40.55 -4.87 -18.41
CA ASN C 131 -40.62 -6.29 -18.77
C ASN C 131 -41.35 -7.13 -17.74
N LEU C 132 -41.05 -6.91 -16.47
CA LEU C 132 -41.73 -7.66 -15.44
C LEU C 132 -43.23 -7.45 -15.62
N ARG C 133 -43.64 -6.19 -15.79
CA ARG C 133 -45.04 -5.84 -15.94
C ARG C 133 -45.70 -6.62 -17.07
N TYR C 134 -45.02 -6.71 -18.21
CA TYR C 134 -45.58 -7.41 -19.36
C TYR C 134 -45.78 -8.90 -19.12
N THR C 135 -45.24 -9.35 -17.99
CA THR C 135 -45.33 -10.75 -17.56
C THR C 135 -46.78 -11.18 -17.34
N LYS C 136 -47.62 -10.24 -16.91
CA LYS C 136 -49.03 -10.55 -16.68
C LYS C 136 -49.84 -10.12 -17.88
N VAL C 137 -50.14 -11.07 -18.76
CA VAL C 137 -50.91 -10.76 -19.95
C VAL C 137 -52.33 -10.44 -19.56
N LEU C 138 -52.72 -9.17 -19.73
CA LEU C 138 -54.05 -8.70 -19.40
C LEU C 138 -54.95 -8.62 -20.64
N SER C 139 -56.26 -8.62 -20.42
CA SER C 139 -57.22 -8.51 -21.52
C SER C 139 -57.46 -7.03 -21.83
N PRO C 140 -57.29 -6.61 -23.09
CA PRO C 140 -57.47 -5.22 -23.49
C PRO C 140 -58.92 -4.70 -23.45
N ILE C 141 -59.84 -5.58 -23.81
CA ILE C 141 -61.26 -5.24 -23.87
C ILE C 141 -62.07 -6.09 -22.93
N SER C 142 -63.33 -5.75 -22.73
CA SER C 142 -64.22 -6.56 -21.92
C SER C 142 -65.08 -7.24 -22.95
N GLY C 143 -65.21 -8.56 -22.84
CA GLY C 143 -66.01 -9.27 -23.80
C GLY C 143 -65.97 -10.75 -23.59
N ARG C 144 -66.00 -11.48 -24.69
CA ARG C 144 -65.99 -12.94 -24.66
C ARG C 144 -64.77 -13.57 -25.34
N ILE C 145 -63.86 -14.16 -24.55
CA ILE C 145 -62.68 -14.85 -25.08
C ILE C 145 -63.13 -16.23 -25.51
N GLY C 146 -62.57 -16.74 -26.60
CA GLY C 146 -62.91 -18.06 -27.07
C GLY C 146 -61.78 -19.02 -26.76
N ARG C 147 -61.44 -19.88 -27.72
CA ARG C 147 -60.35 -20.82 -27.53
C ARG C 147 -59.02 -20.09 -27.35
N SER C 148 -58.07 -20.75 -26.68
CA SER C 148 -56.74 -20.17 -26.48
C SER C 148 -55.83 -20.84 -27.51
N ALA C 149 -55.35 -20.09 -28.48
CA ALA C 149 -54.49 -20.64 -29.52
C ALA C 149 -53.12 -21.08 -29.01
N VAL C 150 -52.84 -20.79 -27.74
CA VAL C 150 -51.57 -21.16 -27.14
C VAL C 150 -51.76 -22.08 -25.94
N THR C 151 -51.04 -23.19 -25.92
CA THR C 151 -51.15 -24.17 -24.82
C THR C 151 -50.32 -23.74 -23.64
N GLU C 152 -50.55 -24.36 -22.47
CA GLU C 152 -49.77 -24.00 -21.30
C GLU C 152 -48.38 -24.55 -21.60
N GLY C 153 -47.38 -23.97 -20.96
CA GLY C 153 -46.02 -24.43 -21.17
C GLY C 153 -45.43 -24.00 -22.49
N ALA C 154 -46.26 -23.50 -23.39
CA ALA C 154 -45.79 -23.05 -24.70
C ALA C 154 -44.78 -21.91 -24.66
N LEU C 155 -43.99 -21.81 -25.72
CA LEU C 155 -43.01 -20.74 -25.83
C LEU C 155 -43.71 -19.56 -26.48
N VAL C 156 -43.51 -18.38 -25.91
CA VAL C 156 -44.16 -17.20 -26.45
C VAL C 156 -43.13 -16.09 -26.71
N THR C 157 -43.22 -15.49 -27.89
CA THR C 157 -42.26 -14.43 -28.25
C THR C 157 -42.86 -13.06 -28.55
N ASN C 158 -42.23 -12.03 -28.00
CA ASN C 158 -42.68 -10.67 -28.23
C ASN C 158 -42.54 -10.39 -29.73
N GLY C 159 -43.62 -9.93 -30.35
CA GLY C 159 -43.57 -9.64 -31.76
C GLY C 159 -44.01 -10.81 -32.60
N GLN C 160 -44.28 -11.94 -31.96
CA GLN C 160 -44.70 -13.12 -32.70
C GLN C 160 -45.94 -12.82 -33.54
N ALA C 161 -46.01 -13.47 -34.69
CA ALA C 161 -47.11 -13.30 -35.62
C ALA C 161 -48.50 -13.57 -35.06
N ASN C 162 -48.73 -14.78 -34.58
CA ASN C 162 -50.04 -15.16 -34.07
C ASN C 162 -50.46 -14.65 -32.69
N ALA C 163 -51.76 -14.48 -32.53
CA ALA C 163 -52.26 -13.99 -31.26
C ALA C 163 -52.61 -15.15 -30.36
N MET C 164 -52.39 -14.95 -29.06
CA MET C 164 -52.70 -15.96 -28.06
C MET C 164 -54.20 -16.23 -27.98
N ALA C 165 -55.02 -15.17 -27.99
CA ALA C 165 -56.47 -15.29 -27.91
C ALA C 165 -57.18 -14.05 -28.44
N THR C 166 -58.49 -14.17 -28.66
CA THR C 166 -59.31 -13.05 -29.18
C THR C 166 -60.58 -12.75 -28.39
N VAL C 167 -60.64 -11.58 -27.77
CA VAL C 167 -61.81 -11.16 -27.00
C VAL C 167 -62.80 -10.37 -27.87
N GLN C 168 -64.06 -10.81 -27.93
CA GLN C 168 -65.05 -10.12 -28.74
C GLN C 168 -66.21 -9.65 -27.87
N GLN C 169 -66.56 -8.37 -27.98
CA GLN C 169 -67.68 -7.82 -27.23
C GLN C 169 -68.91 -8.24 -28.01
N LEU C 170 -69.80 -8.97 -27.36
CA LEU C 170 -70.97 -9.48 -28.04
C LEU C 170 -72.29 -8.94 -27.55
N ASP C 171 -72.29 -8.18 -26.45
CA ASP C 171 -73.56 -7.68 -25.99
C ASP C 171 -74.08 -6.71 -27.03
N PRO C 172 -73.86 -5.39 -26.87
CA PRO C 172 -74.45 -4.65 -28.01
C PRO C 172 -73.84 -5.32 -29.23
N ILE C 173 -74.65 -5.81 -30.14
CA ILE C 173 -74.07 -6.48 -31.30
C ILE C 173 -74.48 -5.79 -32.59
N TYR C 174 -73.55 -5.68 -33.53
CA TYR C 174 -73.83 -5.04 -34.80
C TYR C 174 -74.50 -5.98 -35.78
N VAL C 175 -75.12 -5.37 -36.78
CA VAL C 175 -75.76 -6.08 -37.87
C VAL C 175 -75.42 -5.24 -39.08
N ASP C 176 -74.46 -5.69 -39.86
CA ASP C 176 -74.03 -4.96 -41.03
C ASP C 176 -75.03 -5.12 -42.16
N VAL C 177 -75.66 -4.01 -42.52
CA VAL C 177 -76.67 -3.99 -43.58
C VAL C 177 -76.10 -3.26 -44.80
N THR C 178 -76.34 -3.84 -45.98
CA THR C 178 -75.86 -3.26 -47.22
C THR C 178 -76.99 -2.92 -48.18
N GLN C 179 -77.15 -1.63 -48.45
CA GLN C 179 -78.19 -1.11 -49.36
C GLN C 179 -77.53 -0.29 -50.45
N PRO C 180 -78.17 -0.24 -51.64
CA PRO C 180 -77.58 0.56 -52.73
C PRO C 180 -77.63 2.03 -52.31
N SER C 181 -76.55 2.76 -52.57
CA SER C 181 -76.46 4.17 -52.19
C SER C 181 -77.79 4.92 -52.22
N THR C 182 -78.57 4.69 -53.28
CA THR C 182 -79.88 5.32 -53.46
C THR C 182 -80.81 5.10 -52.27
N ALA C 183 -81.07 3.83 -51.97
CA ALA C 183 -81.94 3.44 -50.87
C ALA C 183 -81.55 4.09 -49.54
N LEU C 184 -80.24 4.24 -49.33
CA LEU C 184 -79.76 4.85 -48.09
C LEU C 184 -80.32 6.26 -47.97
N LEU C 185 -80.34 7.00 -49.08
CA LEU C 185 -80.88 8.36 -49.08
C LEU C 185 -82.39 8.31 -48.86
N ARG C 186 -83.07 7.49 -49.67
CA ARG C 186 -84.51 7.33 -49.56
C ARG C 186 -84.90 7.19 -48.09
N LEU C 187 -84.24 6.26 -47.40
CA LEU C 187 -84.51 6.01 -45.99
C LEU C 187 -84.15 7.21 -45.13
N ARG C 188 -83.06 7.89 -45.50
CA ARG C 188 -82.60 9.06 -44.76
C ARG C 188 -83.64 10.17 -44.73
N ARG C 189 -84.38 10.31 -45.83
CA ARG C 189 -85.44 11.31 -45.91
C ARG C 189 -86.53 10.93 -44.94
N GLU C 190 -87.10 9.76 -45.18
CA GLU C 190 -88.18 9.24 -44.36
C GLU C 190 -87.87 9.41 -42.88
N LEU C 191 -86.61 9.28 -42.53
CA LEU C 191 -86.21 9.45 -41.14
C LEU C 191 -86.46 10.89 -40.70
N ALA C 192 -86.07 11.83 -41.57
CA ALA C 192 -86.25 13.26 -41.27
C ALA C 192 -87.70 13.73 -41.47
N SER C 193 -88.39 13.13 -42.43
CA SER C 193 -89.78 13.48 -42.71
C SER C 193 -90.73 12.73 -41.77
N GLY C 194 -90.24 12.39 -40.58
CA GLY C 194 -91.05 11.67 -39.61
C GLY C 194 -91.72 10.39 -40.11
N GLN C 195 -91.51 10.05 -41.38
CA GLN C 195 -92.09 8.85 -41.97
C GLN C 195 -91.49 7.55 -41.43
N LEU C 196 -90.47 7.69 -40.59
CA LEU C 196 -89.77 6.56 -39.98
C LEU C 196 -89.70 6.77 -38.47
N GLU C 197 -89.90 5.70 -37.71
CA GLU C 197 -89.88 5.78 -36.26
C GLU C 197 -88.51 6.15 -35.71
N ARG C 198 -88.38 7.38 -35.20
CA ARG C 198 -87.12 7.84 -34.64
C ARG C 198 -86.61 6.88 -33.58
N ALA C 199 -85.29 6.87 -33.41
CA ALA C 199 -84.63 6.02 -32.43
C ALA C 199 -83.52 6.87 -31.83
N GLY C 200 -83.27 8.01 -32.48
CA GLY C 200 -82.24 8.93 -32.06
C GLY C 200 -81.80 9.69 -33.31
N ASP C 201 -80.86 10.61 -33.15
CA ASP C 201 -80.38 11.38 -34.30
C ASP C 201 -79.80 10.42 -35.33
N ASN C 202 -80.36 10.42 -36.54
CA ASN C 202 -79.87 9.55 -37.61
C ASN C 202 -80.11 8.06 -37.36
N ALA C 203 -81.00 7.74 -36.43
CA ALA C 203 -81.28 6.34 -36.13
C ALA C 203 -82.77 6.04 -36.06
N ALA C 204 -83.19 5.00 -36.78
CA ALA C 204 -84.58 4.58 -36.80
C ALA C 204 -84.71 3.23 -36.08
N LYS C 205 -85.76 3.04 -35.29
CA LYS C 205 -85.97 1.79 -34.58
C LYS C 205 -86.12 0.64 -35.57
N VAL C 206 -85.57 -0.52 -35.23
CA VAL C 206 -85.65 -1.68 -36.11
C VAL C 206 -85.81 -2.99 -35.34
N SER C 207 -86.36 -3.99 -36.03
CA SER C 207 -86.56 -5.30 -35.46
C SER C 207 -85.70 -6.29 -36.23
N LEU C 208 -85.35 -7.40 -35.58
CA LEU C 208 -84.50 -8.39 -36.22
C LEU C 208 -85.22 -9.72 -36.46
N LYS C 209 -84.98 -10.29 -37.64
CA LYS C 209 -85.59 -11.56 -38.03
C LYS C 209 -84.51 -12.57 -38.43
N LEU C 210 -84.21 -13.49 -37.50
CA LEU C 210 -83.19 -14.51 -37.73
C LEU C 210 -83.47 -15.32 -38.99
N GLU C 211 -82.41 -15.87 -39.61
CA GLU C 211 -82.57 -16.67 -40.83
C GLU C 211 -83.36 -17.91 -40.44
N ASP C 212 -83.61 -18.00 -39.15
CA ASP C 212 -84.38 -19.08 -38.55
C ASP C 212 -85.82 -18.87 -39.01
N GLY C 213 -86.22 -17.61 -39.02
CA GLY C 213 -87.56 -17.22 -39.41
C GLY C 213 -88.13 -16.51 -38.20
N SER C 214 -87.66 -16.91 -37.02
CA SER C 214 -88.09 -16.35 -35.74
C SER C 214 -87.84 -14.84 -35.60
N GLN C 215 -88.50 -14.26 -34.60
CA GLN C 215 -88.39 -12.82 -34.35
C GLN C 215 -87.59 -12.53 -33.09
N TYR C 216 -86.38 -12.01 -33.25
CA TYR C 216 -85.58 -11.68 -32.09
C TYR C 216 -86.43 -10.77 -31.19
N PRO C 217 -86.74 -11.25 -29.97
CA PRO C 217 -87.55 -10.52 -28.99
C PRO C 217 -87.25 -9.04 -28.82
N LEU C 218 -85.98 -8.68 -28.67
CA LEU C 218 -85.62 -7.27 -28.47
C LEU C 218 -85.44 -6.54 -29.79
N GLU C 219 -85.29 -5.22 -29.72
CA GLU C 219 -85.09 -4.41 -30.92
C GLU C 219 -84.08 -3.30 -30.67
N GLY C 220 -83.50 -2.78 -31.74
CA GLY C 220 -82.54 -1.72 -31.58
C GLY C 220 -82.41 -0.70 -32.70
N ARG C 221 -81.45 0.19 -32.53
CA ARG C 221 -81.14 1.27 -33.46
C ARG C 221 -80.57 0.83 -34.79
N LEU C 222 -80.80 1.65 -35.82
CA LEU C 222 -80.26 1.41 -37.14
C LEU C 222 -79.62 2.72 -37.59
N GLU C 223 -78.41 2.99 -37.10
CA GLU C 223 -77.69 4.20 -37.44
C GLU C 223 -77.55 4.36 -38.96
N PHE C 224 -77.70 5.59 -39.43
CA PHE C 224 -77.63 5.84 -40.87
C PHE C 224 -76.31 6.38 -41.37
N SER C 225 -75.39 6.70 -40.46
CA SER C 225 -74.09 7.20 -40.90
C SER C 225 -73.38 6.01 -41.56
N GLU C 226 -72.86 6.24 -42.76
CA GLU C 226 -72.19 5.17 -43.50
C GLU C 226 -70.91 4.75 -42.81
N VAL C 227 -70.59 3.47 -42.97
CA VAL C 227 -69.39 2.90 -42.38
C VAL C 227 -68.42 2.56 -43.50
N SER C 228 -68.94 2.17 -44.66
CA SER C 228 -68.09 1.83 -45.79
C SER C 228 -68.88 1.77 -47.09
N VAL C 229 -68.18 1.97 -48.20
CA VAL C 229 -68.82 1.95 -49.51
C VAL C 229 -68.00 1.17 -50.54
N ASP C 230 -68.59 0.12 -51.11
CA ASP C 230 -67.91 -0.67 -52.13
C ASP C 230 -68.03 0.11 -53.43
N GLU C 231 -67.13 1.06 -53.65
CA GLU C 231 -67.16 1.90 -54.85
C GLU C 231 -67.28 1.10 -56.15
N GLY C 232 -66.90 -0.17 -56.09
CA GLY C 232 -66.99 -1.03 -57.26
C GLY C 232 -68.44 -1.46 -57.49
N THR C 233 -69.26 -1.28 -56.46
CA THR C 233 -70.68 -1.63 -56.50
C THR C 233 -71.51 -0.37 -56.24
N GLY C 234 -70.89 0.60 -55.57
CA GLY C 234 -71.58 1.84 -55.25
C GLY C 234 -72.43 1.70 -53.99
N SER C 235 -72.65 0.43 -53.59
CA SER C 235 -73.45 0.11 -52.41
C SER C 235 -72.81 0.54 -51.09
N VAL C 236 -73.64 0.97 -50.15
CA VAL C 236 -73.19 1.43 -48.85
C VAL C 236 -73.50 0.39 -47.78
N THR C 237 -72.78 0.48 -46.66
CA THR C 237 -72.97 -0.44 -45.56
C THR C 237 -73.18 0.33 -44.27
N ILE C 238 -74.32 0.12 -43.63
CA ILE C 238 -74.62 0.78 -42.38
C ILE C 238 -74.83 -0.27 -41.29
N ARG C 239 -74.81 0.18 -40.03
CA ARG C 239 -74.96 -0.73 -38.90
C ARG C 239 -76.16 -0.58 -37.98
N ALA C 240 -76.73 -1.72 -37.60
CA ALA C 240 -77.85 -1.78 -36.68
C ALA C 240 -77.24 -2.23 -35.36
N VAL C 241 -77.80 -1.79 -34.24
CA VAL C 241 -77.26 -2.18 -32.94
C VAL C 241 -78.30 -2.76 -32.00
N PHE C 242 -78.32 -4.08 -31.87
CA PHE C 242 -79.28 -4.74 -30.98
C PHE C 242 -78.67 -5.16 -29.65
N PRO C 243 -79.48 -5.13 -28.59
CA PRO C 243 -78.98 -5.53 -27.28
C PRO C 243 -78.89 -7.04 -27.37
N ASN C 244 -77.87 -7.64 -26.76
CA ASN C 244 -77.75 -9.07 -26.85
C ASN C 244 -77.30 -9.76 -25.58
N PRO C 245 -78.07 -9.57 -24.49
CA PRO C 245 -77.68 -10.24 -23.24
C PRO C 245 -78.08 -11.69 -23.53
N ASN C 246 -77.89 -12.59 -22.58
CA ASN C 246 -78.25 -14.00 -22.82
C ASN C 246 -77.38 -14.55 -23.95
N ASN C 247 -76.70 -13.66 -24.65
CA ASN C 247 -75.81 -14.03 -25.76
C ASN C 247 -76.50 -14.94 -26.79
N GLU C 248 -77.75 -14.63 -27.12
CA GLU C 248 -78.49 -15.43 -28.09
C GLU C 248 -77.94 -15.22 -29.51
N LEU C 249 -77.57 -13.99 -29.81
CA LEU C 249 -77.03 -13.63 -31.12
C LEU C 249 -75.52 -13.79 -31.21
N LEU C 250 -75.05 -14.42 -32.29
CA LEU C 250 -73.61 -14.64 -32.49
C LEU C 250 -73.16 -14.15 -33.86
N PRO C 251 -71.89 -13.72 -33.96
CA PRO C 251 -71.32 -13.24 -35.22
C PRO C 251 -71.49 -14.23 -36.37
N GLY C 252 -71.69 -13.72 -37.57
CA GLY C 252 -71.83 -14.58 -38.73
C GLY C 252 -73.24 -14.96 -39.13
N MET C 253 -74.22 -14.66 -38.29
CA MET C 253 -75.62 -14.98 -38.60
C MET C 253 -76.13 -14.14 -39.77
N PHE C 254 -76.91 -14.76 -40.65
CA PHE C 254 -77.49 -14.06 -41.79
C PHE C 254 -78.90 -13.65 -41.37
N VAL C 255 -79.08 -12.39 -40.98
CA VAL C 255 -80.38 -11.93 -40.52
C VAL C 255 -81.07 -10.91 -41.44
N HIS C 256 -82.14 -10.31 -40.91
CA HIS C 256 -82.94 -9.31 -41.62
C HIS C 256 -83.43 -8.23 -40.67
N ALA C 257 -83.11 -6.98 -40.98
CA ALA C 257 -83.54 -5.84 -40.19
C ALA C 257 -84.88 -5.43 -40.78
N GLN C 258 -85.78 -4.92 -39.94
CA GLN C 258 -87.10 -4.53 -40.43
C GLN C 258 -87.47 -3.11 -40.00
N LEU C 259 -88.03 -2.34 -40.94
CA LEU C 259 -88.45 -0.97 -40.66
C LEU C 259 -89.95 -0.77 -40.92
N THR D 29 -81.57 -37.54 -32.84
CA THR D 29 -80.69 -36.54 -33.51
C THR D 29 -79.21 -36.85 -33.31
N GLU D 30 -78.46 -36.85 -34.41
CA GLU D 30 -77.03 -37.14 -34.37
C GLU D 30 -76.17 -35.97 -34.84
N LEU D 31 -75.30 -35.50 -33.94
CA LEU D 31 -74.40 -34.39 -34.23
C LEU D 31 -72.98 -34.88 -34.49
N PRO D 32 -72.43 -34.62 -35.69
CA PRO D 32 -71.08 -35.04 -36.04
C PRO D 32 -70.03 -34.17 -35.35
N GLY D 33 -68.88 -34.77 -35.03
CA GLY D 33 -67.82 -34.02 -34.38
C GLY D 33 -66.50 -34.76 -34.29
N ARG D 34 -65.50 -34.10 -33.72
CA ARG D 34 -64.17 -34.67 -33.56
C ARG D 34 -63.77 -34.69 -32.08
N THR D 35 -63.08 -35.75 -31.68
CA THR D 35 -62.62 -35.86 -30.29
C THR D 35 -61.35 -35.04 -30.13
N ASN D 36 -61.23 -34.33 -29.01
CA ASN D 36 -60.05 -33.51 -28.76
C ASN D 36 -59.59 -33.60 -27.32
N ALA D 37 -58.29 -33.42 -27.12
CA ALA D 37 -57.74 -33.48 -25.78
C ALA D 37 -58.49 -32.50 -24.91
N PHE D 38 -58.61 -32.84 -23.64
CA PHE D 38 -59.31 -31.99 -22.70
C PHE D 38 -58.40 -30.84 -22.33
N ARG D 39 -57.10 -31.10 -22.37
CA ARG D 39 -56.10 -30.10 -21.99
C ARG D 39 -54.74 -30.51 -22.56
N ILE D 40 -53.96 -29.55 -23.05
CA ILE D 40 -52.65 -29.87 -23.60
C ILE D 40 -51.58 -28.93 -23.08
N ALA D 41 -50.39 -29.47 -22.86
CA ALA D 41 -49.27 -28.67 -22.37
C ALA D 41 -48.03 -29.07 -23.14
N GLU D 42 -47.04 -28.18 -23.17
CA GLU D 42 -45.78 -28.44 -23.86
C GLU D 42 -44.68 -28.46 -22.83
N VAL D 43 -43.70 -29.33 -23.03
CA VAL D 43 -42.58 -29.42 -22.12
C VAL D 43 -41.39 -28.77 -22.84
N ARG D 44 -40.79 -27.77 -22.21
CA ARG D 44 -39.68 -27.04 -22.81
C ARG D 44 -38.60 -26.71 -21.80
N PRO D 45 -37.35 -26.57 -22.28
CA PRO D 45 -36.25 -26.25 -21.37
C PRO D 45 -36.24 -24.75 -21.10
N GLN D 46 -35.76 -24.35 -19.93
CA GLN D 46 -35.71 -22.94 -19.60
C GLN D 46 -34.33 -22.66 -19.07
N VAL D 47 -33.40 -23.51 -19.45
CA VAL D 47 -32.02 -23.35 -19.04
C VAL D 47 -31.21 -24.11 -20.09
N ASN D 48 -29.97 -23.70 -20.26
CA ASN D 48 -29.15 -24.36 -21.27
C ASN D 48 -28.35 -25.54 -20.74
N GLY D 49 -28.27 -26.58 -21.56
CA GLY D 49 -27.51 -27.75 -21.13
C GLY D 49 -27.71 -29.00 -21.93
N ILE D 50 -27.13 -30.07 -21.37
CA ILE D 50 -27.21 -31.41 -21.96
C ILE D 50 -28.21 -32.31 -21.24
N ILE D 51 -29.09 -32.95 -22.00
CA ILE D 51 -30.07 -33.86 -21.41
C ILE D 51 -29.34 -35.07 -20.79
N LEU D 52 -29.35 -35.19 -19.47
CA LEU D 52 -28.68 -36.30 -18.80
C LEU D 52 -29.59 -37.52 -18.83
N LYS D 53 -30.80 -37.37 -18.32
CA LYS D 53 -31.75 -38.49 -18.30
C LYS D 53 -33.16 -38.08 -18.66
N ARG D 54 -33.88 -39.03 -19.25
CA ARG D 54 -35.25 -38.79 -19.62
C ARG D 54 -36.11 -39.73 -18.77
N LEU D 55 -36.50 -39.27 -17.58
CA LEU D 55 -37.28 -40.05 -16.62
C LEU D 55 -38.74 -40.44 -16.92
N PHE D 56 -39.12 -40.73 -18.16
CA PHE D 56 -40.52 -41.09 -18.38
C PHE D 56 -40.68 -42.01 -19.56
N LYS D 57 -41.74 -42.82 -19.52
CA LYS D 57 -41.99 -43.78 -20.58
C LYS D 57 -42.84 -43.20 -21.69
N GLU D 58 -42.27 -43.10 -22.89
CA GLU D 58 -43.04 -42.56 -24.00
C GLU D 58 -44.36 -43.29 -24.03
N GLY D 59 -45.45 -42.54 -24.07
CA GLY D 59 -46.77 -43.15 -24.10
C GLY D 59 -47.33 -43.46 -22.73
N SER D 60 -46.70 -43.01 -21.65
CA SER D 60 -47.24 -43.29 -20.33
C SER D 60 -48.16 -42.19 -19.79
N ASP D 61 -48.47 -42.25 -18.50
CA ASP D 61 -49.33 -41.26 -17.86
C ASP D 61 -48.43 -40.59 -16.85
N VAL D 62 -48.39 -39.27 -16.90
CA VAL D 62 -47.55 -38.52 -15.98
C VAL D 62 -48.39 -37.53 -15.18
N LYS D 63 -47.89 -37.12 -14.02
CA LYS D 63 -48.60 -36.18 -13.14
C LYS D 63 -47.97 -34.80 -13.15
N ALA D 64 -48.80 -33.77 -13.16
CA ALA D 64 -48.28 -32.41 -13.16
C ALA D 64 -47.30 -32.24 -11.98
N GLY D 65 -46.12 -31.70 -12.28
CA GLY D 65 -45.11 -31.49 -11.25
C GLY D 65 -44.06 -32.59 -11.26
N GLN D 66 -44.33 -33.62 -12.05
CA GLN D 66 -43.43 -34.77 -12.15
C GLN D 66 -42.20 -34.48 -13.00
N GLN D 67 -41.00 -34.77 -12.49
CA GLN D 67 -39.80 -34.55 -13.27
C GLN D 67 -39.84 -35.42 -14.52
N LEU D 68 -39.70 -34.78 -15.68
CA LEU D 68 -39.72 -35.50 -16.95
C LEU D 68 -38.33 -35.63 -17.53
N TYR D 69 -37.45 -34.71 -17.15
CA TYR D 69 -36.08 -34.71 -17.64
C TYR D 69 -35.13 -34.19 -16.62
N GLN D 70 -33.86 -34.49 -16.81
CA GLN D 70 -32.81 -33.98 -15.93
C GLN D 70 -31.72 -33.43 -16.85
N ILE D 71 -31.44 -32.14 -16.70
CA ILE D 71 -30.42 -31.50 -17.51
C ILE D 71 -29.15 -31.60 -16.70
N ASP D 72 -28.09 -32.15 -17.28
CA ASP D 72 -26.84 -32.29 -16.54
C ASP D 72 -26.60 -30.96 -15.82
N PRO D 73 -26.60 -31.00 -14.47
CA PRO D 73 -26.39 -29.90 -13.55
C PRO D 73 -25.05 -29.78 -12.86
N ALA D 74 -24.06 -30.54 -13.30
CA ALA D 74 -22.78 -30.44 -12.61
C ALA D 74 -22.40 -29.00 -12.29
N THR D 75 -22.47 -28.14 -13.30
CA THR D 75 -22.07 -26.74 -13.20
C THR D 75 -23.04 -25.78 -12.51
N TYR D 76 -24.31 -25.82 -12.93
CA TYR D 76 -25.31 -24.98 -12.32
C TYR D 76 -25.26 -25.18 -10.82
N GLU D 77 -25.05 -26.42 -10.42
CA GLU D 77 -24.95 -26.78 -9.01
C GLU D 77 -23.68 -26.18 -8.42
N ALA D 78 -22.62 -26.15 -9.21
CA ALA D 78 -21.34 -25.60 -8.76
C ALA D 78 -21.48 -24.13 -8.55
N ASP D 79 -22.03 -23.46 -9.57
CA ASP D 79 -22.23 -22.01 -9.52
C ASP D 79 -23.12 -21.62 -8.35
N TYR D 80 -24.22 -22.35 -8.18
CA TYR D 80 -25.14 -22.06 -7.11
C TYR D 80 -24.51 -22.12 -5.74
N GLN D 81 -23.54 -23.00 -5.57
CA GLN D 81 -22.90 -23.11 -4.27
C GLN D 81 -21.75 -22.16 -4.24
N SER D 82 -21.16 -21.90 -5.39
CA SER D 82 -20.07 -20.96 -5.43
C SER D 82 -20.63 -19.61 -4.98
N ALA D 83 -21.84 -19.32 -5.46
CA ALA D 83 -22.54 -18.10 -5.12
C ALA D 83 -22.80 -18.05 -3.62
N GLN D 84 -23.69 -18.92 -3.11
CA GLN D 84 -24.03 -18.94 -1.69
C GLN D 84 -22.81 -18.74 -0.77
N ALA D 85 -21.66 -19.24 -1.19
CA ALA D 85 -20.44 -19.10 -0.40
C ALA D 85 -20.24 -17.62 -0.22
N ASN D 86 -20.17 -16.96 -1.38
CA ASN D 86 -19.99 -15.51 -1.52
C ASN D 86 -20.98 -14.69 -0.66
N LEU D 87 -22.28 -14.88 -0.90
CA LEU D 87 -23.31 -14.19 -0.12
C LEU D 87 -23.06 -14.35 1.38
N ALA D 88 -22.84 -15.60 1.82
CA ALA D 88 -22.57 -15.87 3.23
C ALA D 88 -21.43 -14.98 3.73
N SER D 89 -20.45 -14.73 2.84
CA SER D 89 -19.29 -13.91 3.17
C SER D 89 -19.65 -12.43 3.29
N THR D 90 -20.06 -11.85 2.16
CA THR D 90 -20.43 -10.44 2.11
C THR D 90 -21.53 -10.13 3.12
N GLN D 91 -22.46 -11.05 3.32
CA GLN D 91 -23.54 -10.78 4.27
C GLN D 91 -22.99 -10.54 5.68
N GLU D 92 -21.96 -11.29 6.05
CA GLU D 92 -21.36 -11.11 7.37
C GLU D 92 -20.69 -9.72 7.36
N GLN D 93 -19.86 -9.49 6.35
CA GLN D 93 -19.16 -8.21 6.17
C GLN D 93 -20.10 -7.03 6.45
N ALA D 94 -21.23 -7.02 5.74
CA ALA D 94 -22.24 -5.98 5.87
C ALA D 94 -22.72 -5.89 7.31
N GLN D 95 -23.44 -6.91 7.77
CA GLN D 95 -23.98 -6.93 9.14
C GLN D 95 -22.99 -6.40 10.18
N ARG D 96 -21.71 -6.61 9.93
CA ARG D 96 -20.70 -6.16 10.87
C ARG D 96 -20.47 -4.67 10.71
N TYR D 97 -20.20 -4.21 9.48
CA TYR D 97 -19.99 -2.79 9.24
C TYR D 97 -21.19 -1.99 9.75
N LYS D 98 -22.37 -2.64 9.78
CA LYS D 98 -23.59 -2.01 10.27
C LYS D 98 -23.53 -1.64 11.75
N LEU D 99 -23.55 -2.66 12.61
CA LEU D 99 -23.48 -2.43 14.05
C LEU D 99 -22.29 -1.52 14.36
N LEU D 100 -21.21 -1.70 13.61
CA LEU D 100 -20.00 -0.94 13.80
C LEU D 100 -20.05 0.45 13.15
N VAL D 101 -21.25 0.91 12.83
CA VAL D 101 -21.43 2.24 12.23
C VAL D 101 -21.55 3.26 13.37
N ALA D 102 -22.41 2.94 14.34
CA ALA D 102 -22.66 3.78 15.50
C ALA D 102 -21.43 3.88 16.42
N ASP D 103 -20.25 3.90 15.81
CA ASP D 103 -18.99 4.00 16.55
C ASP D 103 -17.95 4.63 15.64
N GLN D 104 -18.34 4.98 14.42
CA GLN D 104 -17.39 5.51 13.46
C GLN D 104 -16.43 4.37 13.17
N ALA D 105 -16.61 3.27 13.90
CA ALA D 105 -15.79 2.08 13.74
C ALA D 105 -16.01 1.63 12.30
N VAL D 106 -17.08 2.16 11.72
CA VAL D 106 -17.47 1.90 10.36
C VAL D 106 -18.21 3.16 9.91
N SER D 107 -17.65 3.82 8.91
CA SER D 107 -18.24 5.03 8.37
C SER D 107 -19.57 4.70 7.71
N LYS D 108 -20.36 5.73 7.40
CA LYS D 108 -21.65 5.55 6.75
C LYS D 108 -21.42 5.31 5.26
N GLN D 109 -20.30 5.82 4.75
CA GLN D 109 -19.94 5.71 3.33
C GLN D 109 -19.29 4.39 2.94
N GLN D 110 -18.94 3.59 3.95
CA GLN D 110 -18.32 2.28 3.72
C GLN D 110 -19.42 1.24 3.86
N TYR D 111 -20.18 1.32 4.94
CA TYR D 111 -21.31 0.41 5.16
C TYR D 111 -22.22 0.53 3.96
N ALA D 112 -21.82 1.37 3.01
CA ALA D 112 -22.55 1.57 1.77
C ALA D 112 -22.01 0.55 0.75
N ASP D 113 -20.70 0.61 0.49
CA ASP D 113 -20.08 -0.33 -0.44
C ASP D 113 -20.27 -1.77 0.02
N ALA D 114 -20.17 -1.97 1.33
CA ALA D 114 -20.35 -3.30 1.91
C ALA D 114 -21.78 -3.79 1.66
N ASN D 115 -22.76 -2.95 1.95
CA ASN D 115 -24.16 -3.33 1.75
C ASN D 115 -24.44 -3.40 0.26
N ALA D 116 -23.54 -2.83 -0.54
CA ALA D 116 -23.67 -2.86 -1.98
C ALA D 116 -23.41 -4.30 -2.42
N ALA D 117 -22.20 -4.77 -2.09
CA ALA D 117 -21.77 -6.14 -2.42
C ALA D 117 -22.78 -7.14 -1.89
N TYR D 118 -23.18 -6.97 -0.63
CA TYR D 118 -24.16 -7.86 -0.03
C TYR D 118 -25.42 -8.03 -0.88
N LEU D 119 -25.92 -6.93 -1.43
CA LEU D 119 -27.12 -6.94 -2.26
C LEU D 119 -26.87 -7.61 -3.62
N GLN D 120 -25.67 -7.42 -4.16
CA GLN D 120 -25.32 -8.03 -5.44
C GLN D 120 -25.27 -9.54 -5.25
N SER D 121 -24.57 -9.98 -4.21
CA SER D 121 -24.43 -11.39 -3.90
C SER D 121 -25.82 -11.99 -3.82
N LYS D 122 -26.63 -11.44 -2.92
CA LYS D 122 -27.99 -11.90 -2.71
C LYS D 122 -28.75 -12.06 -4.03
N ALA D 123 -28.36 -11.26 -5.03
CA ALA D 123 -28.99 -11.30 -6.35
C ALA D 123 -28.47 -12.47 -7.16
N ALA D 124 -27.14 -12.64 -7.16
CA ALA D 124 -26.46 -13.73 -7.86
C ALA D 124 -26.97 -15.07 -7.41
N VAL D 125 -27.09 -15.24 -6.09
CA VAL D 125 -27.60 -16.46 -5.53
C VAL D 125 -29.00 -16.77 -6.06
N GLU D 126 -29.88 -15.77 -6.04
CA GLU D 126 -31.23 -16.00 -6.52
C GLU D 126 -31.23 -16.40 -7.98
N GLN D 127 -30.29 -15.88 -8.75
CA GLN D 127 -30.24 -16.22 -10.17
C GLN D 127 -29.71 -17.65 -10.35
N ALA D 128 -28.69 -18.00 -9.57
CA ALA D 128 -28.09 -19.33 -9.60
C ALA D 128 -29.17 -20.32 -9.22
N ARG D 129 -29.85 -20.02 -8.12
CA ARG D 129 -30.92 -20.86 -7.62
C ARG D 129 -31.95 -21.11 -8.72
N ILE D 130 -32.35 -20.04 -9.41
CA ILE D 130 -33.33 -20.14 -10.49
C ILE D 130 -32.85 -21.08 -11.59
N ASN D 131 -31.60 -20.92 -12.02
CA ASN D 131 -31.07 -21.77 -13.08
C ASN D 131 -31.02 -23.23 -12.68
N LEU D 132 -30.47 -23.50 -11.49
CA LEU D 132 -30.39 -24.86 -11.02
C LEU D 132 -31.77 -25.52 -11.06
N ARG D 133 -32.78 -24.80 -10.60
CA ARG D 133 -34.12 -25.34 -10.57
C ARG D 133 -34.61 -25.74 -11.94
N TYR D 134 -34.26 -24.97 -12.97
CA TYR D 134 -34.75 -25.28 -14.31
C TYR D 134 -34.11 -26.53 -14.88
N THR D 135 -33.06 -26.98 -14.18
CA THR D 135 -32.27 -28.17 -14.49
C THR D 135 -33.12 -29.43 -14.43
N LYS D 136 -34.13 -29.42 -13.55
CA LYS D 136 -35.09 -30.51 -13.39
C LYS D 136 -36.41 -30.20 -14.11
N VAL D 137 -36.44 -30.42 -15.43
CA VAL D 137 -37.64 -30.17 -16.21
C VAL D 137 -38.86 -30.87 -15.66
N LEU D 138 -39.86 -30.13 -15.21
CA LEU D 138 -41.08 -30.76 -14.67
C LEU D 138 -42.25 -30.73 -15.64
N SER D 139 -43.28 -31.53 -15.40
CA SER D 139 -44.45 -31.52 -16.29
C SER D 139 -45.48 -30.53 -15.78
N PRO D 140 -45.91 -29.59 -16.64
CA PRO D 140 -46.90 -28.57 -16.27
C PRO D 140 -48.29 -29.10 -15.94
N ILE D 141 -48.73 -30.10 -16.70
CA ILE D 141 -50.06 -30.67 -16.56
C ILE D 141 -50.02 -32.14 -16.19
N SER D 142 -51.16 -32.69 -15.80
CA SER D 142 -51.27 -34.11 -15.50
C SER D 142 -51.97 -34.66 -16.72
N GLY D 143 -51.42 -35.71 -17.30
CA GLY D 143 -52.02 -36.29 -18.48
C GLY D 143 -51.16 -37.38 -19.09
N ARG D 144 -51.18 -37.45 -20.41
CA ARG D 144 -50.44 -38.47 -21.13
C ARG D 144 -49.32 -37.97 -22.04
N ILE D 145 -48.05 -38.14 -21.64
CA ILE D 145 -46.91 -37.76 -22.48
C ILE D 145 -46.77 -38.85 -23.54
N GLY D 146 -46.32 -38.45 -24.73
CA GLY D 146 -46.12 -39.37 -25.83
C GLY D 146 -44.63 -39.44 -26.08
N ARG D 147 -44.25 -39.52 -27.35
CA ARG D 147 -42.83 -39.60 -27.69
C ARG D 147 -42.05 -38.41 -27.17
N SER D 148 -40.74 -38.57 -26.99
CA SER D 148 -39.89 -37.48 -26.53
C SER D 148 -39.12 -37.00 -27.73
N ALA D 149 -39.42 -35.79 -28.21
CA ALA D 149 -38.75 -35.24 -29.39
C ALA D 149 -37.26 -35.02 -29.18
N VAL D 150 -36.81 -35.14 -27.95
CA VAL D 150 -35.39 -34.95 -27.68
C VAL D 150 -34.76 -36.24 -27.13
N THR D 151 -33.59 -36.61 -27.65
CA THR D 151 -32.89 -37.82 -27.21
C THR D 151 -32.02 -37.51 -26.02
N GLU D 152 -31.62 -38.52 -25.26
CA GLU D 152 -30.77 -38.26 -24.12
C GLU D 152 -29.47 -37.73 -24.68
N GLY D 153 -28.70 -37.05 -23.85
CA GLY D 153 -27.43 -36.52 -24.32
C GLY D 153 -27.52 -35.36 -25.30
N ALA D 154 -28.74 -35.03 -25.76
CA ALA D 154 -28.93 -33.94 -26.71
C ALA D 154 -28.71 -32.54 -26.08
N LEU D 155 -28.40 -31.58 -26.94
CA LEU D 155 -28.17 -30.21 -26.51
C LEU D 155 -29.51 -29.50 -26.45
N VAL D 156 -29.79 -28.84 -25.33
CA VAL D 156 -31.07 -28.17 -25.21
C VAL D 156 -30.87 -26.66 -24.89
N THR D 157 -31.59 -25.81 -25.61
CA THR D 157 -31.46 -24.36 -25.41
C THR D 157 -32.69 -23.59 -24.95
N ASN D 158 -32.50 -22.69 -23.98
CA ASN D 158 -33.61 -21.89 -23.48
C ASN D 158 -34.15 -21.06 -24.64
N GLY D 159 -35.47 -21.04 -24.78
CA GLY D 159 -36.06 -20.28 -25.87
C GLY D 159 -36.07 -21.03 -27.17
N GLN D 160 -35.49 -22.22 -27.20
CA GLN D 160 -35.45 -22.99 -28.43
C GLN D 160 -36.85 -23.24 -28.98
N ALA D 161 -36.93 -23.19 -30.31
CA ALA D 161 -38.18 -23.37 -31.03
C ALA D 161 -39.02 -24.56 -30.61
N ASN D 162 -38.52 -25.76 -30.93
CA ASN D 162 -39.21 -27.01 -30.65
C ASN D 162 -39.35 -27.47 -29.21
N ALA D 163 -40.49 -28.10 -28.92
CA ALA D 163 -40.74 -28.61 -27.59
C ALA D 163 -40.14 -30.02 -27.40
N MET D 164 -39.68 -30.29 -26.19
CA MET D 164 -39.10 -31.58 -25.86
C MET D 164 -40.19 -32.66 -25.89
N ALA D 165 -41.38 -32.34 -25.38
CA ALA D 165 -42.50 -33.29 -25.35
C ALA D 165 -43.86 -32.60 -25.14
N THR D 166 -44.94 -33.37 -25.28
CA THR D 166 -46.31 -32.86 -25.13
C THR D 166 -47.18 -33.75 -24.25
N VAL D 167 -47.72 -33.20 -23.16
CA VAL D 167 -48.61 -33.95 -22.27
C VAL D 167 -50.06 -33.64 -22.67
N GLN D 168 -50.94 -34.63 -22.64
CA GLN D 168 -52.34 -34.42 -23.02
C GLN D 168 -53.32 -35.12 -22.09
N GLN D 169 -54.17 -34.33 -21.45
CA GLN D 169 -55.17 -34.88 -20.55
C GLN D 169 -56.26 -35.49 -21.43
N LEU D 170 -56.34 -36.81 -21.45
CA LEU D 170 -57.36 -37.45 -22.27
C LEU D 170 -58.49 -38.10 -21.50
N ASP D 171 -58.51 -37.96 -20.17
CA ASP D 171 -59.62 -38.58 -19.46
C ASP D 171 -60.85 -37.78 -19.81
N PRO D 172 -61.25 -36.79 -18.99
CA PRO D 172 -62.46 -36.16 -19.57
C PRO D 172 -62.00 -35.78 -20.97
N ILE D 173 -62.70 -36.20 -22.00
CA ILE D 173 -62.25 -35.84 -23.34
C ILE D 173 -63.32 -35.04 -24.06
N TYR D 174 -62.90 -34.05 -24.84
CA TYR D 174 -63.85 -33.23 -25.57
C TYR D 174 -64.27 -33.85 -26.89
N VAL D 175 -65.39 -33.34 -27.39
CA VAL D 175 -65.93 -33.75 -28.67
C VAL D 175 -66.44 -32.44 -29.24
N ASP D 176 -65.67 -31.87 -30.16
CA ASP D 176 -66.05 -30.61 -30.80
C ASP D 176 -67.12 -30.84 -31.84
N VAL D 177 -68.30 -30.29 -31.57
CA VAL D 177 -69.45 -30.41 -32.45
C VAL D 177 -69.74 -29.07 -33.12
N THR D 178 -69.99 -29.12 -34.43
CA THR D 178 -70.28 -27.90 -35.19
C THR D 178 -71.67 -27.89 -35.84
N GLN D 179 -72.52 -26.99 -35.34
CA GLN D 179 -73.89 -26.85 -35.84
C GLN D 179 -74.11 -25.43 -36.36
N PRO D 180 -75.02 -25.27 -37.33
CA PRO D 180 -75.29 -23.93 -37.87
C PRO D 180 -75.91 -23.11 -36.74
N SER D 181 -75.48 -21.85 -36.62
CA SER D 181 -75.97 -20.97 -35.56
C SER D 181 -77.44 -21.16 -35.18
N THR D 182 -78.27 -21.40 -36.19
CA THR D 182 -79.70 -21.61 -35.98
C THR D 182 -79.97 -22.80 -35.06
N ALA D 183 -79.46 -23.95 -35.47
CA ALA D 183 -79.63 -25.19 -34.72
C ALA D 183 -79.23 -25.04 -33.26
N LEU D 184 -78.13 -24.33 -33.01
CA LEU D 184 -77.65 -24.13 -31.63
C LEU D 184 -78.76 -23.49 -30.78
N LEU D 185 -79.51 -22.55 -31.35
CA LEU D 185 -80.60 -21.89 -30.62
C LEU D 185 -81.75 -22.86 -30.45
N ARG D 186 -82.12 -23.53 -31.54
CA ARG D 186 -83.20 -24.50 -31.52
C ARG D 186 -82.99 -25.43 -30.32
N LEU D 187 -81.81 -26.04 -30.26
CA LEU D 187 -81.48 -26.95 -29.17
C LEU D 187 -81.49 -26.24 -27.83
N ARG D 188 -80.96 -25.02 -27.80
CA ARG D 188 -80.91 -24.24 -26.58
C ARG D 188 -82.28 -24.04 -25.96
N ARG D 189 -83.30 -23.82 -26.79
CA ARG D 189 -84.60 -23.62 -26.20
C ARG D 189 -85.21 -24.96 -25.74
N GLU D 190 -85.00 -26.04 -26.50
CA GLU D 190 -85.52 -27.36 -26.08
C GLU D 190 -84.93 -27.70 -24.73
N LEU D 191 -83.69 -27.29 -24.51
CA LEU D 191 -83.01 -27.54 -23.25
C LEU D 191 -83.78 -26.85 -22.12
N ALA D 192 -84.16 -25.60 -22.35
CA ALA D 192 -84.89 -24.81 -21.36
C ALA D 192 -86.35 -25.26 -21.25
N SER D 193 -86.96 -25.62 -22.37
CA SER D 193 -88.34 -26.08 -22.39
C SER D 193 -88.44 -27.54 -21.99
N GLY D 194 -87.51 -27.98 -21.15
CA GLY D 194 -87.50 -29.36 -20.68
C GLY D 194 -87.64 -30.43 -21.75
N GLN D 195 -87.65 -30.04 -23.02
CA GLN D 195 -87.80 -30.99 -24.12
C GLN D 195 -86.52 -31.80 -24.33
N LEU D 196 -85.47 -31.43 -23.60
CA LEU D 196 -84.15 -32.08 -23.66
C LEU D 196 -83.72 -32.52 -22.26
N GLU D 197 -83.15 -33.71 -22.17
CA GLU D 197 -82.73 -34.25 -20.88
C GLU D 197 -81.59 -33.46 -20.24
N ARG D 198 -81.92 -32.70 -19.20
CA ARG D 198 -80.92 -31.90 -18.49
C ARG D 198 -79.70 -32.74 -18.10
N ALA D 199 -78.56 -32.07 -17.99
CA ALA D 199 -77.30 -32.71 -17.60
C ALA D 199 -76.58 -31.73 -16.71
N GLY D 200 -77.10 -30.50 -16.66
CA GLY D 200 -76.54 -29.44 -15.86
C GLY D 200 -76.98 -28.14 -16.50
N ASP D 201 -76.62 -27.02 -15.89
CA ASP D 201 -76.99 -25.72 -16.47
C ASP D 201 -76.38 -25.62 -17.86
N ASN D 202 -77.22 -25.40 -18.87
CA ASN D 202 -76.74 -25.29 -20.24
C ASN D 202 -76.13 -26.56 -20.80
N ALA D 203 -76.42 -27.70 -20.18
CA ALA D 203 -75.88 -28.96 -20.65
C ALA D 203 -76.94 -30.05 -20.73
N ALA D 204 -76.98 -30.74 -21.86
CA ALA D 204 -77.93 -31.83 -22.08
C ALA D 204 -77.17 -33.15 -22.17
N LYS D 205 -77.72 -34.21 -21.59
CA LYS D 205 -77.06 -35.51 -21.64
C LYS D 205 -76.94 -35.99 -23.08
N VAL D 206 -75.84 -36.65 -23.40
CA VAL D 206 -75.60 -37.12 -24.75
C VAL D 206 -74.86 -38.46 -24.78
N SER D 207 -75.04 -39.18 -25.88
CA SER D 207 -74.39 -40.46 -26.08
C SER D 207 -73.41 -40.33 -27.25
N LEU D 208 -72.40 -41.18 -27.29
CA LEU D 208 -71.42 -41.12 -28.36
C LEU D 208 -71.45 -42.36 -29.24
N LYS D 209 -71.31 -42.14 -30.54
CA LYS D 209 -71.31 -43.23 -31.52
C LYS D 209 -70.07 -43.13 -32.40
N LEU D 210 -69.09 -43.97 -32.12
CA LEU D 210 -67.83 -43.99 -32.85
C LEU D 210 -68.06 -44.19 -34.35
N GLU D 211 -67.12 -43.72 -35.18
CA GLU D 211 -67.24 -43.87 -36.63
C GLU D 211 -67.18 -45.35 -36.95
N ASP D 212 -66.94 -46.12 -35.89
CA ASP D 212 -66.87 -47.57 -35.93
C ASP D 212 -68.28 -48.06 -36.18
N GLY D 213 -69.23 -47.38 -35.53
CA GLY D 213 -70.63 -47.73 -35.64
C GLY D 213 -71.07 -48.07 -34.23
N SER D 214 -70.12 -48.56 -33.45
CA SER D 214 -70.35 -48.96 -32.06
C SER D 214 -70.83 -47.82 -31.15
N GLN D 215 -71.35 -48.20 -29.99
CA GLN D 215 -71.86 -47.24 -29.01
C GLN D 215 -70.93 -47.11 -27.81
N TYR D 216 -70.29 -45.96 -27.68
CA TYR D 216 -69.41 -45.78 -26.54
C TYR D 216 -70.25 -46.02 -25.28
N PRO D 217 -69.89 -47.04 -24.50
CA PRO D 217 -70.57 -47.41 -23.26
C PRO D 217 -71.01 -46.28 -22.33
N LEU D 218 -70.12 -45.35 -22.04
CA LEU D 218 -70.47 -44.24 -21.16
C LEU D 218 -71.12 -43.08 -21.91
N GLU D 219 -71.57 -42.08 -21.15
CA GLU D 219 -72.19 -40.91 -21.75
C GLU D 219 -71.82 -39.65 -20.97
N GLY D 220 -71.90 -38.50 -21.63
CA GLY D 220 -71.56 -37.26 -20.98
C GLY D 220 -72.30 -36.00 -21.43
N ARG D 221 -71.91 -34.89 -20.79
CA ARG D 221 -72.47 -33.57 -21.04
C ARG D 221 -72.23 -33.00 -22.44
N LEU D 222 -73.13 -32.10 -22.85
CA LEU D 222 -73.00 -31.39 -24.12
C LEU D 222 -73.26 -29.92 -23.80
N GLU D 223 -72.23 -29.25 -23.29
CA GLU D 223 -72.33 -27.84 -22.93
C GLU D 223 -72.76 -27.01 -24.14
N PHE D 224 -73.66 -26.06 -23.92
CA PHE D 224 -74.16 -25.24 -25.01
C PHE D 224 -73.49 -23.88 -25.17
N SER D 225 -72.64 -23.50 -24.22
CA SER D 225 -71.93 -22.24 -24.34
C SER D 225 -70.98 -22.36 -25.52
N GLU D 226 -71.05 -21.42 -26.44
CA GLU D 226 -70.19 -21.46 -27.63
C GLU D 226 -68.72 -21.32 -27.28
N VAL D 227 -67.89 -21.94 -28.10
CA VAL D 227 -66.45 -21.89 -27.92
C VAL D 227 -65.82 -21.11 -29.07
N SER D 228 -66.43 -21.19 -30.26
CA SER D 228 -65.93 -20.48 -31.43
C SER D 228 -66.97 -20.42 -32.55
N VAL D 229 -66.85 -19.42 -33.42
CA VAL D 229 -67.77 -19.24 -34.55
C VAL D 229 -67.03 -18.87 -35.83
N ASP D 230 -67.15 -19.71 -36.86
CA ASP D 230 -66.51 -19.44 -38.14
C ASP D 230 -67.40 -18.44 -38.85
N GLU D 231 -67.21 -17.16 -38.53
CA GLU D 231 -68.02 -16.10 -39.12
C GLU D 231 -68.13 -16.18 -40.64
N GLY D 232 -67.20 -16.89 -41.27
CA GLY D 232 -67.23 -17.05 -42.71
C GLY D 232 -68.27 -18.10 -43.10
N THR D 233 -68.72 -18.85 -42.11
CA THR D 233 -69.72 -19.89 -42.32
C THR D 233 -70.93 -19.60 -41.43
N GLY D 234 -70.67 -18.86 -40.36
CA GLY D 234 -71.73 -18.52 -39.42
C GLY D 234 -71.94 -19.62 -38.40
N SER D 235 -71.45 -20.82 -38.72
CA SER D 235 -71.59 -22.00 -37.87
C SER D 235 -70.86 -21.87 -36.53
N VAL D 236 -71.45 -22.44 -35.49
CA VAL D 236 -70.87 -22.40 -34.16
C VAL D 236 -70.25 -23.74 -33.80
N THR D 237 -69.40 -23.74 -32.78
CA THR D 237 -68.75 -24.96 -32.33
C THR D 237 -68.87 -25.08 -30.82
N ILE D 238 -69.51 -26.15 -30.37
CA ILE D 238 -69.70 -26.40 -28.95
C ILE D 238 -69.02 -27.70 -28.57
N ARG D 239 -68.81 -27.89 -27.28
CA ARG D 239 -68.13 -29.09 -26.79
C ARG D 239 -68.91 -30.04 -25.91
N ALA D 240 -68.72 -31.33 -26.17
CA ALA D 240 -69.35 -32.37 -25.39
C ALA D 240 -68.21 -32.89 -24.51
N VAL D 241 -68.52 -33.41 -23.34
CA VAL D 241 -67.49 -33.92 -22.44
C VAL D 241 -67.79 -35.34 -21.96
N PHE D 242 -67.06 -36.32 -22.48
CA PHE D 242 -67.26 -37.70 -22.08
C PHE D 242 -66.15 -38.22 -21.16
N PRO D 243 -66.50 -39.12 -20.24
CA PRO D 243 -65.49 -39.67 -19.33
C PRO D 243 -64.70 -40.64 -20.20
N ASN D 244 -63.39 -40.70 -20.01
CA ASN D 244 -62.60 -41.60 -20.84
C ASN D 244 -61.53 -42.37 -20.09
N PRO D 245 -61.93 -43.15 -19.07
CA PRO D 245 -60.91 -43.92 -18.36
C PRO D 245 -60.64 -45.06 -19.34
N ASN D 246 -59.72 -45.98 -19.03
CA ASN D 246 -59.41 -47.05 -19.97
C ASN D 246 -58.81 -46.46 -21.25
N ASN D 247 -58.89 -45.15 -21.37
CA ASN D 247 -58.33 -44.45 -22.53
C ASN D 247 -58.76 -45.06 -23.86
N GLU D 248 -60.04 -45.40 -23.95
CA GLU D 248 -60.57 -45.98 -25.19
C GLU D 248 -60.63 -44.92 -26.28
N LEU D 249 -61.03 -43.70 -25.90
CA LEU D 249 -61.16 -42.61 -26.86
C LEU D 249 -59.87 -41.83 -27.04
N LEU D 250 -59.55 -41.54 -28.29
CA LEU D 250 -58.34 -40.78 -28.60
C LEU D 250 -58.63 -39.58 -29.51
N PRO D 251 -57.81 -38.53 -29.41
CA PRO D 251 -57.98 -37.32 -30.23
C PRO D 251 -57.97 -37.63 -31.72
N GLY D 252 -58.82 -36.95 -32.48
CA GLY D 252 -58.85 -37.17 -33.91
C GLY D 252 -59.94 -38.08 -34.44
N MET D 253 -60.64 -38.76 -33.54
CA MET D 253 -61.73 -39.66 -33.95
C MET D 253 -62.92 -38.87 -34.50
N PHE D 254 -63.51 -39.35 -35.58
CA PHE D 254 -64.69 -38.72 -36.19
C PHE D 254 -65.91 -39.41 -35.60
N VAL D 255 -66.53 -38.80 -34.59
CA VAL D 255 -67.68 -39.40 -33.94
C VAL D 255 -69.02 -38.72 -34.18
N HIS D 256 -70.02 -39.13 -33.40
CA HIS D 256 -71.38 -38.60 -33.47
C HIS D 256 -72.02 -38.52 -32.10
N ALA D 257 -72.43 -37.31 -31.71
CA ALA D 257 -73.09 -37.11 -30.43
C ALA D 257 -74.56 -37.38 -30.70
N GLN D 258 -75.28 -37.86 -29.69
CA GLN D 258 -76.68 -38.17 -29.89
C GLN D 258 -77.60 -37.56 -28.82
N LEU D 259 -78.70 -36.98 -29.28
CA LEU D 259 -79.71 -36.37 -28.41
C LEU D 259 -81.09 -36.95 -28.71
N THR E 29 -53.88 -61.30 -40.42
CA THR E 29 -53.94 -59.82 -40.38
C THR E 29 -52.52 -59.25 -40.41
N GLU E 30 -52.27 -58.32 -41.34
CA GLU E 30 -50.94 -57.73 -41.47
C GLU E 30 -50.92 -56.21 -41.27
N LEU E 31 -50.17 -55.77 -40.27
CA LEU E 31 -50.05 -54.35 -39.96
C LEU E 31 -48.73 -53.78 -40.47
N PRO E 32 -48.77 -52.85 -41.43
CA PRO E 32 -47.54 -52.25 -41.96
C PRO E 32 -46.86 -51.33 -40.93
N GLY E 33 -45.54 -51.23 -41.02
CA GLY E 33 -44.82 -50.39 -40.07
C GLY E 33 -43.36 -50.16 -40.42
N ARG E 34 -42.68 -49.37 -39.60
CA ARG E 34 -41.27 -49.07 -39.81
C ARG E 34 -40.51 -49.47 -38.55
N THR E 35 -39.30 -49.99 -38.74
CA THR E 35 -38.47 -50.38 -37.61
C THR E 35 -37.77 -49.14 -37.10
N ASN E 36 -37.64 -49.02 -35.78
CA ASN E 36 -36.95 -47.88 -35.20
C ASN E 36 -36.09 -48.29 -34.02
N ALA E 37 -35.02 -47.53 -33.80
CA ALA E 37 -34.14 -47.84 -32.68
C ALA E 37 -34.97 -47.92 -31.40
N PHE E 38 -34.50 -48.73 -30.48
CA PHE E 38 -35.20 -48.91 -29.24
C PHE E 38 -34.91 -47.71 -28.34
N ARG E 39 -33.76 -47.08 -28.56
CA ARG E 39 -33.34 -45.96 -27.73
C ARG E 39 -32.20 -45.23 -28.43
N ILE E 40 -32.17 -43.90 -28.36
CA ILE E 40 -31.11 -43.12 -29.02
C ILE E 40 -30.49 -42.08 -28.11
N ALA E 41 -29.19 -41.85 -28.26
CA ALA E 41 -28.51 -40.87 -27.44
C ALA E 41 -27.49 -40.18 -28.33
N GLU E 42 -27.06 -38.99 -27.90
CA GLU E 42 -26.09 -38.21 -28.66
C GLU E 42 -24.85 -38.02 -27.83
N VAL E 43 -23.69 -38.02 -28.48
CA VAL E 43 -22.44 -37.83 -27.76
C VAL E 43 -21.99 -36.41 -28.04
N ARG E 44 -21.79 -35.62 -26.97
CA ARG E 44 -21.40 -34.21 -27.10
C ARG E 44 -20.37 -33.74 -26.10
N PRO E 45 -19.48 -32.81 -26.51
CA PRO E 45 -18.45 -32.27 -25.61
C PRO E 45 -19.08 -31.27 -24.68
N GLN E 46 -18.57 -31.17 -23.46
CA GLN E 46 -19.12 -30.25 -22.49
C GLN E 46 -17.97 -29.54 -21.85
N VAL E 47 -16.86 -29.49 -22.59
CA VAL E 47 -15.69 -28.80 -22.13
C VAL E 47 -15.00 -28.48 -23.44
N ASN E 48 -14.15 -27.46 -23.43
CA ASN E 48 -13.48 -27.06 -24.66
C ASN E 48 -12.13 -27.70 -24.86
N GLY E 49 -11.81 -28.03 -26.11
CA GLY E 49 -10.52 -28.62 -26.35
C GLY E 49 -10.31 -29.33 -27.66
N ILE E 50 -9.16 -30.00 -27.74
CA ILE E 50 -8.75 -30.76 -28.90
C ILE E 50 -8.97 -32.28 -28.68
N ILE E 51 -9.59 -32.94 -29.65
CA ILE E 51 -9.81 -34.38 -29.55
C ILE E 51 -8.43 -35.05 -29.63
N LEU E 52 -8.00 -35.70 -28.55
CA LEU E 52 -6.71 -36.37 -28.53
C LEU E 52 -6.85 -37.77 -29.15
N LYS E 53 -7.86 -38.51 -28.71
CA LYS E 53 -8.09 -39.85 -29.21
C LYS E 53 -9.54 -40.24 -29.25
N ARG E 54 -9.87 -41.03 -30.26
CA ARG E 54 -11.22 -41.53 -30.42
C ARG E 54 -11.14 -43.03 -30.12
N LEU E 55 -11.47 -43.40 -28.88
CA LEU E 55 -11.40 -44.79 -28.41
C LEU E 55 -12.53 -45.76 -28.83
N PHE E 56 -13.02 -45.71 -30.06
CA PHE E 56 -14.07 -46.65 -30.40
C PHE E 56 -14.13 -46.95 -31.87
N LYS E 57 -14.58 -48.15 -32.20
CA LYS E 57 -14.65 -48.53 -33.58
C LYS E 57 -15.94 -48.06 -34.19
N GLU E 58 -15.88 -47.31 -35.27
CA GLU E 58 -17.12 -46.86 -35.88
C GLU E 58 -17.89 -48.11 -36.20
N GLY E 59 -19.19 -48.08 -35.93
CA GLY E 59 -20.05 -49.23 -36.19
C GLY E 59 -20.04 -50.34 -35.14
N SER E 60 -19.33 -50.15 -34.03
CA SER E 60 -19.27 -51.17 -33.01
C SER E 60 -20.40 -51.11 -31.98
N ASP E 61 -20.24 -51.84 -30.88
CA ASP E 61 -21.21 -51.85 -29.80
C ASP E 61 -20.48 -51.27 -28.62
N VAL E 62 -21.07 -50.28 -28.00
CA VAL E 62 -20.42 -49.63 -26.89
C VAL E 62 -21.35 -49.75 -25.68
N LYS E 63 -20.79 -49.59 -24.50
CA LYS E 63 -21.58 -49.66 -23.27
C LYS E 63 -21.75 -48.30 -22.57
N ALA E 64 -22.93 -48.08 -22.03
CA ALA E 64 -23.20 -46.85 -21.29
C ALA E 64 -22.14 -46.59 -20.21
N GLY E 65 -21.45 -45.45 -20.31
CA GLY E 65 -20.45 -45.08 -19.33
C GLY E 65 -19.06 -45.29 -19.85
N GLN E 66 -19.02 -45.86 -21.04
CA GLN E 66 -17.77 -46.16 -21.69
C GLN E 66 -17.12 -44.89 -22.31
N GLN E 67 -15.83 -44.66 -22.03
CA GLN E 67 -15.12 -43.54 -22.63
C GLN E 67 -15.09 -43.69 -24.15
N LEU E 68 -15.64 -42.70 -24.85
CA LEU E 68 -15.68 -42.69 -26.31
C LEU E 68 -14.60 -41.81 -26.95
N TYR E 69 -14.18 -40.79 -26.20
CA TYR E 69 -13.17 -39.83 -26.65
C TYR E 69 -12.34 -39.34 -25.50
N GLN E 70 -11.16 -38.83 -25.83
CA GLN E 70 -10.29 -38.26 -24.84
C GLN E 70 -9.95 -36.86 -25.37
N ILE E 71 -10.37 -35.83 -24.64
CA ILE E 71 -10.06 -34.49 -25.06
C ILE E 71 -8.74 -34.22 -24.36
N ASP E 72 -7.75 -33.72 -25.09
CA ASP E 72 -6.47 -33.45 -24.47
C ASP E 72 -6.72 -32.75 -23.15
N PRO E 73 -6.31 -33.38 -22.03
CA PRO E 73 -6.48 -32.85 -20.68
C PRO E 73 -5.24 -32.26 -20.04
N ALA E 74 -4.16 -32.12 -20.80
CA ALA E 74 -2.92 -31.58 -20.25
C ALA E 74 -3.13 -30.40 -19.31
N THR E 75 -3.88 -29.42 -19.78
CA THR E 75 -4.13 -28.19 -19.02
C THR E 75 -5.18 -28.30 -17.93
N TYR E 76 -6.35 -28.86 -18.28
CA TYR E 76 -7.42 -29.06 -17.30
C TYR E 76 -6.84 -29.78 -16.10
N GLU E 77 -6.01 -30.79 -16.37
CA GLU E 77 -5.35 -31.53 -15.32
C GLU E 77 -4.44 -30.59 -14.55
N ALA E 78 -3.76 -29.69 -15.28
CA ALA E 78 -2.84 -28.73 -14.65
C ALA E 78 -3.57 -27.71 -13.79
N ASP E 79 -4.67 -27.15 -14.33
CA ASP E 79 -5.45 -26.17 -13.57
C ASP E 79 -6.02 -26.80 -12.32
N TYR E 80 -6.52 -28.03 -12.43
CA TYR E 80 -7.09 -28.74 -11.31
C TYR E 80 -6.10 -28.91 -10.19
N GLN E 81 -4.87 -29.25 -10.52
CA GLN E 81 -3.88 -29.41 -9.48
C GLN E 81 -3.39 -28.06 -9.01
N SER E 82 -3.31 -27.12 -9.93
CA SER E 82 -2.91 -25.78 -9.57
C SER E 82 -3.87 -25.30 -8.50
N ALA E 83 -5.15 -25.58 -8.73
CA ALA E 83 -6.22 -25.20 -7.80
C ALA E 83 -6.06 -25.88 -6.45
N GLN E 84 -6.12 -27.21 -6.44
CA GLN E 84 -5.99 -27.96 -5.20
C GLN E 84 -4.82 -27.50 -4.32
N ALA E 85 -3.74 -27.02 -4.96
CA ALA E 85 -2.60 -26.54 -4.20
C ALA E 85 -3.07 -25.34 -3.39
N ASN E 86 -3.69 -24.41 -4.12
CA ASN E 86 -4.22 -23.18 -3.57
C ASN E 86 -5.14 -23.48 -2.39
N LEU E 87 -6.16 -24.30 -2.63
CA LEU E 87 -7.10 -24.66 -1.56
C LEU E 87 -6.37 -25.15 -0.33
N ALA E 88 -5.47 -26.11 -0.52
CA ALA E 88 -4.71 -26.65 0.60
C ALA E 88 -4.09 -25.52 1.40
N SER E 89 -3.61 -24.51 0.70
CA SER E 89 -2.99 -23.36 1.35
C SER E 89 -4.01 -22.53 2.12
N THR E 90 -4.93 -21.88 1.39
CA THR E 90 -5.95 -21.04 2.00
C THR E 90 -6.74 -21.74 3.08
N GLN E 91 -6.96 -23.04 2.94
CA GLN E 91 -7.72 -23.77 3.94
C GLN E 91 -6.96 -23.79 5.25
N GLU E 92 -5.65 -23.99 5.19
CA GLU E 92 -4.83 -24.00 6.38
C GLU E 92 -4.93 -22.62 7.02
N GLN E 93 -4.66 -21.60 6.21
CA GLN E 93 -4.73 -20.20 6.63
C GLN E 93 -5.99 -19.94 7.46
N ALA E 94 -7.13 -20.33 6.90
CA ALA E 94 -8.42 -20.16 7.54
C ALA E 94 -8.49 -20.87 8.88
N GLN E 95 -8.44 -22.21 8.85
CA GLN E 95 -8.50 -23.01 10.06
C GLN E 95 -7.62 -22.45 11.18
N ARG E 96 -6.51 -21.81 10.82
CA ARG E 96 -5.62 -21.23 11.82
C ARG E 96 -6.18 -19.89 12.30
N TYR E 97 -6.38 -18.97 11.35
CA TYR E 97 -6.93 -17.65 11.65
C TYR E 97 -8.28 -17.71 12.32
N LYS E 98 -8.93 -18.87 12.21
CA LYS E 98 -10.24 -19.04 12.82
C LYS E 98 -10.04 -19.19 14.32
N LEU E 99 -8.83 -19.57 14.70
CA LEU E 99 -8.50 -19.75 16.10
C LEU E 99 -7.89 -18.51 16.76
N LEU E 100 -7.15 -17.71 15.99
CA LEU E 100 -6.53 -16.50 16.52
C LEU E 100 -7.55 -15.38 16.80
N VAL E 101 -8.51 -15.20 15.89
CA VAL E 101 -9.54 -14.20 16.10
C VAL E 101 -10.32 -14.66 17.32
N ALA E 102 -10.37 -15.99 17.50
CA ALA E 102 -11.06 -16.61 18.63
C ALA E 102 -10.56 -16.06 19.97
N ASP E 103 -9.31 -15.59 19.99
CA ASP E 103 -8.70 -15.02 21.19
C ASP E 103 -8.28 -13.59 20.88
N GLN E 104 -9.01 -12.96 19.97
CA GLN E 104 -8.73 -11.59 19.52
C GLN E 104 -7.25 -11.38 19.20
N ALA E 105 -6.61 -12.43 18.69
CA ALA E 105 -5.21 -12.39 18.30
C ALA E 105 -5.17 -11.96 16.84
N VAL E 106 -6.37 -11.78 16.27
CA VAL E 106 -6.53 -11.35 14.89
C VAL E 106 -7.92 -10.72 14.71
N SER E 107 -7.96 -9.56 14.05
CA SER E 107 -9.20 -8.84 13.81
C SER E 107 -10.25 -9.69 13.10
N LYS E 108 -11.50 -9.27 13.24
CA LYS E 108 -12.63 -9.96 12.63
C LYS E 108 -12.48 -9.88 11.12
N GLN E 109 -11.87 -8.78 10.67
CA GLN E 109 -11.65 -8.55 9.24
C GLN E 109 -10.71 -9.63 8.70
N GLN E 110 -9.54 -9.73 9.32
CA GLN E 110 -8.54 -10.72 8.92
C GLN E 110 -9.11 -12.12 8.80
N TYR E 111 -9.93 -12.55 9.76
CA TYR E 111 -10.49 -13.90 9.67
C TYR E 111 -11.59 -13.99 8.62
N ALA E 112 -12.45 -12.99 8.58
CA ALA E 112 -13.52 -12.98 7.59
C ALA E 112 -12.89 -13.13 6.21
N ASP E 113 -11.87 -12.32 5.95
CA ASP E 113 -11.16 -12.35 4.67
C ASP E 113 -10.52 -13.71 4.41
N ALA E 114 -9.95 -14.30 5.46
CA ALA E 114 -9.30 -15.60 5.34
C ALA E 114 -10.30 -16.66 4.92
N ASN E 115 -11.44 -16.69 5.60
CA ASN E 115 -12.47 -17.67 5.27
C ASN E 115 -13.07 -17.37 3.90
N ALA E 116 -12.97 -16.11 3.49
CA ALA E 116 -13.48 -15.69 2.19
C ALA E 116 -12.65 -16.41 1.13
N ALA E 117 -11.33 -16.21 1.16
CA ALA E 117 -10.42 -16.83 0.22
C ALA E 117 -10.61 -18.35 0.24
N TYR E 118 -10.71 -18.91 1.44
CA TYR E 118 -10.90 -20.35 1.56
C TYR E 118 -12.11 -20.81 0.77
N LEU E 119 -13.23 -20.10 0.91
CA LEU E 119 -14.43 -20.49 0.20
C LEU E 119 -14.27 -20.37 -1.32
N GLN E 120 -13.53 -19.35 -1.74
CA GLN E 120 -13.33 -19.16 -3.16
C GLN E 120 -12.52 -20.31 -3.74
N SER E 121 -11.47 -20.69 -3.03
CA SER E 121 -10.60 -21.79 -3.48
C SER E 121 -11.44 -23.04 -3.65
N LYS E 122 -12.13 -23.39 -2.58
CA LYS E 122 -12.98 -24.55 -2.55
C LYS E 122 -13.89 -24.59 -3.77
N ALA E 123 -14.32 -23.41 -4.21
CA ALA E 123 -15.18 -23.30 -5.37
C ALA E 123 -14.39 -23.57 -6.64
N ALA E 124 -13.23 -22.92 -6.74
CA ALA E 124 -12.36 -23.05 -7.89
C ALA E 124 -12.04 -24.52 -8.14
N VAL E 125 -11.67 -25.23 -7.07
CA VAL E 125 -11.33 -26.64 -7.15
C VAL E 125 -12.47 -27.45 -7.72
N GLU E 126 -13.67 -27.25 -7.18
CA GLU E 126 -14.82 -27.98 -7.67
C GLU E 126 -15.06 -27.77 -9.16
N GLN E 127 -14.81 -26.55 -9.63
CA GLN E 127 -15.03 -26.27 -11.03
C GLN E 127 -13.93 -26.92 -11.86
N ALA E 128 -12.72 -26.93 -11.33
CA ALA E 128 -11.59 -27.54 -12.03
C ALA E 128 -11.88 -29.02 -12.18
N ARG E 129 -12.31 -29.63 -11.08
CA ARG E 129 -12.65 -31.04 -11.03
C ARG E 129 -13.69 -31.36 -12.09
N ILE E 130 -14.77 -30.58 -12.10
CA ILE E 130 -15.83 -30.81 -13.09
C ILE E 130 -15.29 -30.77 -14.53
N ASN E 131 -14.46 -29.78 -14.84
CA ASN E 131 -13.94 -29.67 -16.19
C ASN E 131 -13.04 -30.81 -16.58
N LEU E 132 -12.18 -31.22 -15.66
CA LEU E 132 -11.28 -32.36 -15.90
C LEU E 132 -12.13 -33.57 -16.25
N ARG E 133 -13.15 -33.80 -15.43
CA ARG E 133 -14.05 -34.92 -15.63
C ARG E 133 -14.61 -34.95 -17.04
N TYR E 134 -15.13 -33.83 -17.51
CA TYR E 134 -15.73 -33.79 -18.85
C TYR E 134 -14.72 -34.09 -19.96
N THR E 135 -13.45 -34.11 -19.58
CA THR E 135 -12.35 -34.37 -20.49
C THR E 135 -12.46 -35.74 -21.15
N LYS E 136 -13.05 -36.70 -20.43
CA LYS E 136 -13.25 -38.06 -20.93
C LYS E 136 -14.71 -38.14 -21.32
N VAL E 137 -14.96 -38.14 -22.63
CA VAL E 137 -16.31 -38.19 -23.16
C VAL E 137 -16.89 -39.59 -23.09
N LEU E 138 -17.86 -39.79 -22.20
CA LEU E 138 -18.48 -41.09 -22.03
C LEU E 138 -19.73 -41.27 -22.91
N SER E 139 -20.22 -42.50 -23.01
CA SER E 139 -21.42 -42.78 -23.79
C SER E 139 -22.61 -42.85 -22.83
N PRO E 140 -23.61 -42.02 -23.06
CA PRO E 140 -24.81 -41.99 -22.21
C PRO E 140 -25.63 -43.28 -22.16
N ILE E 141 -25.69 -43.96 -23.28
CA ILE E 141 -26.52 -45.15 -23.41
C ILE E 141 -25.70 -46.35 -23.85
N SER E 142 -26.29 -47.53 -23.81
CA SER E 142 -25.60 -48.70 -24.29
C SER E 142 -26.31 -49.00 -25.57
N GLY E 143 -25.54 -49.20 -26.63
CA GLY E 143 -26.12 -49.49 -27.92
C GLY E 143 -25.03 -49.54 -28.95
N ARG E 144 -25.38 -49.21 -30.18
CA ARG E 144 -24.46 -49.22 -31.30
C ARG E 144 -24.06 -47.81 -31.83
N ILE E 145 -22.78 -47.41 -31.66
CA ILE E 145 -22.28 -46.12 -32.18
C ILE E 145 -22.01 -46.35 -33.65
N GLY E 146 -22.20 -45.31 -34.47
CA GLY E 146 -21.93 -45.40 -35.89
C GLY E 146 -20.67 -44.59 -36.19
N ARG E 147 -20.68 -43.85 -37.30
CA ARG E 147 -19.51 -43.05 -37.67
C ARG E 147 -19.28 -41.95 -36.64
N SER E 148 -18.04 -41.47 -36.56
CA SER E 148 -17.73 -40.40 -35.64
C SER E 148 -17.66 -39.11 -36.47
N ALA E 149 -18.63 -38.22 -36.27
CA ALA E 149 -18.69 -36.96 -37.03
C ALA E 149 -17.47 -36.06 -36.80
N VAL E 150 -16.64 -36.39 -35.83
CA VAL E 150 -15.48 -35.59 -35.53
C VAL E 150 -14.21 -36.38 -35.69
N THR E 151 -13.22 -35.80 -36.36
CA THR E 151 -11.93 -36.47 -36.57
C THR E 151 -11.04 -36.26 -35.38
N GLU E 152 -9.98 -37.05 -35.26
CA GLU E 152 -9.10 -36.87 -34.11
C GLU E 152 -8.41 -35.55 -34.40
N GLY E 153 -7.81 -34.96 -33.38
CA GLY E 153 -7.14 -33.69 -33.57
C GLY E 153 -8.10 -32.51 -33.77
N ALA E 154 -9.37 -32.76 -34.03
CA ALA E 154 -10.33 -31.67 -34.24
C ALA E 154 -10.57 -30.81 -33.01
N LEU E 155 -11.13 -29.63 -33.24
CA LEU E 155 -11.40 -28.71 -32.16
C LEU E 155 -12.84 -28.92 -31.75
N VAL E 156 -13.07 -29.06 -30.45
CA VAL E 156 -14.40 -29.31 -29.97
C VAL E 156 -14.81 -28.22 -28.98
N THR E 157 -16.06 -27.75 -29.08
CA THR E 157 -16.55 -26.69 -28.21
C THR E 157 -17.83 -26.99 -27.45
N ASN E 158 -17.80 -26.71 -26.15
CA ASN E 158 -18.97 -26.91 -25.31
C ASN E 158 -20.09 -26.11 -25.93
N GLY E 159 -21.27 -26.69 -26.01
CA GLY E 159 -22.38 -25.96 -26.59
C GLY E 159 -22.44 -26.09 -28.10
N GLN E 160 -21.37 -26.57 -28.71
CA GLN E 160 -21.40 -26.68 -30.17
C GLN E 160 -22.66 -27.31 -30.68
N ALA E 161 -23.09 -26.88 -31.86
CA ALA E 161 -24.33 -27.37 -32.47
C ALA E 161 -24.33 -28.85 -32.80
N ASN E 162 -23.35 -29.30 -33.55
CA ASN E 162 -23.30 -30.70 -33.96
C ASN E 162 -22.83 -31.70 -32.91
N ALA E 163 -23.36 -32.91 -32.99
CA ALA E 163 -23.00 -33.99 -32.07
C ALA E 163 -21.79 -34.74 -32.61
N MET E 164 -20.92 -35.18 -31.70
CA MET E 164 -19.73 -35.91 -32.09
C MET E 164 -20.10 -37.29 -32.68
N ALA E 165 -21.11 -37.94 -32.08
CA ALA E 165 -21.56 -39.26 -32.52
C ALA E 165 -22.91 -39.64 -31.93
N THR E 166 -23.55 -40.65 -32.53
CA THR E 166 -24.87 -41.10 -32.07
C THR E 166 -24.93 -42.59 -31.75
N VAL E 167 -25.36 -42.93 -30.54
CA VAL E 167 -25.48 -44.32 -30.15
C VAL E 167 -26.93 -44.80 -30.31
N GLN E 168 -27.10 -45.98 -30.87
CA GLN E 168 -28.44 -46.51 -31.04
C GLN E 168 -28.55 -47.94 -30.56
N GLN E 169 -29.39 -48.12 -29.53
CA GLN E 169 -29.65 -49.43 -28.94
C GLN E 169 -30.62 -50.12 -29.88
N LEU E 170 -30.07 -51.03 -30.68
CA LEU E 170 -30.85 -51.74 -31.66
C LEU E 170 -31.36 -53.11 -31.26
N ASP E 171 -30.92 -53.65 -30.13
CA ASP E 171 -31.39 -54.98 -29.81
C ASP E 171 -32.89 -54.97 -29.70
N PRO E 172 -33.46 -54.97 -28.49
CA PRO E 172 -34.91 -54.96 -28.67
C PRO E 172 -35.12 -53.84 -29.69
N ILE E 173 -35.82 -54.11 -30.78
CA ILE E 173 -36.01 -53.06 -31.76
C ILE E 173 -37.49 -52.81 -31.92
N TYR E 174 -37.87 -51.55 -32.12
CA TYR E 174 -39.28 -51.21 -32.27
C TYR E 174 -39.73 -51.33 -33.69
N VAL E 175 -41.04 -51.46 -33.83
CA VAL E 175 -41.67 -51.49 -35.13
C VAL E 175 -42.89 -50.61 -34.91
N ASP E 176 -42.86 -49.41 -35.49
CA ASP E 176 -43.96 -48.47 -35.34
C ASP E 176 -45.06 -48.85 -36.34
N VAL E 177 -46.23 -49.18 -35.80
CA VAL E 177 -47.38 -49.58 -36.60
C VAL E 177 -48.44 -48.52 -36.49
N THR E 178 -49.04 -48.17 -37.63
CA THR E 178 -50.09 -47.15 -37.67
C THR E 178 -51.41 -47.70 -38.19
N GLN E 179 -52.40 -47.71 -37.31
CA GLN E 179 -53.75 -48.20 -37.61
C GLN E 179 -54.78 -47.11 -37.33
N PRO E 180 -55.91 -47.13 -38.05
CA PRO E 180 -56.95 -46.11 -37.83
C PRO E 180 -57.54 -46.35 -36.42
N SER E 181 -57.73 -45.28 -35.67
CA SER E 181 -58.25 -45.36 -34.30
C SER E 181 -59.25 -46.49 -34.07
N THR E 182 -60.10 -46.73 -35.06
CA THR E 182 -61.11 -47.78 -34.98
C THR E 182 -60.47 -49.14 -34.78
N ALA E 183 -59.62 -49.51 -35.74
CA ALA E 183 -58.90 -50.77 -35.74
C ALA E 183 -58.22 -51.07 -34.40
N LEU E 184 -57.57 -50.05 -33.83
CA LEU E 184 -56.88 -50.21 -32.56
C LEU E 184 -57.86 -50.73 -31.50
N LEU E 185 -59.09 -50.24 -31.51
CA LEU E 185 -60.10 -50.70 -30.56
C LEU E 185 -60.52 -52.12 -30.88
N ARG E 186 -60.78 -52.37 -32.16
CA ARG E 186 -61.18 -53.69 -32.63
C ARG E 186 -60.21 -54.73 -32.09
N LEU E 187 -58.91 -54.47 -32.30
CA LEU E 187 -57.85 -55.36 -31.84
C LEU E 187 -57.80 -55.45 -30.32
N ARG E 188 -57.97 -54.30 -29.67
CA ARG E 188 -57.94 -54.24 -28.21
C ARG E 188 -58.99 -55.14 -27.58
N ARG E 189 -60.16 -55.25 -28.19
CA ARG E 189 -61.15 -56.10 -27.57
C ARG E 189 -60.86 -57.58 -27.85
N GLU E 190 -60.43 -57.90 -29.07
CA GLU E 190 -60.08 -59.28 -29.39
C GLU E 190 -59.00 -59.74 -28.40
N LEU E 191 -58.12 -58.82 -28.03
CA LEU E 191 -57.06 -59.15 -27.09
C LEU E 191 -57.68 -59.59 -25.75
N ALA E 192 -58.66 -58.83 -25.29
CA ALA E 192 -59.34 -59.12 -24.03
C ALA E 192 -60.29 -60.32 -24.14
N SER E 193 -60.92 -60.46 -25.30
CA SER E 193 -61.85 -61.57 -25.52
C SER E 193 -61.10 -62.84 -25.91
N GLY E 194 -59.84 -62.95 -25.48
CA GLY E 194 -59.04 -64.12 -25.78
C GLY E 194 -58.92 -64.49 -27.25
N GLN E 195 -59.57 -63.73 -28.13
CA GLN E 195 -59.54 -63.99 -29.56
C GLN E 195 -58.17 -63.71 -30.19
N LEU E 196 -57.24 -63.19 -29.37
CA LEU E 196 -55.89 -62.87 -29.81
C LEU E 196 -54.89 -63.52 -28.86
N GLU E 197 -53.78 -64.01 -29.39
CA GLU E 197 -52.79 -64.67 -28.58
C GLU E 197 -52.05 -63.74 -27.63
N ARG E 198 -52.39 -63.81 -26.35
CA ARG E 198 -51.76 -62.98 -25.33
C ARG E 198 -50.25 -63.03 -25.44
N ALA E 199 -49.59 -61.98 -24.98
CA ALA E 199 -48.15 -61.89 -25.01
C ALA E 199 -47.75 -61.15 -23.74
N GLY E 200 -48.76 -60.63 -23.06
CA GLY E 200 -48.57 -59.88 -21.83
C GLY E 200 -49.77 -58.98 -21.70
N ASP E 201 -49.85 -58.21 -20.61
CA ASP E 201 -50.96 -57.30 -20.42
C ASP E 201 -50.90 -56.28 -21.57
N ASN E 202 -52.00 -56.17 -22.31
CA ASN E 202 -52.07 -55.24 -23.44
C ASN E 202 -51.15 -55.53 -24.61
N ALA E 203 -50.59 -56.74 -24.66
CA ALA E 203 -49.69 -57.11 -25.74
C ALA E 203 -50.08 -58.46 -26.35
N ALA E 204 -50.10 -58.50 -27.68
CA ALA E 204 -50.43 -59.73 -28.40
C ALA E 204 -49.18 -60.19 -29.15
N LYS E 205 -48.94 -61.50 -29.20
CA LYS E 205 -47.78 -62.01 -29.92
C LYS E 205 -47.91 -61.70 -31.39
N VAL E 206 -46.79 -61.35 -32.02
CA VAL E 206 -46.78 -61.00 -33.44
C VAL E 206 -45.53 -61.50 -34.14
N SER E 207 -45.64 -61.66 -35.46
CA SER E 207 -44.55 -62.10 -36.31
C SER E 207 -44.19 -60.96 -37.26
N LEU E 208 -42.98 -60.97 -37.77
CA LEU E 208 -42.54 -59.91 -38.66
C LEU E 208 -42.27 -60.44 -40.07
N LYS E 209 -42.63 -59.64 -41.06
CA LYS E 209 -42.43 -60.00 -42.46
C LYS E 209 -41.71 -58.84 -43.15
N LEU E 210 -40.42 -59.03 -43.40
CA LEU E 210 -39.60 -58.01 -44.04
C LEU E 210 -40.13 -57.64 -45.42
N GLU E 211 -39.81 -56.43 -45.90
CA GLU E 211 -40.28 -55.99 -47.22
C GLU E 211 -39.63 -56.86 -48.26
N ASP E 212 -38.74 -57.72 -47.77
CA ASP E 212 -38.00 -58.68 -48.55
C ASP E 212 -39.00 -59.75 -48.98
N GLY E 213 -39.90 -60.06 -48.06
CA GLY E 213 -40.91 -61.07 -48.29
C GLY E 213 -40.66 -62.14 -47.24
N SER E 214 -39.39 -62.29 -46.89
CA SER E 214 -38.96 -63.28 -45.91
C SER E 214 -39.65 -63.13 -44.54
N GLN E 215 -39.54 -64.17 -43.72
CA GLN E 215 -40.14 -64.18 -42.40
C GLN E 215 -39.07 -64.06 -41.33
N TYR E 216 -39.07 -62.95 -40.60
CA TYR E 216 -38.09 -62.82 -39.55
C TYR E 216 -38.27 -64.02 -38.60
N PRO E 217 -37.21 -64.80 -38.40
CA PRO E 217 -37.24 -65.97 -37.53
C PRO E 217 -37.86 -65.79 -36.16
N LEU E 218 -37.45 -64.77 -35.42
CA LEU E 218 -38.00 -64.56 -34.08
C LEU E 218 -39.32 -63.81 -34.10
N GLU E 219 -39.95 -63.73 -32.94
CA GLU E 219 -41.20 -63.00 -32.86
C GLU E 219 -41.24 -62.20 -31.58
N GLY E 220 -42.17 -61.23 -31.53
CA GLY E 220 -42.27 -60.41 -30.34
C GLY E 220 -43.63 -59.82 -30.04
N ARG E 221 -43.65 -59.02 -28.97
CA ARG E 221 -44.82 -58.31 -28.46
C ARG E 221 -45.31 -57.18 -29.33
N LEU E 222 -46.61 -56.94 -29.29
CA LEU E 222 -47.21 -55.82 -30.01
C LEU E 222 -48.01 -55.07 -28.98
N GLU E 223 -47.37 -54.18 -28.22
CA GLU E 223 -48.03 -53.38 -27.18
C GLU E 223 -49.16 -52.53 -27.75
N PHE E 224 -50.30 -52.49 -27.05
CA PHE E 224 -51.44 -51.72 -27.52
C PHE E 224 -51.59 -50.30 -26.97
N SER E 225 -50.80 -49.95 -25.96
CA SER E 225 -50.87 -48.60 -25.42
C SER E 225 -50.42 -47.67 -26.54
N GLU E 226 -51.20 -46.63 -26.82
CA GLU E 226 -50.87 -45.68 -27.89
C GLU E 226 -49.64 -44.87 -27.56
N VAL E 227 -48.89 -44.52 -28.59
CA VAL E 227 -47.68 -43.73 -28.42
C VAL E 227 -47.90 -42.35 -29.00
N SER E 228 -48.74 -42.26 -30.01
CA SER E 228 -49.02 -40.97 -30.66
C SER E 228 -50.23 -41.06 -31.57
N VAL E 229 -50.87 -39.92 -31.82
CA VAL E 229 -52.04 -39.86 -32.69
C VAL E 229 -52.00 -38.63 -33.58
N ASP E 230 -52.06 -38.84 -34.89
CA ASP E 230 -52.06 -37.74 -35.86
C ASP E 230 -53.50 -37.26 -35.91
N GLU E 231 -53.87 -36.37 -35.01
CA GLU E 231 -55.23 -35.85 -34.93
C GLU E 231 -55.73 -35.35 -36.28
N GLY E 232 -54.81 -35.06 -37.19
CA GLY E 232 -55.18 -34.59 -38.51
C GLY E 232 -55.64 -35.76 -39.38
N THR E 233 -55.37 -36.97 -38.91
CA THR E 233 -55.74 -38.20 -39.61
C THR E 233 -56.56 -39.09 -38.68
N GLY E 234 -56.46 -38.82 -37.38
CA GLY E 234 -57.18 -39.61 -36.41
C GLY E 234 -56.50 -40.93 -36.12
N SER E 235 -55.62 -41.35 -37.03
CA SER E 235 -54.88 -42.62 -36.90
C SER E 235 -53.92 -42.66 -35.71
N VAL E 236 -53.81 -43.82 -35.10
CA VAL E 236 -52.95 -44.01 -33.94
C VAL E 236 -51.68 -44.75 -34.34
N THR E 237 -50.68 -44.68 -33.48
CA THR E 237 -49.42 -45.35 -33.71
C THR E 237 -49.03 -46.12 -32.46
N ILE E 238 -48.87 -47.44 -32.61
CA ILE E 238 -48.48 -48.30 -31.52
C ILE E 238 -47.16 -48.98 -31.88
N ARG E 239 -46.50 -49.58 -30.90
CA ARG E 239 -45.21 -50.23 -31.13
C ARG E 239 -45.09 -51.73 -30.86
N ALA E 240 -44.44 -52.42 -31.78
CA ALA E 240 -44.16 -53.84 -31.64
C ALA E 240 -42.69 -53.91 -31.20
N VAL E 241 -42.34 -54.90 -30.37
CA VAL E 241 -40.97 -55.05 -29.91
C VAL E 241 -40.37 -56.42 -30.26
N PHE E 242 -39.42 -56.44 -31.19
CA PHE E 242 -38.81 -57.70 -31.58
C PHE E 242 -37.38 -57.86 -31.06
N PRO E 243 -36.98 -59.12 -30.78
CA PRO E 243 -35.61 -59.27 -30.29
C PRO E 243 -34.76 -59.16 -31.56
N ASN E 244 -33.58 -58.61 -31.43
CA ASN E 244 -32.77 -58.43 -32.61
C ASN E 244 -31.31 -58.59 -32.36
N PRO E 245 -30.91 -59.80 -31.92
CA PRO E 245 -29.47 -60.03 -31.66
C PRO E 245 -28.98 -60.23 -33.08
N ASN E 246 -27.70 -60.51 -33.27
CA ASN E 246 -27.23 -60.68 -34.66
C ASN E 246 -27.36 -59.39 -35.47
N ASN E 247 -28.17 -58.45 -34.98
CA ASN E 247 -28.38 -57.16 -35.62
C ASN E 247 -28.86 -57.27 -37.08
N GLU E 248 -29.75 -58.21 -37.34
CA GLU E 248 -30.28 -58.39 -38.69
C GLU E 248 -31.22 -57.25 -39.03
N LEU E 249 -32.00 -56.80 -38.04
CA LEU E 249 -32.96 -55.72 -38.27
C LEU E 249 -32.31 -54.37 -38.05
N LEU E 250 -32.58 -53.43 -38.96
CA LEU E 250 -32.02 -52.08 -38.85
C LEU E 250 -33.15 -51.05 -38.97
N PRO E 251 -32.93 -49.85 -38.43
CA PRO E 251 -33.94 -48.79 -38.47
C PRO E 251 -34.26 -48.39 -39.90
N GLY E 252 -35.52 -48.06 -40.15
CA GLY E 252 -35.89 -47.62 -41.49
C GLY E 252 -36.49 -48.64 -42.43
N MET E 253 -36.50 -49.89 -42.01
CA MET E 253 -37.05 -50.96 -42.83
C MET E 253 -38.58 -50.87 -42.85
N PHE E 254 -39.17 -51.09 -44.03
CA PHE E 254 -40.63 -51.05 -44.17
C PHE E 254 -41.11 -52.49 -44.03
N VAL E 255 -41.64 -52.81 -42.85
CA VAL E 255 -42.08 -54.17 -42.57
C VAL E 255 -43.57 -54.36 -42.35
N HIS E 256 -43.94 -55.57 -41.94
CA HIS E 256 -45.33 -55.95 -41.69
C HIS E 256 -45.44 -56.84 -40.46
N ALA E 257 -46.22 -56.41 -39.48
CA ALA E 257 -46.43 -57.20 -38.28
C ALA E 257 -47.60 -58.12 -38.62
N GLN E 258 -47.65 -59.30 -38.02
CA GLN E 258 -48.73 -60.23 -38.33
C GLN E 258 -49.43 -60.78 -37.10
N LEU E 259 -50.76 -60.86 -37.20
CA LEU E 259 -51.60 -61.39 -36.12
C LEU E 259 -52.55 -62.46 -36.69
N THR F 29 -22.31 -60.24 -58.29
CA THR F 29 -22.99 -58.99 -57.82
C THR F 29 -22.01 -57.81 -57.62
N GLU F 30 -22.38 -56.66 -58.19
CA GLU F 30 -21.56 -55.46 -58.10
C GLU F 30 -22.20 -54.37 -57.25
N LEU F 31 -21.50 -53.98 -56.19
CA LEU F 31 -21.96 -52.96 -55.27
C LEU F 31 -21.22 -51.64 -55.50
N PRO F 32 -21.96 -50.58 -55.86
CA PRO F 32 -21.34 -49.27 -56.09
C PRO F 32 -20.92 -48.60 -54.78
N GLY F 33 -19.83 -47.82 -54.84
CA GLY F 33 -19.35 -47.15 -53.64
C GLY F 33 -18.29 -46.10 -53.87
N ARG F 34 -17.92 -45.38 -52.81
CA ARG F 34 -16.91 -44.33 -52.87
C ARG F 34 -15.74 -44.68 -51.97
N THR F 35 -14.53 -44.38 -52.42
CA THR F 35 -13.36 -44.65 -51.62
C THR F 35 -13.22 -43.54 -50.60
N ASN F 36 -12.76 -43.88 -49.40
CA ASN F 36 -12.58 -42.88 -48.35
C ASN F 36 -11.35 -43.19 -47.56
N ALA F 37 -10.79 -42.17 -46.94
CA ALA F 37 -9.58 -42.37 -46.16
C ALA F 37 -9.91 -43.32 -45.02
N PHE F 38 -8.93 -44.10 -44.63
CA PHE F 38 -9.08 -45.05 -43.54
C PHE F 38 -9.12 -44.32 -42.20
N ARG F 39 -8.48 -43.16 -42.14
CA ARG F 39 -8.42 -42.41 -40.90
C ARG F 39 -8.07 -40.94 -41.21
N ILE F 40 -8.77 -40.01 -40.56
CA ILE F 40 -8.56 -38.57 -40.79
C ILE F 40 -8.25 -37.78 -39.52
N ALA F 41 -7.20 -36.98 -39.56
CA ALA F 41 -6.84 -36.17 -38.41
C ALA F 41 -6.56 -34.73 -38.82
N GLU F 42 -6.82 -33.79 -37.92
CA GLU F 42 -6.59 -32.39 -38.18
C GLU F 42 -5.41 -31.91 -37.35
N VAL F 43 -4.58 -31.06 -37.94
CA VAL F 43 -3.43 -30.52 -37.22
C VAL F 43 -3.83 -29.11 -36.79
N ARG F 44 -3.72 -28.81 -35.49
CA ARG F 44 -4.11 -27.51 -34.95
C ARG F 44 -3.16 -27.05 -33.87
N PRO F 45 -3.08 -25.74 -33.65
CA PRO F 45 -2.20 -25.18 -32.63
C PRO F 45 -2.91 -25.16 -31.27
N GLN F 46 -2.16 -25.36 -30.19
CA GLN F 46 -2.77 -25.35 -28.86
C GLN F 46 -2.04 -24.38 -27.96
N VAL F 47 -1.39 -23.43 -28.60
CA VAL F 47 -0.61 -22.40 -27.92
C VAL F 47 -0.57 -21.24 -28.91
N ASN F 48 -0.44 -20.02 -28.42
CA ASN F 48 -0.40 -18.84 -29.30
C ASN F 48 0.99 -18.51 -29.79
N GLY F 49 1.09 -18.08 -31.04
CA GLY F 49 2.41 -17.74 -31.55
C GLY F 49 2.57 -17.57 -33.06
N ILE F 50 3.84 -17.48 -33.46
CA ILE F 50 4.19 -17.30 -34.87
C ILE F 50 4.82 -18.57 -35.41
N ILE F 51 4.36 -18.98 -36.59
CA ILE F 51 4.89 -20.17 -37.22
C ILE F 51 6.34 -19.92 -37.61
N LEU F 52 7.27 -20.54 -36.91
CA LEU F 52 8.69 -20.35 -37.23
C LEU F 52 9.04 -21.17 -38.45
N LYS F 53 8.78 -22.47 -38.39
CA LYS F 53 9.09 -23.34 -39.52
C LYS F 53 8.00 -24.38 -39.76
N ARG F 54 7.87 -24.79 -41.02
CA ARG F 54 6.90 -25.80 -41.40
C ARG F 54 7.72 -26.99 -41.89
N LEU F 55 8.05 -27.90 -40.98
CA LEU F 55 8.88 -29.05 -41.29
C LEU F 55 8.34 -30.21 -42.12
N PHE F 56 7.48 -29.96 -43.10
CA PHE F 56 6.98 -31.08 -43.90
C PHE F 56 6.69 -30.70 -45.34
N LYS F 57 6.82 -31.67 -46.24
CA LYS F 57 6.56 -31.42 -47.64
C LYS F 57 5.08 -31.63 -47.95
N GLU F 58 4.42 -30.59 -48.44
CA GLU F 58 3.02 -30.70 -48.77
C GLU F 58 2.85 -31.94 -49.66
N GLY F 59 1.83 -32.74 -49.36
CA GLY F 59 1.58 -33.95 -50.13
C GLY F 59 2.44 -35.15 -49.78
N SER F 60 3.35 -35.03 -48.81
CA SER F 60 4.21 -36.17 -48.46
C SER F 60 3.54 -37.15 -47.49
N ASP F 61 4.34 -38.09 -46.97
CA ASP F 61 3.85 -39.08 -46.01
C ASP F 61 4.49 -38.77 -44.67
N VAL F 62 3.65 -38.58 -43.66
CA VAL F 62 4.14 -38.26 -42.34
C VAL F 62 3.73 -39.32 -41.30
N LYS F 63 4.53 -39.47 -40.25
CA LYS F 63 4.24 -40.44 -39.21
C LYS F 63 3.64 -39.78 -37.97
N ALA F 64 2.76 -40.51 -37.30
CA ALA F 64 2.15 -39.96 -36.11
C ALA F 64 3.25 -39.64 -35.08
N GLY F 65 3.18 -38.44 -34.50
CA GLY F 65 4.16 -38.01 -33.51
C GLY F 65 5.29 -37.18 -34.09
N GLN F 66 5.31 -37.11 -35.42
CA GLN F 66 6.33 -36.36 -36.15
C GLN F 66 6.04 -34.87 -36.07
N GLN F 67 7.08 -34.06 -35.86
CA GLN F 67 6.87 -32.62 -35.79
C GLN F 67 6.49 -32.08 -37.16
N LEU F 68 5.39 -31.35 -37.22
CA LEU F 68 4.92 -30.80 -38.48
C LEU F 68 5.19 -29.31 -38.56
N TYR F 69 5.26 -28.68 -37.40
CA TYR F 69 5.51 -27.26 -37.33
C TYR F 69 6.31 -26.94 -36.09
N GLN F 70 6.83 -25.72 -36.07
CA GLN F 70 7.57 -25.21 -34.94
C GLN F 70 7.07 -23.79 -34.73
N ILE F 71 6.44 -23.56 -33.58
CA ILE F 71 5.94 -22.24 -33.28
C ILE F 71 7.10 -21.54 -32.59
N ASP F 72 7.39 -20.30 -32.98
CA ASP F 72 8.51 -19.60 -32.37
C ASP F 72 8.38 -19.69 -30.86
N PRO F 73 9.20 -20.54 -30.25
CA PRO F 73 9.26 -20.80 -28.82
C PRO F 73 10.15 -19.86 -28.03
N ALA F 74 10.67 -18.84 -28.69
CA ALA F 74 11.57 -17.91 -28.04
C ALA F 74 11.06 -17.52 -26.65
N THR F 75 9.81 -17.09 -26.58
CA THR F 75 9.21 -16.66 -25.32
C THR F 75 8.81 -17.79 -24.37
N TYR F 76 7.98 -18.71 -24.86
CA TYR F 76 7.55 -19.84 -24.05
C TYR F 76 8.77 -20.44 -23.37
N GLU F 77 9.85 -20.57 -24.13
CA GLU F 77 11.08 -21.12 -23.60
C GLU F 77 11.60 -20.20 -22.51
N ALA F 78 11.44 -18.89 -22.72
CA ALA F 78 11.89 -17.88 -21.76
C ALA F 78 11.07 -17.92 -20.47
N ASP F 79 9.76 -18.00 -20.62
CA ASP F 79 8.87 -18.05 -19.47
C ASP F 79 9.14 -19.31 -18.67
N TYR F 80 9.18 -20.44 -19.36
CA TYR F 80 9.43 -21.69 -18.69
C TYR F 80 10.67 -21.63 -17.80
N GLN F 81 11.77 -21.09 -18.32
CA GLN F 81 12.98 -21.03 -17.53
C GLN F 81 12.88 -19.93 -16.50
N SER F 82 12.16 -18.88 -16.83
CA SER F 82 11.96 -17.79 -15.90
C SER F 82 11.27 -18.39 -14.68
N ALA F 83 10.28 -19.23 -14.96
CA ALA F 83 9.52 -19.91 -13.92
C ALA F 83 10.40 -20.81 -13.07
N GLN F 84 10.97 -21.84 -13.68
CA GLN F 84 11.84 -22.76 -12.96
C GLN F 84 12.82 -22.08 -12.02
N ALA F 85 13.30 -20.90 -12.41
CA ALA F 85 14.24 -20.15 -11.58
C ALA F 85 13.54 -19.79 -10.30
N ASN F 86 12.33 -19.27 -10.47
CA ASN F 86 11.47 -18.86 -9.37
C ASN F 86 11.25 -20.03 -8.40
N LEU F 87 10.71 -21.13 -8.94
CA LEU F 87 10.46 -22.32 -8.14
C LEU F 87 11.70 -22.73 -7.38
N ALA F 88 12.83 -22.83 -8.07
CA ALA F 88 14.08 -23.20 -7.41
C ALA F 88 14.33 -22.34 -6.17
N SER F 89 13.93 -21.08 -6.26
CA SER F 89 14.11 -20.13 -5.17
C SER F 89 13.12 -20.35 -4.03
N THR F 90 11.82 -20.22 -4.33
CA THR F 90 10.77 -20.40 -3.32
C THR F 90 10.84 -21.77 -2.67
N GLN F 91 11.24 -22.78 -3.42
CA GLN F 91 11.34 -24.14 -2.90
C GLN F 91 12.38 -24.21 -1.80
N GLU F 92 13.51 -23.56 -2.02
CA GLU F 92 14.58 -23.54 -1.04
C GLU F 92 14.00 -22.84 0.18
N GLN F 93 13.47 -21.63 -0.04
CA GLN F 93 12.86 -20.82 1.01
C GLN F 93 11.97 -21.67 1.91
N ALA F 94 11.03 -22.38 1.29
CA ALA F 94 10.10 -23.24 2.02
C ALA F 94 10.82 -24.31 2.81
N GLN F 95 11.52 -25.21 2.13
CA GLN F 95 12.25 -26.28 2.80
C GLN F 95 13.03 -25.82 4.03
N ARG F 96 13.53 -24.59 3.98
CA ARG F 96 14.29 -24.05 5.10
C ARG F 96 13.36 -23.74 6.27
N TYR F 97 12.20 -23.15 5.96
CA TYR F 97 11.23 -22.82 6.98
C TYR F 97 10.57 -24.05 7.58
N LYS F 98 10.43 -25.10 6.78
CA LYS F 98 9.82 -26.32 7.29
C LYS F 98 10.69 -26.76 8.47
N LEU F 99 12.00 -26.73 8.24
CA LEU F 99 12.97 -27.10 9.26
C LEU F 99 12.90 -26.18 10.48
N LEU F 100 12.92 -24.87 10.23
CA LEU F 100 12.88 -23.86 11.29
C LEU F 100 11.64 -23.86 12.18
N VAL F 101 10.46 -23.98 11.59
CA VAL F 101 9.23 -23.98 12.38
C VAL F 101 9.22 -25.13 13.37
N ALA F 102 9.81 -26.25 12.98
CA ALA F 102 9.88 -27.43 13.86
C ALA F 102 10.55 -27.09 15.19
N ASP F 103 11.39 -26.07 15.17
CA ASP F 103 12.10 -25.61 16.36
C ASP F 103 11.57 -24.26 16.78
N GLN F 104 10.42 -23.89 16.23
CA GLN F 104 9.77 -22.63 16.53
C GLN F 104 10.61 -21.38 16.20
N ALA F 105 11.75 -21.57 15.55
CA ALA F 105 12.61 -20.45 15.16
C ALA F 105 11.81 -19.51 14.26
N VAL F 106 10.79 -20.07 13.60
CA VAL F 106 9.91 -19.32 12.71
C VAL F 106 8.45 -19.55 13.11
N SER F 107 7.56 -18.64 12.71
CA SER F 107 6.14 -18.76 13.05
C SER F 107 5.38 -19.66 12.09
N LYS F 108 4.18 -20.07 12.50
CA LYS F 108 3.35 -20.92 11.65
C LYS F 108 2.91 -20.17 10.40
N GLN F 109 2.88 -18.83 10.50
CA GLN F 109 2.47 -17.99 9.40
C GLN F 109 3.52 -17.94 8.29
N GLN F 110 4.71 -17.48 8.66
CA GLN F 110 5.80 -17.37 7.70
C GLN F 110 5.95 -18.68 6.92
N TYR F 111 5.94 -19.80 7.62
CA TYR F 111 6.06 -21.10 6.95
C TYR F 111 4.88 -21.30 6.01
N ALA F 112 3.70 -20.90 6.46
CA ALA F 112 2.49 -21.05 5.65
C ALA F 112 2.65 -20.25 4.38
N ASP F 113 3.00 -18.97 4.52
CA ASP F 113 3.17 -18.10 3.37
C ASP F 113 4.27 -18.60 2.45
N ALA F 114 5.36 -19.07 3.04
CA ALA F 114 6.48 -19.61 2.28
C ALA F 114 6.04 -20.82 1.46
N ASN F 115 5.38 -21.78 2.11
CA ASN F 115 4.92 -22.96 1.40
C ASN F 115 3.83 -22.58 0.41
N ALA F 116 3.20 -21.43 0.63
CA ALA F 116 2.16 -20.94 -0.26
C ALA F 116 2.81 -20.59 -1.59
N ALA F 117 3.82 -19.74 -1.52
CA ALA F 117 4.55 -19.30 -2.70
C ALA F 117 5.12 -20.50 -3.42
N TYR F 118 5.77 -21.39 -2.67
CA TYR F 118 6.36 -22.59 -3.24
C TYR F 118 5.35 -23.32 -4.10
N LEU F 119 4.15 -23.50 -3.59
CA LEU F 119 3.11 -24.19 -4.33
C LEU F 119 2.71 -23.44 -5.60
N GLN F 120 2.60 -22.12 -5.49
CA GLN F 120 2.23 -21.31 -6.65
C GLN F 120 3.26 -21.46 -7.77
N SER F 121 4.52 -21.39 -7.40
CA SER F 121 5.63 -21.52 -8.35
C SER F 121 5.53 -22.86 -9.06
N LYS F 122 5.48 -23.93 -8.26
CA LYS F 122 5.38 -25.28 -8.77
C LYS F 122 4.26 -25.41 -9.81
N ALA F 123 3.20 -24.65 -9.59
CA ALA F 123 2.06 -24.64 -10.49
C ALA F 123 2.41 -23.92 -11.78
N ALA F 124 3.04 -22.75 -11.65
CA ALA F 124 3.46 -21.92 -12.77
C ALA F 124 4.39 -22.70 -13.72
N VAL F 125 5.37 -23.36 -13.11
CA VAL F 125 6.32 -24.16 -13.87
C VAL F 125 5.58 -25.18 -14.71
N GLU F 126 4.68 -25.92 -14.09
CA GLU F 126 3.93 -26.94 -14.82
C GLU F 126 3.15 -26.38 -15.98
N GLN F 127 2.58 -25.19 -15.81
CA GLN F 127 1.83 -24.58 -16.89
C GLN F 127 2.78 -24.12 -18.00
N ALA F 128 3.93 -23.58 -17.58
CA ALA F 128 4.95 -23.10 -18.50
C ALA F 128 5.42 -24.26 -19.36
N ARG F 129 5.74 -25.36 -18.70
CA ARG F 129 6.19 -26.59 -19.33
C ARG F 129 5.17 -27.07 -20.36
N ILE F 130 3.90 -27.08 -19.97
CA ILE F 130 2.83 -27.52 -20.88
C ILE F 130 2.82 -26.68 -22.14
N ASN F 131 2.81 -25.36 -22.00
CA ASN F 131 2.80 -24.48 -23.16
C ASN F 131 4.01 -24.67 -24.08
N LEU F 132 5.18 -24.78 -23.48
CA LEU F 132 6.39 -24.98 -24.28
C LEU F 132 6.22 -26.25 -25.10
N ARG F 133 5.74 -27.30 -24.45
CA ARG F 133 5.55 -28.56 -25.14
C ARG F 133 4.66 -28.40 -26.38
N TYR F 134 3.58 -27.62 -26.26
CA TYR F 134 2.64 -27.43 -27.37
C TYR F 134 3.25 -26.62 -28.51
N THR F 135 4.46 -26.13 -28.27
CA THR F 135 5.18 -25.33 -29.27
C THR F 135 5.57 -26.17 -30.49
N LYS F 136 5.78 -27.46 -30.29
CA LYS F 136 6.13 -28.38 -31.37
C LYS F 136 4.85 -29.09 -31.84
N VAL F 137 4.20 -28.52 -32.85
CA VAL F 137 2.99 -29.10 -33.40
C VAL F 137 3.27 -30.45 -34.04
N LEU F 138 2.92 -31.54 -33.35
CA LEU F 138 3.13 -32.88 -33.87
C LEU F 138 1.93 -33.45 -34.66
N SER F 139 2.16 -34.49 -35.45
CA SER F 139 1.08 -35.10 -36.21
C SER F 139 0.36 -36.17 -35.39
N PRO F 140 -0.96 -36.02 -35.23
CA PRO F 140 -1.74 -36.97 -34.45
C PRO F 140 -1.82 -38.38 -35.04
N ILE F 141 -1.85 -38.47 -36.35
CA ILE F 141 -2.00 -39.75 -37.04
C ILE F 141 -0.85 -40.01 -38.01
N SER F 142 -0.75 -41.24 -38.49
CA SER F 142 0.26 -41.56 -39.50
C SER F 142 -0.52 -41.59 -40.80
N GLY F 143 -0.09 -40.79 -41.78
CA GLY F 143 -0.80 -40.75 -43.05
C GLY F 143 -0.17 -39.81 -44.05
N ARG F 144 -1.03 -39.21 -44.86
CA ARG F 144 -0.60 -38.30 -45.92
C ARG F 144 -1.10 -36.86 -45.72
N ILE F 145 -0.18 -35.94 -45.38
CA ILE F 145 -0.51 -34.51 -45.21
C ILE F 145 -0.60 -33.90 -46.59
N GLY F 146 -1.51 -32.95 -46.77
CA GLY F 146 -1.65 -32.28 -48.04
C GLY F 146 -1.06 -30.89 -47.92
N ARG F 147 -1.76 -29.92 -48.49
CA ARG F 147 -1.33 -28.52 -48.43
C ARG F 147 -1.39 -28.01 -47.00
N SER F 148 -0.54 -27.04 -46.69
CA SER F 148 -0.55 -26.43 -45.36
C SER F 148 -1.31 -25.12 -45.47
N ALA F 149 -2.52 -25.08 -44.92
CA ALA F 149 -3.35 -23.88 -44.96
C ALA F 149 -2.71 -22.67 -44.25
N VAL F 150 -1.56 -22.87 -43.65
CA VAL F 150 -0.89 -21.78 -42.95
C VAL F 150 0.52 -21.60 -43.46
N THR F 151 0.83 -20.36 -43.82
CA THR F 151 2.14 -19.95 -44.34
C THR F 151 3.12 -19.75 -43.20
N GLU F 152 4.41 -19.89 -43.47
CA GLU F 152 5.39 -19.70 -42.41
C GLU F 152 5.25 -18.24 -41.98
N GLY F 153 5.77 -17.90 -40.81
CA GLY F 153 5.65 -16.53 -40.35
C GLY F 153 4.25 -16.08 -39.98
N ALA F 154 3.24 -16.89 -40.30
CA ALA F 154 1.86 -16.54 -39.95
C ALA F 154 1.59 -16.54 -38.44
N LEU F 155 0.51 -15.86 -38.06
CA LEU F 155 0.14 -15.79 -36.66
C LEU F 155 -0.86 -16.91 -36.40
N VAL F 156 -0.61 -17.69 -35.35
CA VAL F 156 -1.46 -18.81 -35.03
C VAL F 156 -2.03 -18.71 -33.60
N THR F 157 -3.33 -18.96 -33.48
CA THR F 157 -4.00 -18.87 -32.18
C THR F 157 -4.67 -20.15 -31.66
N ASN F 158 -4.42 -20.43 -30.39
CA ASN F 158 -5.00 -21.59 -29.75
C ASN F 158 -6.51 -21.40 -29.79
N GLY F 159 -7.23 -22.38 -30.30
CA GLY F 159 -8.67 -22.25 -30.35
C GLY F 159 -9.14 -21.73 -31.68
N GLN F 160 -8.21 -21.27 -32.51
CA GLN F 160 -8.58 -20.76 -33.82
C GLN F 160 -9.44 -21.76 -34.57
N ALA F 161 -10.42 -21.24 -35.31
CA ALA F 161 -11.35 -22.04 -36.09
C ALA F 161 -10.74 -22.98 -37.13
N ASN F 162 -9.92 -22.46 -38.02
CA ASN F 162 -9.33 -23.28 -39.08
C ASN F 162 -8.16 -24.12 -38.66
N ALA F 163 -8.00 -25.26 -39.33
CA ALA F 163 -6.92 -26.18 -39.04
C ALA F 163 -5.72 -25.89 -39.92
N MET F 164 -4.54 -25.97 -39.33
CA MET F 164 -3.32 -25.74 -40.07
C MET F 164 -3.13 -26.74 -41.22
N ALA F 165 -3.48 -28.01 -41.01
CA ALA F 165 -3.32 -29.03 -42.05
C ALA F 165 -4.14 -30.27 -41.74
N THR F 166 -4.22 -31.20 -42.71
CA THR F 166 -4.98 -32.44 -42.55
C THR F 166 -4.22 -33.69 -43.02
N VAL F 167 -3.97 -34.63 -42.11
CA VAL F 167 -3.28 -35.87 -42.46
C VAL F 167 -4.32 -36.97 -42.77
N GLN F 168 -3.94 -37.94 -43.59
CA GLN F 168 -4.85 -39.02 -43.95
C GLN F 168 -4.19 -40.36 -44.16
N GLN F 169 -4.61 -41.37 -43.39
CA GLN F 169 -4.07 -42.70 -43.56
C GLN F 169 -4.78 -43.20 -44.80
N LEU F 170 -4.03 -43.43 -45.86
CA LEU F 170 -4.62 -43.88 -47.11
C LEU F 170 -4.32 -45.30 -47.48
N ASP F 171 -3.45 -45.98 -46.71
CA ASP F 171 -3.14 -47.35 -47.08
C ASP F 171 -4.40 -48.16 -46.98
N PRO F 172 -4.59 -48.94 -45.88
CA PRO F 172 -5.88 -49.65 -46.00
C PRO F 172 -6.86 -48.54 -46.36
N ILE F 173 -7.65 -48.73 -47.40
CA ILE F 173 -8.59 -47.69 -47.75
C ILE F 173 -10.01 -48.23 -47.79
N TYR F 174 -10.96 -47.42 -47.32
CA TYR F 174 -12.35 -47.80 -47.30
C TYR F 174 -13.04 -47.58 -48.63
N VAL F 175 -14.17 -48.25 -48.77
CA VAL F 175 -15.00 -48.13 -49.94
C VAL F 175 -16.40 -48.23 -49.36
N ASP F 176 -17.05 -47.07 -49.21
CA ASP F 176 -18.39 -47.02 -48.64
C ASP F 176 -19.41 -47.51 -49.66
N VAL F 177 -20.05 -48.62 -49.31
CA VAL F 177 -21.06 -49.24 -50.16
C VAL F 177 -22.42 -49.07 -49.51
N THR F 178 -23.41 -48.71 -50.32
CA THR F 178 -24.77 -48.52 -49.84
C THR F 178 -25.76 -49.44 -50.55
N GLN F 179 -26.40 -50.30 -49.76
CA GLN F 179 -27.38 -51.25 -50.27
C GLN F 179 -28.68 -51.10 -49.47
N PRO F 180 -29.82 -51.48 -50.06
CA PRO F 180 -31.10 -51.38 -49.35
C PRO F 180 -31.06 -52.43 -48.24
N SER F 181 -31.48 -52.03 -47.04
CA SER F 181 -31.49 -52.91 -45.87
C SER F 181 -31.75 -54.38 -46.16
N THR F 182 -32.63 -54.65 -47.13
CA THR F 182 -32.97 -56.03 -47.51
C THR F 182 -31.74 -56.77 -48.01
N ALA F 183 -31.12 -56.21 -49.05
CA ALA F 183 -29.93 -56.79 -49.67
C ALA F 183 -28.86 -57.12 -48.64
N LEU F 184 -28.67 -56.26 -47.65
CA LEU F 184 -27.66 -56.48 -46.62
C LEU F 184 -27.91 -57.78 -45.88
N LEU F 185 -29.17 -58.14 -45.67
CA LEU F 185 -29.51 -59.39 -45.00
C LEU F 185 -29.26 -60.54 -45.96
N ARG F 186 -29.81 -60.42 -47.17
CA ARG F 186 -29.65 -61.42 -48.20
C ARG F 186 -28.18 -61.85 -48.23
N LEU F 187 -27.28 -60.87 -48.40
CA LEU F 187 -25.85 -61.15 -48.44
C LEU F 187 -25.37 -61.75 -47.14
N ARG F 188 -25.87 -61.23 -46.04
CA ARG F 188 -25.47 -61.71 -44.72
C ARG F 188 -25.75 -63.20 -44.52
N ARG F 189 -26.83 -63.70 -45.09
CA ARG F 189 -27.11 -65.10 -44.91
C ARG F 189 -26.24 -65.95 -45.87
N GLU F 190 -26.05 -65.50 -47.11
CA GLU F 190 -25.18 -66.22 -48.05
C GLU F 190 -23.81 -66.34 -47.40
N LEU F 191 -23.41 -65.32 -46.66
CA LEU F 191 -22.12 -65.35 -45.99
C LEU F 191 -22.06 -66.51 -45.00
N ALA F 192 -23.14 -66.68 -44.22
CA ALA F 192 -23.20 -67.75 -43.21
C ALA F 192 -23.48 -69.13 -43.82
N SER F 193 -24.25 -69.14 -44.92
CA SER F 193 -24.59 -70.37 -45.62
C SER F 193 -23.48 -70.76 -46.61
N GLY F 194 -22.25 -70.34 -46.30
CA GLY F 194 -21.12 -70.65 -47.16
C GLY F 194 -21.25 -70.26 -48.63
N GLN F 195 -22.40 -69.73 -49.03
CA GLN F 195 -22.61 -69.35 -50.42
C GLN F 195 -21.74 -68.18 -50.86
N LEU F 196 -21.00 -67.61 -49.92
CA LEU F 196 -20.11 -66.48 -50.17
C LEU F 196 -18.72 -66.81 -49.67
N GLU F 197 -17.70 -66.35 -50.40
CA GLU F 197 -16.32 -66.63 -50.01
C GLU F 197 -15.87 -65.91 -48.75
N ARG F 198 -15.78 -66.65 -47.65
CA ARG F 198 -15.35 -66.08 -46.38
C ARG F 198 -14.09 -65.26 -46.52
N ALA F 199 -13.95 -64.25 -45.68
CA ALA F 199 -12.79 -63.37 -45.68
C ALA F 199 -12.46 -63.08 -44.23
N GLY F 200 -13.37 -63.48 -43.36
CA GLY F 200 -13.21 -63.29 -41.93
C GLY F 200 -14.61 -63.29 -41.34
N ASP F 201 -14.70 -63.20 -40.02
CA ASP F 201 -16.00 -63.17 -39.38
C ASP F 201 -16.75 -61.97 -39.92
N ASN F 202 -17.93 -62.20 -40.50
CA ASN F 202 -18.75 -61.13 -41.06
C ASN F 202 -18.15 -60.42 -42.26
N ALA F 203 -17.12 -61.02 -42.87
CA ALA F 203 -16.49 -60.41 -44.02
C ALA F 203 -16.34 -61.39 -45.18
N ALA F 204 -16.70 -60.92 -46.37
CA ALA F 204 -16.62 -61.73 -47.58
C ALA F 204 -15.55 -61.11 -48.48
N LYS F 205 -14.80 -61.95 -49.20
CA LYS F 205 -13.77 -61.46 -50.11
C LYS F 205 -14.39 -60.71 -51.27
N VAL F 206 -13.78 -59.59 -51.67
CA VAL F 206 -14.31 -58.78 -52.76
C VAL F 206 -13.22 -58.21 -53.66
N SER F 207 -13.62 -57.85 -54.88
CA SER F 207 -12.73 -57.27 -55.86
C SER F 207 -13.22 -55.87 -56.19
N LEU F 208 -12.29 -55.01 -56.60
CA LEU F 208 -12.66 -53.64 -56.92
C LEU F 208 -12.55 -53.33 -58.41
N LYS F 209 -13.52 -52.56 -58.91
CA LYS F 209 -13.55 -52.19 -60.32
C LYS F 209 -13.68 -50.66 -60.42
N LEU F 210 -12.56 -50.00 -60.74
CA LEU F 210 -12.51 -48.55 -60.86
C LEU F 210 -13.52 -48.05 -61.88
N GLU F 211 -13.96 -46.79 -61.76
CA GLU F 211 -14.93 -46.22 -62.70
C GLU F 211 -14.25 -46.13 -64.06
N ASP F 212 -12.95 -46.45 -64.01
CA ASP F 212 -12.09 -46.48 -65.18
C ASP F 212 -12.54 -47.66 -66.04
N GLY F 213 -12.94 -48.73 -65.36
CA GLY F 213 -13.37 -49.94 -66.04
C GLY F 213 -12.38 -51.02 -65.64
N SER F 214 -11.14 -50.59 -65.41
CA SER F 214 -10.06 -51.49 -65.01
C SER F 214 -10.34 -52.27 -63.72
N GLN F 215 -9.51 -53.29 -63.49
CA GLN F 215 -9.63 -54.13 -62.30
C GLN F 215 -8.50 -53.89 -61.32
N TYR F 216 -8.82 -53.27 -60.18
CA TYR F 216 -7.78 -53.02 -59.18
C TYR F 216 -7.13 -54.38 -58.89
N PRO F 217 -5.84 -54.52 -59.18
CA PRO F 217 -5.06 -55.74 -58.96
C PRO F 217 -5.26 -56.48 -57.64
N LEU F 218 -5.28 -55.76 -56.54
CA LEU F 218 -5.46 -56.41 -55.23
C LEU F 218 -6.94 -56.52 -54.85
N GLU F 219 -7.22 -57.25 -53.78
CA GLU F 219 -8.58 -57.41 -53.32
C GLU F 219 -8.65 -57.36 -51.80
N GLY F 220 -9.83 -57.05 -51.28
CA GLY F 220 -9.97 -56.97 -49.84
C GLY F 220 -11.31 -57.37 -49.24
N ARG F 221 -11.39 -57.20 -47.93
CA ARG F 221 -12.56 -57.52 -47.13
C ARG F 221 -13.76 -56.60 -47.38
N LEU F 222 -14.95 -57.13 -47.16
CA LEU F 222 -16.19 -56.36 -47.26
C LEU F 222 -16.95 -56.64 -45.97
N GLU F 223 -16.60 -55.94 -44.89
CA GLU F 223 -17.24 -56.10 -43.59
C GLU F 223 -18.74 -55.87 -43.67
N PHE F 224 -19.50 -56.73 -43.01
CA PHE F 224 -20.95 -56.60 -43.06
C PHE F 224 -21.60 -55.82 -41.92
N SER F 225 -20.84 -55.54 -40.86
CA SER F 225 -21.42 -54.77 -39.76
C SER F 225 -21.77 -53.39 -40.32
N GLU F 226 -22.99 -52.93 -40.04
CA GLU F 226 -23.45 -51.64 -40.54
C GLU F 226 -22.70 -50.50 -39.88
N VAL F 227 -22.52 -49.43 -40.64
CA VAL F 227 -21.81 -48.25 -40.14
C VAL F 227 -22.80 -47.11 -40.02
N SER F 228 -23.83 -47.12 -40.87
CA SER F 228 -24.84 -46.07 -40.86
C SER F 228 -26.07 -46.44 -41.67
N VAL F 229 -27.21 -45.84 -41.33
CA VAL F 229 -28.46 -46.11 -42.02
C VAL F 229 -29.26 -44.85 -42.25
N ASP F 230 -29.50 -44.50 -43.51
CA ASP F 230 -30.29 -43.32 -43.84
C ASP F 230 -31.74 -43.73 -43.64
N GLU F 231 -32.23 -43.64 -42.40
CA GLU F 231 -33.60 -44.00 -42.08
C GLU F 231 -34.64 -43.36 -43.00
N GLY F 232 -34.24 -42.27 -43.67
CA GLY F 232 -35.11 -41.58 -44.61
C GLY F 232 -35.20 -42.35 -45.92
N THR F 233 -34.29 -43.30 -46.10
CA THR F 233 -34.22 -44.15 -47.29
C THR F 233 -34.30 -45.60 -46.84
N GLY F 234 -33.89 -45.86 -45.59
CA GLY F 234 -33.89 -47.19 -45.04
C GLY F 234 -32.63 -47.95 -45.43
N SER F 235 -31.91 -47.43 -46.42
CA SER F 235 -30.67 -48.04 -46.94
C SER F 235 -29.52 -48.02 -45.93
N VAL F 236 -28.71 -49.08 -45.98
CA VAL F 236 -27.58 -49.21 -45.07
C VAL F 236 -26.28 -48.93 -45.80
N THR F 237 -25.24 -48.63 -45.02
CA THR F 237 -23.93 -48.35 -45.56
C THR F 237 -22.89 -49.20 -44.85
N ILE F 238 -22.17 -50.01 -45.63
CA ILE F 238 -21.11 -50.87 -45.10
C ILE F 238 -19.79 -50.55 -45.81
N ARG F 239 -18.68 -50.95 -45.19
CA ARG F 239 -17.37 -50.70 -45.73
C ARG F 239 -16.52 -51.87 -46.17
N ALA F 240 -15.86 -51.68 -47.31
CA ALA F 240 -14.96 -52.67 -47.85
C ALA F 240 -13.57 -52.10 -47.53
N VAL F 241 -12.59 -52.96 -47.31
CA VAL F 241 -11.25 -52.49 -46.99
C VAL F 241 -10.21 -53.08 -47.92
N PHE F 242 -9.66 -52.26 -48.81
CA PHE F 242 -8.65 -52.71 -49.75
C PHE F 242 -7.25 -52.24 -49.42
N PRO F 243 -6.25 -53.07 -49.71
CA PRO F 243 -4.87 -52.67 -49.42
C PRO F 243 -4.55 -51.63 -50.48
N ASN F 244 -3.85 -50.56 -50.11
CA ASN F 244 -3.55 -49.54 -51.10
C ASN F 244 -2.15 -48.99 -51.04
N PRO F 245 -1.13 -49.86 -51.20
CA PRO F 245 0.25 -49.36 -51.16
C PRO F 245 0.36 -48.71 -52.54
N ASN F 246 1.51 -48.15 -52.86
CA ASN F 246 1.67 -47.49 -54.16
C ASN F 246 0.69 -46.30 -54.25
N ASN F 247 -0.26 -46.25 -53.31
CA ASN F 247 -1.23 -45.17 -53.24
C ASN F 247 -2.02 -44.93 -54.53
N GLU F 248 -2.33 -46.01 -55.24
CA GLU F 248 -3.08 -45.90 -56.49
C GLU F 248 -4.49 -45.38 -56.24
N LEU F 249 -5.11 -45.84 -55.15
CA LEU F 249 -6.47 -45.44 -54.81
C LEU F 249 -6.50 -44.17 -53.98
N LEU F 250 -7.43 -43.29 -54.31
CA LEU F 250 -7.58 -42.02 -53.59
C LEU F 250 -9.04 -41.77 -53.23
N PRO F 251 -9.28 -41.03 -52.14
CA PRO F 251 -10.62 -40.70 -51.67
C PRO F 251 -11.46 -40.03 -52.77
N GLY F 252 -12.75 -40.32 -52.79
CA GLY F 252 -13.64 -39.70 -53.77
C GLY F 252 -13.92 -40.48 -55.04
N MET F 253 -13.15 -41.54 -55.30
CA MET F 253 -13.36 -42.34 -56.50
C MET F 253 -14.69 -43.09 -56.47
N PHE F 254 -15.37 -43.14 -57.61
CA PHE F 254 -16.64 -43.86 -57.70
C PHE F 254 -16.32 -45.24 -58.24
N VAL F 255 -16.27 -46.23 -57.36
CA VAL F 255 -15.93 -47.59 -57.76
C VAL F 255 -17.08 -48.61 -57.66
N HIS F 256 -16.71 -49.89 -57.78
CA HIS F 256 -17.65 -51.00 -57.70
C HIS F 256 -17.01 -52.22 -57.04
N ALA F 257 -17.64 -52.71 -55.98
CA ALA F 257 -17.14 -53.90 -55.29
C ALA F 257 -17.78 -55.07 -56.01
N GLN F 258 -17.13 -56.24 -55.96
CA GLN F 258 -17.66 -57.41 -56.65
C GLN F 258 -17.66 -58.67 -55.79
N LEU F 259 -18.78 -59.38 -55.78
CA LEU F 259 -18.96 -60.61 -55.00
C LEU F 259 -19.27 -61.85 -55.86
N THR G 29 77.98 -10.18 13.16
CA THR G 29 76.90 -9.38 13.82
C THR G 29 75.56 -10.11 13.79
N GLU G 30 74.96 -10.30 14.97
CA GLU G 30 73.69 -10.98 15.08
C GLU G 30 72.53 -10.01 15.27
N LEU G 31 71.59 -10.06 14.33
CA LEU G 31 70.41 -9.20 14.35
C LEU G 31 69.19 -9.97 14.81
N PRO G 32 68.55 -9.51 15.90
CA PRO G 32 67.35 -10.19 16.42
C PRO G 32 66.12 -9.88 15.56
N GLY G 33 65.18 -10.82 15.49
CA GLY G 33 63.99 -10.61 14.69
C GLY G 33 62.90 -11.65 14.86
N ARG G 34 61.78 -11.44 14.19
CA ARG G 34 60.65 -12.37 14.25
C ARG G 34 60.32 -12.89 12.86
N THR G 35 59.91 -14.16 12.80
CA THR G 35 59.54 -14.74 11.52
C THR G 35 58.10 -14.34 11.24
N ASN G 36 57.78 -14.10 9.98
CA ASN G 36 56.44 -13.72 9.57
C ASN G 36 56.08 -14.34 8.23
N ALA G 37 54.81 -14.62 8.04
CA ALA G 37 54.37 -15.20 6.79
C ALA G 37 54.83 -14.33 5.62
N PHE G 38 55.11 -14.97 4.51
CA PHE G 38 55.55 -14.25 3.34
C PHE G 38 54.36 -13.52 2.73
N ARG G 39 53.18 -14.08 2.90
CA ARG G 39 51.97 -13.52 2.32
C ARG G 39 50.73 -14.13 3.01
N ILE G 40 49.74 -13.31 3.34
CA ILE G 40 48.53 -13.83 3.98
C ILE G 40 47.27 -13.35 3.25
N ALA G 41 46.28 -14.22 3.18
CA ALA G 41 45.02 -13.90 2.52
C ALA G 41 43.85 -14.42 3.34
N GLU G 42 42.66 -13.91 3.08
CA GLU G 42 41.46 -14.33 3.79
C GLU G 42 40.48 -14.86 2.78
N VAL G 43 39.75 -15.89 3.18
CA VAL G 43 38.77 -16.49 2.30
C VAL G 43 37.41 -16.00 2.77
N ARG G 44 36.64 -15.40 1.86
CA ARG G 44 35.33 -14.84 2.17
C ARG G 44 34.35 -15.07 1.04
N PRO G 45 33.05 -15.17 1.39
CA PRO G 45 32.01 -15.38 0.38
C PRO G 45 31.64 -14.05 -0.26
N GLN G 46 31.20 -14.07 -1.51
CA GLN G 46 30.83 -12.84 -2.19
C GLN G 46 29.48 -13.06 -2.86
N VAL G 47 28.72 -13.96 -2.29
CA VAL G 47 27.39 -14.29 -2.81
C VAL G 47 26.73 -14.96 -1.64
N ASN G 48 25.41 -14.85 -1.54
CA ASN G 48 24.69 -15.45 -0.42
C ASN G 48 24.33 -16.89 -0.65
N GLY G 49 24.36 -17.68 0.42
CA GLY G 49 24.00 -19.07 0.26
C GLY G 49 24.40 -20.03 1.36
N ILE G 50 24.19 -21.32 1.07
CA ILE G 50 24.51 -22.38 2.01
C ILE G 50 25.75 -23.13 1.56
N ILE G 51 26.66 -23.36 2.49
CA ILE G 51 27.89 -24.08 2.19
C ILE G 51 27.53 -25.52 1.90
N LEU G 52 27.66 -25.92 0.65
CA LEU G 52 27.35 -27.29 0.26
C LEU G 52 28.50 -28.22 0.66
N LYS G 53 29.71 -27.89 0.24
CA LYS G 53 30.88 -28.70 0.58
C LYS G 53 32.13 -27.89 0.84
N ARG G 54 33.00 -28.42 1.69
CA ARG G 54 34.25 -27.77 2.06
C ARG G 54 35.41 -28.61 1.52
N LEU G 55 35.75 -28.38 0.27
CA LEU G 55 36.79 -29.13 -0.44
C LEU G 55 38.25 -29.02 -0.01
N PHE G 56 38.55 -28.90 1.27
CA PHE G 56 39.96 -28.82 1.64
C PHE G 56 40.22 -29.35 3.04
N LYS G 57 41.43 -29.88 3.24
CA LYS G 57 41.78 -30.44 4.54
C LYS G 57 42.36 -29.38 5.45
N GLU G 58 41.69 -29.14 6.58
CA GLU G 58 42.18 -28.14 7.52
C GLU G 58 43.66 -28.43 7.75
N GLY G 59 44.47 -27.38 7.71
CA GLY G 59 45.89 -27.54 7.93
C GLY G 59 46.70 -27.98 6.71
N SER G 60 46.05 -28.21 5.57
CA SER G 60 46.80 -28.66 4.40
C SER G 60 47.48 -27.55 3.60
N ASP G 61 47.93 -27.88 2.39
CA ASP G 61 48.57 -26.91 1.51
C ASP G 61 47.68 -26.73 0.30
N VAL G 62 47.31 -25.48 0.03
CA VAL G 62 46.42 -25.18 -1.08
C VAL G 62 47.07 -24.23 -2.08
N LYS G 63 46.60 -24.29 -3.33
CA LYS G 63 47.12 -23.44 -4.40
C LYS G 63 46.16 -22.32 -4.77
N ALA G 64 46.71 -21.14 -5.02
CA ALA G 64 45.90 -20.00 -5.41
C ALA G 64 45.03 -20.40 -6.60
N GLY G 65 43.73 -20.13 -6.50
CA GLY G 65 42.80 -20.46 -7.58
C GLY G 65 42.07 -21.77 -7.34
N GLN G 66 42.51 -22.50 -6.33
CA GLN G 66 41.92 -23.78 -5.99
C GLN G 66 40.58 -23.61 -5.28
N GLN G 67 39.56 -24.36 -5.70
CA GLN G 67 38.25 -24.26 -5.07
C GLN G 67 38.32 -24.74 -3.61
N LEU G 68 37.98 -23.85 -2.68
CA LEU G 68 38.01 -24.20 -1.25
C LEU G 68 36.63 -24.54 -0.69
N TYR G 69 35.59 -24.00 -1.33
CA TYR G 69 34.22 -24.24 -0.89
C TYR G 69 33.29 -24.23 -2.08
N GLN G 70 32.10 -24.76 -1.87
CA GLN G 70 31.10 -24.80 -2.91
C GLN G 70 29.83 -24.33 -2.25
N ILE G 71 29.29 -23.22 -2.72
CA ILE G 71 28.05 -22.71 -2.16
C ILE G 71 26.95 -23.29 -3.03
N ASP G 72 25.89 -23.81 -2.41
CA ASP G 72 24.81 -24.41 -3.18
C ASP G 72 24.43 -23.45 -4.30
N PRO G 73 24.73 -23.83 -5.54
CA PRO G 73 24.44 -23.04 -6.73
C PRO G 73 23.10 -23.38 -7.37
N ALA G 74 22.37 -24.31 -6.78
CA ALA G 74 21.09 -24.72 -7.33
C ALA G 74 20.31 -23.55 -7.91
N THR G 75 20.18 -22.47 -7.12
CA THR G 75 19.41 -21.29 -7.52
C THR G 75 20.11 -20.33 -8.49
N TYR G 76 21.31 -19.92 -8.13
CA TYR G 76 22.09 -19.04 -8.97
C TYR G 76 22.13 -19.63 -10.38
N GLU G 77 22.38 -20.93 -10.45
CA GLU G 77 22.42 -21.64 -11.72
C GLU G 77 21.08 -21.51 -12.42
N ALA G 78 20.01 -21.60 -11.63
CA ALA G 78 18.65 -21.50 -12.16
C ALA G 78 18.34 -20.09 -12.63
N ASP G 79 18.72 -19.09 -11.84
CA ASP G 79 18.46 -17.71 -12.24
C ASP G 79 19.23 -17.39 -13.52
N TYR G 80 20.49 -17.82 -13.54
CA TYR G 80 21.33 -17.58 -14.70
C TYR G 80 20.74 -18.11 -16.00
N GLN G 81 20.17 -19.30 -15.97
CA GLN G 81 19.56 -19.87 -17.17
C GLN G 81 18.23 -19.22 -17.40
N SER G 82 17.53 -18.90 -16.32
CA SER G 82 16.24 -18.25 -16.43
C SER G 82 16.46 -16.97 -17.20
N ALA G 83 17.56 -16.32 -16.86
CA ALA G 83 17.96 -15.06 -17.49
C ALA G 83 18.24 -15.23 -18.97
N GLN G 84 19.30 -15.97 -19.29
CA GLN G 84 19.68 -16.22 -20.69
C GLN G 84 18.48 -16.56 -21.56
N ALA G 85 17.52 -17.27 -20.98
CA ALA G 85 16.32 -17.64 -21.73
C ALA G 85 15.66 -16.35 -22.18
N ASN G 86 15.45 -15.49 -21.19
CA ASN G 86 14.83 -14.19 -21.36
C ASN G 86 15.55 -13.38 -22.44
N LEU G 87 16.85 -13.15 -22.25
CA LEU G 87 17.65 -12.41 -23.23
C LEU G 87 17.48 -12.95 -24.63
N ALA G 88 17.62 -14.27 -24.78
CA ALA G 88 17.46 -14.90 -26.08
C ALA G 88 16.14 -14.46 -26.71
N SER G 89 15.12 -14.32 -25.87
CA SER G 89 13.80 -13.91 -26.33
C SER G 89 13.75 -12.45 -26.76
N THR G 90 14.00 -11.55 -25.81
CA THR G 90 13.99 -10.11 -26.08
C THR G 90 14.93 -9.73 -27.20
N GLN G 91 16.07 -10.42 -27.29
CA GLN G 91 17.04 -10.12 -28.33
C GLN G 91 16.45 -10.36 -29.70
N GLU G 92 15.76 -11.48 -29.85
CA GLU G 92 15.12 -11.81 -31.12
C GLU G 92 14.12 -10.70 -31.43
N GLN G 93 13.28 -10.40 -30.44
CA GLN G 93 12.25 -9.38 -30.53
C GLN G 93 12.81 -8.08 -31.08
N ALA G 94 13.89 -7.61 -30.46
CA ALA G 94 14.56 -6.38 -30.86
C ALA G 94 15.04 -6.45 -32.30
N GLN G 95 15.98 -7.37 -32.56
CA GLN G 95 16.56 -7.54 -33.89
C GLN G 95 15.51 -7.54 -34.99
N ARG G 96 14.31 -8.01 -34.67
CA ARG G 96 13.23 -8.07 -35.63
C ARG G 96 12.49 -6.75 -35.82
N TYR G 97 12.09 -6.15 -34.70
CA TYR G 97 11.39 -4.87 -34.74
C TYR G 97 12.19 -3.82 -35.49
N LYS G 98 13.51 -3.83 -35.32
CA LYS G 98 14.36 -2.87 -36.00
C LYS G 98 14.16 -2.99 -37.51
N LEU G 99 13.82 -4.19 -37.96
CA LEU G 99 13.58 -4.41 -39.38
C LEU G 99 12.28 -3.70 -39.74
N LEU G 100 11.25 -3.94 -38.93
CA LEU G 100 9.94 -3.32 -39.13
C LEU G 100 10.00 -1.79 -39.19
N VAL G 101 10.61 -1.18 -38.19
CA VAL G 101 10.74 0.27 -38.15
C VAL G 101 11.26 0.80 -39.48
N ALA G 102 12.20 0.06 -40.07
CA ALA G 102 12.81 0.44 -41.35
C ALA G 102 11.82 0.45 -42.51
N ASP G 103 10.64 -0.11 -42.28
CA ASP G 103 9.58 -0.16 -43.29
C ASP G 103 8.43 0.70 -42.79
N GLN G 104 8.59 1.24 -41.57
CA GLN G 104 7.57 2.06 -40.93
C GLN G 104 6.33 1.21 -40.62
N ALA G 105 6.57 -0.07 -40.35
CA ALA G 105 5.50 -1.03 -40.03
C ALA G 105 5.36 -1.18 -38.53
N VAL G 106 5.91 -0.22 -37.79
CA VAL G 106 5.89 -0.22 -36.35
C VAL G 106 6.52 1.09 -35.87
N SER G 107 5.80 1.83 -35.02
CA SER G 107 6.26 3.13 -34.51
C SER G 107 7.59 3.00 -33.79
N LYS G 108 8.49 3.96 -34.02
CA LYS G 108 9.78 3.87 -33.36
C LYS G 108 9.64 3.77 -31.86
N GLN G 109 8.49 4.17 -31.33
CA GLN G 109 8.30 4.06 -29.90
C GLN G 109 8.23 2.57 -29.58
N GLN G 110 7.64 1.79 -30.48
CA GLN G 110 7.56 0.35 -30.24
C GLN G 110 8.96 -0.26 -30.25
N TYR G 111 9.79 0.21 -31.19
CA TYR G 111 11.16 -0.30 -31.32
C TYR G 111 11.98 0.06 -30.09
N ALA G 112 11.93 1.34 -29.73
CA ALA G 112 12.67 1.86 -28.58
C ALA G 112 12.45 0.97 -27.38
N ASP G 113 11.18 0.63 -27.15
CA ASP G 113 10.80 -0.22 -26.03
C ASP G 113 11.41 -1.60 -26.20
N ALA G 114 11.33 -2.14 -27.40
CA ALA G 114 11.88 -3.46 -27.68
C ALA G 114 13.37 -3.52 -27.34
N ASN G 115 14.12 -2.52 -27.82
CA ASN G 115 15.55 -2.48 -27.58
C ASN G 115 15.81 -2.19 -26.11
N ALA G 116 14.84 -1.55 -25.47
CA ALA G 116 14.98 -1.22 -24.06
C ALA G 116 15.00 -2.52 -23.28
N ALA G 117 14.02 -3.37 -23.55
CA ALA G 117 13.91 -4.68 -22.89
C ALA G 117 15.17 -5.50 -23.14
N TYR G 118 15.62 -5.50 -24.39
CA TYR G 118 16.81 -6.23 -24.78
C TYR G 118 18.00 -5.84 -23.92
N LEU G 119 18.20 -4.53 -23.74
CA LEU G 119 19.33 -4.08 -22.95
C LEU G 119 19.22 -4.47 -21.47
N GLN G 120 18.02 -4.45 -20.93
CA GLN G 120 17.83 -4.83 -19.54
C GLN G 120 18.20 -6.31 -19.38
N SER G 121 17.67 -7.13 -20.28
CA SER G 121 17.92 -8.57 -20.25
C SER G 121 19.43 -8.81 -20.24
N LYS G 122 20.08 -8.23 -21.23
CA LYS G 122 21.52 -8.33 -21.38
C LYS G 122 22.25 -7.98 -20.10
N ALA G 123 21.68 -7.06 -19.34
CA ALA G 123 22.28 -6.63 -18.07
C ALA G 123 22.04 -7.71 -17.03
N ALA G 124 20.79 -8.18 -16.96
CA ALA G 124 20.41 -9.21 -16.00
C ALA G 124 21.34 -10.42 -16.13
N VAL G 125 21.52 -10.87 -17.36
CA VAL G 125 22.37 -12.01 -17.67
C VAL G 125 23.75 -11.84 -17.09
N GLU G 126 24.33 -10.68 -17.34
CA GLU G 126 25.67 -10.43 -16.85
C GLU G 126 25.76 -10.55 -15.33
N GLN G 127 24.77 -9.98 -14.65
CA GLN G 127 24.79 -10.03 -13.19
C GLN G 127 24.60 -11.46 -12.70
N ALA G 128 23.76 -12.21 -13.40
CA ALA G 128 23.46 -13.61 -13.07
C ALA G 128 24.77 -14.40 -13.17
N ARG G 129 25.42 -14.23 -14.30
CA ARG G 129 26.69 -14.88 -14.60
C ARG G 129 27.70 -14.57 -13.50
N ILE G 130 27.80 -13.31 -13.11
CA ILE G 130 28.73 -12.92 -12.06
C ILE G 130 28.46 -13.69 -10.77
N ASN G 131 27.20 -13.71 -10.35
CA ASN G 131 26.83 -14.38 -9.11
C ASN G 131 27.08 -15.88 -9.09
N LEU G 132 26.78 -16.53 -10.21
CA LEU G 132 27.00 -17.95 -10.33
C LEU G 132 28.49 -18.20 -10.13
N ARG G 133 29.30 -17.44 -10.86
CA ARG G 133 30.75 -17.57 -10.76
C ARG G 133 31.25 -17.48 -9.32
N TYR G 134 30.69 -16.55 -8.54
CA TYR G 134 31.14 -16.39 -7.16
C TYR G 134 30.74 -17.56 -6.30
N THR G 135 29.99 -18.48 -6.89
CA THR G 135 29.51 -19.69 -6.22
C THR G 135 30.63 -20.66 -5.78
N LYS G 136 31.76 -20.67 -6.48
CA LYS G 136 32.87 -21.53 -6.15
C LYS G 136 33.97 -20.75 -5.43
N VAL G 137 33.86 -20.65 -4.12
CA VAL G 137 34.86 -19.91 -3.36
C VAL G 137 36.27 -20.46 -3.58
N LEU G 138 37.09 -19.72 -4.33
CA LEU G 138 38.47 -20.10 -4.63
C LEU G 138 39.49 -19.49 -3.66
N SER G 139 40.71 -20.02 -3.64
CA SER G 139 41.76 -19.50 -2.75
C SER G 139 42.52 -18.36 -3.44
N PRO G 140 42.61 -17.19 -2.77
CA PRO G 140 43.32 -16.07 -3.37
C PRO G 140 44.82 -16.26 -3.51
N ILE G 141 45.42 -16.88 -2.49
CA ILE G 141 46.85 -17.07 -2.44
C ILE G 141 47.23 -18.55 -2.41
N SER G 142 48.52 -18.84 -2.55
CA SER G 142 49.02 -20.20 -2.47
C SER G 142 49.69 -20.26 -1.11
N GLY G 143 49.30 -21.23 -0.30
CA GLY G 143 49.89 -21.33 1.01
C GLY G 143 49.24 -22.40 1.85
N ARG G 144 49.25 -22.19 3.15
CA ARG G 144 48.72 -23.15 4.10
C ARG G 144 47.41 -22.75 4.79
N ILE G 145 46.29 -23.37 4.40
CA ILE G 145 45.00 -23.07 5.04
C ILE G 145 44.98 -23.74 6.40
N GLY G 146 44.29 -23.14 7.36
CA GLY G 146 44.19 -23.72 8.68
C GLY G 146 42.77 -24.22 8.89
N ARG G 147 42.26 -24.05 10.10
CA ARG G 147 40.91 -24.50 10.40
C ARG G 147 39.92 -23.72 9.55
N SER G 148 38.74 -24.31 9.33
CA SER G 148 37.69 -23.65 8.58
C SER G 148 36.68 -23.10 9.57
N ALA G 149 36.66 -21.79 9.75
CA ALA G 149 35.74 -21.16 10.70
C ALA G 149 34.27 -21.39 10.37
N VAL G 150 34.00 -22.04 9.24
CA VAL G 150 32.62 -22.30 8.85
C VAL G 150 32.39 -23.79 8.59
N THR G 151 31.33 -24.32 9.19
CA THR G 151 30.97 -25.74 9.06
C THR G 151 30.18 -25.95 7.78
N GLU G 152 30.16 -27.19 7.28
CA GLU G 152 29.41 -27.46 6.06
C GLU G 152 27.94 -27.24 6.42
N GLY G 153 27.11 -27.01 5.41
CA GLY G 153 25.69 -26.78 5.66
C GLY G 153 25.38 -25.43 6.29
N ALA G 154 26.40 -24.72 6.75
CA ALA G 154 26.21 -23.40 7.37
C ALA G 154 25.71 -22.34 6.39
N LEU G 155 25.10 -21.30 6.93
CA LEU G 155 24.60 -20.21 6.10
C LEU G 155 25.73 -19.20 5.97
N VAL G 156 25.98 -18.73 4.75
CA VAL G 156 27.03 -17.78 4.50
C VAL G 156 26.47 -16.55 3.74
N THR G 157 26.90 -15.36 4.17
CA THR G 157 26.41 -14.13 3.57
C THR G 157 27.47 -13.19 3.00
N ASN G 158 27.23 -12.72 1.78
CA ASN G 158 28.14 -11.79 1.14
C ASN G 158 28.26 -10.56 2.03
N GLY G 159 29.48 -10.15 2.34
CA GLY G 159 29.67 -8.98 3.16
C GLY G 159 29.78 -9.32 4.63
N GLN G 160 29.51 -10.58 4.98
CA GLN G 160 29.58 -11.00 6.37
C GLN G 160 30.91 -10.66 7.00
N ALA G 161 30.87 -10.25 8.26
CA ALA G 161 32.07 -9.86 9.00
C ALA G 161 33.22 -10.87 9.05
N ASN G 162 32.95 -12.08 9.53
CA ASN G 162 33.99 -13.09 9.65
C ASN G 162 34.38 -13.82 8.37
N ALA G 163 35.66 -14.19 8.31
CA ALA G 163 36.20 -14.90 7.16
C ALA G 163 36.06 -16.41 7.35
N MET G 164 35.73 -17.11 6.26
CA MET G 164 35.57 -18.56 6.32
C MET G 164 36.88 -19.27 6.67
N ALA G 165 38.01 -18.74 6.18
CA ALA G 165 39.33 -19.33 6.44
C ALA G 165 40.48 -18.40 6.06
N THR G 166 41.68 -18.74 6.52
CA THR G 166 42.89 -17.95 6.26
C THR G 166 44.06 -18.78 5.71
N VAL G 167 44.63 -18.33 4.59
CA VAL G 167 45.76 -19.02 3.97
C VAL G 167 47.05 -18.24 4.20
N GLN G 168 48.15 -18.94 4.39
CA GLN G 168 49.44 -18.28 4.59
C GLN G 168 50.54 -18.95 3.81
N GLN G 169 51.29 -18.14 3.06
CA GLN G 169 52.41 -18.64 2.28
C GLN G 169 53.54 -18.65 3.28
N LEU G 170 53.99 -19.84 3.64
CA LEU G 170 55.06 -20.00 4.61
C LEU G 170 56.42 -20.30 4.02
N ASP G 171 56.45 -20.62 2.72
CA ASP G 171 57.72 -20.94 2.09
C ASP G 171 58.68 -19.78 2.19
N PRO G 172 58.96 -19.07 1.08
CA PRO G 172 59.92 -18.02 1.43
C PRO G 172 59.33 -17.37 2.67
N ILE G 173 60.13 -17.25 3.73
CA ILE G 173 59.59 -16.66 4.94
C ILE G 173 60.41 -15.47 5.40
N TYR G 174 59.74 -14.46 5.94
CA TYR G 174 60.40 -13.25 6.39
C TYR G 174 60.95 -13.37 7.80
N VAL G 175 61.88 -12.48 8.09
CA VAL G 175 62.49 -12.37 9.40
C VAL G 175 62.65 -10.87 9.55
N ASP G 176 61.77 -10.27 10.33
CA ASP G 176 61.79 -8.84 10.57
C ASP G 176 62.87 -8.51 11.56
N VAL G 177 63.87 -7.76 11.10
CA VAL G 177 65.00 -7.36 11.93
C VAL G 177 64.90 -5.87 12.23
N THR G 178 65.20 -5.50 13.45
CA THR G 178 65.15 -4.10 13.84
C THR G 178 66.49 -3.59 14.39
N GLN G 179 67.06 -2.63 13.66
CA GLN G 179 68.33 -2.01 14.02
C GLN G 179 68.16 -0.51 14.15
N PRO G 180 69.03 0.15 14.94
CA PRO G 180 68.92 1.60 15.09
C PRO G 180 69.31 2.23 13.76
N SER G 181 68.58 3.24 13.33
CA SER G 181 68.82 3.91 12.06
C SER G 181 70.30 4.01 11.66
N THR G 182 71.16 4.26 12.65
CA THR G 182 72.60 4.36 12.42
C THR G 182 73.17 3.09 11.82
N ALA G 183 73.02 1.99 12.55
CA ALA G 183 73.51 0.68 12.13
C ALA G 183 73.08 0.32 10.71
N LEU G 184 71.85 0.66 10.33
CA LEU G 184 71.34 0.36 9.00
C LEU G 184 72.24 1.00 7.94
N LEU G 185 72.75 2.19 8.23
CA LEU G 185 73.64 2.88 7.31
C LEU G 185 75.00 2.21 7.32
N ARG G 186 75.51 1.99 8.53
CA ARG G 186 76.79 1.33 8.70
C ARG G 186 76.83 0.10 7.80
N LEU G 187 75.84 -0.77 7.95
CA LEU G 187 75.77 -1.99 7.15
C LEU G 187 75.64 -1.70 5.67
N ARG G 188 74.86 -0.68 5.33
CA ARG G 188 74.65 -0.31 3.93
C ARG G 188 75.94 0.03 3.21
N ARG G 189 76.89 0.62 3.94
CA ARG G 189 78.19 0.98 3.38
C ARG G 189 78.97 -0.27 3.10
N GLU G 190 79.18 -1.05 4.16
CA GLU G 190 79.91 -2.30 4.07
C GLU G 190 79.40 -3.11 2.88
N LEU G 191 78.10 -3.07 2.64
CA LEU G 191 77.52 -3.78 1.51
C LEU G 191 78.09 -3.24 0.21
N ALA G 192 78.16 -1.91 0.10
CA ALA G 192 78.68 -1.25 -1.10
C ALA G 192 80.21 -1.34 -1.18
N SER G 193 80.87 -1.25 -0.04
CA SER G 193 82.33 -1.33 0.01
C SER G 193 82.81 -2.78 0.00
N GLY G 194 82.04 -3.66 -0.63
CA GLY G 194 82.40 -5.06 -0.72
C GLY G 194 82.70 -5.75 0.60
N GLN G 195 82.74 -5.00 1.70
CA GLN G 195 83.03 -5.55 3.01
C GLN G 195 81.99 -6.56 3.49
N LEU G 196 80.89 -6.65 2.74
CA LEU G 196 79.77 -7.57 3.04
C LEU G 196 79.50 -8.47 1.86
N GLU G 197 79.22 -9.75 2.13
CA GLU G 197 78.97 -10.72 1.06
C GLU G 197 77.67 -10.45 0.30
N ARG G 198 77.81 -9.92 -0.92
CA ARG G 198 76.65 -9.62 -1.77
C ARG G 198 75.70 -10.81 -1.86
N ALA G 199 74.44 -10.51 -2.11
CA ALA G 199 73.39 -11.52 -2.24
C ALA G 199 72.45 -11.01 -3.31
N GLY G 200 72.68 -9.76 -3.71
CA GLY G 200 71.86 -9.12 -4.72
C GLY G 200 71.95 -7.63 -4.46
N ASP G 201 71.33 -6.83 -5.32
CA ASP G 201 71.35 -5.39 -5.14
C ASP G 201 70.70 -5.07 -3.80
N ASN G 202 71.45 -4.39 -2.92
CA ASN G 202 70.92 -4.03 -1.60
C ASN G 202 70.66 -5.20 -0.67
N ALA G 203 71.22 -6.36 -1.00
CA ALA G 203 71.02 -7.55 -0.17
C ALA G 203 72.33 -8.26 0.11
N ALA G 204 72.53 -8.63 1.37
CA ALA G 204 73.72 -9.33 1.80
C ALA G 204 73.32 -10.72 2.28
N LYS G 205 74.14 -11.72 2.00
CA LYS G 205 73.83 -13.09 2.42
C LYS G 205 73.82 -13.18 3.94
N VAL G 206 72.90 -13.99 4.48
CA VAL G 206 72.79 -14.15 5.93
C VAL G 206 72.40 -15.56 6.35
N SER G 207 72.75 -15.89 7.59
CA SER G 207 72.45 -17.18 8.16
C SER G 207 71.47 -16.97 9.30
N LEU G 208 70.70 -18.01 9.62
CA LEU G 208 69.71 -17.90 10.68
C LEU G 208 70.02 -18.82 11.87
N LYS G 209 69.84 -18.28 13.07
CA LYS G 209 70.10 -19.03 14.31
C LYS G 209 68.85 -19.00 15.20
N LEU G 210 68.12 -20.11 15.20
CA LEU G 210 66.89 -20.24 15.99
C LEU G 210 67.14 -19.96 17.46
N GLU G 211 66.10 -19.58 18.20
CA GLU G 211 66.24 -19.29 19.63
C GLU G 211 66.59 -20.59 20.34
N ASP G 212 66.53 -21.66 19.54
CA ASP G 212 66.85 -23.00 19.99
C ASP G 212 68.35 -23.05 20.24
N GLY G 213 69.09 -22.34 19.41
CA GLY G 213 70.54 -22.29 19.50
C GLY G 213 71.07 -22.86 18.20
N SER G 214 70.33 -23.82 17.67
CA SER G 214 70.69 -24.50 16.41
C SER G 214 70.90 -23.56 15.22
N GLN G 215 71.45 -24.10 14.14
CA GLN G 215 71.70 -23.33 12.93
C GLN G 215 70.80 -23.77 11.79
N TYR G 216 69.86 -22.92 11.40
CA TYR G 216 68.98 -23.27 10.31
C TYR G 216 69.86 -23.62 9.12
N PRO G 217 69.77 -24.87 8.65
CA PRO G 217 70.56 -25.37 7.51
C PRO G 217 70.70 -24.44 6.31
N LEU G 218 69.60 -23.88 5.83
CA LEU G 218 69.66 -22.99 4.67
C LEU G 218 69.95 -21.55 5.04
N GLU G 219 70.21 -20.71 4.02
CA GLU G 219 70.49 -19.31 4.26
C GLU G 219 69.83 -18.44 3.19
N GLY G 220 69.60 -17.17 3.53
CA GLY G 220 68.95 -16.28 2.59
C GLY G 220 69.34 -14.81 2.60
N ARG G 221 68.67 -14.06 1.75
CA ARG G 221 68.89 -12.62 1.58
C ARG G 221 68.49 -11.78 2.78
N LEU G 222 69.12 -10.61 2.90
CA LEU G 222 68.79 -9.66 3.94
C LEU G 222 68.68 -8.32 3.24
N GLU G 223 67.51 -8.05 2.66
CA GLU G 223 67.24 -6.81 1.94
C GLU G 223 67.46 -5.61 2.86
N PHE G 224 68.07 -4.56 2.32
CA PHE G 224 68.34 -3.37 3.13
C PHE G 224 67.34 -2.24 2.98
N SER G 225 66.43 -2.35 2.02
CA SER G 225 65.43 -1.31 1.84
C SER G 225 64.54 -1.35 3.08
N GLU G 226 64.34 -0.19 3.71
CA GLU G 226 63.53 -0.10 4.91
C GLU G 226 62.08 -0.42 4.64
N VAL G 227 61.43 -1.03 5.63
CA VAL G 227 60.02 -1.40 5.51
C VAL G 227 59.20 -0.50 6.44
N SER G 228 59.79 -0.09 7.55
CA SER G 228 59.10 0.75 8.52
C SER G 228 60.08 1.37 9.50
N VAL G 229 59.69 2.49 10.10
CA VAL G 229 60.54 3.20 11.07
C VAL G 229 59.73 3.70 12.25
N ASP G 230 60.04 3.21 13.45
CA ASP G 230 59.33 3.66 14.65
C ASP G 230 59.94 5.02 15.01
N GLU G 231 59.44 6.07 14.38
CA GLU G 231 59.95 7.43 14.62
C GLU G 231 60.02 7.78 16.11
N GLY G 232 59.28 7.03 16.93
CA GLY G 232 59.31 7.26 18.37
C GLY G 232 60.57 6.68 18.98
N THR G 233 61.23 5.81 18.21
CA THR G 233 62.46 5.15 18.65
C THR G 233 63.57 5.50 17.64
N GLY G 234 63.16 5.86 16.43
CA GLY G 234 64.11 6.18 15.38
C GLY G 234 64.62 4.94 14.69
N SER G 235 64.40 3.78 15.33
CA SER G 235 64.84 2.49 14.81
C SER G 235 64.10 2.05 13.54
N VAL G 236 64.83 1.39 12.66
CA VAL G 236 64.28 0.92 11.39
C VAL G 236 64.02 -0.57 11.45
N THR G 237 63.25 -1.06 10.50
CA THR G 237 62.92 -2.48 10.42
C THR G 237 63.10 -2.98 8.98
N ILE G 238 64.01 -3.93 8.79
CA ILE G 238 64.27 -4.52 7.48
C ILE G 238 63.95 -5.99 7.50
N ARG G 239 63.83 -6.59 6.31
CA ARG G 239 63.49 -8.00 6.21
C ARG G 239 64.51 -8.96 5.59
N ALA G 240 64.61 -10.14 6.20
CA ALA G 240 65.49 -11.19 5.74
C ALA G 240 64.57 -12.23 5.12
N VAL G 241 64.99 -12.86 4.02
CA VAL G 241 64.14 -13.84 3.35
C VAL G 241 64.81 -15.21 3.24
N PHE G 242 64.35 -16.16 4.04
CA PHE G 242 64.90 -17.51 4.01
C PHE G 242 64.00 -18.52 3.32
N PRO G 243 64.59 -19.52 2.63
CA PRO G 243 63.78 -20.54 1.95
C PRO G 243 63.27 -21.41 3.09
N ASN G 244 62.02 -21.83 3.02
CA ASN G 244 61.50 -22.64 4.11
C ASN G 244 60.64 -23.79 3.66
N PRO G 245 61.21 -24.71 2.85
CA PRO G 245 60.42 -25.86 2.41
C PRO G 245 60.40 -26.72 3.67
N ASN G 246 59.75 -27.89 3.64
CA ASN G 246 59.69 -28.73 4.83
C ASN G 246 58.91 -28.01 5.93
N ASN G 247 58.73 -26.71 5.75
CA ASN G 247 57.98 -25.88 6.71
C ASN G 247 58.53 -25.94 8.14
N GLU G 248 59.86 -25.97 8.25
CA GLU G 248 60.50 -26.02 9.55
C GLU G 248 60.27 -24.72 10.32
N LEU G 249 60.37 -23.61 9.60
CA LEU G 249 60.19 -22.29 10.20
C LEU G 249 58.72 -21.85 10.24
N LEU G 250 58.33 -21.29 11.37
CA LEU G 250 56.95 -20.81 11.55
C LEU G 250 56.94 -19.39 12.11
N PRO G 251 55.87 -18.64 11.81
CA PRO G 251 55.71 -17.25 12.27
C PRO G 251 55.77 -17.12 13.79
N GLY G 252 56.40 -16.07 14.28
CA GLY G 252 56.47 -15.84 15.71
C GLY G 252 57.74 -16.27 16.41
N MET G 253 58.61 -16.98 15.69
CA MET G 253 59.86 -17.46 16.26
C MET G 253 60.82 -16.28 16.51
N PHE G 254 61.51 -16.30 17.65
CA PHE G 254 62.48 -15.25 17.97
C PHE G 254 63.84 -15.75 17.52
N VAL G 255 64.29 -15.30 16.36
CA VAL G 255 65.57 -15.75 15.82
C VAL G 255 66.68 -14.69 15.78
N HIS G 256 67.76 -15.04 15.09
CA HIS G 256 68.92 -14.16 14.95
C HIS G 256 69.55 -14.29 13.56
N ALA G 257 69.66 -13.18 12.87
CA ALA G 257 70.29 -13.18 11.55
C ALA G 257 71.79 -12.99 11.80
N GLN G 258 72.62 -13.51 10.90
CA GLN G 258 74.06 -13.40 11.08
C GLN G 258 74.79 -12.90 9.83
N LEU G 259 75.73 -11.98 10.02
CA LEU G 259 76.52 -11.41 8.93
C LEU G 259 78.03 -11.64 9.10
N THR H 29 79.29 26.69 12.97
CA THR H 29 78.13 26.58 13.90
C THR H 29 77.32 25.32 13.58
N GLU H 30 76.97 24.56 14.62
CA GLU H 30 76.20 23.33 14.46
C GLU H 30 74.82 23.36 15.11
N LEU H 31 73.79 23.20 14.29
CA LEU H 31 72.40 23.23 14.75
C LEU H 31 71.83 21.82 14.83
N PRO H 32 71.41 21.38 16.03
CA PRO H 32 70.84 20.04 16.18
C PRO H 32 69.42 19.95 15.59
N GLY H 33 69.01 18.77 15.17
CA GLY H 33 67.69 18.61 14.58
C GLY H 33 67.31 17.18 14.25
N ARG H 34 66.06 16.99 13.82
CA ARG H 34 65.57 15.66 13.47
C ARG H 34 65.20 15.64 12.01
N THR H 35 65.34 14.48 11.38
CA THR H 35 64.97 14.33 9.98
C THR H 35 63.50 13.95 9.94
N ASN H 36 62.77 14.49 8.97
CA ASN H 36 61.35 14.19 8.84
C ASN H 36 60.99 14.06 7.40
N ALA H 37 59.96 13.27 7.13
CA ALA H 37 59.49 13.06 5.78
C ALA H 37 59.18 14.41 5.15
N PHE H 38 59.33 14.50 3.85
CA PHE H 38 59.06 15.74 3.15
C PHE H 38 57.56 15.89 2.93
N ARG H 39 56.83 14.78 2.99
CA ARG H 39 55.39 14.82 2.77
C ARG H 39 54.79 13.46 3.16
N ILE H 40 53.60 13.44 3.76
CA ILE H 40 52.97 12.18 4.17
C ILE H 40 51.51 12.06 3.76
N ALA H 41 51.10 10.87 3.35
CA ALA H 41 49.73 10.64 2.94
C ALA H 41 49.30 9.26 3.45
N GLU H 42 47.99 9.02 3.47
CA GLU H 42 47.43 7.79 3.93
C GLU H 42 46.66 7.21 2.78
N VAL H 43 46.59 5.89 2.73
CA VAL H 43 45.85 5.21 1.69
C VAL H 43 44.60 4.66 2.38
N ARG H 44 43.43 4.88 1.77
CA ARG H 44 42.16 4.47 2.33
C ARG H 44 41.15 4.12 1.26
N PRO H 45 40.22 3.23 1.58
CA PRO H 45 39.19 2.84 0.61
C PRO H 45 38.07 3.86 0.61
N GLN H 46 37.38 4.01 -0.51
CA GLN H 46 36.28 4.94 -0.56
C GLN H 46 35.12 4.25 -1.25
N VAL H 47 35.09 2.94 -1.08
CA VAL H 47 34.06 2.11 -1.65
C VAL H 47 34.15 0.84 -0.83
N ASN H 48 33.04 0.13 -0.70
CA ASN H 48 33.01 -1.09 0.09
C ASN H 48 33.35 -2.30 -0.77
N GLY H 49 34.05 -3.26 -0.17
CA GLY H 49 34.39 -4.45 -0.92
C GLY H 49 35.51 -5.32 -0.37
N ILE H 50 35.91 -6.29 -1.20
CA ILE H 50 36.97 -7.23 -0.87
C ILE H 50 38.25 -6.89 -1.63
N ILE H 51 39.37 -6.81 -0.90
CA ILE H 51 40.67 -6.54 -1.50
C ILE H 51 41.03 -7.72 -2.40
N LEU H 52 40.99 -7.52 -3.71
CA LEU H 52 41.31 -8.59 -4.64
C LEU H 52 42.84 -8.78 -4.68
N LYS H 53 43.55 -7.70 -4.98
CA LYS H 53 45.00 -7.73 -5.09
C LYS H 53 45.67 -6.52 -4.52
N ARG H 54 46.86 -6.73 -3.98
CA ARG H 54 47.64 -5.64 -3.42
C ARG H 54 48.84 -5.48 -4.34
N LEU H 55 48.72 -4.60 -5.34
CA LEU H 55 49.77 -4.35 -6.34
C LEU H 55 51.07 -3.64 -5.96
N PHE H 56 51.58 -3.78 -4.73
CA PHE H 56 52.80 -3.06 -4.44
C PHE H 56 53.69 -3.75 -3.43
N LYS H 57 54.99 -3.51 -3.54
CA LYS H 57 55.91 -4.15 -2.65
C LYS H 57 56.04 -3.37 -1.37
N GLU H 58 55.72 -4.00 -0.24
CA GLU H 58 55.88 -3.30 1.04
C GLU H 58 57.30 -2.78 1.06
N GLY H 59 57.47 -1.53 1.46
CA GLY H 59 58.80 -0.95 1.52
C GLY H 59 59.31 -0.38 0.20
N SER H 60 58.54 -0.42 -0.89
CA SER H 60 59.06 0.13 -2.14
C SER H 60 58.85 1.64 -2.36
N ASP H 61 59.04 2.10 -3.60
CA ASP H 61 58.86 3.51 -3.94
C ASP H 61 57.71 3.57 -4.90
N VAL H 62 56.66 4.28 -4.54
CA VAL H 62 55.50 4.37 -5.40
C VAL H 62 55.26 5.81 -5.89
N LYS H 63 54.55 5.93 -7.00
CA LYS H 63 54.25 7.23 -7.61
C LYS H 63 52.80 7.66 -7.35
N ALA H 64 52.59 8.96 -7.15
CA ALA H 64 51.23 9.47 -6.95
C ALA H 64 50.36 9.19 -8.18
N GLY H 65 49.23 8.50 -7.94
CA GLY H 65 48.31 8.14 -9.00
C GLY H 65 48.46 6.68 -9.36
N GLN H 66 49.41 6.03 -8.70
CA GLN H 66 49.69 4.63 -8.96
C GLN H 66 48.72 3.71 -8.25
N GLN H 67 48.14 2.76 -8.96
CA GLN H 67 47.23 1.83 -8.32
C GLN H 67 47.94 1.04 -7.21
N LEU H 68 47.41 1.12 -6.00
CA LEU H 68 48.02 0.39 -4.90
C LEU H 68 47.27 -0.89 -4.53
N TYR H 69 45.97 -0.91 -4.83
CA TYR H 69 45.12 -2.04 -4.54
C TYR H 69 44.05 -2.15 -5.58
N GLN H 70 43.42 -3.32 -5.63
CA GLN H 70 42.31 -3.55 -6.54
C GLN H 70 41.20 -4.14 -5.69
N ILE H 71 40.07 -3.47 -5.62
CA ILE H 71 38.93 -3.96 -4.84
C ILE H 71 38.09 -4.70 -5.86
N ASP H 72 37.60 -5.89 -5.51
CA ASP H 72 36.83 -6.62 -6.51
C ASP H 72 35.73 -5.75 -7.09
N PRO H 73 35.72 -5.61 -8.41
CA PRO H 73 34.76 -4.82 -9.18
C PRO H 73 33.72 -5.55 -10.01
N ALA H 74 33.64 -6.87 -9.90
CA ALA H 74 32.67 -7.59 -10.72
C ALA H 74 31.34 -6.87 -10.78
N THR H 75 30.82 -6.49 -9.60
CA THR H 75 29.51 -5.83 -9.52
C THR H 75 29.48 -4.36 -9.87
N TYR H 76 30.36 -3.57 -9.27
CA TYR H 76 30.41 -2.14 -9.56
C TYR H 76 30.49 -1.97 -11.06
N GLU H 77 31.26 -2.82 -11.71
CA GLU H 77 31.40 -2.79 -13.15
C GLU H 77 30.07 -3.15 -13.81
N ALA H 78 29.37 -4.12 -13.25
CA ALA H 78 28.10 -4.56 -13.80
C ALA H 78 27.08 -3.44 -13.68
N ASP H 79 26.96 -2.90 -12.47
CA ASP H 79 26.05 -1.81 -12.19
C ASP H 79 26.32 -0.67 -13.15
N TYR H 80 27.59 -0.29 -13.26
CA TYR H 80 27.95 0.81 -14.14
C TYR H 80 27.48 0.60 -15.56
N GLN H 81 27.55 -0.62 -16.05
CA GLN H 81 27.14 -0.86 -17.42
C GLN H 81 25.64 -1.02 -17.48
N SER H 82 25.09 -1.53 -16.40
CA SER H 82 23.65 -1.70 -16.31
C SER H 82 23.06 -0.30 -16.46
N ALA H 83 23.64 0.64 -15.72
CA ALA H 83 23.20 2.02 -15.76
C ALA H 83 23.31 2.56 -17.18
N GLN H 84 24.53 2.77 -17.66
CA GLN H 84 24.74 3.30 -19.01
C GLN H 84 23.75 2.78 -20.02
N ALA H 85 23.34 1.53 -19.86
CA ALA H 85 22.39 0.93 -20.79
C ALA H 85 21.15 1.77 -20.71
N ASN H 86 20.68 1.89 -19.48
CA ASN H 86 19.50 2.67 -19.12
C ASN H 86 19.57 4.11 -19.71
N LEU H 87 20.57 4.87 -19.28
CA LEU H 87 20.75 6.21 -19.77
C LEU H 87 20.67 6.26 -21.29
N ALA H 88 21.35 5.34 -21.97
CA ALA H 88 21.32 5.30 -23.43
C ALA H 88 19.88 5.24 -23.92
N SER H 89 19.05 4.51 -23.18
CA SER H 89 17.65 4.34 -23.51
C SER H 89 16.81 5.62 -23.27
N THR H 90 16.71 6.03 -22.01
CA THR H 90 15.97 7.22 -21.67
C THR H 90 16.44 8.44 -22.46
N GLN H 91 17.75 8.55 -22.69
CA GLN H 91 18.27 9.69 -23.43
C GLN H 91 17.64 9.79 -24.81
N GLU H 92 17.53 8.64 -25.47
CA GLU H 92 16.92 8.60 -26.80
C GLU H 92 15.47 9.04 -26.63
N GLN H 93 14.76 8.38 -25.72
CA GLN H 93 13.37 8.68 -25.42
C GLN H 93 13.17 10.20 -25.34
N ALA H 94 13.97 10.83 -24.49
CA ALA H 94 13.90 12.26 -24.31
C ALA H 94 14.10 13.02 -25.61
N GLN H 95 15.30 12.93 -26.18
CA GLN H 95 15.62 13.64 -27.43
C GLN H 95 14.53 13.53 -28.48
N ARG H 96 13.84 12.41 -28.52
CA ARG H 96 12.79 12.22 -29.51
C ARG H 96 11.55 13.07 -29.17
N TYR H 97 11.16 13.08 -27.90
CA TYR H 97 10.02 13.89 -27.49
C TYR H 97 10.30 15.39 -27.70
N LYS H 98 11.57 15.77 -27.61
CA LYS H 98 12.00 17.15 -27.80
C LYS H 98 11.69 17.66 -29.20
N LEU H 99 11.92 16.81 -30.21
CA LEU H 99 11.64 17.19 -31.58
C LEU H 99 10.15 17.04 -31.86
N LEU H 100 9.51 16.11 -31.15
CA LEU H 100 8.09 15.85 -31.31
C LEU H 100 7.15 16.92 -30.77
N VAL H 101 7.60 17.67 -29.76
CA VAL H 101 6.75 18.71 -29.19
C VAL H 101 6.45 19.82 -30.21
N ALA H 102 7.45 20.14 -31.05
CA ALA H 102 7.33 21.16 -32.08
C ALA H 102 6.11 20.92 -32.97
N ASP H 103 5.96 19.67 -33.42
CA ASP H 103 4.84 19.28 -34.26
C ASP H 103 3.60 19.00 -33.42
N GLN H 104 3.72 19.21 -32.12
CA GLN H 104 2.61 18.98 -31.20
C GLN H 104 2.21 17.51 -31.25
N ALA H 105 3.08 16.67 -31.83
CA ALA H 105 2.84 15.24 -31.94
C ALA H 105 3.01 14.61 -30.55
N VAL H 106 3.86 15.25 -29.75
CA VAL H 106 4.16 14.84 -28.40
C VAL H 106 3.95 16.05 -27.51
N SER H 107 3.12 15.88 -26.47
CA SER H 107 2.83 16.97 -25.56
C SER H 107 4.06 17.50 -24.81
N LYS H 108 3.81 18.47 -23.94
CA LYS H 108 4.87 19.10 -23.15
C LYS H 108 4.95 18.45 -21.77
N GLN H 109 3.86 17.79 -21.37
CA GLN H 109 3.80 17.10 -20.08
C GLN H 109 4.45 15.73 -20.20
N GLN H 110 4.77 15.33 -21.43
CA GLN H 110 5.45 14.05 -21.73
C GLN H 110 6.95 14.31 -21.75
N TYR H 111 7.34 15.26 -22.60
CA TYR H 111 8.73 15.66 -22.74
C TYR H 111 9.26 16.14 -21.39
N ALA H 112 8.38 16.26 -20.41
CA ALA H 112 8.77 16.67 -19.07
C ALA H 112 9.13 15.40 -18.30
N ASP H 113 8.20 14.44 -18.24
CA ASP H 113 8.48 13.19 -17.56
C ASP H 113 9.67 12.49 -18.22
N ALA H 114 9.70 12.59 -19.55
CA ALA H 114 10.76 11.98 -20.34
C ALA H 114 12.09 12.57 -19.91
N ASN H 115 12.18 13.89 -19.98
CA ASN H 115 13.41 14.57 -19.61
C ASN H 115 13.71 14.35 -18.13
N ALA H 116 12.69 14.01 -17.37
CA ALA H 116 12.88 13.75 -15.96
C ALA H 116 13.71 12.47 -15.84
N ALA H 117 13.19 11.40 -16.42
CA ALA H 117 13.88 10.10 -16.40
C ALA H 117 15.31 10.25 -16.92
N TYR H 118 15.45 10.95 -18.03
CA TYR H 118 16.75 11.17 -18.62
C TYR H 118 17.73 11.74 -17.62
N LEU H 119 17.31 12.75 -16.87
CA LEU H 119 18.19 13.38 -15.88
C LEU H 119 18.52 12.46 -14.73
N GLN H 120 17.59 11.59 -14.36
CA GLN H 120 17.84 10.67 -13.27
C GLN H 120 18.87 9.66 -13.72
N SER H 121 18.69 9.12 -14.92
CA SER H 121 19.62 8.13 -15.46
C SER H 121 21.01 8.72 -15.40
N LYS H 122 21.17 9.83 -16.11
CA LYS H 122 22.43 10.55 -16.19
C LYS H 122 23.10 10.66 -14.84
N ALA H 123 22.31 10.78 -13.79
CA ALA H 123 22.85 10.90 -12.44
C ALA H 123 23.30 9.55 -11.91
N ALA H 124 22.50 8.52 -12.18
CA ALA H 124 22.80 7.16 -11.76
C ALA H 124 24.15 6.74 -12.35
N VAL H 125 24.30 6.98 -13.65
CA VAL H 125 25.54 6.64 -14.34
C VAL H 125 26.74 7.31 -13.69
N GLU H 126 26.62 8.59 -13.35
CA GLU H 126 27.73 9.28 -12.74
C GLU H 126 28.07 8.70 -11.39
N GLN H 127 27.06 8.20 -10.70
CA GLN H 127 27.30 7.65 -9.39
C GLN H 127 27.93 6.29 -9.52
N ALA H 128 27.51 5.55 -10.54
CA ALA H 128 28.05 4.23 -10.82
C ALA H 128 29.52 4.39 -11.20
N ARG H 129 29.77 5.32 -12.12
CA ARG H 129 31.10 5.62 -12.59
C ARG H 129 32.01 5.92 -11.40
N ILE H 130 31.52 6.73 -10.47
CA ILE H 130 32.33 7.12 -9.31
C ILE H 130 32.72 5.92 -8.44
N ASN H 131 31.78 5.03 -8.18
CA ASN H 131 32.09 3.86 -7.36
C ASN H 131 33.06 2.91 -8.04
N LEU H 132 32.88 2.67 -9.32
CA LEU H 132 33.76 1.81 -10.07
C LEU H 132 35.18 2.38 -9.93
N ARG H 133 35.32 3.67 -10.20
CA ARG H 133 36.62 4.31 -10.11
C ARG H 133 37.29 4.08 -8.77
N TYR H 134 36.54 4.15 -7.67
CA TYR H 134 37.15 3.97 -6.36
C TYR H 134 37.64 2.54 -6.14
N THR H 135 37.25 1.67 -7.06
CA THR H 135 37.58 0.25 -7.04
C THR H 135 39.10 0.04 -7.11
N LYS H 136 39.79 1.03 -7.71
CA LYS H 136 41.26 1.02 -7.85
C LYS H 136 41.90 1.98 -6.85
N VAL H 137 42.21 1.52 -5.66
CA VAL H 137 42.82 2.37 -4.64
C VAL H 137 44.18 2.96 -4.98
N LEU H 138 44.20 4.13 -5.66
CA LEU H 138 45.45 4.81 -6.04
C LEU H 138 46.24 5.44 -4.88
N SER H 139 47.51 5.78 -5.12
CA SER H 139 48.35 6.43 -4.10
C SER H 139 48.30 7.97 -4.29
N PRO H 140 47.93 8.70 -3.25
CA PRO H 140 47.83 10.16 -3.27
C PRO H 140 49.12 10.93 -3.50
N ILE H 141 50.21 10.40 -2.97
CA ILE H 141 51.50 11.06 -3.07
C ILE H 141 52.54 10.18 -3.76
N SER H 142 53.73 10.71 -3.99
CA SER H 142 54.80 9.94 -4.56
C SER H 142 55.71 9.86 -3.37
N GLY H 143 56.13 8.65 -3.03
CA GLY H 143 56.99 8.48 -1.87
C GLY H 143 57.22 7.01 -1.66
N ARG H 144 57.52 6.67 -0.41
CA ARG H 144 57.80 5.31 -0.03
C ARG H 144 56.69 4.64 0.82
N ILE H 145 55.99 3.63 0.27
CA ILE H 145 54.95 2.89 1.02
C ILE H 145 55.67 1.90 1.90
N GLY H 146 55.11 1.64 3.09
CA GLY H 146 55.70 0.68 4.01
C GLY H 146 54.84 -0.57 4.04
N ARG H 147 54.61 -1.12 5.23
CA ARG H 147 53.80 -2.33 5.34
C ARG H 147 52.37 -2.04 4.98
N SER H 148 51.65 -3.07 4.55
CA SER H 148 50.25 -2.92 4.18
C SER H 148 49.42 -3.43 5.34
N ALA H 149 48.74 -2.54 6.06
CA ALA H 149 47.92 -2.93 7.21
C ALA H 149 46.71 -3.80 6.84
N VAL H 150 46.49 -4.06 5.57
CA VAL H 150 45.36 -4.88 5.16
C VAL H 150 45.82 -6.06 4.30
N THR H 151 45.36 -7.26 4.63
CA THR H 151 45.76 -8.45 3.88
C THR H 151 44.90 -8.58 2.64
N GLU H 152 45.34 -9.39 1.68
CA GLU H 152 44.54 -9.56 0.47
C GLU H 152 43.33 -10.33 0.94
N GLY H 153 42.26 -10.30 0.15
CA GLY H 153 41.03 -10.98 0.50
C GLY H 153 40.27 -10.40 1.68
N ALA H 154 40.85 -9.43 2.39
CA ALA H 154 40.20 -8.82 3.53
C ALA H 154 39.01 -7.97 3.11
N LEU H 155 38.17 -7.66 4.08
CA LEU H 155 36.98 -6.84 3.84
C LEU H 155 37.32 -5.38 4.13
N VAL H 156 37.00 -4.51 3.19
CA VAL H 156 37.30 -3.10 3.36
C VAL H 156 36.03 -2.24 3.27
N THR H 157 35.94 -1.26 4.17
CA THR H 157 34.77 -0.38 4.23
C THR H 157 35.06 1.12 4.10
N ASN H 158 34.26 1.77 3.25
CA ASN H 158 34.38 3.21 3.05
C ASN H 158 34.13 3.90 4.37
N GLY H 159 35.04 4.77 4.77
CA GLY H 159 34.89 5.47 6.02
C GLY H 159 35.55 4.72 7.17
N GLN H 160 36.04 3.51 6.90
CA GLN H 160 36.67 2.75 7.98
C GLN H 160 37.74 3.54 8.70
N ALA H 161 37.86 3.29 10.00
CA ALA H 161 38.82 4.01 10.82
C ALA H 161 40.27 3.93 10.37
N ASN H 162 40.78 2.70 10.28
CA ASN H 162 42.18 2.47 9.91
C ASN H 162 42.57 2.65 8.45
N ALA H 163 43.80 3.12 8.24
CA ALA H 163 44.32 3.30 6.90
C ALA H 163 44.97 2.01 6.40
N MET H 164 44.77 1.73 5.13
CA MET H 164 45.34 0.54 4.51
C MET H 164 46.86 0.61 4.46
N ALA H 165 47.41 1.80 4.22
CA ALA H 165 48.86 1.99 4.11
C ALA H 165 49.27 3.47 4.16
N THR H 166 50.56 3.71 4.33
CA THR H 166 51.08 5.07 4.42
C THR H 166 52.28 5.35 3.52
N VAL H 167 52.16 6.33 2.62
CA VAL H 167 53.25 6.73 1.71
C VAL H 167 54.03 7.89 2.30
N GLN H 168 55.34 7.90 2.12
CA GLN H 168 56.15 8.99 2.66
C GLN H 168 57.21 9.44 1.66
N GLN H 169 57.16 10.71 1.26
CA GLN H 169 58.16 11.26 0.34
C GLN H 169 59.40 11.43 1.18
N LEU H 170 60.44 10.71 0.80
CA LEU H 170 61.68 10.78 1.54
C LEU H 170 62.83 11.39 0.76
N ASP H 171 62.64 11.64 -0.55
CA ASP H 171 63.74 12.19 -1.32
C ASP H 171 64.05 13.54 -0.75
N PRO H 172 63.63 14.64 -1.39
CA PRO H 172 64.09 15.80 -0.60
C PRO H 172 63.62 15.48 0.80
N ILE H 173 64.50 15.57 1.79
CA ILE H 173 64.08 15.26 3.13
C ILE H 173 64.29 16.43 4.07
N TYR H 174 63.39 16.63 5.03
CA TYR H 174 63.52 17.75 5.95
C TYR H 174 64.38 17.43 7.15
N VAL H 175 64.87 18.49 7.78
CA VAL H 175 65.65 18.39 8.99
C VAL H 175 65.11 19.56 9.79
N ASP H 176 64.31 19.24 10.79
CA ASP H 176 63.70 20.25 11.65
C ASP H 176 64.72 20.72 12.66
N VAL H 177 65.04 22.00 12.58
CA VAL H 177 66.01 22.61 13.49
C VAL H 177 65.31 23.63 14.36
N THR H 178 65.59 23.56 15.67
CA THR H 178 64.98 24.47 16.63
C THR H 178 66.02 25.34 17.34
N GLN H 179 65.92 26.65 17.11
CA GLN H 179 66.82 27.64 17.69
C GLN H 179 66.02 28.67 18.50
N PRO H 180 66.64 29.27 19.53
CA PRO H 180 65.91 30.28 20.31
C PRO H 180 65.67 31.49 19.41
N SER H 181 64.46 32.03 19.45
CA SER H 181 64.05 33.16 18.62
C SER H 181 65.16 34.15 18.28
N THR H 182 66.00 34.44 19.27
CA THR H 182 67.12 35.36 19.10
C THR H 182 68.06 34.90 18.00
N ALA H 183 68.59 33.69 18.17
CA ALA H 183 69.51 33.08 17.23
C ALA H 183 68.98 33.16 15.79
N LEU H 184 67.71 32.87 15.60
CA LEU H 184 67.10 32.90 14.27
C LEU H 184 67.31 34.27 13.62
N LEU H 185 67.25 35.33 14.42
CA LEU H 185 67.46 36.69 13.91
C LEU H 185 68.92 36.91 13.62
N ARG H 186 69.77 36.56 14.58
CA ARG H 186 71.21 36.70 14.41
C ARG H 186 71.60 36.11 13.05
N LEU H 187 71.22 34.85 12.82
CA LEU H 187 71.53 34.17 11.57
C LEU H 187 70.91 34.88 10.37
N ARG H 188 69.69 35.34 10.52
CA ARG H 188 69.01 36.03 9.43
C ARG H 188 69.78 37.25 8.93
N ARG H 189 70.49 37.92 9.84
CA ARG H 189 71.29 39.11 9.51
C ARG H 189 72.47 38.69 8.66
N GLU H 190 73.29 37.83 9.24
CA GLU H 190 74.47 37.30 8.59
C GLU H 190 74.09 36.87 7.18
N LEU H 191 72.91 36.28 7.02
CA LEU H 191 72.48 35.85 5.71
C LEU H 191 72.38 37.06 4.78
N ALA H 192 71.81 38.15 5.29
CA ALA H 192 71.64 39.38 4.51
C ALA H 192 72.94 40.17 4.41
N SER H 193 73.75 40.15 5.47
CA SER H 193 75.02 40.87 5.47
C SER H 193 76.11 40.04 4.78
N GLY H 194 75.71 39.15 3.87
CA GLY H 194 76.64 38.31 3.14
C GLY H 194 77.58 37.47 4.00
N GLN H 195 77.47 37.59 5.32
CA GLN H 195 78.32 36.85 6.24
C GLN H 195 78.00 35.34 6.24
N LEU H 196 76.99 34.94 5.47
CA LEU H 196 76.57 33.54 5.35
C LEU H 196 76.45 33.17 3.89
N GLU H 197 76.87 31.95 3.55
CA GLU H 197 76.84 31.51 2.16
C GLU H 197 75.42 31.33 1.62
N ARG H 198 74.99 32.26 0.78
CA ARG H 198 73.67 32.21 0.17
C ARG H 198 73.41 30.84 -0.42
N ALA H 199 72.13 30.49 -0.49
CA ALA H 199 71.71 29.23 -1.06
C ALA H 199 70.42 29.53 -1.81
N GLY H 200 69.95 30.76 -1.62
CA GLY H 200 68.74 31.22 -2.26
C GLY H 200 68.15 32.29 -1.36
N ASP H 201 67.01 32.85 -1.75
CA ASP H 201 66.37 33.88 -0.94
C ASP H 201 65.99 33.26 0.41
N ASN H 202 66.52 33.83 1.48
CA ASN H 202 66.24 33.35 2.82
C ASN H 202 66.79 31.97 3.15
N ALA H 203 67.72 31.48 2.34
CA ALA H 203 68.29 30.18 2.58
C ALA H 203 69.81 30.20 2.48
N ALA H 204 70.46 29.58 3.47
CA ALA H 204 71.91 29.51 3.51
C ALA H 204 72.37 28.06 3.33
N LYS H 205 73.45 27.84 2.58
CA LYS H 205 73.93 26.48 2.37
C LYS H 205 74.31 25.83 3.69
N VAL H 206 74.04 24.54 3.81
CA VAL H 206 74.35 23.82 5.03
C VAL H 206 74.78 22.38 4.78
N SER H 207 75.54 21.82 5.72
CA SER H 207 76.04 20.47 5.63
C SER H 207 75.40 19.66 6.75
N LEU H 208 75.29 18.35 6.55
CA LEU H 208 74.69 17.50 7.57
C LEU H 208 75.68 16.55 8.22
N LYS H 209 75.57 16.38 9.52
CA LYS H 209 76.45 15.50 10.28
C LYS H 209 75.62 14.52 11.10
N LEU H 210 75.51 13.28 10.61
CA LEU H 210 74.72 12.24 11.27
C LEU H 210 75.15 12.03 12.73
N GLU H 211 74.25 11.49 13.56
CA GLU H 211 74.58 11.24 14.98
C GLU H 211 75.64 10.15 15.03
N ASP H 212 75.89 9.60 13.85
CA ASP H 212 76.89 8.57 13.62
C ASP H 212 78.26 9.23 13.84
N GLY H 213 78.37 10.47 13.36
CA GLY H 213 79.59 11.22 13.46
C GLY H 213 79.98 11.60 12.06
N SER H 214 79.66 10.71 11.13
CA SER H 214 79.97 10.88 9.71
C SER H 214 79.44 12.18 9.08
N GLN H 215 79.87 12.45 7.85
CA GLN H 215 79.45 13.63 7.11
C GLN H 215 78.62 13.27 5.91
N TYR H 216 77.32 13.54 5.96
CA TYR H 216 76.48 13.23 4.83
C TYR H 216 77.12 13.88 3.62
N PRO H 217 77.45 13.09 2.60
CA PRO H 217 78.08 13.55 1.37
C PRO H 217 77.48 14.79 0.71
N LEU H 218 76.16 14.81 0.55
CA LEU H 218 75.50 15.95 -0.08
C LEU H 218 75.18 17.06 0.89
N GLU H 219 74.82 18.21 0.34
CA GLU H 219 74.46 19.33 1.19
C GLU H 219 73.24 20.05 0.63
N GLY H 220 72.53 20.76 1.51
CA GLY H 220 71.34 21.45 1.06
C GLY H 220 71.00 22.77 1.72
N ARG H 221 69.83 23.28 1.36
CA ARG H 221 69.28 24.54 1.84
C ARG H 221 68.81 24.52 3.29
N LEU H 222 68.93 25.66 3.96
CA LEU H 222 68.42 25.83 5.32
C LEU H 222 67.52 27.07 5.22
N GLU H 223 66.25 26.84 4.92
CA GLU H 223 65.26 27.91 4.80
C GLU H 223 65.05 28.60 6.13
N PHE H 224 65.02 29.93 6.11
CA PHE H 224 64.86 30.68 7.35
C PHE H 224 63.45 31.07 7.72
N SER H 225 62.50 30.91 6.79
CA SER H 225 61.12 31.25 7.11
C SER H 225 60.67 30.28 8.20
N GLU H 226 60.10 30.82 9.28
CA GLU H 226 59.67 29.98 10.40
C GLU H 226 58.52 29.06 10.02
N VAL H 227 58.47 27.90 10.68
CA VAL H 227 57.43 26.91 10.44
C VAL H 227 56.54 26.80 11.68
N SER H 228 57.13 27.05 12.85
CA SER H 228 56.37 26.99 14.10
C SER H 228 57.16 27.57 15.26
N VAL H 229 56.44 28.01 16.30
CA VAL H 229 57.07 28.61 17.48
C VAL H 229 56.43 28.09 18.77
N ASP H 230 57.21 27.44 19.62
CA ASP H 230 56.71 26.94 20.89
C ASP H 230 56.65 28.14 21.82
N GLU H 231 55.59 28.93 21.73
CA GLU H 231 55.45 30.13 22.56
C GLU H 231 55.73 29.87 24.05
N GLY H 232 55.61 28.62 24.47
CA GLY H 232 55.88 28.26 25.86
C GLY H 232 57.37 28.25 26.12
N THR H 233 58.15 28.27 25.03
CA THR H 233 59.60 28.25 25.09
C THR H 233 60.11 29.47 24.34
N GLY H 234 59.29 29.99 23.44
CA GLY H 234 59.69 31.13 22.63
C GLY H 234 60.54 30.71 21.44
N SER H 235 61.07 29.48 21.50
CA SER H 235 61.93 28.92 20.46
C SER H 235 61.21 28.68 19.12
N VAL H 236 61.94 28.90 18.03
CA VAL H 236 61.41 28.73 16.68
C VAL H 236 61.92 27.44 16.06
N THR H 237 61.22 26.98 15.03
CA THR H 237 61.60 25.77 14.32
C THR H 237 61.63 26.03 12.81
N ILE H 238 62.83 25.88 12.24
CA ILE H 238 63.02 26.08 10.81
C ILE H 238 63.45 24.77 10.17
N ARG H 239 63.36 24.71 8.85
CA ARG H 239 63.70 23.49 8.13
C ARG H 239 64.84 23.53 7.14
N ALA H 240 65.64 22.47 7.16
CA ALA H 240 66.76 22.30 6.25
C ALA H 240 66.27 21.29 5.20
N VAL H 241 66.72 21.43 3.96
CA VAL H 241 66.28 20.49 2.94
C VAL H 241 67.45 19.83 2.21
N PHE H 242 67.68 18.55 2.53
CA PHE H 242 68.76 17.80 1.89
C PHE H 242 68.30 16.84 0.82
N PRO H 243 69.12 16.64 -0.23
CA PRO H 243 68.74 15.72 -1.30
C PRO H 243 68.94 14.35 -0.69
N ASN H 244 68.06 13.40 -1.01
CA ASN H 244 68.23 12.11 -0.41
C ASN H 244 67.95 10.94 -1.33
N PRO H 245 68.65 10.89 -2.48
CA PRO H 245 68.41 9.76 -3.38
C PRO H 245 69.14 8.62 -2.65
N ASN H 246 69.16 7.42 -3.22
CA ASN H 246 69.85 6.32 -2.52
C ASN H 246 69.15 6.02 -1.17
N ASN H 247 68.28 6.93 -0.74
CA ASN H 247 67.52 6.77 0.49
C ASN H 247 68.37 6.51 1.75
N GLU H 248 69.55 7.12 1.82
CA GLU H 248 70.41 6.92 2.98
C GLU H 248 69.80 7.53 4.24
N LEU H 249 69.17 8.68 4.09
CA LEU H 249 68.55 9.37 5.23
C LEU H 249 67.13 8.88 5.47
N LEU H 250 66.79 8.69 6.76
CA LEU H 250 65.45 8.25 7.15
C LEU H 250 64.88 9.13 8.25
N PRO H 251 63.55 9.22 8.33
CA PRO H 251 62.90 10.05 9.35
C PRO H 251 63.30 9.59 10.74
N GLY H 252 63.42 10.54 11.67
CA GLY H 252 63.74 10.18 13.04
C GLY H 252 65.20 10.24 13.46
N MET H 253 66.08 10.51 12.51
CA MET H 253 67.50 10.57 12.82
C MET H 253 67.81 11.87 13.57
N PHE H 254 68.67 11.78 14.58
CA PHE H 254 69.08 12.96 15.36
C PHE H 254 70.37 13.47 14.72
N VAL H 255 70.28 14.51 13.90
CA VAL H 255 71.45 15.04 13.20
C VAL H 255 71.89 16.44 13.63
N HIS H 256 72.79 17.03 12.84
CA HIS H 256 73.33 18.37 13.09
C HIS H 256 73.59 19.11 11.80
N ALA H 257 72.93 20.25 11.62
CA ALA H 257 73.15 21.05 10.42
C ALA H 257 74.40 21.85 10.75
N GLN H 258 75.13 22.30 9.73
CA GLN H 258 76.35 23.06 9.97
C GLN H 258 76.46 24.31 9.10
N LEU H 259 76.89 25.41 9.69
CA LEU H 259 77.07 26.66 8.95
C LEU H 259 78.47 27.28 9.09
N THR I 29 62.21 55.66 29.34
CA THR I 29 61.37 54.63 30.05
C THR I 29 61.17 53.36 29.21
N GLU I 30 61.71 52.24 29.70
CA GLU I 30 61.62 50.97 29.00
C GLU I 30 60.59 50.02 29.62
N LEU I 31 59.59 49.66 28.82
CA LEU I 31 58.53 48.77 29.25
C LEU I 31 58.73 47.35 28.73
N PRO I 32 58.85 46.36 29.63
CA PRO I 32 59.03 44.97 29.18
C PRO I 32 57.71 44.37 28.65
N GLY I 33 57.84 43.43 27.72
CA GLY I 33 56.66 42.80 27.14
C GLY I 33 56.95 41.58 26.26
N ARG I 34 55.89 40.94 25.78
CA ARG I 34 56.00 39.77 24.91
C ARG I 34 55.31 40.07 23.60
N THR I 35 55.85 39.54 22.52
CA THR I 35 55.27 39.72 21.21
C THR I 35 54.17 38.68 21.05
N ASN I 36 53.07 39.04 20.39
CA ASN I 36 51.98 38.10 20.20
C ASN I 36 51.36 38.33 18.85
N ALA I 37 50.76 37.30 18.30
CA ALA I 37 50.14 37.44 17.00
C ALA I 37 49.10 38.54 17.03
N PHE I 38 48.90 39.17 15.90
CA PHE I 38 47.91 40.23 15.80
C PHE I 38 46.53 39.61 15.68
N ARG I 39 46.47 38.37 15.21
CA ARG I 39 45.17 37.71 15.02
C ARG I 39 45.34 36.21 14.74
N ILE I 40 44.49 35.37 15.32
CA ILE I 40 44.58 33.92 15.10
C ILE I 40 43.30 33.32 14.56
N ALA I 41 43.44 32.31 13.72
CA ALA I 41 42.30 31.61 13.16
C ALA I 41 42.66 30.13 13.04
N GLU I 42 41.65 29.27 13.12
CA GLU I 42 41.85 27.83 13.02
C GLU I 42 41.17 27.35 11.75
N VAL I 43 41.77 26.37 11.09
CA VAL I 43 41.20 25.81 9.88
C VAL I 43 40.60 24.46 10.30
N ARG I 44 39.34 24.23 9.95
CA ARG I 44 38.63 23.00 10.34
C ARG I 44 37.64 22.59 9.29
N PRO I 45 37.36 21.28 9.22
CA PRO I 45 36.41 20.80 8.21
C PRO I 45 34.97 20.97 8.72
N GLN I 46 34.03 21.12 7.79
CA GLN I 46 32.64 21.27 8.17
C GLN I 46 31.83 20.32 7.31
N VAL I 47 32.50 19.32 6.77
CA VAL I 47 31.84 18.31 5.95
C VAL I 47 32.73 17.07 6.13
N ASN I 48 32.17 15.89 5.94
CA ASN I 48 32.94 14.65 6.14
C ASN I 48 33.61 14.16 4.87
N GLY I 49 34.77 13.52 4.99
CA GLY I 49 35.41 13.02 3.79
C GLY I 49 36.91 12.84 3.85
N ILE I 50 37.48 12.61 2.66
CA ILE I 50 38.93 12.41 2.54
C ILE I 50 39.68 13.63 1.97
N ILE I 51 40.77 14.00 2.63
CA ILE I 51 41.61 15.11 2.17
C ILE I 51 42.26 14.73 0.83
N LEU I 52 41.78 15.29 -0.28
CA LEU I 52 42.36 14.98 -1.58
C LEU I 52 43.70 15.69 -1.71
N LYS I 53 43.70 17.02 -1.57
CA LYS I 53 44.92 17.78 -1.70
C LYS I 53 45.05 18.85 -0.66
N ARG I 54 46.28 19.17 -0.31
CA ARG I 54 46.56 20.21 0.65
C ARG I 54 47.29 21.31 -0.10
N LEU I 55 46.53 22.24 -0.66
CA LEU I 55 47.07 23.34 -1.47
C LEU I 55 47.92 24.45 -0.83
N PHE I 56 48.75 24.18 0.16
CA PHE I 56 49.52 25.30 0.69
C PHE I 56 50.86 24.86 1.25
N LYS I 57 51.82 25.75 1.25
CA LYS I 57 53.12 25.39 1.74
C LYS I 57 53.23 25.66 3.23
N GLU I 58 53.51 24.63 4.01
CA GLU I 58 53.63 24.82 5.45
C GLU I 58 54.64 25.95 5.69
N GLY I 59 54.26 26.90 6.54
CA GLY I 59 55.12 28.02 6.84
C GLY I 59 54.97 29.21 5.90
N SER I 60 54.09 29.11 4.89
CA SER I 60 53.93 30.21 3.96
C SER I 60 52.99 31.33 4.44
N ASP I 61 52.60 32.20 3.52
CA ASP I 61 51.71 33.31 3.80
C ASP I 61 50.48 33.08 2.97
N VAL I 62 49.33 33.02 3.62
CA VAL I 62 48.09 32.76 2.92
C VAL I 62 47.11 33.93 3.10
N LYS I 63 46.20 34.06 2.14
CA LYS I 63 45.21 35.13 2.16
C LYS I 63 43.82 34.64 2.55
N ALA I 64 43.11 35.41 3.37
CA ALA I 64 41.77 35.04 3.77
C ALA I 64 40.92 34.70 2.51
N GLY I 65 40.23 33.56 2.54
CA GLY I 65 39.40 33.15 1.41
C GLY I 65 40.08 32.18 0.46
N GLN I 66 41.37 31.99 0.70
CA GLN I 66 42.20 31.12 -0.11
C GLN I 66 41.95 29.65 0.22
N GLN I 67 41.73 28.83 -0.80
CA GLN I 67 41.53 27.42 -0.57
C GLN I 67 42.79 26.82 0.06
N LEU I 68 42.63 26.20 1.21
CA LEU I 68 43.76 25.58 1.89
C LEU I 68 43.81 24.08 1.68
N TYR I 69 42.62 23.49 1.49
CA TYR I 69 42.49 22.06 1.30
C TYR I 69 41.36 21.78 0.35
N GLN I 70 41.35 20.55 -0.16
CA GLN I 70 40.29 20.09 -1.04
C GLN I 70 39.91 18.75 -0.45
N ILE I 71 38.64 18.58 -0.11
CA ILE I 71 38.18 17.33 0.44
C ILE I 71 37.67 16.66 -0.81
N ASP I 72 38.00 15.39 -0.99
CA ASP I 72 37.56 14.73 -2.21
C ASP I 72 36.08 15.00 -2.35
N PRO I 73 35.71 15.75 -3.41
CA PRO I 73 34.32 16.10 -3.71
C PRO I 73 33.62 15.19 -4.70
N ALA I 74 34.28 14.16 -5.18
CA ALA I 74 33.67 13.28 -6.16
C ALA I 74 32.20 13.01 -5.90
N THR I 75 31.90 12.62 -4.67
CA THR I 75 30.54 12.28 -4.25
C THR I 75 29.60 13.46 -3.96
N TYR I 76 30.03 14.39 -3.11
CA TYR I 76 29.21 15.56 -2.79
C TYR I 76 28.73 16.17 -4.10
N GLU I 77 29.65 16.27 -5.07
CA GLU I 77 29.35 16.80 -6.38
C GLU I 77 28.32 15.90 -7.04
N ALA I 78 28.45 14.60 -6.82
CA ALA I 78 27.53 13.63 -7.41
C ALA I 78 26.15 13.71 -6.77
N ASP I 79 26.11 13.85 -5.44
CA ASP I 79 24.85 13.94 -4.74
C ASP I 79 24.15 15.24 -5.09
N TYR I 80 24.94 16.29 -5.23
CA TYR I 80 24.38 17.57 -5.57
C TYR I 80 23.69 17.52 -6.91
N GLN I 81 24.28 16.85 -7.88
CA GLN I 81 23.66 16.79 -9.19
C GLN I 81 22.59 15.73 -9.19
N SER I 82 22.76 14.72 -8.35
CA SER I 82 21.78 13.69 -8.27
C SER I 82 20.51 14.34 -7.76
N ALA I 83 20.68 15.27 -6.82
CA ALA I 83 19.57 16.02 -6.22
C ALA I 83 18.92 16.93 -7.25
N GLN I 84 19.66 17.90 -7.76
CA GLN I 84 19.13 18.81 -8.77
C GLN I 84 18.29 18.11 -9.85
N ALA I 85 18.67 16.90 -10.20
CA ALA I 85 17.95 16.13 -11.21
C ALA I 85 16.55 15.91 -10.70
N ASN I 86 16.51 15.38 -9.49
CA ASN I 86 15.30 15.08 -8.77
C ASN I 86 14.38 16.31 -8.67
N LEU I 87 14.90 17.41 -8.14
CA LEU I 87 14.14 18.64 -8.02
C LEU I 87 13.53 19.04 -9.36
N ALA I 88 14.36 19.05 -10.39
CA ALA I 88 13.91 19.40 -11.72
C ALA I 88 12.67 18.58 -12.09
N SER I 89 12.69 17.32 -11.66
CA SER I 89 11.59 16.40 -11.94
C SER I 89 10.32 16.71 -11.14
N THR I 90 10.43 16.67 -9.81
CA THR I 90 9.29 16.94 -8.92
C THR I 90 8.73 18.34 -9.14
N GLN I 91 9.60 19.31 -9.44
CA GLN I 91 9.15 20.67 -9.66
C GLN I 91 8.21 20.76 -10.85
N GLU I 92 8.53 20.02 -11.90
CA GLU I 92 7.71 20.03 -13.10
C GLU I 92 6.39 19.41 -12.70
N GLN I 93 6.47 18.22 -12.12
CA GLN I 93 5.31 17.48 -11.65
C GLN I 93 4.36 18.38 -10.89
N ALA I 94 4.92 19.16 -9.96
CA ALA I 94 4.15 20.07 -9.14
C ALA I 94 3.46 21.14 -9.97
N GLN I 95 4.24 21.96 -10.66
CA GLN I 95 3.70 23.04 -11.50
C GLN I 95 2.58 22.57 -12.42
N ARG I 96 2.61 21.30 -12.78
CA ARG I 96 1.59 20.76 -13.65
C ARG I 96 0.31 20.45 -12.85
N TYR I 97 0.48 19.84 -11.68
CA TYR I 97 -0.67 19.55 -10.83
C TYR I 97 -1.31 20.83 -10.33
N LYS I 98 -0.51 21.86 -10.17
CA LYS I 98 -1.02 23.14 -9.71
C LYS I 98 -2.00 23.60 -10.77
N LEU I 99 -1.79 23.11 -11.98
CA LEU I 99 -2.65 23.44 -13.12
C LEU I 99 -3.94 22.62 -13.08
N LEU I 100 -3.79 21.31 -13.01
CA LEU I 100 -4.92 20.39 -12.97
C LEU I 100 -5.85 20.60 -11.79
N VAL I 101 -5.29 21.01 -10.66
CA VAL I 101 -6.10 21.23 -9.46
C VAL I 101 -6.94 22.46 -9.70
N ALA I 102 -6.36 23.47 -10.35
CA ALA I 102 -7.07 24.71 -10.64
C ALA I 102 -8.16 24.48 -11.67
N ASP I 103 -8.20 23.29 -12.25
CA ASP I 103 -9.20 22.96 -13.25
C ASP I 103 -10.05 21.78 -12.77
N GLN I 104 -10.06 21.57 -11.46
CA GLN I 104 -10.82 20.49 -10.88
C GLN I 104 -10.60 19.19 -11.66
N ALA I 105 -9.43 19.11 -12.30
CA ALA I 105 -9.06 17.94 -13.09
C ALA I 105 -8.38 16.91 -12.20
N VAL I 106 -8.00 17.34 -11.00
CA VAL I 106 -7.32 16.48 -10.05
C VAL I 106 -7.62 17.04 -8.65
N SER I 107 -7.67 16.15 -7.66
CA SER I 107 -7.99 16.52 -6.27
C SER I 107 -6.95 17.41 -5.59
N LYS I 108 -7.37 18.11 -4.55
CA LYS I 108 -6.43 18.97 -3.85
C LYS I 108 -5.36 18.14 -3.18
N GLN I 109 -5.69 16.89 -2.87
CA GLN I 109 -4.73 16.01 -2.20
C GLN I 109 -3.57 15.71 -3.12
N GLN I 110 -3.89 15.36 -4.36
CA GLN I 110 -2.86 15.07 -5.36
C GLN I 110 -1.98 16.30 -5.47
N TYR I 111 -2.58 17.47 -5.67
CA TYR I 111 -1.75 18.65 -5.76
C TYR I 111 -0.94 18.79 -4.49
N ALA I 112 -1.52 18.36 -3.37
CA ALA I 112 -0.83 18.47 -2.09
C ALA I 112 0.42 17.59 -2.01
N ASP I 113 0.27 16.31 -2.37
CA ASP I 113 1.38 15.36 -2.34
C ASP I 113 2.48 15.81 -3.30
N ALA I 114 2.07 16.18 -4.51
CA ALA I 114 3.01 16.65 -5.52
C ALA I 114 3.83 17.79 -4.95
N ASN I 115 3.15 18.81 -4.42
CA ASN I 115 3.86 19.94 -3.88
C ASN I 115 4.74 19.54 -2.71
N ALA I 116 4.34 18.47 -2.02
CA ALA I 116 5.08 17.99 -0.86
C ALA I 116 6.46 17.49 -1.29
N ALA I 117 6.45 16.68 -2.35
CA ALA I 117 7.67 16.13 -2.89
C ALA I 117 8.53 17.28 -3.35
N TYR I 118 7.94 18.16 -4.14
CA TYR I 118 8.66 19.32 -4.65
C TYR I 118 9.42 20.03 -3.56
N LEU I 119 8.74 20.26 -2.44
CA LEU I 119 9.36 20.95 -1.32
C LEU I 119 10.51 20.21 -0.69
N GLN I 120 10.38 18.87 -0.63
CA GLN I 120 11.43 18.05 -0.07
C GLN I 120 12.68 18.13 -0.96
N SER I 121 12.51 17.94 -2.26
CA SER I 121 13.60 18.01 -3.22
C SER I 121 14.37 19.30 -3.05
N LYS I 122 13.63 20.41 -3.11
CA LYS I 122 14.19 21.75 -2.96
C LYS I 122 15.03 21.85 -1.71
N ALA I 123 14.64 21.14 -0.66
CA ALA I 123 15.39 21.15 0.61
C ALA I 123 16.69 20.35 0.48
N ALA I 124 16.55 19.21 -0.22
CA ALA I 124 17.66 18.29 -0.47
C ALA I 124 18.76 18.97 -1.24
N VAL I 125 18.35 19.67 -2.30
CA VAL I 125 19.26 20.41 -3.15
C VAL I 125 20.04 21.43 -2.37
N GLU I 126 19.34 22.15 -1.49
CA GLU I 126 20.00 23.17 -0.74
C GLU I 126 21.05 22.60 0.18
N GLN I 127 20.73 21.48 0.80
CA GLN I 127 21.71 20.85 1.69
C GLN I 127 22.91 20.33 0.88
N ALA I 128 22.61 19.77 -0.29
CA ALA I 128 23.64 19.23 -1.16
C ALA I 128 24.62 20.33 -1.48
N ARG I 129 24.06 21.44 -1.97
CA ARG I 129 24.83 22.61 -2.35
C ARG I 129 25.71 23.09 -1.19
N ILE I 130 25.13 23.21 0.00
CA ILE I 130 25.90 23.62 1.17
C ILE I 130 27.09 22.69 1.41
N ASN I 131 26.85 21.38 1.44
CA ASN I 131 27.92 20.42 1.66
C ASN I 131 29.02 20.51 0.61
N LEU I 132 28.62 20.55 -0.66
CA LEU I 132 29.59 20.68 -1.74
C LEU I 132 30.49 21.90 -1.48
N ARG I 133 29.88 23.03 -1.17
CA ARG I 133 30.61 24.25 -0.91
C ARG I 133 31.65 24.03 0.17
N TYR I 134 31.32 23.27 1.21
CA TYR I 134 32.28 23.07 2.29
C TYR I 134 33.47 22.18 1.90
N THR I 135 33.35 21.60 0.72
CA THR I 135 34.36 20.72 0.13
C THR I 135 35.67 21.49 -0.05
N LYS I 136 35.55 22.79 -0.30
CA LYS I 136 36.72 23.66 -0.45
C LYS I 136 36.91 24.38 0.89
N VAL I 137 37.97 23.97 1.60
CA VAL I 137 38.31 24.50 2.90
C VAL I 137 39.10 25.78 2.84
N LEU I 138 38.40 26.90 2.81
CA LEU I 138 39.05 28.24 2.73
C LEU I 138 39.67 28.77 4.02
N SER I 139 40.61 29.70 3.90
CA SER I 139 41.24 30.27 5.08
C SER I 139 40.39 31.41 5.60
N PRO I 140 40.07 31.40 6.90
CA PRO I 140 39.26 32.49 7.47
C PRO I 140 39.95 33.86 7.55
N ILE I 141 41.24 33.83 7.83
CA ILE I 141 41.99 35.06 7.99
C ILE I 141 43.14 35.14 6.99
N SER I 142 43.80 36.29 6.95
CA SER I 142 44.97 36.45 6.09
C SER I 142 46.09 36.46 7.09
N GLY I 143 47.11 35.65 6.84
CA GLY I 143 48.21 35.58 7.77
C GLY I 143 49.19 34.50 7.36
N ARG I 144 49.83 33.91 8.37
CA ARG I 144 50.81 32.86 8.16
C ARG I 144 50.41 31.46 8.67
N ILE I 145 50.14 30.50 7.75
CA ILE I 145 49.80 29.09 8.13
C ILE I 145 51.10 28.39 8.46
N GLY I 146 51.06 27.47 9.41
CA GLY I 146 52.24 26.73 9.78
C GLY I 146 52.10 25.31 9.27
N ARG I 147 52.55 24.35 10.07
CA ARG I 147 52.45 22.96 9.66
C ARG I 147 50.99 22.55 9.51
N SER I 148 50.74 21.50 8.74
CA SER I 148 49.39 21.01 8.56
C SER I 148 49.25 19.77 9.43
N ALA I 149 48.42 19.88 10.47
CA ALA I 149 48.21 18.76 11.38
C ALA I 149 47.53 17.56 10.71
N VAL I 150 47.08 17.73 9.47
CA VAL I 150 46.43 16.65 8.77
C VAL I 150 47.15 16.29 7.48
N THR I 151 47.35 15.00 7.24
CA THR I 151 48.05 14.56 6.03
C THR I 151 47.07 14.43 4.88
N GLU I 152 47.57 14.40 3.65
CA GLU I 152 46.65 14.25 2.53
C GLU I 152 46.15 12.83 2.69
N GLY I 153 45.04 12.53 2.02
CA GLY I 153 44.45 11.20 2.12
C GLY I 153 43.82 10.90 3.47
N ALA I 154 44.03 11.76 4.47
CA ALA I 154 43.47 11.56 5.81
C ALA I 154 41.94 11.64 5.85
N LEU I 155 41.37 11.05 6.90
CA LEU I 155 39.92 11.05 7.05
C LEU I 155 39.58 12.24 7.93
N VAL I 156 38.66 13.08 7.46
CA VAL I 156 38.33 14.28 8.20
C VAL I 156 36.83 14.31 8.52
N THR I 157 36.49 14.73 9.73
CA THR I 157 35.08 14.75 10.15
C THR I 157 34.55 16.08 10.66
N ASN I 158 33.36 16.45 10.18
CA ASN I 158 32.73 17.66 10.64
C ASN I 158 32.55 17.57 12.14
N GLY I 159 32.99 18.57 12.88
CA GLY I 159 32.82 18.51 14.30
C GLY I 159 34.05 17.96 15.00
N GLN I 160 34.95 17.37 14.24
CA GLN I 160 36.14 16.79 14.86
C GLN I 160 36.85 17.75 15.80
N ALA I 161 37.39 17.20 16.87
CA ALA I 161 38.07 17.99 17.88
C ALA I 161 39.23 18.86 17.38
N ASN I 162 40.21 18.22 16.76
CA ASN I 162 41.40 18.94 16.31
C ASN I 162 41.27 19.75 15.01
N ALA I 163 42.05 20.82 14.96
CA ALA I 163 42.04 21.69 13.79
C ALA I 163 43.07 21.21 12.78
N MET I 164 42.73 21.33 11.51
CA MET I 164 43.62 20.93 10.44
C MET I 164 44.87 21.85 10.36
N ALA I 165 44.72 23.12 10.74
CA ALA I 165 45.85 24.04 10.68
C ALA I 165 45.52 25.39 11.32
N THR I 166 46.54 26.21 11.54
CA THR I 166 46.37 27.52 12.14
C THR I 166 47.07 28.70 11.45
N VAL I 167 46.28 29.65 10.92
CA VAL I 167 46.81 30.84 10.26
C VAL I 167 47.06 31.92 11.33
N GLN I 168 48.18 32.63 11.29
CA GLN I 168 48.42 33.68 12.29
C GLN I 168 48.88 34.98 11.63
N GLN I 169 48.02 36.01 11.63
CA GLN I 169 48.41 37.30 11.07
C GLN I 169 49.55 37.80 11.93
N LEU I 170 50.71 37.98 11.31
CA LEU I 170 51.89 38.43 12.01
C LEU I 170 52.42 39.76 11.54
N ASP I 171 51.83 40.37 10.50
CA ASP I 171 52.37 41.65 10.07
C ASP I 171 52.12 42.62 11.21
N PRO I 172 51.05 43.45 11.15
CA PRO I 172 51.02 44.29 12.35
C PRO I 172 51.17 43.30 13.49
N ILE I 173 52.14 43.47 14.38
CA ILE I 173 52.26 42.49 15.42
C ILE I 173 52.15 43.16 16.79
N TYR I 174 51.48 42.50 17.73
CA TYR I 174 51.31 43.04 19.06
C TYR I 174 52.50 42.84 19.95
N VAL I 175 52.56 43.65 21.00
CA VAL I 175 53.59 43.56 22.03
C VAL I 175 52.83 43.81 23.31
N ASP I 176 52.48 42.74 24.01
CA ASP I 176 51.74 42.86 25.24
C ASP I 176 52.64 43.40 26.34
N VAL I 177 52.26 44.57 26.85
CA VAL I 177 53.00 45.23 27.92
C VAL I 177 52.19 45.24 29.20
N THR I 178 52.84 44.92 30.31
CA THR I 178 52.16 44.88 31.60
C THR I 178 52.75 45.85 32.61
N GLN I 179 51.95 46.83 33.01
CA GLN I 179 52.36 47.85 33.98
C GLN I 179 51.38 47.88 35.16
N PRO I 180 51.85 48.31 36.35
CA PRO I 180 50.96 48.38 37.52
C PRO I 180 49.91 49.44 37.23
N SER I 181 48.65 49.14 37.54
CA SER I 181 47.54 50.06 37.28
C SER I 181 47.89 51.55 37.43
N THR I 182 48.73 51.85 38.42
CA THR I 182 49.17 53.21 38.69
C THR I 182 49.90 53.81 37.49
N ALA I 183 50.97 53.15 37.08
CA ALA I 183 51.77 53.58 35.94
C ALA I 183 50.93 53.85 34.71
N LEU I 184 49.93 53.02 34.45
CA LEU I 184 49.07 53.21 33.28
C LEU I 184 48.37 54.57 33.30
N LEU I 185 48.03 55.06 34.49
CA LEU I 185 47.40 56.37 34.61
C LEU I 185 48.46 57.43 34.39
N ARG I 186 49.58 57.27 35.11
CA ARG I 186 50.70 58.20 35.00
C ARG I 186 50.95 58.51 33.53
N LEU I 187 51.13 57.45 32.73
CA LEU I 187 51.38 57.60 31.31
C LEU I 187 50.19 58.23 30.58
N ARG I 188 48.98 57.85 30.97
CA ARG I 188 47.78 58.39 30.33
C ARG I 188 47.69 59.91 30.44
N ARG I 189 48.20 60.45 31.55
CA ARG I 189 48.21 61.89 31.76
C ARG I 189 49.18 62.50 30.77
N GLU I 190 50.44 62.12 30.93
CA GLU I 190 51.51 62.61 30.07
C GLU I 190 51.05 62.61 28.63
N LEU I 191 50.28 61.60 28.25
CA LEU I 191 49.78 61.53 26.88
C LEU I 191 48.86 62.70 26.57
N ALA I 192 47.99 63.06 27.52
CA ALA I 192 47.07 64.18 27.32
C ALA I 192 47.73 65.52 27.58
N SER I 193 48.72 65.54 28.48
CA SER I 193 49.44 66.77 28.82
C SER I 193 50.59 67.00 27.84
N GLY I 194 50.43 66.50 26.62
CA GLY I 194 51.46 66.66 25.60
C GLY I 194 52.86 66.20 25.98
N GLN I 195 53.05 65.78 27.22
CA GLN I 195 54.35 65.33 27.68
C GLN I 195 54.81 64.03 27.03
N LEU I 196 53.94 63.48 26.17
CA LEU I 196 54.21 62.24 25.46
C LEU I 196 53.92 62.42 23.96
N GLU I 197 54.78 61.89 23.11
CA GLU I 197 54.61 62.03 21.66
C GLU I 197 53.39 61.30 21.11
N ARG I 198 52.36 62.07 20.77
CA ARG I 198 51.13 61.51 20.22
C ARG I 198 51.41 60.56 19.08
N ALA I 199 50.52 59.60 18.90
CA ALA I 199 50.62 58.60 17.84
C ALA I 199 49.20 58.36 17.33
N GLY I 200 48.25 58.91 18.06
CA GLY I 200 46.85 58.78 17.73
C GLY I 200 46.08 58.97 19.02
N ASP I 201 44.76 58.95 18.94
CA ASP I 201 43.94 59.10 20.15
C ASP I 201 44.29 57.94 21.09
N ASN I 202 44.76 58.26 22.28
CA ASN I 202 45.12 57.24 23.26
C ASN I 202 46.32 56.40 22.89
N ALA I 203 47.12 56.87 21.94
CA ALA I 203 48.30 56.12 21.52
C ALA I 203 49.54 57.01 21.47
N ALA I 204 50.62 56.52 22.07
CA ALA I 204 51.89 57.23 22.10
C ALA I 204 52.90 56.49 21.24
N LYS I 205 53.75 57.21 20.51
CA LYS I 205 54.75 56.57 19.66
C LYS I 205 55.76 55.83 20.53
N VAL I 206 56.17 54.65 20.07
CA VAL I 206 57.12 53.83 20.83
C VAL I 206 58.10 53.09 19.93
N SER I 207 59.25 52.75 20.51
CA SER I 207 60.30 52.04 19.81
C SER I 207 60.48 50.69 20.47
N LEU I 208 60.97 49.72 19.72
CA LEU I 208 61.15 48.38 20.26
C LEU I 208 62.63 47.99 20.41
N LYS I 209 62.92 47.24 21.45
CA LYS I 209 64.29 46.80 21.72
C LYS I 209 64.28 45.31 22.03
N LEU I 210 64.64 44.51 21.03
CA LEU I 210 64.68 43.04 21.16
C LEU I 210 65.53 42.61 22.35
N GLU I 211 65.29 41.40 22.85
CA GLU I 211 66.04 40.88 23.99
C GLU I 211 67.46 40.65 23.54
N ASP I 212 67.64 40.88 22.25
CA ASP I 212 68.92 40.76 21.59
C ASP I 212 69.78 41.93 22.08
N GLY I 213 69.15 43.09 22.17
CA GLY I 213 69.83 44.29 22.61
C GLY I 213 69.61 45.28 21.48
N SER I 214 69.52 44.74 20.27
CA SER I 214 69.33 45.54 19.07
C SER I 214 68.09 46.41 19.07
N GLN I 215 68.04 47.36 18.13
CA GLN I 215 66.90 48.27 18.01
C GLN I 215 66.06 47.97 16.79
N TYR I 216 64.86 47.47 16.99
CA TYR I 216 64.02 47.18 15.85
C TYR I 216 63.91 48.47 15.05
N PRO I 217 64.35 48.45 13.79
CA PRO I 217 64.33 49.59 12.88
C PRO I 217 63.04 50.40 12.82
N LEU I 218 61.90 49.73 12.76
CA LEU I 218 60.63 50.46 12.69
C LEU I 218 60.06 50.75 14.07
N GLU I 219 59.01 51.57 14.10
CA GLU I 219 58.37 51.90 15.36
C GLU I 219 56.86 51.98 15.23
N GLY I 220 56.16 51.81 16.34
CA GLY I 220 54.71 51.86 16.28
C GLY I 220 53.97 52.41 17.49
N ARG I 221 52.64 52.33 17.38
CA ARG I 221 51.73 52.79 18.39
C ARG I 221 51.76 51.97 19.68
N LEU I 222 51.38 52.62 20.77
CA LEU I 222 51.27 51.96 22.07
C LEU I 222 49.91 52.39 22.60
N GLU I 223 48.87 51.68 22.17
CA GLU I 223 47.49 51.96 22.59
C GLU I 223 47.35 51.86 24.12
N PHE I 224 46.63 52.82 24.71
CA PHE I 224 46.47 52.83 26.15
C PHE I 224 45.20 52.21 26.68
N SER I 225 44.28 51.87 25.79
CA SER I 225 43.05 51.25 26.26
C SER I 225 43.45 49.87 26.81
N GLU I 226 42.98 49.56 28.01
CA GLU I 226 43.32 48.30 28.64
C GLU I 226 42.69 47.12 27.92
N VAL I 227 43.41 45.99 27.93
CA VAL I 227 42.95 44.78 27.30
C VAL I 227 42.59 43.76 28.38
N SER I 228 43.30 43.79 29.50
CA SER I 228 43.05 42.87 30.60
C SER I 228 43.70 43.32 31.91
N VAL I 229 43.18 42.84 33.03
CA VAL I 229 43.72 43.20 34.34
C VAL I 229 43.78 42.00 35.27
N ASP I 230 44.97 41.68 35.76
CA ASP I 230 45.12 40.56 36.70
C ASP I 230 44.74 41.09 38.07
N GLU I 231 43.44 41.11 38.35
CA GLU I 231 42.93 41.60 39.63
C GLU I 231 43.67 41.03 40.84
N GLY I 232 44.33 39.89 40.64
CA GLY I 232 45.08 39.27 41.72
C GLY I 232 46.40 40.00 41.91
N THR I 233 46.76 40.83 40.93
CA THR I 233 48.00 41.60 40.97
C THR I 233 47.63 43.08 40.83
N GLY I 234 46.46 43.34 40.26
CA GLY I 234 46.01 44.70 40.04
C GLY I 234 46.64 45.29 38.80
N SER I 235 47.65 44.61 38.26
CA SER I 235 48.38 45.05 37.06
C SER I 235 47.57 44.97 35.77
N VAL I 236 47.76 45.96 34.91
CA VAL I 236 47.05 46.05 33.64
C VAL I 236 47.94 45.59 32.49
N THR I 237 47.29 45.25 31.38
CA THR I 237 47.99 44.82 30.18
C THR I 237 47.47 45.58 28.95
N ILE I 238 48.40 46.31 28.33
CA ILE I 238 48.09 47.09 27.14
C ILE I 238 48.97 46.61 25.97
N ARG I 239 48.54 46.92 24.76
CA ARG I 239 49.22 46.50 23.56
C ARG I 239 49.88 47.57 22.69
N ALA I 240 51.09 47.25 22.24
CA ALA I 240 51.85 48.11 21.34
C ALA I 240 51.68 47.42 19.98
N VAL I 241 51.65 48.19 18.89
CA VAL I 241 51.48 47.61 17.56
C VAL I 241 52.60 48.05 16.61
N PHE I 242 53.49 47.13 16.26
CA PHE I 242 54.58 47.45 15.35
C PHE I 242 54.41 46.84 13.99
N PRO I 243 54.88 47.53 12.95
CA PRO I 243 54.75 46.97 11.59
C PRO I 243 55.79 45.86 11.56
N ASN I 244 55.48 44.78 10.87
CA ASN I 244 56.42 43.68 10.83
C ASN I 244 56.49 42.98 9.51
N PRO I 245 56.88 43.70 8.44
CA PRO I 245 56.99 43.07 7.12
C PRO I 245 58.30 42.33 7.26
N ASN I 246 58.75 41.62 6.23
CA ASN I 246 60.01 40.89 6.35
C ASN I 246 59.87 39.81 7.43
N ASN I 247 58.82 39.91 8.22
CA ASN I 247 58.56 38.94 9.27
C ASN I 247 59.72 38.73 10.24
N GLU I 248 60.44 39.81 10.55
CA GLU I 248 61.57 39.73 11.47
C GLU I 248 61.11 39.36 12.88
N LEU I 249 59.99 39.92 13.29
CA LEU I 249 59.43 39.68 14.62
C LEU I 249 58.51 38.46 14.69
N LEU I 250 58.68 37.65 15.71
CA LEU I 250 57.86 36.45 15.88
C LEU I 250 57.28 36.35 17.28
N PRO I 251 56.10 35.72 17.41
CA PRO I 251 55.42 35.56 18.70
C PRO I 251 56.31 34.90 19.74
N GLY I 252 56.23 35.35 20.99
CA GLY I 252 57.04 34.73 22.03
C GLY I 252 58.31 35.46 22.43
N MET I 253 58.69 36.46 21.65
CA MET I 253 59.90 37.23 21.95
C MET I 253 59.74 38.14 23.18
N PHE I 254 60.75 38.15 24.04
CA PHE I 254 60.73 38.99 25.23
C PHE I 254 61.37 40.33 24.85
N VAL I 255 60.55 41.34 24.59
CA VAL I 255 61.08 42.63 24.19
C VAL I 255 60.92 43.76 25.22
N HIS I 256 61.14 45.00 24.75
CA HIS I 256 61.03 46.20 25.57
C HIS I 256 60.55 47.39 24.73
N ALA I 257 59.43 47.98 25.11
CA ALA I 257 58.91 49.13 24.40
C ALA I 257 59.60 50.33 25.03
N GLN I 258 59.77 51.41 24.28
CA GLN I 258 60.43 52.59 24.82
C GLN I 258 59.67 53.90 24.59
N LEU I 259 59.55 54.68 25.66
CA LEU I 259 58.87 55.97 25.61
C LEU I 259 59.79 57.10 26.08
N THR J 29 39.84 59.68 58.53
CA THR J 29 39.64 58.19 58.59
C THR J 29 39.79 57.57 57.19
N GLU J 30 40.84 56.79 56.99
CA GLU J 30 41.08 56.14 55.71
C GLU J 30 40.80 54.64 55.71
N LEU J 31 39.87 54.21 54.86
CA LEU J 31 39.50 52.80 54.77
C LEU J 31 40.13 52.13 53.56
N PRO J 32 40.98 51.11 53.77
CA PRO J 32 41.62 50.41 52.66
C PRO J 32 40.63 49.50 51.91
N GLY J 33 40.87 49.31 50.60
CA GLY J 33 39.99 48.49 49.80
C GLY J 33 40.53 48.19 48.42
N ARG J 34 39.80 47.38 47.66
CA ARG J 34 40.20 47.00 46.30
C ARG J 34 39.09 47.41 45.33
N THR J 35 39.48 47.82 44.14
CA THR J 35 38.48 48.22 43.14
C THR J 35 37.97 46.97 42.48
N ASN J 36 36.69 46.93 42.14
CA ASN J 36 36.10 45.77 41.50
C ASN J 36 35.07 46.18 40.47
N ALA J 37 34.95 45.39 39.42
CA ALA J 37 33.99 45.69 38.39
C ALA J 37 32.65 45.87 39.04
N PHE J 38 31.83 46.69 38.44
CA PHE J 38 30.50 46.97 38.93
C PHE J 38 29.57 45.82 38.60
N ARG J 39 29.87 45.15 37.48
CA ARG J 39 29.04 44.05 37.00
C ARG J 39 29.79 43.19 35.98
N ILE J 40 29.70 41.87 36.12
CA ILE J 40 30.39 40.96 35.20
C ILE J 40 29.48 39.93 34.56
N ALA J 41 29.75 39.61 33.29
CA ALA J 41 28.97 38.63 32.55
C ALA J 41 29.95 37.83 31.70
N GLU J 42 29.52 36.65 31.25
CA GLU J 42 30.37 35.79 30.43
C GLU J 42 29.67 35.56 29.12
N VAL J 43 30.44 35.40 28.05
CA VAL J 43 29.87 35.15 26.73
C VAL J 43 30.11 33.66 26.43
N ARG J 44 29.04 32.94 26.07
CA ARG J 44 29.13 31.49 25.84
C ARG J 44 28.26 31.03 24.72
N PRO J 45 28.66 29.96 24.04
CA PRO J 45 27.84 29.45 22.93
C PRO J 45 26.71 28.56 23.46
N GLN J 46 25.61 28.51 22.73
CA GLN J 46 24.48 27.74 23.16
C GLN J 46 24.02 27.02 21.95
N VAL J 47 24.91 26.88 20.98
CA VAL J 47 24.58 26.13 19.78
C VAL J 47 25.93 25.66 19.25
N ASN J 48 25.93 24.55 18.51
CA ASN J 48 27.18 23.99 18.02
C ASN J 48 27.60 24.52 16.68
N GLY J 49 28.88 24.77 16.51
CA GLY J 49 29.31 25.26 15.20
C GLY J 49 30.68 25.87 15.13
N ILE J 50 30.97 26.43 13.96
CA ILE J 50 32.25 27.09 13.73
C ILE J 50 32.10 28.62 13.83
N ILE J 51 33.04 29.26 14.54
CA ILE J 51 33.04 30.72 14.67
C ILE J 51 33.38 31.34 13.30
N LEU J 52 32.41 31.95 12.64
CA LEU J 52 32.64 32.58 11.34
C LEU J 52 33.37 33.92 11.55
N LYS J 53 32.80 34.82 12.36
CA LYS J 53 33.41 36.12 12.60
C LYS J 53 33.30 36.56 14.02
N ARG J 54 34.27 37.36 14.45
CA ARG J 54 34.28 37.90 15.80
C ARG J 54 34.11 39.42 15.69
N LEU J 55 32.87 39.88 15.68
CA LEU J 55 32.53 41.27 15.53
C LEU J 55 32.88 42.26 16.65
N PHE J 56 34.02 42.15 17.30
CA PHE J 56 34.28 43.15 18.34
C PHE J 56 35.77 43.37 18.58
N LYS J 57 36.12 44.54 19.05
CA LYS J 57 37.50 44.83 19.26
C LYS J 57 37.89 44.47 20.66
N GLU J 58 38.88 43.60 20.79
CA GLU J 58 39.31 43.21 22.12
C GLU J 58 39.62 44.49 22.86
N GLY J 59 39.11 44.61 24.07
CA GLY J 59 39.35 45.80 24.87
C GLY J 59 38.38 46.94 24.64
N SER J 60 37.42 46.79 23.74
CA SER J 60 36.49 47.86 23.47
C SER J 60 35.30 47.97 24.44
N ASP J 61 34.31 48.77 24.09
CA ASP J 61 33.14 48.94 24.92
C ASP J 61 31.99 48.37 24.10
N VAL J 62 31.25 47.46 24.69
CA VAL J 62 30.18 46.82 23.96
C VAL J 62 28.86 47.03 24.69
N LYS J 63 27.76 46.98 23.97
CA LYS J 63 26.46 47.17 24.58
C LYS J 63 25.65 45.87 24.71
N ALA J 64 24.90 45.78 25.82
CA ALA J 64 24.05 44.62 26.02
C ALA J 64 23.14 44.38 24.81
N GLY J 65 23.18 43.17 24.25
CA GLY J 65 22.34 42.84 23.11
C GLY J 65 23.10 42.92 21.80
N GLN J 66 24.33 43.40 21.91
CA GLN J 66 25.18 43.56 20.75
C GLN J 66 25.78 42.24 20.25
N GLN J 67 25.65 41.95 18.96
CA GLN J 67 26.26 40.74 18.41
C GLN J 67 27.78 40.73 18.67
N LEU J 68 28.27 39.70 19.36
CA LEU J 68 29.70 39.58 19.62
C LEU J 68 30.39 38.59 18.70
N TYR J 69 29.63 37.62 18.22
CA TYR J 69 30.15 36.56 17.34
C TYR J 69 29.07 36.11 16.38
N GLN J 70 29.51 35.42 15.34
CA GLN J 70 28.60 34.90 14.34
C GLN J 70 29.06 33.47 14.10
N ILE J 71 28.25 32.50 14.52
CA ILE J 71 28.59 31.12 14.33
C ILE J 71 28.06 30.83 12.93
N ASP J 72 28.90 30.23 12.08
CA ASP J 72 28.50 29.95 10.70
C ASP J 72 27.12 29.35 10.76
N PRO J 73 26.13 30.06 10.22
CA PRO J 73 24.73 29.64 10.19
C PRO J 73 24.24 29.02 8.92
N ALA J 74 25.12 28.75 7.96
CA ALA J 74 24.67 28.21 6.70
C ALA J 74 23.62 27.11 6.84
N THR J 75 23.89 26.17 7.74
CA THR J 75 23.00 25.02 7.95
C THR J 75 21.79 25.22 8.86
N TYR J 76 22.02 25.87 10.02
CA TYR J 76 20.91 26.18 10.92
C TYR J 76 19.86 26.95 10.10
N GLU J 77 20.34 27.91 9.30
CA GLU J 77 19.46 28.65 8.42
C GLU J 77 18.75 27.67 7.49
N ALA J 78 19.50 26.77 6.87
CA ALA J 78 18.93 25.79 5.93
C ALA J 78 17.89 24.87 6.58
N ASP J 79 18.20 24.44 7.80
CA ASP J 79 17.29 23.55 8.51
C ASP J 79 16.01 24.30 8.83
N TYR J 80 16.17 25.54 9.29
CA TYR J 80 15.03 26.36 9.65
C TYR J 80 14.10 26.53 8.48
N GLN J 81 14.64 26.81 7.31
CA GLN J 81 13.76 26.98 6.17
C GLN J 81 13.25 25.65 5.71
N SER J 82 14.06 24.61 5.85
CA SER J 82 13.62 23.29 5.44
C SER J 82 12.37 22.96 6.25
N ALA J 83 12.46 23.25 7.55
CA ALA J 83 11.36 23.03 8.50
C ALA J 83 10.14 23.79 8.07
N GLN J 84 10.20 25.12 8.15
CA GLN J 84 9.07 25.95 7.72
C GLN J 84 8.35 25.46 6.47
N ALA J 85 9.10 24.98 5.50
CA ALA J 85 8.49 24.47 4.29
C ALA J 85 7.57 23.32 4.64
N ASN J 86 8.10 22.44 5.50
CA ASN J 86 7.39 21.25 5.95
C ASN J 86 6.10 21.68 6.66
N LEU J 87 6.24 22.55 7.66
CA LEU J 87 5.08 23.02 8.40
C LEU J 87 4.02 23.55 7.46
N ALA J 88 4.42 24.44 6.57
CA ALA J 88 3.49 25.00 5.62
C ALA J 88 2.68 23.90 4.96
N SER J 89 3.33 22.79 4.66
CA SER J 89 2.67 21.68 4.00
C SER J 89 1.72 20.89 4.90
N THR J 90 2.26 20.38 6.01
CA THR J 90 1.47 19.59 6.94
C THR J 90 0.32 20.42 7.47
N GLN J 91 0.54 21.71 7.64
CA GLN J 91 -0.52 22.56 8.16
C GLN J 91 -1.68 22.60 7.19
N GLU J 92 -1.39 22.76 5.92
CA GLU J 92 -2.46 22.80 4.94
C GLU J 92 -3.22 21.49 5.03
N GLN J 93 -2.47 20.38 4.99
CA GLN J 93 -3.02 19.02 5.05
C GLN J 93 -4.01 18.87 6.17
N ALA J 94 -3.60 19.30 7.36
CA ALA J 94 -4.43 19.22 8.55
C ALA J 94 -5.71 20.02 8.34
N GLN J 95 -5.57 21.35 8.26
CA GLN J 95 -6.70 22.24 8.05
C GLN J 95 -7.71 21.70 7.04
N ARG J 96 -7.23 21.11 5.97
CA ARG J 96 -8.13 20.59 4.95
C ARG J 96 -8.87 19.37 5.49
N TYR J 97 -8.13 18.47 6.13
CA TYR J 97 -8.71 17.28 6.69
C TYR J 97 -9.71 17.61 7.77
N LYS J 98 -9.51 18.74 8.42
CA LYS J 98 -10.41 19.17 9.46
C LYS J 98 -11.82 19.17 8.88
N LEU J 99 -11.95 19.72 7.68
CA LEU J 99 -13.26 19.82 7.05
C LEU J 99 -13.75 18.51 6.41
N LEU J 100 -12.82 17.64 6.04
CA LEU J 100 -13.18 16.36 5.42
C LEU J 100 -13.64 15.28 6.41
N VAL J 101 -13.05 15.25 7.60
CA VAL J 101 -13.43 14.29 8.63
C VAL J 101 -14.84 14.71 9.07
N ALA J 102 -15.11 16.01 8.97
CA ALA J 102 -16.40 16.57 9.31
C ALA J 102 -17.49 15.84 8.53
N ASP J 103 -17.30 15.71 7.22
CA ASP J 103 -18.29 15.05 6.37
C ASP J 103 -18.05 13.57 6.08
N GLN J 104 -17.32 12.88 6.96
CA GLN J 104 -17.05 11.45 6.77
C GLN J 104 -16.17 11.17 5.54
N ALA J 105 -15.75 12.25 4.89
CA ALA J 105 -14.90 12.18 3.69
C ALA J 105 -13.52 11.61 4.03
N VAL J 106 -13.19 11.60 5.32
CA VAL J 106 -11.93 11.10 5.82
C VAL J 106 -12.13 10.55 7.24
N SER J 107 -11.48 9.43 7.54
CA SER J 107 -11.63 8.81 8.85
C SER J 107 -11.00 9.65 9.94
N LYS J 108 -11.35 9.37 11.18
CA LYS J 108 -10.79 10.12 12.30
C LYS J 108 -9.32 9.74 12.39
N GLN J 109 -9.00 8.56 11.88
CA GLN J 109 -7.62 8.07 11.88
C GLN J 109 -6.79 8.98 10.98
N GLN J 110 -7.22 9.09 9.71
CA GLN J 110 -6.56 9.95 8.73
C GLN J 110 -6.41 11.36 9.28
N TYR J 111 -7.48 11.92 9.83
CA TYR J 111 -7.39 13.24 10.38
C TYR J 111 -6.42 13.29 11.55
N ALA J 112 -6.62 12.40 12.51
CA ALA J 112 -5.78 12.36 13.69
C ALA J 112 -4.32 12.39 13.30
N ASP J 113 -3.95 11.47 12.40
CA ASP J 113 -2.57 11.38 11.93
C ASP J 113 -2.12 12.69 11.32
N ALA J 114 -2.99 13.30 10.52
CA ALA J 114 -2.71 14.56 9.87
C ALA J 114 -2.40 15.65 10.89
N ASN J 115 -3.23 15.77 11.91
CA ASN J 115 -3.00 16.79 12.91
C ASN J 115 -1.76 16.44 13.72
N ALA J 116 -1.43 15.16 13.72
CA ALA J 116 -0.26 14.68 14.46
C ALA J 116 0.98 15.23 13.78
N ALA J 117 1.05 15.03 12.46
CA ALA J 117 2.17 15.51 11.67
C ALA J 117 2.28 17.01 11.81
N TYR J 118 1.15 17.70 11.71
CA TYR J 118 1.12 19.15 11.82
C TYR J 118 1.77 19.61 13.10
N LEU J 119 1.40 19.00 14.21
CA LEU J 119 1.95 19.37 15.51
C LEU J 119 3.44 19.12 15.60
N GLN J 120 3.89 18.07 14.95
CA GLN J 120 5.30 17.75 14.96
C GLN J 120 6.08 18.82 14.24
N SER J 121 5.61 19.17 13.04
CA SER J 121 6.23 20.20 12.21
C SER J 121 6.38 21.47 13.01
N LYS J 122 5.25 21.92 13.54
CA LYS J 122 5.20 23.11 14.35
C LYS J 122 6.27 23.09 15.45
N ALA J 123 6.50 21.92 15.99
CA ALA J 123 7.50 21.76 17.05
C ALA J 123 8.89 21.93 16.46
N ALA J 124 9.10 21.27 15.32
CA ALA J 124 10.36 21.26 14.60
C ALA J 124 10.79 22.68 14.26
N VAL J 125 9.86 23.42 13.67
CA VAL J 125 10.13 24.79 13.28
C VAL J 125 10.59 25.61 14.45
N GLU J 126 9.94 25.42 15.58
CA GLU J 126 10.29 26.20 16.76
C GLU J 126 11.67 25.92 17.24
N GLN J 127 12.09 24.67 17.09
CA GLN J 127 13.42 24.30 17.56
C GLN J 127 14.48 24.86 16.58
N ALA J 128 14.14 24.83 15.29
CA ALA J 128 15.02 25.34 14.24
C ALA J 128 15.25 26.82 14.51
N ARG J 129 14.13 27.51 14.73
CA ARG J 129 14.13 28.93 15.00
C ARG J 129 15.05 29.23 16.16
N ILE J 130 14.83 28.53 17.27
CA ILE J 130 15.67 28.75 18.44
C ILE J 130 17.15 28.56 18.13
N ASN J 131 17.50 27.51 17.39
CA ASN J 131 18.91 27.26 17.10
C ASN J 131 19.50 28.33 16.26
N LEU J 132 18.78 28.69 15.20
CA LEU J 132 19.23 29.79 14.32
C LEU J 132 19.57 31.03 15.16
N ARG J 133 18.62 31.40 16.02
CA ARG J 133 18.77 32.54 16.86
C ARG J 133 20.07 32.50 17.63
N TYR J 134 20.39 31.35 18.20
CA TYR J 134 21.60 31.28 19.03
C TYR J 134 22.89 31.44 18.23
N THR J 135 22.74 31.39 16.91
CA THR J 135 23.81 31.53 15.92
C THR J 135 24.56 32.85 16.03
N LYS J 136 23.88 33.85 16.59
CA LYS J 136 24.44 35.17 16.80
C LYS J 136 24.69 35.37 18.30
N VAL J 137 25.91 35.16 18.74
CA VAL J 137 26.25 35.31 20.15
C VAL J 137 26.18 36.79 20.54
N LEU J 138 25.15 37.17 21.31
CA LEU J 138 25.00 38.57 21.77
C LEU J 138 25.71 38.80 23.11
N SER J 139 25.81 40.05 23.56
CA SER J 139 26.44 40.37 24.85
C SER J 139 25.37 40.56 25.93
N PRO J 140 25.40 39.74 26.99
CA PRO J 140 24.40 39.87 28.05
C PRO J 140 24.38 41.22 28.79
N ILE J 141 25.53 41.81 28.97
CA ILE J 141 25.64 43.02 29.74
C ILE J 141 26.23 44.17 28.91
N SER J 142 26.22 45.37 29.44
CA SER J 142 26.84 46.48 28.74
C SER J 142 28.04 46.72 29.60
N GLY J 143 29.21 46.75 28.98
CA GLY J 143 30.42 46.96 29.73
C GLY J 143 31.59 46.87 28.78
N ARG J 144 32.74 46.53 29.34
CA ARG J 144 33.97 46.41 28.59
C ARG J 144 34.49 44.94 28.34
N ILE J 145 34.37 44.43 27.09
CA ILE J 145 34.89 43.09 26.73
C ILE J 145 36.40 43.23 26.64
N GLY J 146 37.13 42.18 27.03
CA GLY J 146 38.59 42.17 26.95
C GLY J 146 38.97 41.26 25.80
N ARG J 147 39.98 40.42 26.01
CA ARG J 147 40.43 39.48 24.96
C ARG J 147 39.34 38.47 24.64
N SER J 148 39.41 37.88 23.46
CA SER J 148 38.45 36.85 23.09
C SER J 148 39.20 35.53 23.20
N ALA J 149 38.83 34.68 24.17
CA ALA J 149 39.50 33.39 24.36
C ALA J 149 39.29 32.40 23.21
N VAL J 150 38.47 32.78 22.23
CA VAL J 150 38.22 31.89 21.11
C VAL J 150 38.61 32.58 19.82
N THR J 151 39.36 31.88 18.97
CA THR J 151 39.80 32.45 17.70
C THR J 151 38.72 32.25 16.66
N GLU J 152 38.82 32.96 15.55
CA GLU J 152 37.81 32.81 14.51
C GLU J 152 38.05 31.43 13.95
N GLY J 153 37.08 30.90 13.22
CA GLY J 153 37.25 29.58 12.68
C GLY J 153 37.26 28.44 13.70
N ALA J 154 37.37 28.77 14.98
CA ALA J 154 37.39 27.76 16.04
C ALA J 154 36.06 27.01 16.16
N LEU J 155 36.11 25.83 16.77
CA LEU J 155 34.90 25.02 16.96
C LEU J 155 34.32 25.41 18.30
N VAL J 156 33.01 25.55 18.35
CA VAL J 156 32.39 25.96 19.60
C VAL J 156 31.24 24.98 19.94
N THR J 157 31.15 24.62 21.21
CA THR J 157 30.14 23.63 21.62
C THR J 157 29.23 24.09 22.75
N ASN J 158 27.93 23.86 22.54
CA ASN J 158 26.95 24.19 23.56
C ASN J 158 27.27 23.44 24.84
N GLY J 159 27.36 24.13 25.96
CA GLY J 159 27.68 23.44 27.19
C GLY J 159 29.15 23.48 27.49
N GLN J 160 29.97 23.80 26.49
CA GLN J 160 31.41 23.82 26.72
C GLN J 160 31.82 24.50 27.99
N ALA J 161 32.86 23.97 28.61
CA ALA J 161 33.36 24.52 29.87
C ALA J 161 33.76 25.97 29.81
N ASN J 162 34.68 26.33 28.93
CA ASN J 162 35.17 27.70 28.84
C ASN J 162 34.33 28.77 28.15
N ALA J 163 34.46 30.00 28.66
CA ALA J 163 33.71 31.11 28.10
C ALA J 163 34.49 31.70 26.93
N MET J 164 33.75 32.20 25.95
CA MET J 164 34.34 32.81 24.77
C MET J 164 34.97 34.17 25.14
N ALA J 165 34.38 34.86 26.13
CA ALA J 165 34.86 36.16 26.53
C ALA J 165 34.10 36.72 27.73
N THR J 166 34.67 37.73 28.36
CA THR J 166 34.06 38.36 29.53
C THR J 166 33.86 39.88 29.41
N VAL J 167 32.61 40.31 29.48
CA VAL J 167 32.26 41.73 29.42
C VAL J 167 32.22 42.28 30.86
N GLN J 168 32.87 43.40 31.13
CA GLN J 168 32.79 43.96 32.50
C GLN J 168 32.42 45.44 32.52
N GLN J 169 31.33 45.76 33.22
CA GLN J 169 30.91 47.16 33.35
C GLN J 169 31.76 47.83 34.43
N LEU J 170 32.61 48.75 34.00
CA LEU J 170 33.52 49.46 34.89
C LEU J 170 33.21 50.93 35.12
N ASP J 171 32.09 51.46 34.61
CA ASP J 171 31.86 52.87 34.87
C ASP J 171 31.54 52.96 36.34
N PRO J 172 30.25 53.04 36.74
CA PRO J 172 30.28 53.12 38.20
C PRO J 172 31.15 51.93 38.61
N ILE J 173 32.15 52.17 39.43
CA ILE J 173 33.01 51.07 39.80
C ILE J 173 33.00 50.92 41.31
N TYR J 174 33.05 49.68 41.78
CA TYR J 174 33.01 49.42 43.21
C TYR J 174 34.37 49.50 43.83
N VAL J 175 34.37 49.68 45.14
CA VAL J 175 35.58 49.68 45.93
C VAL J 175 35.17 48.90 47.14
N ASP J 176 35.64 47.66 47.24
CA ASP J 176 35.32 46.79 48.36
C ASP J 176 36.21 47.16 49.52
N VAL J 177 35.57 47.61 50.60
CA VAL J 177 36.26 48.01 51.83
C VAL J 177 35.98 47.03 52.95
N THR J 178 37.02 46.66 53.69
CA THR J 178 36.85 45.70 54.77
C THR J 178 37.22 46.27 56.14
N GLN J 179 36.21 46.40 57.01
CA GLN J 179 36.36 46.92 58.36
C GLN J 179 35.88 45.90 59.38
N PRO J 180 36.45 45.91 60.61
CA PRO J 180 36.03 44.96 61.65
C PRO J 180 34.59 45.31 62.04
N SER J 181 33.74 44.30 62.14
CA SER J 181 32.33 44.48 62.46
C SER J 181 32.02 45.65 63.40
N THR J 182 32.91 45.89 64.35
CA THR J 182 32.76 46.97 65.31
C THR J 182 32.72 48.31 64.60
N ALA J 183 33.80 48.59 63.87
CA ALA J 183 33.97 49.83 63.12
C ALA J 183 32.76 50.13 62.24
N LEU J 184 32.22 49.11 61.59
CA LEU J 184 31.07 49.29 60.71
C LEU J 184 29.91 49.91 61.50
N LEU J 185 29.78 49.54 62.77
CA LEU J 185 28.71 50.10 63.61
C LEU J 185 29.05 51.53 63.97
N ARG J 186 30.28 51.73 64.45
CA ARG J 186 30.77 53.04 64.83
C ARG J 186 30.44 54.05 63.73
N LEU J 187 30.80 53.71 62.49
CA LEU J 187 30.53 54.57 61.36
C LEU J 187 29.04 54.70 61.12
N ARG J 188 28.31 53.62 61.29
CA ARG J 188 26.87 53.64 61.07
C ARG J 188 26.16 54.66 61.96
N ARG J 189 26.67 54.84 63.18
CA ARG J 189 26.09 55.81 64.11
C ARG J 189 26.34 57.22 63.60
N GLU J 190 27.62 57.54 63.47
CA GLU J 190 28.04 58.84 63.00
C GLU J 190 27.22 59.22 61.80
N LEU J 191 26.93 58.25 60.93
CA LEU J 191 26.13 58.54 59.76
C LEU J 191 24.76 59.07 60.18
N ALA J 192 24.15 58.41 61.17
CA ALA J 192 22.83 58.80 61.66
C ALA J 192 22.87 60.04 62.56
N SER J 193 23.93 60.15 63.36
CA SER J 193 24.08 61.28 64.24
C SER J 193 24.63 62.48 63.47
N GLY J 194 24.39 62.53 62.17
CA GLY J 194 24.87 63.62 61.34
C GLY J 194 26.38 63.90 61.37
N GLN J 195 27.11 63.17 62.20
CA GLN J 195 28.56 63.36 62.33
C GLN J 195 29.31 62.96 61.06
N LEU J 196 28.58 62.47 60.07
CA LEU J 196 29.16 62.06 58.79
C LEU J 196 28.39 62.71 57.67
N GLU J 197 29.09 63.08 56.60
CA GLU J 197 28.43 63.74 55.48
C GLU J 197 27.53 62.82 54.69
N ARG J 198 26.23 62.95 54.87
CA ARG J 198 25.26 62.13 54.15
C ARG J 198 25.57 62.10 52.66
N ALA J 199 25.14 61.03 52.00
CA ALA J 199 25.35 60.86 50.57
C ALA J 199 24.10 60.20 50.05
N GLY J 200 23.26 59.77 51.00
CA GLY J 200 22.01 59.10 50.69
C GLY J 200 21.68 58.26 51.90
N ASP J 201 20.55 57.55 51.87
CA ASP J 201 20.18 56.70 53.00
C ASP J 201 21.27 55.64 53.14
N ASN J 202 21.86 55.55 54.33
CA ASN J 202 22.91 54.57 54.56
C ASN J 202 24.18 54.77 53.77
N ALA J 203 24.39 55.96 53.23
CA ALA J 203 25.58 56.23 52.46
C ALA J 203 26.23 57.54 52.84
N ALA J 204 27.54 57.53 53.05
CA ALA J 204 28.28 58.73 53.38
C ALA J 204 29.20 59.09 52.21
N LYS J 205 29.41 60.38 51.97
CA LYS J 205 30.28 60.79 50.87
C LYS J 205 31.72 60.39 51.17
N VAL J 206 32.44 59.97 50.14
CA VAL J 206 33.82 59.55 50.32
C VAL J 206 34.71 59.94 49.14
N SER J 207 36.01 60.03 49.42
CA SER J 207 37.01 60.35 48.41
C SER J 207 37.92 59.15 48.25
N LEU J 208 38.59 59.06 47.11
CA LEU J 208 39.46 57.95 46.85
C LEU J 208 40.93 58.40 46.73
N LYS J 209 41.82 57.59 47.27
CA LYS J 209 43.24 57.88 47.21
C LYS J 209 43.97 56.66 46.64
N LEU J 210 44.38 56.75 45.38
CA LEU J 210 45.07 55.65 44.70
C LEU J 210 46.34 55.22 45.43
N GLU J 211 46.77 53.97 45.23
CA GLU J 211 48.00 53.50 45.90
C GLU J 211 49.15 54.31 45.37
N ASP J 212 48.83 55.11 44.38
CA ASP J 212 49.75 55.99 43.71
C ASP J 212 50.13 57.07 44.71
N GLY J 213 49.14 57.49 45.48
CA GLY J 213 49.31 58.55 46.46
C GLY J 213 48.35 59.65 46.01
N SER J 214 48.16 59.74 44.71
CA SER J 214 47.29 60.74 44.10
C SER J 214 45.84 60.69 44.61
N GLN J 215 45.10 61.76 44.32
CA GLN J 215 43.70 61.88 44.75
C GLN J 215 42.76 61.79 43.57
N TYR J 216 42.00 60.71 43.50
CA TYR J 216 41.08 60.57 42.39
C TYR J 216 40.17 61.80 42.41
N PRO J 217 40.16 62.54 41.31
CA PRO J 217 39.36 63.75 41.15
C PRO J 217 37.91 63.65 41.59
N LEU J 218 37.19 62.65 41.13
CA LEU J 218 35.79 62.51 41.50
C LEU J 218 35.57 61.83 42.85
N GLU J 219 34.34 61.91 43.34
CA GLU J 219 34.05 61.26 44.60
C GLU J 219 32.75 60.49 44.54
N GLY J 220 32.57 59.57 45.48
CA GLY J 220 31.34 58.79 45.46
C GLY J 220 30.81 58.32 46.79
N ARG J 221 29.73 57.54 46.69
CA ARG J 221 28.99 56.95 47.81
C ARG J 221 29.70 55.79 48.51
N LEU J 222 29.52 55.72 49.82
CA LEU J 222 30.04 54.60 50.57
C LEU J 222 28.82 53.98 51.25
N GLU J 223 28.13 53.08 50.56
CA GLU J 223 26.96 52.37 51.11
C GLU J 223 27.38 51.55 52.33
N PHE J 224 26.55 51.55 53.36
CA PHE J 224 26.86 50.84 54.59
C PHE J 224 26.25 49.44 54.73
N SER J 225 25.28 49.10 53.88
CA SER J 225 24.66 47.78 53.95
C SER J 225 25.78 46.78 53.68
N GLU J 226 25.86 45.73 54.49
CA GLU J 226 26.90 44.73 54.34
C GLU J 226 26.68 43.85 53.11
N VAL J 227 27.79 43.45 52.52
CA VAL J 227 27.76 42.61 51.33
C VAL J 227 28.25 41.20 51.70
N SER J 228 29.18 41.13 52.66
CA SER J 228 29.69 39.85 53.09
C SER J 228 30.45 39.94 54.40
N VAL J 229 30.52 38.82 55.13
CA VAL J 229 31.22 38.76 56.41
C VAL J 229 32.06 37.50 56.52
N ASP J 230 33.36 37.66 56.74
CA ASP J 230 34.25 36.52 56.91
C ASP J 230 34.08 36.08 58.35
N GLU J 231 33.10 35.22 58.62
CA GLU J 231 32.83 34.75 59.98
C GLU J 231 34.06 34.21 60.71
N GLY J 232 35.08 33.83 59.96
CA GLY J 232 36.29 33.35 60.58
C GLY J 232 37.15 34.50 61.08
N THR J 233 36.80 35.71 60.66
CA THR J 233 37.52 36.92 61.06
C THR J 233 36.52 37.88 61.71
N GLY J 234 35.24 37.69 61.41
CA GLY J 234 34.20 38.54 61.95
C GLY J 234 34.08 39.86 61.19
N SER J 235 35.10 40.17 60.39
CA SER J 235 35.16 41.41 59.60
C SER J 235 34.12 41.45 58.48
N VAL J 236 33.59 42.66 58.26
CA VAL J 236 32.56 42.89 57.24
C VAL J 236 33.17 43.54 56.02
N THR J 237 32.45 43.45 54.90
CA THR J 237 32.89 44.04 53.65
C THR J 237 31.74 44.84 53.06
N ILE J 238 31.98 46.14 52.90
CA ILE J 238 31.00 47.07 52.33
C ILE J 238 31.57 47.67 51.06
N ARG J 239 30.69 48.22 50.23
CA ARG J 239 31.11 48.84 48.97
C ARG J 239 30.91 50.34 48.76
N ALA J 240 31.96 50.96 48.19
CA ALA J 240 31.95 52.37 47.84
C ALA J 240 31.67 52.39 46.31
N VAL J 241 30.98 53.42 45.81
CA VAL J 241 30.72 53.48 44.38
C VAL J 241 31.22 54.80 43.77
N PHE J 242 32.26 54.74 42.95
CA PHE J 242 32.77 55.95 42.33
C PHE J 242 32.45 56.04 40.85
N PRO J 243 32.31 57.27 40.33
CA PRO J 243 32.01 57.40 38.90
C PRO J 243 33.34 57.16 38.23
N ASN J 244 33.32 56.51 37.08
CA ASN J 244 34.59 56.21 36.44
C ASN J 244 34.51 56.31 34.96
N PRO J 245 34.28 57.52 34.42
CA PRO J 245 34.21 57.70 32.96
C PRO J 245 35.69 57.82 32.65
N ASN J 246 36.06 58.01 31.40
CA ASN J 246 37.51 58.12 31.11
C ASN J 246 38.18 56.80 31.43
N ASN J 247 37.51 55.95 32.21
CA ASN J 247 38.02 54.64 32.58
C ASN J 247 39.39 54.68 33.25
N GLU J 248 39.64 55.69 34.09
CA GLU J 248 40.93 55.79 34.76
C GLU J 248 41.10 54.70 35.83
N LEU J 249 39.99 54.26 36.42
CA LEU J 249 40.05 53.24 37.46
C LEU J 249 39.84 51.87 36.85
N LEU J 250 40.67 50.91 37.27
CA LEU J 250 40.55 49.53 36.79
C LEU J 250 40.46 48.60 37.98
N PRO J 251 39.87 47.42 37.78
CA PRO J 251 39.71 46.42 38.83
C PRO J 251 41.04 45.93 39.37
N GLY J 252 41.13 45.73 40.68
CA GLY J 252 42.37 45.22 41.24
C GLY J 252 43.27 46.21 41.91
N MET J 253 42.98 47.49 41.74
CA MET J 253 43.79 48.54 42.34
C MET J 253 43.61 48.50 43.86
N PHE J 254 44.71 48.73 44.58
CA PHE J 254 44.67 48.76 46.05
C PHE J 254 44.51 50.23 46.42
N VAL J 255 43.31 50.62 46.82
CA VAL J 255 43.07 52.02 47.13
C VAL J 255 42.70 52.29 48.57
N HIS J 256 42.28 53.53 48.82
CA HIS J 256 41.87 53.99 50.15
C HIS J 256 40.69 54.95 50.06
N ALA J 257 39.60 54.61 50.72
CA ALA J 257 38.44 55.48 50.75
C ALA J 257 38.69 56.44 51.91
N GLN J 258 38.18 57.66 51.84
CA GLN J 258 38.38 58.62 52.91
C GLN J 258 37.08 59.24 53.42
N LEU J 259 36.95 59.28 54.75
CA LEU J 259 35.77 59.83 55.43
C LEU J 259 36.17 60.93 56.41
N THR K 29 28.03 38.00 85.72
CA THR K 29 28.66 36.81 85.07
C THR K 29 28.71 36.98 83.55
N GLU K 30 29.91 36.92 82.99
CA GLU K 30 30.09 37.09 81.55
C GLU K 30 30.52 35.85 80.80
N LEU K 31 29.69 35.42 79.86
CA LEU K 31 29.95 34.23 79.06
C LEU K 31 30.44 34.60 77.65
N PRO K 32 31.66 34.17 77.28
CA PRO K 32 32.20 34.46 75.95
C PRO K 32 31.53 33.63 74.85
N GLY K 33 31.39 34.21 73.66
CA GLY K 33 30.76 33.50 72.56
C GLY K 33 30.96 34.15 71.20
N ARG K 34 30.47 33.48 70.15
CA ARG K 34 30.56 33.97 68.78
C ARG K 34 29.17 34.11 68.22
N THR K 35 28.94 35.14 67.42
CA THR K 35 27.62 35.32 66.82
C THR K 35 27.53 34.40 65.60
N ASN K 36 26.35 33.87 65.32
CA ASN K 36 26.20 33.00 64.17
C ASN K 36 24.84 33.20 63.55
N ALA K 37 24.76 32.99 62.24
CA ALA K 37 23.49 33.18 61.57
C ALA K 37 22.45 32.34 62.26
N PHE K 38 21.21 32.76 62.16
CA PHE K 38 20.13 32.03 62.77
C PHE K 38 19.78 30.85 61.88
N ARG K 39 19.92 31.03 60.57
CA ARG K 39 19.60 30.00 59.60
C ARG K 39 20.39 30.25 58.31
N ILE K 40 20.67 29.21 57.52
CA ILE K 40 21.50 29.36 56.32
C ILE K 40 21.17 28.38 55.23
N ALA K 41 20.86 28.88 54.04
CA ALA K 41 20.55 28.02 52.92
C ALA K 41 21.52 28.30 51.76
N GLU K 42 21.60 27.35 50.82
CA GLU K 42 22.47 27.49 49.67
C GLU K 42 21.57 27.52 48.45
N VAL K 43 21.96 28.30 47.45
CA VAL K 43 21.18 28.41 46.22
C VAL K 43 21.98 27.60 45.19
N ARG K 44 21.32 26.71 44.45
CA ARG K 44 22.03 25.87 43.47
C ARG K 44 21.13 25.56 42.30
N PRO K 45 21.72 25.22 41.16
CA PRO K 45 20.89 24.91 39.99
C PRO K 45 20.52 23.42 40.01
N GLN K 46 19.38 23.09 39.41
CA GLN K 46 18.94 21.71 39.38
C GLN K 46 18.55 21.40 37.95
N VAL K 47 19.07 22.19 37.04
CA VAL K 47 18.79 22.04 35.62
C VAL K 47 19.98 22.71 34.95
N ASN K 48 20.33 22.21 33.78
CA ASN K 48 21.47 22.71 33.04
C ASN K 48 21.18 23.90 32.17
N GLY K 49 22.10 24.86 32.12
CA GLY K 49 21.83 26.01 31.26
C GLY K 49 22.67 27.23 31.47
N ILE K 50 22.27 28.31 30.79
CA ILE K 50 22.96 29.60 30.91
C ILE K 50 22.18 30.58 31.79
N ILE K 51 22.88 31.22 32.72
CA ILE K 51 22.25 32.22 33.59
C ILE K 51 21.83 33.43 32.72
N LEU K 52 20.53 33.67 32.54
CA LEU K 52 20.06 34.81 31.75
C LEU K 52 20.10 36.05 32.63
N LYS K 53 19.42 36.00 33.76
CA LYS K 53 19.40 37.14 34.66
C LYS K 53 19.59 36.78 36.12
N ARG K 54 20.16 37.71 36.86
CA ARG K 54 20.36 37.52 38.27
C ARG K 54 19.50 38.56 39.03
N LEU K 55 18.21 38.26 39.21
CA LEU K 55 17.23 39.11 39.88
C LEU K 55 17.39 39.49 41.36
N PHE K 56 18.56 39.85 41.86
CA PHE K 56 18.61 40.22 43.26
C PHE K 56 19.84 41.05 43.56
N LYS K 57 19.74 41.89 44.58
CA LYS K 57 20.87 42.75 44.89
C LYS K 57 21.87 42.15 45.86
N GLU K 58 23.10 41.96 45.42
CA GLU K 58 24.08 41.39 46.33
C GLU K 58 23.98 42.15 47.62
N GLY K 59 23.91 41.45 48.73
CA GLY K 59 23.81 42.11 50.02
C GLY K 59 22.38 42.49 50.43
N SER K 60 21.37 42.21 49.63
CA SER K 60 20.02 42.59 50.00
C SER K 60 19.28 41.57 50.91
N ASP K 61 17.97 41.75 51.05
CA ASP K 61 17.16 40.88 51.88
C ASP K 61 16.18 40.24 50.93
N VAL K 62 16.13 38.91 50.95
CA VAL K 62 15.25 38.17 50.07
C VAL K 62 14.28 37.31 50.86
N LYS K 63 13.18 36.95 50.22
CA LYS K 63 12.14 36.12 50.84
C LYS K 63 12.11 34.71 50.27
N ALA K 64 11.97 33.72 51.14
CA ALA K 64 11.92 32.34 50.67
C ALA K 64 10.85 32.24 49.59
N GLY K 65 11.20 31.64 48.45
CA GLY K 65 10.26 31.47 47.36
C GLY K 65 10.47 32.48 46.24
N GLN K 66 11.32 33.45 46.53
CA GLN K 66 11.60 34.54 45.61
C GLN K 66 12.55 34.12 44.48
N GLN K 67 12.18 34.39 43.24
CA GLN K 67 13.08 34.06 42.14
C GLN K 67 14.42 34.81 42.33
N LEU K 68 15.52 34.08 42.34
CA LEU K 68 16.83 34.68 42.51
C LEU K 68 17.62 34.73 41.21
N TYR K 69 17.29 33.81 40.30
CA TYR K 69 17.95 33.67 39.01
C TYR K 69 17.02 33.16 37.95
N GLN K 70 17.37 33.42 36.70
CA GLN K 70 16.58 32.92 35.59
C GLN K 70 17.56 32.22 34.66
N ILE K 71 17.33 30.94 34.41
CA ILE K 71 18.20 30.20 33.52
C ILE K 71 17.54 30.30 32.15
N ASP K 72 18.29 30.75 31.15
CA ASP K 72 17.72 30.89 29.81
C ASP K 72 16.89 29.62 29.54
N PRO K 73 15.57 29.76 29.41
CA PRO K 73 14.57 28.72 29.17
C PRO K 73 14.07 28.55 27.76
N ALA K 74 14.66 29.23 26.80
CA ALA K 74 14.18 29.10 25.43
C ALA K 74 13.79 27.67 25.09
N THR K 75 14.74 26.76 25.31
CA THR K 75 14.60 25.33 25.00
C THR K 75 13.72 24.46 25.88
N TYR K 76 13.91 24.57 27.19
CA TYR K 76 13.10 23.83 28.14
C TYR K 76 11.65 24.12 27.82
N GLU K 77 11.37 25.41 27.59
CA GLU K 77 10.04 25.87 27.25
C GLU K 77 9.59 25.27 25.92
N ALA K 78 10.55 25.08 25.03
CA ALA K 78 10.27 24.53 23.70
C ALA K 78 9.92 23.09 23.83
N ASP K 79 10.76 22.37 24.59
CA ASP K 79 10.57 20.93 24.79
C ASP K 79 9.24 20.67 25.49
N TYR K 80 8.97 21.42 26.54
CA TYR K 80 7.73 21.25 27.25
C TYR K 80 6.54 21.35 26.32
N GLN K 81 6.51 22.36 25.47
CA GLN K 81 5.38 22.50 24.56
C GLN K 81 5.48 21.48 23.45
N SER K 82 6.69 21.11 23.09
CA SER K 82 6.84 20.11 22.06
C SER K 82 6.20 18.83 22.56
N ALA K 83 6.42 18.57 23.85
CA ALA K 83 5.87 17.38 24.51
C ALA K 83 4.35 17.48 24.54
N GLN K 84 3.82 18.41 25.33
CA GLN K 84 2.37 18.59 25.42
C GLN K 84 1.64 18.36 24.11
N ALA K 85 2.26 18.75 23.00
CA ALA K 85 1.64 18.58 21.70
C ALA K 85 1.45 17.10 21.51
N ASN K 86 2.56 16.39 21.70
CA ASN K 86 2.61 14.94 21.58
C ASN K 86 1.53 14.25 22.43
N LEU K 87 1.55 14.51 23.73
CA LEU K 87 0.56 13.95 24.64
C LEU K 87 -0.86 14.16 24.11
N ALA K 88 -1.21 15.41 23.82
CA ALA K 88 -2.54 15.71 23.29
C ALA K 88 -2.89 14.79 22.12
N SER K 89 -1.89 14.46 21.31
CA SER K 89 -2.08 13.60 20.16
C SER K 89 -2.33 12.15 20.55
N THR K 90 -1.33 11.53 21.17
CA THR K 90 -1.40 10.13 21.63
C THR K 90 -2.61 9.94 22.53
N GLN K 91 -2.89 10.90 23.41
CA GLN K 91 -4.03 10.77 24.29
C GLN K 91 -5.31 10.56 23.52
N GLU K 92 -5.49 11.34 22.46
CA GLU K 92 -6.69 11.21 21.65
C GLU K 92 -6.67 9.80 21.05
N GLN K 93 -5.55 9.44 20.42
CA GLN K 93 -5.38 8.13 19.81
C GLN K 93 -5.89 7.03 20.73
N ALA K 94 -5.38 7.03 21.96
CA ALA K 94 -5.75 6.06 22.97
C ALA K 94 -7.25 6.07 23.21
N GLN K 95 -7.75 7.13 23.82
CA GLN K 95 -9.18 7.26 24.10
C GLN K 95 -10.07 6.75 22.96
N ARG K 96 -9.60 6.88 21.73
CA ARG K 96 -10.39 6.44 20.60
C ARG K 96 -10.29 4.92 20.42
N TYR K 97 -9.06 4.41 20.31
CA TYR K 97 -8.86 2.97 20.14
C TYR K 97 -9.58 2.16 21.21
N LYS K 98 -9.71 2.74 22.39
CA LYS K 98 -10.39 2.08 23.49
C LYS K 98 -11.79 1.62 23.08
N LEU K 99 -12.61 2.58 22.65
CA LEU K 99 -13.99 2.33 22.21
C LEU K 99 -14.04 1.51 20.92
N LEU K 100 -12.87 1.24 20.34
CA LEU K 100 -12.83 0.47 19.10
C LEU K 100 -12.36 -0.96 19.30
N VAL K 101 -11.72 -1.20 20.44
CA VAL K 101 -11.27 -2.54 20.79
C VAL K 101 -12.50 -3.13 21.45
N ALA K 102 -13.36 -2.24 21.95
CA ALA K 102 -14.61 -2.65 22.61
C ALA K 102 -15.64 -3.04 21.55
N ASP K 103 -15.16 -3.32 20.33
CA ASP K 103 -16.02 -3.70 19.22
C ASP K 103 -15.23 -4.64 18.32
N GLN K 104 -14.15 -5.20 18.86
CA GLN K 104 -13.29 -6.12 18.11
C GLN K 104 -12.84 -5.47 16.81
N ALA K 105 -13.23 -4.21 16.60
CA ALA K 105 -12.89 -3.46 15.40
C ALA K 105 -11.40 -3.11 15.33
N VAL K 106 -10.66 -3.52 16.35
CA VAL K 106 -9.21 -3.26 16.42
C VAL K 106 -8.52 -4.37 17.22
N SER K 107 -7.34 -4.78 16.75
CA SER K 107 -6.58 -5.82 17.42
C SER K 107 -6.43 -5.47 18.90
N LYS K 108 -6.28 -6.48 19.74
CA LYS K 108 -6.12 -6.25 21.17
C LYS K 108 -4.69 -5.80 21.41
N GLN K 109 -3.77 -6.26 20.57
CA GLN K 109 -2.37 -5.90 20.68
C GLN K 109 -2.17 -4.43 20.38
N GLN K 110 -2.95 -3.93 19.42
CA GLN K 110 -2.89 -2.54 19.01
C GLN K 110 -3.31 -1.58 20.11
N TYR K 111 -4.52 -1.72 20.64
CA TYR K 111 -4.96 -0.82 21.69
C TYR K 111 -3.95 -0.73 22.82
N ALA K 112 -3.27 -1.84 23.09
CA ALA K 112 -2.27 -1.89 24.14
C ALA K 112 -1.15 -0.91 23.78
N ASP K 113 -0.65 -1.03 22.56
CA ASP K 113 0.42 -0.16 22.09
C ASP K 113 -0.01 1.32 22.16
N ALA K 114 -1.25 1.60 21.79
CA ALA K 114 -1.77 2.94 21.82
C ALA K 114 -1.72 3.49 23.24
N ASN K 115 -2.16 2.70 24.21
CA ASN K 115 -2.15 3.18 25.58
C ASN K 115 -0.72 3.21 26.12
N ALA K 116 0.18 2.53 25.42
CA ALA K 116 1.56 2.50 25.83
C ALA K 116 2.13 3.88 25.56
N ALA K 117 1.99 4.30 24.30
CA ALA K 117 2.45 5.59 23.84
C ALA K 117 1.84 6.67 24.71
N TYR K 118 0.54 6.61 24.89
CA TYR K 118 -0.12 7.60 25.71
C TYR K 118 0.55 7.79 27.05
N LEU K 119 0.93 6.69 27.67
CA LEU K 119 1.56 6.74 28.98
C LEU K 119 2.95 7.31 28.92
N GLN K 120 3.69 6.95 27.88
CA GLN K 120 5.03 7.47 27.72
C GLN K 120 4.97 8.99 27.58
N SER K 121 4.07 9.48 26.72
CA SER K 121 3.90 10.90 26.50
C SER K 121 3.64 11.60 27.82
N LYS K 122 2.60 11.15 28.51
CA LYS K 122 2.21 11.70 29.79
C LYS K 122 3.41 11.82 30.74
N ALA K 123 4.35 10.89 30.61
CA ALA K 123 5.55 10.86 31.44
C ALA K 123 6.53 11.94 31.01
N ALA K 124 6.73 12.02 29.69
CA ALA K 124 7.62 12.97 29.05
C ALA K 124 7.22 14.38 29.44
N VAL K 125 5.91 14.64 29.36
CA VAL K 125 5.36 15.94 29.67
C VAL K 125 5.69 16.33 31.08
N GLU K 126 5.56 15.38 32.00
CA GLU K 126 5.80 15.67 33.39
C GLU K 126 7.25 16.01 33.65
N GLN K 127 8.14 15.35 32.93
CA GLN K 127 9.56 15.61 33.13
C GLN K 127 9.91 17.00 32.56
N ALA K 128 9.32 17.31 31.41
CA ALA K 128 9.52 18.59 30.74
C ALA K 128 9.03 19.67 31.68
N ARG K 129 7.82 19.49 32.20
CA ARG K 129 7.26 20.46 33.10
C ARG K 129 8.22 20.69 34.25
N ILE K 130 8.74 19.61 34.83
CA ILE K 130 9.65 19.73 35.97
C ILE K 130 10.87 20.56 35.62
N ASN K 131 11.53 20.23 34.50
CA ASN K 131 12.73 20.97 34.11
C ASN K 131 12.46 22.43 33.88
N LEU K 132 11.37 22.72 33.20
CA LEU K 132 11.04 24.12 32.94
C LEU K 132 10.97 24.84 34.27
N ARG K 133 10.20 24.29 35.20
CA ARG K 133 10.04 24.89 36.50
C ARG K 133 11.36 25.21 37.18
N TYR K 134 12.38 24.35 37.04
CA TYR K 134 13.65 24.61 37.71
C TYR K 134 14.46 25.74 37.06
N THR K 135 13.93 26.21 35.94
CA THR K 135 14.49 27.29 35.14
C THR K 135 14.48 28.59 35.94
N LYS K 136 13.57 28.68 36.91
CA LYS K 136 13.45 29.84 37.80
C LYS K 136 13.99 29.46 39.17
N VAL K 137 15.27 29.70 39.39
CA VAL K 137 15.90 29.38 40.66
C VAL K 137 15.36 30.19 41.84
N LEU K 138 14.50 29.61 42.67
CA LEU K 138 13.95 30.34 43.82
C LEU K 138 14.83 30.28 45.07
N SER K 139 14.54 31.14 46.04
CA SER K 139 15.30 31.17 47.29
C SER K 139 14.63 30.26 48.32
N PRO K 140 15.38 29.31 48.91
CA PRO K 140 14.81 28.40 49.90
C PRO K 140 14.41 29.02 51.25
N ILE K 141 15.18 30.00 51.68
CA ILE K 141 14.94 30.63 52.95
C ILE K 141 14.69 32.13 52.81
N SER K 142 14.23 32.75 53.88
CA SER K 142 14.03 34.20 53.87
C SER K 142 15.23 34.67 54.66
N GLY K 143 15.97 35.63 54.14
CA GLY K 143 17.13 36.10 54.86
C GLY K 143 17.86 37.09 54.02
N ARG K 144 19.17 37.14 54.21
CA ARG K 144 20.03 38.07 53.50
C ARG K 144 21.04 37.42 52.53
N ILE K 145 20.79 37.53 51.21
CA ILE K 145 21.74 37.01 50.20
C ILE K 145 22.90 37.99 50.17
N GLY K 146 24.08 37.49 49.81
CA GLY K 146 25.27 38.33 49.69
C GLY K 146 25.70 38.30 48.23
N ARG K 147 27.01 38.23 48.02
CA ARG K 147 27.54 38.17 46.66
C ARG K 147 27.01 36.96 45.89
N SER K 148 26.91 37.08 44.58
CA SER K 148 26.46 35.96 43.75
C SER K 148 27.72 35.35 43.18
N ALA K 149 28.04 34.13 43.59
CA ALA K 149 29.24 33.47 43.10
C ALA K 149 29.18 33.15 41.62
N VAL K 150 28.06 33.38 40.98
CA VAL K 150 27.92 33.11 39.56
C VAL K 150 27.58 34.39 38.77
N THR K 151 28.29 34.67 37.68
CA THR K 151 28.03 35.86 36.88
C THR K 151 26.89 35.56 35.96
N GLU K 152 26.33 36.59 35.31
CA GLU K 152 25.23 36.34 34.37
C GLU K 152 25.92 35.71 33.17
N GLY K 153 25.13 35.08 32.32
CA GLY K 153 25.70 34.45 31.14
C GLY K 153 26.59 33.24 31.43
N ALA K 154 26.83 32.95 32.70
CA ALA K 154 27.64 31.79 33.10
C ALA K 154 26.93 30.44 32.85
N LEU K 155 27.74 29.39 32.71
CA LEU K 155 27.22 28.04 32.48
C LEU K 155 26.94 27.44 33.84
N VAL K 156 25.76 26.86 33.99
CA VAL K 156 25.38 26.29 35.27
C VAL K 156 24.97 24.80 35.07
N THR K 157 25.48 23.93 35.94
CA THR K 157 25.15 22.51 35.80
C THR K 157 24.51 21.85 37.00
N ASN K 158 23.48 21.05 36.73
CA ASN K 158 22.81 20.33 37.80
C ASN K 158 23.82 19.41 38.52
N GLY K 159 23.85 19.49 39.84
CA GLY K 159 24.80 18.67 40.55
C GLY K 159 26.14 19.34 40.72
N GLN K 160 26.34 20.51 40.11
CA GLN K 160 27.63 21.17 40.24
C GLN K 160 28.03 21.35 41.69
N ALA K 161 29.32 21.26 41.94
CA ALA K 161 29.86 21.42 43.28
C ALA K 161 29.46 22.70 43.97
N ASN K 162 29.91 23.82 43.41
CA ASN K 162 29.67 25.14 43.99
C ASN K 162 28.27 25.71 43.96
N ALA K 163 27.94 26.45 45.01
CA ALA K 163 26.63 27.08 45.10
C ALA K 163 26.65 28.45 44.41
N MET K 164 25.52 28.80 43.81
CA MET K 164 25.37 30.07 43.15
C MET K 164 25.37 31.22 44.18
N ALA K 165 24.73 31.02 45.33
CA ALA K 165 24.68 32.06 46.37
C ALA K 165 24.19 31.52 47.71
N THR K 166 24.38 32.31 48.76
CA THR K 166 23.98 31.93 50.13
C THR K 166 23.08 32.94 50.87
N VAL K 167 21.88 32.51 51.25
CA VAL K 167 20.95 33.36 52.01
C VAL K 167 21.21 33.08 53.49
N GLN K 168 21.01 34.05 54.36
CA GLN K 168 21.25 33.81 55.78
C GLN K 168 20.32 34.65 56.62
N GLN K 169 19.49 34.01 57.44
CA GLN K 169 18.61 34.74 58.34
C GLN K 169 19.50 35.30 59.43
N LEU K 170 19.53 36.62 59.55
CA LEU K 170 20.38 37.23 60.55
C LEU K 170 19.58 38.03 61.54
N ASP K 171 18.26 38.07 61.41
CA ASP K 171 17.48 38.84 62.38
C ASP K 171 17.63 38.12 63.68
N PRO K 172 16.63 37.31 64.10
CA PRO K 172 17.04 36.73 65.39
C PRO K 172 18.41 36.13 65.11
N ILE K 173 19.41 36.47 65.90
CA ILE K 173 20.73 35.96 65.62
C ILE K 173 21.28 35.17 66.81
N TYR K 174 21.97 34.06 66.54
CA TYR K 174 22.52 33.25 67.61
C TYR K 174 23.82 33.78 68.12
N VAL K 175 24.18 33.33 69.32
CA VAL K 175 25.44 33.65 69.97
C VAL K 175 25.84 32.35 70.63
N ASP K 176 26.77 31.63 70.00
CA ASP K 176 27.24 30.37 70.53
C ASP K 176 28.16 30.56 71.71
N VAL K 177 27.67 30.16 72.89
CA VAL K 177 28.41 30.25 74.14
C VAL K 177 28.92 28.89 74.56
N THR K 178 30.17 28.84 75.02
CA THR K 178 30.76 27.59 75.45
C THR K 178 31.23 27.63 76.91
N GLN K 179 30.59 26.79 77.74
CA GLN K 179 30.91 26.70 79.16
C GLN K 179 31.29 25.26 79.50
N PRO K 180 32.12 25.05 80.54
CA PRO K 180 32.48 23.68 80.89
C PRO K 180 31.21 23.02 81.42
N SER K 181 30.99 21.76 81.07
CA SER K 181 29.79 21.00 81.47
C SER K 181 29.25 21.32 82.86
N THR K 182 30.17 21.48 83.81
CA THR K 182 29.82 21.81 85.20
C THR K 182 29.02 23.09 85.29
N ALA K 183 29.61 24.17 84.81
CA ALA K 183 28.99 25.49 84.81
C ALA K 183 27.58 25.47 84.23
N LEU K 184 27.39 24.67 83.17
CA LEU K 184 26.08 24.59 82.53
C LEU K 184 25.05 24.12 83.55
N LEU K 185 25.45 23.21 84.43
CA LEU K 185 24.54 22.70 85.48
C LEU K 185 24.30 23.77 86.54
N ARG K 186 25.39 24.33 87.03
CA ARG K 186 25.35 25.38 88.04
C ARG K 186 24.28 26.39 87.61
N LEU K 187 24.40 26.88 86.38
CA LEU K 187 23.46 27.86 85.83
C LEU K 187 22.05 27.29 85.73
N ARG K 188 21.96 26.03 85.33
CA ARG K 188 20.65 25.39 85.18
C ARG K 188 19.86 25.34 86.48
N ARG K 189 20.58 25.25 87.60
CA ARG K 189 19.97 25.22 88.92
C ARG K 189 19.39 26.59 89.23
N GLU K 190 20.29 27.57 89.24
CA GLU K 190 19.96 28.94 89.51
C GLU K 190 18.73 29.30 88.69
N LEU K 191 18.65 28.77 87.48
CA LEU K 191 17.50 29.07 86.65
C LEU K 191 16.22 28.53 87.29
N ALA K 192 16.29 27.33 87.89
CA ALA K 192 15.13 26.73 88.52
C ALA K 192 14.89 27.27 89.92
N SER K 193 15.98 27.58 90.62
CA SER K 193 15.90 28.11 91.97
C SER K 193 15.64 29.62 91.94
N GLY K 194 14.94 30.08 90.90
CA GLY K 194 14.64 31.50 90.75
C GLY K 194 15.80 32.47 90.85
N GLN K 195 17.00 31.96 91.12
CA GLN K 195 18.19 32.79 91.27
C GLN K 195 18.63 33.47 89.96
N LEU K 196 17.94 33.15 88.88
CA LEU K 196 18.23 33.70 87.55
C LEU K 196 16.94 34.24 86.94
N GLU K 197 17.05 35.37 86.25
CA GLU K 197 15.88 35.99 85.65
C GLU K 197 15.29 35.16 84.52
N ARG K 198 14.14 34.56 84.76
CA ARG K 198 13.45 33.75 83.76
C ARG K 198 13.30 34.52 82.47
N ALA K 199 13.26 33.80 81.36
CA ALA K 199 13.10 34.37 80.03
C ALA K 199 12.20 33.43 79.26
N GLY K 200 11.97 32.26 79.85
CA GLY K 200 11.13 31.25 79.25
C GLY K 200 11.58 29.91 79.82
N ASP K 201 10.89 28.84 79.47
CA ASP K 201 11.27 27.54 79.97
C ASP K 201 12.71 27.28 79.52
N ASN K 202 13.59 27.02 80.48
CA ASN K 202 14.99 26.75 80.17
C ASN K 202 15.77 27.91 79.57
N ALA K 203 15.23 29.13 79.71
CA ALA K 203 15.90 30.31 79.16
C ALA K 203 15.98 31.45 80.17
N ALA K 204 17.16 32.03 80.30
CA ALA K 204 17.38 33.15 81.22
C ALA K 204 17.67 34.40 80.41
N LYS K 205 17.14 35.55 80.82
CA LYS K 205 17.38 36.80 80.11
C LYS K 205 18.86 37.12 80.15
N VAL K 206 19.37 37.64 79.03
CA VAL K 206 20.78 38.01 78.92
C VAL K 206 21.03 39.28 78.11
N SER K 207 22.17 39.88 78.38
CA SER K 207 22.59 41.10 77.70
C SER K 207 23.84 40.81 76.91
N LEU K 208 24.04 41.59 75.84
CA LEU K 208 25.21 41.39 74.99
C LEU K 208 26.21 42.54 75.06
N LYS K 209 27.49 42.20 75.10
CA LYS K 209 28.57 43.17 75.17
C LYS K 209 29.58 42.89 74.05
N LEU K 210 29.49 43.69 72.98
CA LEU K 210 30.37 43.58 71.81
C LEU K 210 31.84 43.68 72.19
N GLU K 211 32.71 43.06 71.40
CA GLU K 211 34.15 43.10 71.69
C GLU K 211 34.61 44.53 71.61
N ASP K 212 33.67 45.36 71.20
CA ASP K 212 33.87 46.79 71.07
C ASP K 212 34.02 47.34 72.47
N GLY K 213 33.17 46.84 73.36
CA GLY K 213 33.15 47.28 74.74
C GLY K 213 31.75 47.79 74.98
N SER K 214 31.11 48.24 73.89
CA SER K 214 29.74 48.77 73.94
C SER K 214 28.69 47.75 74.38
N GLN K 215 27.51 48.26 74.73
CA GLN K 215 26.40 47.43 75.19
C GLN K 215 25.29 47.34 74.17
N TYR K 216 25.16 46.18 73.51
CA TYR K 216 24.10 46.04 72.53
C TYR K 216 22.79 46.43 73.22
N PRO K 217 22.14 47.50 72.73
CA PRO K 217 20.87 48.03 73.25
C PRO K 217 19.80 47.02 73.60
N LEU K 218 19.56 46.05 72.72
CA LEU K 218 18.52 45.05 73.00
C LEU K 218 19.05 43.85 73.79
N GLU K 219 18.14 43.00 74.25
CA GLU K 219 18.54 41.82 75.00
C GLU K 219 17.68 40.65 74.61
N GLY K 220 18.20 39.45 74.85
CA GLY K 220 17.45 38.26 74.49
C GLY K 220 17.69 37.04 75.37
N ARG K 221 17.06 35.94 74.94
CA ARG K 221 17.11 34.63 75.60
C ARG K 221 18.45 33.92 75.55
N LEU K 222 18.71 33.12 76.58
CA LEU K 222 19.90 32.28 76.61
C LEU K 222 19.40 30.87 76.92
N GLU K 223 18.98 30.15 75.87
CA GLU K 223 18.47 28.78 75.98
C GLU K 223 19.52 27.85 76.59
N PHE K 224 19.09 27.01 77.54
CA PHE K 224 20.03 26.11 78.20
C PHE K 224 20.15 24.72 77.61
N SER K 225 19.27 24.38 76.66
CA SER K 225 19.33 23.07 76.04
C SER K 225 20.65 23.00 75.28
N GLU K 226 21.43 21.95 75.51
CA GLU K 226 22.72 21.83 74.83
C GLU K 226 22.55 21.64 73.33
N VAL K 227 23.52 22.13 72.58
CA VAL K 227 23.50 22.02 71.13
C VAL K 227 24.63 21.10 70.67
N SER K 228 25.71 21.08 71.42
CA SER K 228 26.85 20.22 71.09
C SER K 228 27.83 20.14 72.25
N VAL K 229 28.61 19.05 72.29
CA VAL K 229 29.59 18.86 73.36
C VAL K 229 30.90 18.32 72.81
N ASP K 230 31.98 19.06 73.04
CA ASP K 230 33.30 18.62 72.59
C ASP K 230 33.76 17.63 73.63
N GLU K 231 33.39 16.36 73.47
CA GLU K 231 33.76 15.31 74.41
C GLU K 231 35.26 15.26 74.69
N GLY K 232 36.05 15.83 73.77
CA GLY K 232 37.49 15.88 73.95
C GLY K 232 37.88 16.95 74.95
N THR K 233 36.92 17.83 75.26
CA THR K 233 37.14 18.92 76.20
C THR K 233 36.09 18.79 77.30
N GLY K 234 34.99 18.11 76.97
CA GLY K 234 33.90 17.93 77.91
C GLY K 234 32.99 19.14 77.95
N SER K 235 33.46 20.26 77.41
CA SER K 235 32.71 21.52 77.39
C SER K 235 31.47 21.45 76.50
N VAL K 236 30.44 22.18 76.90
CA VAL K 236 29.18 22.20 76.18
C VAL K 236 29.04 23.53 75.46
N THR K 237 28.12 23.57 74.50
CA THR K 237 27.86 24.78 73.73
C THR K 237 26.36 25.02 73.69
N ILE K 238 25.96 26.18 74.19
CA ILE K 238 24.56 26.58 74.19
C ILE K 238 24.41 27.86 73.40
N ARG K 239 23.17 28.22 73.08
CA ARG K 239 22.87 29.39 72.29
C ARG K 239 22.00 30.49 72.88
N ALA K 240 22.44 31.72 72.69
CA ALA K 240 21.69 32.90 73.10
C ALA K 240 20.97 33.38 71.82
N VAL K 241 19.84 34.04 71.96
CA VAL K 241 19.12 34.52 70.80
C VAL K 241 18.68 35.99 70.90
N PHE K 242 19.45 36.88 70.28
CA PHE K 242 19.13 38.30 70.31
C PHE K 242 18.41 38.82 69.08
N PRO K 243 17.53 39.82 69.26
CA PRO K 243 16.81 40.37 68.11
C PRO K 243 17.85 41.23 67.39
N ASN K 244 17.82 41.23 66.07
CA ASN K 244 18.81 42.00 65.35
C ASN K 244 18.28 42.72 64.16
N PRO K 245 17.30 43.63 64.36
CA PRO K 245 16.77 44.38 63.22
C PRO K 245 17.90 45.39 62.97
N ASN K 246 17.78 46.23 61.96
CA ASN K 246 18.86 47.20 61.70
C ASN K 246 20.13 46.45 61.27
N ASN K 247 20.14 45.15 61.49
CA ASN K 247 21.26 44.32 61.11
C ASN K 247 22.59 44.78 61.70
N GLU K 248 22.55 45.31 62.91
CA GLU K 248 23.78 45.77 63.55
C GLU K 248 24.73 44.60 63.82
N LEU K 249 24.17 43.47 64.24
CA LEU K 249 24.97 42.29 64.56
C LEU K 249 25.27 41.41 63.36
N LEU K 250 26.51 40.99 63.23
CA LEU K 250 26.89 40.14 62.10
C LEU K 250 27.65 38.90 62.56
N PRO K 251 27.53 37.79 61.81
CA PRO K 251 28.21 36.55 62.14
C PRO K 251 29.72 36.71 62.31
N GLY K 252 30.29 35.97 63.26
CA GLY K 252 31.74 36.03 63.46
C GLY K 252 32.24 36.97 64.53
N MET K 253 31.35 37.77 65.10
CA MET K 253 31.74 38.73 66.14
C MET K 253 32.07 37.97 67.42
N PHE K 254 33.09 38.42 68.13
CA PHE K 254 33.48 37.80 69.39
C PHE K 254 32.82 38.64 70.49
N VAL K 255 31.71 38.16 71.03
CA VAL K 255 31.00 38.90 72.06
C VAL K 255 31.02 38.27 73.45
N HIS K 256 30.18 38.82 74.35
CA HIS K 256 30.05 38.36 75.73
C HIS K 256 28.60 38.46 76.21
N ALA K 257 28.03 37.33 76.62
CA ALA K 257 26.66 37.32 77.11
C ALA K 257 26.76 37.63 78.60
N GLN K 258 25.76 38.30 79.14
CA GLN K 258 25.80 38.67 80.55
C GLN K 258 24.60 38.23 81.39
N LEU K 259 24.92 37.65 82.56
CA LEU K 259 23.92 37.18 83.51
C LEU K 259 24.22 37.74 84.91
N THR L 29 33.89 2.69 98.27
CA THR L 29 34.83 2.65 97.11
C THR L 29 34.37 3.56 95.97
N GLU L 30 35.23 4.51 95.59
CA GLU L 30 34.94 5.43 94.51
C GLU L 30 35.68 5.03 93.24
N LEU L 31 34.91 4.70 92.21
CA LEU L 31 35.46 4.28 90.93
C LEU L 31 35.42 5.40 89.91
N PRO L 32 36.59 5.86 89.43
CA PRO L 32 36.63 6.93 88.44
C PRO L 32 36.14 6.44 87.07
N GLY L 33 35.57 7.36 86.28
CA GLY L 33 35.06 7.01 84.97
C GLY L 33 34.62 8.20 84.12
N ARG L 34 34.23 7.91 82.87
CA ARG L 34 33.78 8.93 81.92
C ARG L 34 32.38 8.61 81.47
N THR L 35 31.56 9.65 81.28
CA THR L 35 30.20 9.48 80.82
C THR L 35 30.23 9.30 79.32
N ASN L 36 29.34 8.47 78.80
CA ASN L 36 29.28 8.22 77.37
C ASN L 36 27.87 8.03 76.89
N ALA L 37 27.60 8.39 75.65
CA ALA L 37 26.26 8.23 75.14
C ALA L 37 25.85 6.78 75.30
N PHE L 38 24.57 6.55 75.49
CA PHE L 38 24.06 5.21 75.64
C PHE L 38 24.03 4.52 74.26
N ARG L 39 23.84 5.32 73.22
CA ARG L 39 23.76 4.81 71.85
C ARG L 39 24.04 5.96 70.88
N ILE L 40 24.62 5.67 69.72
CA ILE L 40 24.97 6.72 68.75
C ILE L 40 24.76 6.30 67.30
N ALA L 41 24.01 7.11 66.55
CA ALA L 41 23.78 6.81 65.14
C ALA L 41 24.14 8.02 64.29
N GLU L 42 24.31 7.79 62.98
CA GLU L 42 24.64 8.84 62.04
C GLU L 42 23.52 8.99 61.03
N VAL L 43 23.27 10.22 60.60
CA VAL L 43 22.25 10.47 59.59
C VAL L 43 22.99 10.67 58.27
N ARG L 44 22.58 9.95 57.21
CA ARG L 44 23.22 10.01 55.91
C ARG L 44 22.25 9.89 54.76
N PRO L 45 22.58 10.51 53.63
CA PRO L 45 21.66 10.41 52.48
C PRO L 45 21.96 9.13 51.71
N GLN L 46 20.96 8.56 51.08
CA GLN L 46 21.18 7.34 50.33
C GLN L 46 20.57 7.52 48.97
N VAL L 47 20.49 8.76 48.54
CA VAL L 47 19.92 9.09 47.25
C VAL L 47 20.49 10.47 46.97
N ASN L 48 20.66 10.82 45.69
CA ASN L 48 21.25 12.11 45.34
C ASN L 48 20.24 13.20 45.23
N GLY L 49 20.63 14.41 45.64
CA GLY L 49 19.70 15.52 45.53
C GLY L 49 19.97 16.79 46.31
N ILE L 50 18.94 17.63 46.35
CA ILE L 50 19.03 18.90 47.05
C ILE L 50 18.17 18.88 48.32
N ILE L 51 18.78 19.27 49.44
CA ILE L 51 18.06 19.35 50.73
C ILE L 51 16.96 20.42 50.61
N LEU L 52 15.71 20.01 50.56
CA LEU L 52 14.60 20.96 50.46
C LEU L 52 14.35 21.55 51.84
N LYS L 53 14.12 20.69 52.83
CA LYS L 53 13.87 21.17 54.19
C LYS L 53 14.57 20.34 55.23
N ARG L 54 14.90 20.99 56.35
CA ARG L 54 15.53 20.32 57.47
C ARG L 54 14.54 20.41 58.61
N LEU L 55 13.66 19.41 58.73
CA LEU L 55 12.61 19.35 59.73
C LEU L 55 12.96 19.20 61.22
N PHE L 56 14.11 19.63 61.71
CA PHE L 56 14.33 19.40 63.13
C PHE L 56 15.13 20.50 63.81
N LYS L 57 14.92 20.69 65.11
CA LYS L 57 15.62 21.74 65.79
C LYS L 57 16.97 21.30 66.27
N GLU L 58 18.02 21.98 65.83
CA GLU L 58 19.35 21.58 66.27
C GLU L 58 19.35 21.52 67.79
N GLY L 59 19.88 20.45 68.35
CA GLY L 59 19.90 20.31 69.80
C GLY L 59 18.63 19.70 70.38
N SER L 60 17.64 19.37 69.57
CA SER L 60 16.43 18.79 70.15
C SER L 60 16.47 17.26 70.43
N ASP L 61 15.29 16.69 70.70
CA ASP L 61 15.14 15.28 70.97
C ASP L 61 14.29 14.77 69.85
N VAL L 62 14.83 13.82 69.12
CA VAL L 62 14.13 13.23 67.99
C VAL L 62 13.87 11.71 68.19
N LYS L 63 12.84 11.19 67.56
CA LYS L 63 12.48 9.79 67.68
C LYS L 63 12.92 8.95 66.48
N ALA L 64 13.32 7.71 66.75
CA ALA L 64 13.75 6.84 65.67
C ALA L 64 12.59 6.69 64.70
N GLY L 65 12.86 6.91 63.40
CA GLY L 65 11.85 6.84 62.36
C GLY L 65 11.28 8.21 61.98
N GLN L 66 11.66 9.21 62.76
CA GLN L 66 11.20 10.57 62.53
C GLN L 66 11.86 11.17 61.31
N GLN L 67 11.08 11.85 60.46
CA GLN L 67 11.68 12.48 59.28
C GLN L 67 12.60 13.62 59.73
N LEU L 68 13.87 13.54 59.35
CA LEU L 68 14.82 14.57 59.74
C LEU L 68 15.07 15.62 58.66
N TYR L 69 15.00 15.17 57.39
CA TYR L 69 15.23 16.01 56.22
C TYR L 69 14.32 15.62 55.08
N GLN L 70 14.21 16.52 54.12
CA GLN L 70 13.42 16.25 52.92
C GLN L 70 14.28 16.62 51.73
N ILE L 71 14.60 15.64 50.90
CA ILE L 71 15.40 15.87 49.71
C ILE L 71 14.39 16.13 48.61
N ASP L 72 14.61 17.19 47.82
CA ASP L 72 13.65 17.50 46.78
C ASP L 72 13.42 16.27 45.89
N PRO L 73 12.17 15.79 45.86
CA PRO L 73 11.65 14.63 45.12
C PRO L 73 11.01 14.81 43.77
N ALA L 74 10.81 16.03 43.30
CA ALA L 74 10.15 16.24 42.03
C ALA L 74 10.43 15.14 41.00
N THR L 75 11.70 14.84 40.80
CA THR L 75 12.11 13.84 39.81
C THR L 75 11.98 12.39 40.20
N TYR L 76 12.43 12.04 41.42
CA TYR L 76 12.32 10.66 41.90
C TYR L 76 10.85 10.28 41.81
N GLU L 77 9.99 11.21 42.19
CA GLU L 77 8.57 11.00 42.13
C GLU L 77 8.15 10.83 40.67
N ALA L 78 8.80 11.54 39.76
CA ALA L 78 8.47 11.45 38.34
C ALA L 78 8.90 10.13 37.74
N ASP L 79 10.14 9.74 38.05
CA ASP L 79 10.69 8.47 37.56
C ASP L 79 9.87 7.30 38.08
N TYR L 80 9.48 7.37 39.35
CA TYR L 80 8.69 6.31 39.93
C TYR L 80 7.38 6.11 39.18
N GLN L 81 6.72 7.20 38.86
CA GLN L 81 5.45 7.07 38.16
C GLN L 81 5.69 6.74 36.72
N SER L 82 6.79 7.25 36.21
CA SER L 82 7.14 6.95 34.84
C SER L 82 7.29 5.44 34.73
N ALA L 83 7.98 4.85 35.70
CA ALA L 83 8.22 3.42 35.76
C ALA L 83 6.91 2.68 35.90
N GLN L 84 6.18 2.93 36.98
CA GLN L 84 4.90 2.26 37.21
C GLN L 84 4.02 2.16 35.96
N ALA L 85 4.05 3.21 35.14
CA ALA L 85 3.24 3.23 33.91
C ALA L 85 3.71 2.09 33.02
N ASN L 86 5.03 2.03 32.88
CA ASN L 86 5.71 1.02 32.08
C ASN L 86 5.30 -0.40 32.48
N LEU L 87 5.55 -0.74 33.75
CA LEU L 87 5.20 -2.05 34.31
C LEU L 87 3.73 -2.40 34.02
N ALA L 88 2.81 -1.49 34.35
CA ALA L 88 1.40 -1.72 34.08
C ALA L 88 1.24 -2.16 32.63
N SER L 89 2.05 -1.57 31.76
CA SER L 89 2.01 -1.89 30.33
C SER L 89 2.53 -3.30 30.01
N THR L 90 3.83 -3.50 30.24
CA THR L 90 4.48 -4.79 29.99
C THR L 90 3.76 -5.92 30.71
N GLN L 91 3.26 -5.65 31.92
CA GLN L 91 2.58 -6.69 32.67
C GLN L 91 1.35 -7.19 31.92
N GLU L 92 0.56 -6.28 31.38
CA GLU L 92 -0.63 -6.66 30.61
C GLU L 92 -0.14 -7.51 29.43
N GLN L 93 0.85 -6.98 28.70
CA GLN L 93 1.45 -7.65 27.55
C GLN L 93 1.76 -9.12 27.88
N ALA L 94 2.52 -9.32 28.95
CA ALA L 94 2.89 -10.66 29.39
C ALA L 94 1.67 -11.53 29.67
N GLN L 95 0.87 -11.15 30.66
CA GLN L 95 -0.33 -11.90 31.01
C GLN L 95 -1.15 -12.34 29.80
N ARG L 96 -1.15 -11.52 28.76
CA ARG L 96 -1.91 -11.85 27.57
C ARG L 96 -1.19 -12.94 26.77
N TYR L 97 0.09 -12.74 26.48
CA TYR L 97 0.87 -13.73 25.74
C TYR L 97 0.82 -15.11 26.41
N LYS L 98 0.71 -15.11 27.73
CA LYS L 98 0.64 -16.35 28.49
C LYS L 98 -0.57 -17.17 28.06
N LEU L 99 -1.75 -16.56 28.09
CA LEU L 99 -2.95 -17.26 27.69
C LEU L 99 -2.95 -17.46 26.18
N LEU L 100 -1.95 -16.91 25.50
CA LEU L 100 -1.89 -17.05 24.05
C LEU L 100 -0.93 -18.11 23.54
N VAL L 101 0.25 -18.22 24.15
CA VAL L 101 1.19 -19.25 23.72
C VAL L 101 0.51 -20.59 23.95
N ALA L 102 -0.44 -20.59 24.88
CA ALA L 102 -1.21 -21.78 25.22
C ALA L 102 -1.72 -22.49 23.95
N ASP L 103 -2.47 -21.77 23.12
CA ASP L 103 -2.98 -22.32 21.87
C ASP L 103 -1.96 -22.01 20.79
N GLN L 104 -0.70 -22.08 21.19
CA GLN L 104 0.44 -21.81 20.32
C GLN L 104 0.17 -20.67 19.34
N ALA L 105 -0.62 -19.71 19.79
CA ALA L 105 -0.95 -18.53 18.99
C ALA L 105 0.31 -17.66 19.03
N VAL L 106 0.99 -17.72 20.18
CA VAL L 106 2.22 -16.98 20.38
C VAL L 106 3.32 -17.99 20.64
N SER L 107 4.51 -17.72 20.09
CA SER L 107 5.64 -18.62 20.27
C SER L 107 6.28 -18.42 21.63
N LYS L 108 6.60 -19.51 22.32
CA LYS L 108 7.23 -19.44 23.63
C LYS L 108 8.50 -18.58 23.63
N GLN L 109 9.12 -18.44 22.46
CA GLN L 109 10.33 -17.63 22.33
C GLN L 109 9.99 -16.16 22.60
N GLN L 110 8.76 -15.78 22.27
CA GLN L 110 8.24 -14.42 22.45
C GLN L 110 7.69 -14.25 23.85
N TYR L 111 6.72 -15.09 24.23
CA TYR L 111 6.16 -15.01 25.57
C TYR L 111 7.31 -14.92 26.54
N ALA L 112 8.47 -15.40 26.10
CA ALA L 112 9.68 -15.35 26.90
C ALA L 112 10.14 -13.90 26.94
N ASP L 113 10.29 -13.29 25.77
CA ASP L 113 10.72 -11.89 25.69
C ASP L 113 9.73 -10.99 26.44
N ALA L 114 8.44 -11.28 26.26
CA ALA L 114 7.38 -10.52 26.92
C ALA L 114 7.56 -10.61 28.42
N ASN L 115 7.69 -11.83 28.93
CA ASN L 115 7.87 -12.02 30.37
C ASN L 115 9.23 -11.49 30.82
N ALA L 116 10.14 -11.33 29.88
CA ALA L 116 11.46 -10.80 30.18
C ALA L 116 11.28 -9.33 30.54
N ALA L 117 10.64 -8.60 29.63
CA ALA L 117 10.38 -7.17 29.80
C ALA L 117 9.61 -6.96 31.09
N TYR L 118 8.54 -7.71 31.27
CA TYR L 118 7.72 -7.60 32.47
C TYR L 118 8.54 -7.70 33.75
N LEU L 119 9.54 -8.57 33.74
CA LEU L 119 10.38 -8.73 34.93
C LEU L 119 11.29 -7.52 35.10
N GLN L 120 11.83 -7.00 34.01
CA GLN L 120 12.72 -5.84 34.09
C GLN L 120 11.94 -4.64 34.64
N SER L 121 10.73 -4.43 34.13
CA SER L 121 9.89 -3.34 34.58
C SER L 121 9.72 -3.42 36.09
N LYS L 122 9.18 -4.55 36.53
CA LYS L 122 8.94 -4.80 37.95
C LYS L 122 10.17 -4.47 38.78
N ALA L 123 11.35 -4.73 38.22
CA ALA L 123 12.60 -4.44 38.91
C ALA L 123 12.83 -2.93 38.96
N ALA L 124 12.63 -2.27 37.82
CA ALA L 124 12.78 -0.82 37.70
C ALA L 124 11.87 -0.10 38.68
N VAL L 125 10.61 -0.53 38.75
CA VAL L 125 9.66 0.07 39.66
C VAL L 125 10.16 -0.02 41.09
N GLU L 126 10.66 -1.19 41.47
CA GLU L 126 11.13 -1.39 42.84
C GLU L 126 12.28 -0.46 43.16
N GLN L 127 13.19 -0.31 42.21
CA GLN L 127 14.32 0.56 42.45
C GLN L 127 13.85 2.02 42.56
N ALA L 128 12.87 2.40 41.76
CA ALA L 128 12.33 3.75 41.76
C ALA L 128 11.69 4.00 43.11
N ARG L 129 10.87 3.06 43.53
CA ARG L 129 10.16 3.13 44.80
C ARG L 129 11.18 3.30 45.92
N ILE L 130 12.27 2.54 45.86
CA ILE L 130 13.29 2.63 46.89
C ILE L 130 13.85 4.06 46.94
N ASN L 131 14.27 4.57 45.78
CA ASN L 131 14.85 5.92 45.72
C ASN L 131 13.92 6.99 46.22
N LEU L 132 12.66 6.92 45.82
CA LEU L 132 11.69 7.90 46.26
C LEU L 132 11.65 7.87 47.79
N ARG L 133 11.59 6.68 48.35
CA ARG L 133 11.50 6.53 49.78
C ARG L 133 12.66 7.19 50.49
N TYR L 134 13.86 7.06 49.92
CA TYR L 134 15.03 7.64 50.58
C TYR L 134 15.02 9.14 50.57
N THR L 135 14.06 9.70 49.82
CA THR L 135 13.84 11.14 49.68
C THR L 135 13.53 11.76 51.04
N LYS L 136 12.94 10.95 51.92
CA LYS L 136 12.59 11.35 53.29
C LYS L 136 13.68 10.77 54.20
N VAL L 137 14.69 11.56 54.55
CA VAL L 137 15.75 11.07 55.41
C VAL L 137 15.26 10.91 56.82
N LEU L 138 15.12 9.66 57.28
CA LEU L 138 14.63 9.37 58.64
C LEU L 138 15.73 9.22 59.70
N SER L 139 15.37 9.35 60.97
CA SER L 139 16.30 9.18 62.09
C SER L 139 16.39 7.67 62.46
N PRO L 140 17.59 7.10 62.44
CA PRO L 140 17.72 5.67 62.77
C PRO L 140 17.47 5.29 64.24
N ILE L 141 17.82 6.18 65.14
CA ILE L 141 17.71 5.93 66.57
C ILE L 141 16.86 7.00 67.25
N SER L 142 16.44 6.76 68.48
CA SER L 142 15.74 7.79 69.23
C SER L 142 16.81 8.37 70.12
N GLY L 143 16.93 9.69 70.14
CA GLY L 143 17.95 10.28 70.96
C GLY L 143 17.95 11.77 70.78
N ARG L 144 19.14 12.35 70.92
CA ARG L 144 19.32 13.78 70.80
C ARG L 144 20.18 14.19 69.58
N ILE L 145 19.54 14.83 68.56
CA ILE L 145 20.28 15.34 67.39
C ILE L 145 20.90 16.66 67.82
N GLY L 146 22.06 16.98 67.26
CA GLY L 146 22.73 18.24 67.55
C GLY L 146 22.66 19.13 66.31
N ARG L 147 23.76 19.83 66.03
CA ARG L 147 23.82 20.70 64.86
C ARG L 147 23.67 19.87 63.61
N SER L 148 23.21 20.49 62.55
CA SER L 148 23.06 19.81 61.27
C SER L 148 24.26 20.25 60.44
N ALA L 149 25.11 19.30 60.07
CA ALA L 149 26.29 19.63 59.28
C ALA L 149 25.97 20.06 57.86
N VAL L 150 24.70 19.95 57.48
CA VAL L 150 24.30 20.30 56.15
C VAL L 150 23.22 21.37 56.14
N THR L 151 23.43 22.44 55.37
CA THR L 151 22.47 23.54 55.29
C THR L 151 21.33 23.18 54.35
N GLU L 152 20.22 23.90 54.45
CA GLU L 152 19.12 23.60 53.55
C GLU L 152 19.64 24.04 52.20
N GLY L 153 19.02 23.54 51.14
CA GLY L 153 19.44 23.88 49.80
C GLY L 153 20.74 23.24 49.35
N ALA L 154 21.49 22.64 50.27
CA ALA L 154 22.76 22.01 49.95
C ALA L 154 22.64 20.78 49.04
N LEU L 155 23.73 20.44 48.38
CA LEU L 155 23.73 19.28 47.50
C LEU L 155 24.16 18.10 48.34
N VAL L 156 23.46 17.00 48.20
CA VAL L 156 23.78 15.83 49.00
C VAL L 156 23.96 14.60 48.08
N THR L 157 25.00 13.83 48.35
CA THR L 157 25.25 12.66 47.52
C THR L 157 25.26 11.32 48.24
N ASN L 158 24.63 10.33 47.61
CA ASN L 158 24.62 8.99 48.19
C ASN L 158 26.04 8.45 48.29
N GLY L 159 26.43 8.03 49.48
CA GLY L 159 27.77 7.52 49.68
C GLY L 159 28.75 8.59 50.12
N GLN L 160 28.29 9.84 50.19
CA GLN L 160 29.19 10.91 50.60
C GLN L 160 29.84 10.62 51.94
N ALA L 161 31.09 11.02 52.07
CA ALA L 161 31.86 10.80 53.28
C ALA L 161 31.21 11.29 54.58
N ASN L 162 30.99 12.59 54.69
CA ASN L 162 30.41 13.17 55.90
C ASN L 162 28.93 12.92 56.15
N ALA L 163 28.59 12.84 57.43
CA ALA L 163 27.22 12.60 57.82
C ALA L 163 26.47 13.93 57.97
N MET L 164 25.19 13.92 57.64
CA MET L 164 24.38 15.11 57.73
C MET L 164 24.21 15.54 59.20
N ALA L 165 24.03 14.57 60.10
CA ALA L 165 23.85 14.85 61.52
C ALA L 165 24.07 13.60 62.38
N THR L 166 24.16 13.80 63.69
CA THR L 166 24.36 12.70 64.64
C THR L 166 23.35 12.68 65.80
N VAL L 167 22.60 11.58 65.91
CA VAL L 167 21.64 11.40 67.00
C VAL L 167 22.36 10.67 68.14
N GLN L 168 22.15 11.08 69.38
CA GLN L 168 22.82 10.42 70.52
C GLN L 168 21.88 10.24 71.68
N GLN L 169 21.43 9.01 71.92
CA GLN L 169 20.55 8.69 73.03
C GLN L 169 21.38 8.98 74.27
N LEU L 170 20.92 9.88 75.11
CA LEU L 170 21.67 10.24 76.28
C LEU L 170 20.84 10.05 77.52
N ASP L 171 19.60 9.59 77.37
CA ASP L 171 18.82 9.41 78.57
C ASP L 171 19.55 8.33 79.33
N PRO L 172 19.09 7.07 79.30
CA PRO L 172 19.99 6.24 80.12
C PRO L 172 21.40 6.54 79.59
N ILE L 173 22.30 6.93 80.47
CA ILE L 173 23.63 7.25 80.02
C ILE L 173 24.69 6.36 80.68
N TYR L 174 25.70 5.97 79.92
CA TYR L 174 26.75 5.12 80.45
C TYR L 174 27.79 5.91 81.19
N VAL L 175 28.56 5.19 81.99
CA VAL L 175 29.68 5.77 82.73
C VAL L 175 30.67 4.63 82.65
N ASP L 176 31.69 4.80 81.82
CA ASP L 176 32.71 3.78 81.64
C ASP L 176 33.69 3.84 82.80
N VAL L 177 33.76 2.74 83.53
CA VAL L 177 34.65 2.61 84.68
C VAL L 177 35.74 1.59 84.38
N THR L 178 36.96 1.90 84.78
CA THR L 178 38.08 1.00 84.55
C THR L 178 38.79 0.60 85.83
N GLN L 179 38.73 -0.69 86.13
CA GLN L 179 39.36 -1.27 87.32
C GLN L 179 40.34 -2.35 86.91
N PRO L 180 41.39 -2.58 87.71
CA PRO L 180 42.37 -3.62 87.37
C PRO L 180 41.63 -4.95 87.46
N SER L 181 41.87 -5.84 86.51
CA SER L 181 41.21 -7.15 86.47
C SER L 181 40.92 -7.79 87.84
N THR L 182 41.86 -7.63 88.76
CA THR L 182 41.75 -8.16 90.12
C THR L 182 40.50 -7.62 90.83
N ALA L 183 40.45 -6.29 90.95
CA ALA L 183 39.35 -5.60 91.60
C ALA L 183 37.98 -6.00 91.05
N LEU L 184 37.91 -6.23 89.75
CA LEU L 184 36.64 -6.61 89.13
C LEU L 184 36.13 -7.91 89.75
N LEU L 185 37.05 -8.83 90.06
CA LEU L 185 36.68 -10.10 90.69
C LEU L 185 36.29 -9.88 92.14
N ARG L 186 37.13 -9.11 92.85
CA ARG L 186 36.86 -8.80 94.25
C ARG L 186 35.42 -8.32 94.39
N LEU L 187 35.03 -7.34 93.57
CA LEU L 187 33.69 -6.79 93.58
C LEU L 187 32.64 -7.81 93.15
N ARG L 188 32.98 -8.62 92.16
CA ARG L 188 32.06 -9.64 91.68
C ARG L 188 31.68 -10.61 92.79
N ARG L 189 32.60 -10.88 93.70
CA ARG L 189 32.35 -11.78 94.83
C ARG L 189 31.35 -11.13 95.77
N GLU L 190 31.77 -9.98 96.30
CA GLU L 190 30.95 -9.21 97.23
C GLU L 190 29.53 -9.13 96.70
N LEU L 191 29.39 -9.05 95.38
CA LEU L 191 28.07 -8.97 94.78
C LEU L 191 27.31 -10.27 95.04
N ALA L 192 27.99 -11.40 94.85
CA ALA L 192 27.38 -12.71 95.07
C ALA L 192 27.26 -13.04 96.56
N SER L 193 28.23 -12.57 97.34
CA SER L 193 28.23 -12.80 98.77
C SER L 193 27.36 -11.78 99.50
N GLY L 194 26.36 -11.24 98.80
CA GLY L 194 25.46 -10.26 99.40
C GLY L 194 26.11 -9.05 100.06
N GLN L 195 27.44 -9.01 100.04
CA GLN L 195 28.18 -7.90 100.65
C GLN L 195 27.98 -6.59 99.90
N LEU L 196 27.32 -6.67 98.74
CA LEU L 196 27.05 -5.52 97.87
C LEU L 196 25.55 -5.43 97.58
N GLU L 197 25.03 -4.21 97.54
CA GLU L 197 23.60 -4.00 97.29
C GLU L 197 23.17 -4.38 95.89
N ARG L 198 22.49 -5.51 95.77
CA ARG L 198 22.00 -5.99 94.47
C ARG L 198 21.26 -4.89 93.74
N ALA L 199 21.26 -4.98 92.41
CA ALA L 199 20.58 -4.01 91.58
C ALA L 199 20.00 -4.80 90.42
N GLY L 200 20.40 -6.06 90.34
CA GLY L 200 19.95 -6.95 89.28
C GLY L 200 21.01 -8.00 89.14
N ASP L 201 20.80 -8.98 88.26
CA ASP L 201 21.79 -10.03 88.04
C ASP L 201 23.09 -9.40 87.53
N ASN L 202 24.17 -9.55 88.30
CA ASN L 202 25.46 -8.98 87.92
C ASN L 202 25.54 -7.46 87.98
N ALA L 203 24.62 -6.86 88.73
CA ALA L 203 24.60 -5.41 88.85
C ALA L 203 24.39 -4.95 90.27
N ALA L 204 25.24 -4.04 90.73
CA ALA L 204 25.14 -3.49 92.07
C ALA L 204 24.73 -2.02 91.99
N LYS L 205 23.86 -1.59 92.90
CA LYS L 205 23.43 -0.20 92.92
C LYS L 205 24.62 0.73 93.13
N VAL L 206 24.59 1.89 92.47
CA VAL L 206 25.68 2.85 92.59
C VAL L 206 25.20 4.30 92.56
N SER L 207 26.05 5.18 93.08
CA SER L 207 25.77 6.60 93.12
C SER L 207 26.83 7.32 92.30
N LEU L 208 26.48 8.49 91.76
CA LEU L 208 27.42 9.24 90.95
C LEU L 208 27.87 10.55 91.59
N LYS L 209 29.14 10.86 91.45
CA LYS L 209 29.72 12.06 92.01
C LYS L 209 30.45 12.84 90.92
N LEU L 210 29.82 13.90 90.44
CA LEU L 210 30.37 14.74 89.37
C LEU L 210 31.72 15.31 89.77
N GLU L 211 32.56 15.62 88.78
CA GLU L 211 33.89 16.17 89.07
C GLU L 211 33.68 17.53 89.69
N ASP L 212 32.42 17.90 89.78
CA ASP L 212 31.99 19.14 90.38
C ASP L 212 32.17 18.99 91.88
N GLY L 213 31.88 17.79 92.36
CA GLY L 213 31.97 17.48 93.76
C GLY L 213 30.56 17.09 94.20
N SER L 214 29.59 17.66 93.50
CA SER L 214 28.18 17.43 93.77
C SER L 214 27.75 15.96 93.64
N GLN L 215 26.58 15.66 94.17
CA GLN L 215 26.03 14.31 94.13
C GLN L 215 24.88 14.20 93.15
N TYR L 216 25.07 13.48 92.06
CA TYR L 216 24.00 13.35 91.11
C TYR L 216 22.81 12.78 91.86
N PRO L 217 21.71 13.54 91.95
CA PRO L 217 20.50 13.13 92.64
C PRO L 217 20.03 11.70 92.41
N LEU L 218 20.01 11.22 91.17
CA LEU L 218 19.55 9.86 90.92
C LEU L 218 20.67 8.84 91.05
N GLU L 219 20.31 7.56 90.95
CA GLU L 219 21.31 6.51 91.02
C GLU L 219 21.00 5.37 90.09
N GLY L 220 22.02 4.58 89.78
CA GLY L 220 21.80 3.46 88.87
C GLY L 220 22.69 2.23 89.00
N ARG L 221 22.46 1.32 88.05
CA ARG L 221 23.13 0.04 87.92
C ARG L 221 24.60 0.11 87.53
N LEU L 222 25.38 -0.81 88.06
CA LEU L 222 26.78 -0.93 87.70
C LEU L 222 26.95 -2.37 87.23
N GLU L 223 26.63 -2.61 85.96
CA GLU L 223 26.76 -3.92 85.35
C GLU L 223 28.19 -4.43 85.47
N PHE L 224 28.36 -5.70 85.84
CA PHE L 224 29.72 -6.23 85.99
C PHE L 224 30.26 -6.94 84.77
N SER L 225 29.41 -7.25 83.80
CA SER L 225 29.87 -7.92 82.60
C SER L 225 30.88 -7.01 81.91
N GLU L 226 32.07 -7.55 81.59
CA GLU L 226 33.11 -6.76 80.96
C GLU L 226 32.73 -6.34 79.56
N VAL L 227 33.23 -5.16 79.17
CA VAL L 227 32.97 -4.62 77.84
C VAL L 227 34.26 -4.62 77.02
N SER L 228 35.39 -4.45 77.70
CA SER L 228 36.68 -4.46 77.02
C SER L 228 37.83 -4.59 78.02
N VAL L 229 38.96 -5.08 77.53
CA VAL L 229 40.14 -5.27 78.37
C VAL L 229 41.42 -4.81 77.65
N ASP L 230 42.11 -3.84 78.23
CA ASP L 230 43.36 -3.34 77.66
C ASP L 230 44.42 -4.35 78.05
N GLU L 231 44.54 -5.43 77.29
CA GLU L 231 45.51 -6.48 77.58
C GLU L 231 46.91 -5.93 77.83
N GLY L 232 47.19 -4.73 77.34
CA GLY L 232 48.49 -4.11 77.55
C GLY L 232 48.60 -3.58 78.97
N THR L 233 47.47 -3.48 79.64
CA THR L 233 47.40 -2.98 81.02
C THR L 233 46.75 -4.06 81.88
N GLY L 234 46.01 -4.95 81.22
CA GLY L 234 45.33 -6.02 81.94
C GLY L 234 44.05 -5.53 82.58
N SER L 235 43.90 -4.20 82.68
CA SER L 235 42.71 -3.58 83.28
C SER L 235 41.44 -3.81 82.47
N VAL L 236 40.31 -3.89 83.17
CA VAL L 236 39.02 -4.12 82.52
C VAL L 236 38.17 -2.85 82.57
N THR L 237 37.16 -2.80 81.70
CA THR L 237 36.25 -1.66 81.64
C THR L 237 34.81 -2.12 81.67
N ILE L 238 34.10 -1.71 82.72
CA ILE L 238 32.69 -2.05 82.86
C ILE L 238 31.88 -0.77 82.80
N ARG L 239 30.57 -0.93 82.65
CA ARG L 239 29.67 0.21 82.54
C ARG L 239 28.59 0.39 83.59
N ALA L 240 28.43 1.63 84.03
CA ALA L 240 27.40 2.00 85.00
C ALA L 240 26.28 2.60 84.15
N VAL L 241 25.03 2.49 84.58
CA VAL L 241 23.92 3.04 83.81
C VAL L 241 23.00 3.92 84.62
N PHE L 242 23.17 5.24 84.50
CA PHE L 242 22.31 6.16 85.23
C PHE L 242 21.16 6.75 84.42
N PRO L 243 20.06 7.10 85.10
CA PRO L 243 18.95 7.68 84.35
C PRO L 243 19.39 9.13 84.12
N ASN L 244 19.01 9.70 82.98
CA ASN L 244 19.43 11.06 82.72
C ASN L 244 18.41 11.90 82.03
N PRO L 245 17.20 12.00 82.61
CA PRO L 245 16.18 12.84 81.98
C PRO L 245 16.69 14.25 82.33
N ASN L 246 15.98 15.31 81.95
CA ASN L 246 16.51 16.63 82.27
C ASN L 246 17.85 16.86 81.55
N ASN L 247 18.44 15.81 81.04
CA ASN L 247 19.70 15.88 80.33
C ASN L 247 20.80 16.62 81.09
N GLU L 248 20.85 16.43 82.41
CA GLU L 248 21.89 17.10 83.21
C GLU L 248 23.27 16.52 82.93
N LEU L 249 23.33 15.23 82.64
CA LEU L 249 24.59 14.55 82.38
C LEU L 249 24.93 14.52 80.90
N LEU L 250 26.19 14.80 80.59
CA LEU L 250 26.64 14.82 79.19
C LEU L 250 27.91 14.02 78.98
N PRO L 251 28.10 13.48 77.77
CA PRO L 251 29.27 12.70 77.43
C PRO L 251 30.54 13.46 77.68
N GLY L 252 31.58 12.78 78.16
CA GLY L 252 32.85 13.44 78.40
C GLY L 252 33.14 13.89 79.80
N MET L 253 32.14 13.83 80.68
CA MET L 253 32.33 14.25 82.07
C MET L 253 33.22 13.24 82.82
N PHE L 254 34.12 13.75 83.65
CA PHE L 254 34.98 12.87 84.46
C PHE L 254 34.29 12.71 85.81
N VAL L 255 33.64 11.56 86.03
CA VAL L 255 32.92 11.32 87.27
C VAL L 255 33.49 10.22 88.16
N HIS L 256 32.71 9.86 89.19
CA HIS L 256 33.07 8.81 90.15
C HIS L 256 31.86 8.00 90.58
N ALA L 257 31.90 6.70 90.35
CA ALA L 257 30.81 5.83 90.77
C ALA L 257 31.13 5.47 92.20
N GLN L 258 30.09 5.24 93.01
CA GLN L 258 30.33 4.92 94.41
C GLN L 258 29.59 3.66 94.83
N LEU L 259 30.32 2.78 95.53
CA LEU L 259 29.75 1.54 96.05
C LEU L 259 29.88 1.54 97.56
N THR M 29 53.78 -27.25 92.94
CA THR M 29 54.63 -26.42 92.02
C THR M 29 53.77 -25.33 91.41
N GLU M 30 54.35 -24.14 91.25
CA GLU M 30 53.63 -23.01 90.65
C GLU M 30 54.29 -22.42 89.42
N LEU M 31 53.60 -22.50 88.30
CA LEU M 31 54.09 -21.98 87.03
C LEU M 31 53.41 -20.65 86.68
N PRO M 32 54.20 -19.57 86.56
CA PRO M 32 53.63 -18.26 86.22
C PRO M 32 53.20 -18.20 84.75
N GLY M 33 52.14 -17.43 84.48
CA GLY M 33 51.64 -17.32 83.13
C GLY M 33 50.63 -16.19 82.93
N ARG M 34 50.25 -15.97 81.67
CA ARG M 34 49.30 -14.92 81.31
C ARG M 34 48.09 -15.56 80.66
N THR M 35 46.91 -15.01 80.94
CA THR M 35 45.69 -15.53 80.35
C THR M 35 45.57 -14.94 78.93
N ASN M 36 45.04 -15.73 78.00
CA ASN M 36 44.87 -15.25 76.63
C ASN M 36 43.63 -15.83 76.03
N ALA M 37 43.06 -15.11 75.09
CA ALA M 37 41.85 -15.55 74.42
C ALA M 37 42.10 -16.90 73.79
N PHE M 38 41.07 -17.73 73.80
CA PHE M 38 41.15 -19.06 73.24
C PHE M 38 41.18 -18.97 71.72
N ARG M 39 40.59 -17.90 71.19
CA ARG M 39 40.49 -17.71 69.74
C ARG M 39 40.02 -16.26 69.51
N ILE M 40 40.49 -15.60 68.45
CA ILE M 40 40.06 -14.23 68.22
C ILE M 40 39.59 -13.96 66.81
N ALA M 41 38.32 -13.59 66.68
CA ALA M 41 37.70 -13.29 65.38
C ALA M 41 37.32 -11.82 65.24
N GLU M 42 37.37 -11.32 64.01
CA GLU M 42 37.01 -9.93 63.73
C GLU M 42 35.74 -9.89 62.86
N VAL M 43 34.90 -8.90 63.10
CA VAL M 43 33.66 -8.77 62.34
C VAL M 43 33.90 -7.68 61.30
N ARG M 44 33.70 -8.03 60.04
CA ARG M 44 33.92 -7.11 58.93
C ARG M 44 32.90 -7.20 57.83
N PRO M 45 32.58 -6.07 57.19
CA PRO M 45 31.59 -6.09 56.11
C PRO M 45 32.22 -6.63 54.84
N GLN M 46 31.41 -7.29 54.03
CA GLN M 46 31.90 -7.84 52.78
C GLN M 46 30.98 -7.41 51.65
N VAL M 47 30.32 -6.29 51.86
CA VAL M 47 29.40 -5.74 50.89
C VAL M 47 29.36 -4.29 51.29
N ASN M 48 29.03 -3.40 50.36
CA ASN M 48 28.98 -1.99 50.70
C ASN M 48 27.64 -1.54 51.22
N GLY M 49 27.60 -0.55 52.10
CA GLY M 49 26.28 -0.14 52.55
C GLY M 49 26.15 0.65 53.81
N ILE M 50 24.90 0.83 54.24
CA ILE M 50 24.61 1.57 55.45
C ILE M 50 24.16 0.62 56.55
N ILE M 51 24.73 0.77 57.74
CA ILE M 51 24.35 -0.05 58.87
C ILE M 51 22.92 0.31 59.28
N LEU M 52 21.97 -0.58 59.06
CA LEU M 52 20.59 -0.32 59.45
C LEU M 52 20.42 -0.58 60.94
N LYS M 53 20.81 -1.77 61.39
CA LYS M 53 20.69 -2.14 62.81
C LYS M 53 21.89 -2.91 63.30
N ARG M 54 22.18 -2.72 64.58
CA ARG M 54 23.27 -3.41 65.23
C ARG M 54 22.57 -4.28 66.27
N LEU M 55 22.31 -5.53 65.90
CA LEU M 55 21.59 -6.50 66.72
C LEU M 55 22.29 -7.14 67.94
N PHE M 56 23.21 -6.45 68.60
CA PHE M 56 23.82 -7.10 69.74
C PHE M 56 24.17 -6.16 70.86
N LYS M 57 24.23 -6.69 72.08
CA LYS M 57 24.55 -5.84 73.21
C LYS M 57 26.05 -5.77 73.37
N GLU M 58 26.60 -4.57 73.36
CA GLU M 58 28.04 -4.43 73.53
C GLU M 58 28.38 -5.12 74.84
N GLY M 59 29.43 -5.93 74.84
CA GLY M 59 29.83 -6.66 76.02
C GLY M 59 29.04 -7.94 76.28
N SER M 60 28.21 -8.40 75.36
CA SER M 60 27.45 -9.62 75.62
C SER M 60 28.13 -10.91 75.13
N ASP M 61 27.37 -12.00 75.11
CA ASP M 61 27.86 -13.30 74.64
C ASP M 61 27.12 -13.65 73.38
N VAL M 62 27.86 -13.83 72.30
CA VAL M 62 27.24 -14.15 71.03
C VAL M 62 27.68 -15.52 70.51
N LYS M 63 26.84 -16.14 69.70
CA LYS M 63 27.11 -17.44 69.12
C LYS M 63 27.56 -17.33 67.66
N ALA M 64 28.53 -18.14 67.25
CA ALA M 64 28.97 -18.10 65.86
C ALA M 64 27.76 -18.34 64.94
N GLY M 65 27.67 -17.53 63.88
CA GLY M 65 26.56 -17.63 62.93
C GLY M 65 25.41 -16.70 63.26
N GLN M 66 25.49 -16.05 64.42
CA GLN M 66 24.47 -15.14 64.89
C GLN M 66 24.60 -13.83 64.15
N GLN M 67 23.46 -13.26 63.72
CA GLN M 67 23.49 -11.97 63.02
C GLN M 67 23.88 -10.86 63.99
N LEU M 68 24.95 -10.14 63.65
CA LEU M 68 25.43 -9.06 64.49
C LEU M 68 24.99 -7.69 63.99
N TYR M 69 24.81 -7.58 62.67
CA TYR M 69 24.42 -6.34 62.02
C TYR M 69 23.51 -6.57 60.84
N GLN M 70 22.82 -5.53 60.43
CA GLN M 70 21.94 -5.62 59.26
C GLN M 70 22.29 -4.42 58.39
N ILE M 71 22.76 -4.68 57.17
CA ILE M 71 23.11 -3.61 56.26
C ILE M 71 21.88 -3.38 55.41
N ASP M 72 21.52 -2.12 55.16
CA ASP M 72 20.32 -1.82 54.38
C ASP M 72 20.27 -2.65 53.11
N PRO M 73 19.21 -3.47 52.94
CA PRO M 73 19.12 -4.29 51.72
C PRO M 73 18.26 -3.78 50.55
N ALA M 74 17.51 -2.70 50.73
CA ALA M 74 16.63 -2.22 49.66
C ALA M 74 17.20 -2.45 48.26
N THR M 75 18.43 -2.04 48.05
CA THR M 75 19.07 -2.14 46.75
C THR M 75 19.59 -3.52 46.40
N TYR M 76 20.39 -4.11 47.29
CA TYR M 76 20.91 -5.46 47.06
C TYR M 76 19.75 -6.36 46.64
N GLU M 77 18.63 -6.22 47.34
CA GLU M 77 17.46 -6.99 47.03
C GLU M 77 16.98 -6.62 45.63
N ALA M 78 17.09 -5.35 45.26
CA ALA M 78 16.64 -4.92 43.94
C ALA M 78 17.58 -5.42 42.86
N ASP M 79 18.89 -5.29 43.11
CA ASP M 79 19.86 -5.74 42.13
C ASP M 79 19.72 -7.24 41.90
N TYR M 80 19.54 -7.97 42.99
CA TYR M 80 19.38 -9.41 42.91
C TYR M 80 18.21 -9.82 42.04
N GLN M 81 17.10 -9.10 42.14
CA GLN M 81 15.95 -9.44 41.32
C GLN M 81 16.12 -8.87 39.94
N SER M 82 16.83 -7.77 39.85
CA SER M 82 17.08 -7.17 38.57
C SER M 82 17.86 -8.20 37.76
N ALA M 83 18.85 -8.81 38.42
CA ALA M 83 19.69 -9.82 37.81
C ALA M 83 18.89 -11.05 37.39
N GLN M 84 18.25 -11.70 38.36
CA GLN M 84 17.45 -12.90 38.08
C GLN M 84 16.54 -12.73 36.89
N ALA M 85 16.04 -11.52 36.67
CA ALA M 85 15.16 -11.27 35.54
C ALA M 85 15.98 -11.49 34.28
N ASN M 86 17.15 -10.86 34.26
CA ASN M 86 18.11 -10.96 33.18
C ASN M 86 18.40 -12.42 32.83
N LEU M 87 18.97 -13.16 33.79
CA LEU M 87 19.28 -14.57 33.60
C LEU M 87 18.10 -15.34 33.01
N ALA M 88 16.92 -15.18 33.59
CA ALA M 88 15.74 -15.88 33.10
C ALA M 88 15.60 -15.62 31.59
N SER M 89 15.95 -14.41 31.18
CA SER M 89 15.88 -14.01 29.78
C SER M 89 16.95 -14.71 28.91
N THR M 90 18.21 -14.35 29.15
CA THR M 90 19.32 -14.93 28.40
C THR M 90 19.32 -16.45 28.41
N GLN M 91 18.88 -17.05 29.51
CA GLN M 91 18.87 -18.51 29.60
C GLN M 91 17.92 -19.08 28.57
N GLU M 92 16.77 -18.44 28.41
CA GLU M 92 15.80 -18.89 27.43
C GLU M 92 16.45 -18.74 26.06
N GLN M 93 16.98 -17.55 25.79
CA GLN M 93 17.67 -17.24 24.54
C GLN M 93 18.64 -18.36 24.13
N ALA M 94 19.54 -18.71 25.05
CA ALA M 94 20.52 -19.75 24.83
C ALA M 94 19.87 -21.11 24.53
N GLN M 95 19.13 -21.65 25.50
CA GLN M 95 18.48 -22.94 25.30
C GLN M 95 17.80 -23.07 23.95
N ARG M 96 17.33 -21.95 23.40
CA ARG M 96 16.66 -21.96 22.11
C ARG M 96 17.69 -22.12 20.98
N TYR M 97 18.81 -21.39 21.04
CA TYR M 97 19.88 -21.49 20.03
C TYR M 97 20.52 -22.87 20.07
N LYS M 98 20.67 -23.42 21.27
CA LYS M 98 21.27 -24.74 21.50
C LYS M 98 20.83 -25.78 20.46
N LEU M 99 19.63 -25.62 19.94
CA LEU M 99 19.07 -26.54 18.95
C LEU M 99 19.32 -26.10 17.50
N LEU M 100 19.29 -24.79 17.25
CA LEU M 100 19.49 -24.25 15.91
C LEU M 100 20.92 -24.41 15.39
N VAL M 101 21.86 -24.70 16.29
CA VAL M 101 23.26 -24.87 15.91
C VAL M 101 23.42 -26.32 15.47
N ALA M 102 22.60 -27.19 16.06
CA ALA M 102 22.61 -28.61 15.74
C ALA M 102 22.07 -28.75 14.32
N ASP M 103 21.05 -27.95 13.99
CA ASP M 103 20.46 -27.96 12.66
C ASP M 103 21.03 -26.81 11.83
N GLN M 104 22.34 -26.59 11.97
CA GLN M 104 23.08 -25.57 11.25
C GLN M 104 22.25 -24.35 10.85
N ALA M 105 21.30 -23.96 11.68
CA ALA M 105 20.44 -22.81 11.39
C ALA M 105 21.06 -21.54 11.96
N VAL M 106 21.75 -21.68 13.08
CA VAL M 106 22.41 -20.56 13.72
C VAL M 106 23.92 -20.78 13.68
N SER M 107 24.66 -19.78 13.23
CA SER M 107 26.11 -19.89 13.14
C SER M 107 26.71 -20.22 14.50
N LYS M 108 27.61 -21.20 14.52
CA LYS M 108 28.29 -21.65 15.73
C LYS M 108 28.90 -20.46 16.47
N GLN M 109 29.07 -19.36 15.72
CA GLN M 109 29.64 -18.12 16.24
C GLN M 109 28.60 -17.47 17.15
N GLN M 110 27.38 -17.39 16.64
CA GLN M 110 26.24 -16.80 17.35
C GLN M 110 25.86 -17.58 18.61
N TYR M 111 25.60 -18.88 18.48
CA TYR M 111 25.23 -19.73 19.62
C TYR M 111 26.21 -19.49 20.72
N ALA M 112 27.44 -19.25 20.31
CA ALA M 112 28.53 -19.00 21.23
C ALA M 112 28.21 -17.74 22.02
N ASP M 113 27.83 -16.68 21.31
CA ASP M 113 27.50 -15.41 21.93
C ASP M 113 26.33 -15.56 22.89
N ALA M 114 25.28 -16.25 22.45
CA ALA M 114 24.10 -16.46 23.28
C ALA M 114 24.49 -17.15 24.58
N ASN M 115 25.21 -18.26 24.48
CA ASN M 115 25.62 -19.01 25.65
C ASN M 115 26.62 -18.21 26.47
N ALA M 116 27.27 -17.24 25.83
CA ALA M 116 28.23 -16.40 26.52
C ALA M 116 27.46 -15.51 27.49
N ALA M 117 26.46 -14.82 26.97
CA ALA M 117 25.63 -13.93 27.78
C ALA M 117 25.03 -14.73 28.94
N TYR M 118 24.43 -15.87 28.61
CA TYR M 118 23.81 -16.73 29.61
C TYR M 118 24.75 -17.03 30.78
N LEU M 119 25.99 -17.35 30.47
CA LEU M 119 26.95 -17.64 31.52
C LEU M 119 27.25 -16.41 32.37
N GLN M 120 27.31 -15.24 31.72
CA GLN M 120 27.58 -13.99 32.42
C GLN M 120 26.44 -13.71 33.40
N SER M 121 25.22 -13.81 32.92
CA SER M 121 24.03 -13.58 33.74
C SER M 121 24.13 -14.46 34.99
N LYS M 122 24.16 -15.76 34.75
CA LYS M 122 24.26 -16.76 35.80
C LYS M 122 25.32 -16.35 36.83
N ALA M 123 26.38 -15.71 36.35
CA ALA M 123 27.47 -15.24 37.21
C ALA M 123 27.02 -14.05 38.03
N ALA M 124 26.36 -13.11 37.35
CA ALA M 124 25.85 -11.90 37.99
C ALA M 124 24.91 -12.26 39.13
N VAL M 125 23.93 -13.11 38.82
CA VAL M 125 22.96 -13.56 39.81
C VAL M 125 23.61 -14.14 41.06
N GLU M 126 24.63 -14.98 40.87
CA GLU M 126 25.30 -15.58 42.01
C GLU M 126 25.93 -14.50 42.88
N GLN M 127 26.57 -13.52 42.26
CA GLN M 127 27.21 -12.44 43.00
C GLN M 127 26.15 -11.60 43.71
N ALA M 128 25.02 -11.38 43.04
CA ALA M 128 23.91 -10.62 43.60
C ALA M 128 23.44 -11.34 44.86
N ARG M 129 23.17 -12.62 44.70
CA ARG M 129 22.72 -13.48 45.78
C ARG M 129 23.68 -13.45 46.97
N ILE M 130 24.98 -13.54 46.68
CA ILE M 130 26.00 -13.51 47.73
C ILE M 130 25.91 -12.23 48.55
N ASN M 131 25.90 -11.08 47.85
CA ASN M 131 25.83 -9.77 48.50
C ASN M 131 24.58 -9.58 49.34
N LEU M 132 23.43 -10.00 48.81
CA LEU M 132 22.17 -9.87 49.53
C LEU M 132 22.31 -10.66 50.84
N ARG M 133 22.91 -11.85 50.74
CA ARG M 133 23.09 -12.68 51.92
C ARG M 133 23.93 -11.97 52.98
N TYR M 134 24.98 -11.29 52.55
CA TYR M 134 25.84 -10.57 53.49
C TYR M 134 25.16 -9.37 54.14
N THR M 135 24.00 -9.02 53.60
CA THR M 135 23.21 -7.92 54.10
C THR M 135 23.01 -8.18 55.59
N LYS M 136 23.28 -9.42 56.00
CA LYS M 136 23.19 -9.87 57.39
C LYS M 136 24.60 -10.26 57.79
N VAL M 137 25.30 -9.36 58.46
CA VAL M 137 26.65 -9.64 58.90
C VAL M 137 26.58 -10.55 60.09
N LEU M 138 27.08 -11.78 59.90
CA LEU M 138 27.08 -12.78 60.96
C LEU M 138 28.40 -12.87 61.72
N SER M 139 28.34 -13.46 62.92
CA SER M 139 29.53 -13.61 63.77
C SER M 139 30.29 -14.88 63.37
N PRO M 140 31.59 -14.76 63.06
CA PRO M 140 32.42 -15.90 62.67
C PRO M 140 32.66 -16.95 63.76
N ILE M 141 32.81 -16.48 64.98
CA ILE M 141 33.09 -17.33 66.14
C ILE M 141 32.00 -17.26 67.20
N SER M 142 32.11 -18.10 68.23
CA SER M 142 31.18 -18.03 69.34
C SER M 142 32.08 -17.44 70.40
N GLY M 143 31.62 -16.41 71.07
CA GLY M 143 32.46 -15.79 72.08
C GLY M 143 31.84 -14.56 72.66
N ARG M 144 32.69 -13.62 73.06
CA ARG M 144 32.25 -12.40 73.68
C ARG M 144 32.54 -11.12 72.88
N ILE M 145 31.51 -10.53 72.25
CA ILE M 145 31.68 -9.27 71.50
C ILE M 145 31.76 -8.15 72.52
N GLY M 146 32.52 -7.12 72.19
CA GLY M 146 32.64 -5.98 73.07
C GLY M 146 31.94 -4.79 72.46
N ARG M 147 32.59 -3.63 72.49
CA ARG M 147 32.02 -2.42 71.91
C ARG M 147 31.97 -2.55 70.39
N SER M 148 31.01 -1.85 69.78
CA SER M 148 30.85 -1.86 68.33
C SER M 148 31.54 -0.60 67.84
N ALA M 149 32.63 -0.75 67.09
CA ALA M 149 33.39 0.40 66.59
C ALA M 149 32.62 1.21 65.54
N VAL M 150 31.49 0.66 65.09
CA VAL M 150 30.69 1.29 64.07
C VAL M 150 29.31 1.63 64.60
N THR M 151 28.90 2.89 64.43
CA THR M 151 27.58 3.33 64.90
C THR M 151 26.52 2.91 63.89
N GLU M 152 25.25 2.88 64.31
CA GLU M 152 24.22 2.50 63.37
C GLU M 152 24.16 3.66 62.38
N GLY M 153 23.56 3.42 61.23
CA GLY M 153 23.47 4.46 60.23
C GLY M 153 24.81 4.87 59.64
N ALA M 154 25.90 4.27 60.10
CA ALA M 154 27.22 4.60 59.56
C ALA M 154 27.43 4.00 58.16
N LEU M 155 28.41 4.51 57.45
CA LEU M 155 28.70 4.03 56.09
C LEU M 155 29.80 2.99 56.18
N VAL M 156 29.53 1.83 55.58
CA VAL M 156 30.49 0.74 55.66
C VAL M 156 30.93 0.27 54.27
N THR M 157 32.24 0.02 54.14
CA THR M 157 32.81 -0.40 52.86
C THR M 157 33.55 -1.72 52.86
N ASN M 158 33.20 -2.58 51.91
CA ASN M 158 33.85 -3.87 51.77
C ASN M 158 35.35 -3.65 51.63
N GLY M 159 36.13 -4.34 52.46
CA GLY M 159 37.56 -4.20 52.41
C GLY M 159 38.09 -3.06 53.26
N GLN M 160 37.17 -2.32 53.90
CA GLN M 160 37.59 -1.20 54.73
C GLN M 160 38.59 -1.67 55.77
N ALA M 161 39.51 -0.79 56.11
CA ALA M 161 40.57 -1.09 57.06
C ALA M 161 40.12 -1.61 58.44
N ASN M 162 39.33 -0.79 59.15
CA ASN M 162 38.88 -1.15 60.48
C ASN M 162 37.75 -2.16 60.57
N ALA M 163 37.77 -2.93 61.66
CA ALA M 163 36.76 -3.95 61.88
C ALA M 163 35.59 -3.36 62.65
N MET M 164 34.39 -3.81 62.32
CA MET M 164 33.18 -3.32 62.97
C MET M 164 33.17 -3.70 64.46
N ALA M 165 33.65 -4.90 64.78
CA ALA M 165 33.70 -5.40 66.15
C ALA M 165 34.61 -6.62 66.29
N THR M 166 34.91 -7.00 67.53
CA THR M 166 35.77 -8.15 67.78
C THR M 166 35.16 -9.17 68.73
N VAL M 167 35.05 -10.41 68.26
CA VAL M 167 34.50 -11.50 69.07
C VAL M 167 35.62 -12.38 69.60
N GLN M 168 35.93 -12.27 70.90
CA GLN M 168 36.95 -13.10 71.51
C GLN M 168 36.28 -14.27 72.19
N GLN M 169 36.83 -15.47 71.98
CA GLN M 169 36.29 -16.68 72.62
C GLN M 169 36.99 -16.74 73.97
N LEU M 170 36.21 -16.58 75.03
CA LEU M 170 36.80 -16.60 76.36
C LEU M 170 36.36 -17.76 77.23
N ASP M 171 35.45 -18.61 76.74
CA ASP M 171 35.05 -19.73 77.58
C ASP M 171 36.29 -20.57 77.70
N PRO M 172 36.43 -21.67 76.92
CA PRO M 172 37.72 -22.31 77.22
C PRO M 172 38.76 -21.22 77.03
N ILE M 173 39.51 -20.90 78.08
CA ILE M 173 40.49 -19.84 77.98
C ILE M 173 41.91 -20.34 78.21
N TYR M 174 42.84 -19.82 77.42
CA TYR M 174 44.24 -20.21 77.54
C TYR M 174 44.97 -19.52 78.66
N VAL M 175 46.07 -20.14 79.06
CA VAL M 175 46.97 -19.62 80.08
C VAL M 175 48.34 -19.95 79.52
N ASP M 176 49.00 -18.94 78.95
CA ASP M 176 50.32 -19.14 78.37
C ASP M 176 51.38 -19.21 79.46
N VAL M 177 51.98 -20.38 79.57
CA VAL M 177 53.03 -20.64 80.55
C VAL M 177 54.38 -20.75 79.87
N THR M 178 55.38 -20.11 80.47
CA THR M 178 56.73 -20.13 79.91
C THR M 178 57.76 -20.73 80.88
N GLN M 179 58.29 -21.88 80.48
CA GLN M 179 59.29 -22.60 81.26
C GLN M 179 60.55 -22.80 80.44
N PRO M 180 61.73 -22.82 81.09
CA PRO M 180 62.97 -23.02 80.36
C PRO M 180 62.90 -24.40 79.69
N SER M 181 63.39 -24.50 78.46
CA SER M 181 63.36 -25.75 77.71
C SER M 181 63.56 -27.01 78.56
N THR M 182 64.51 -26.94 79.48
CA THR M 182 64.83 -28.03 80.38
C THR M 182 63.59 -28.53 81.12
N ALA M 183 63.01 -27.64 81.94
CA ALA M 183 61.82 -27.90 82.73
C ALA M 183 60.67 -28.52 81.94
N LEU M 184 60.54 -28.16 80.67
CA LEU M 184 59.47 -28.70 79.85
C LEU M 184 59.68 -30.21 79.70
N LEU M 185 60.95 -30.60 79.53
CA LEU M 185 61.28 -32.02 79.39
C LEU M 185 61.05 -32.73 80.72
N ARG M 186 61.52 -32.12 81.79
CA ARG M 186 61.35 -32.67 83.12
C ARG M 186 59.90 -33.05 83.35
N LEU M 187 59.02 -32.09 83.11
CA LEU M 187 57.59 -32.32 83.30
C LEU M 187 57.06 -33.35 82.34
N ARG M 188 57.60 -33.36 81.13
CA ARG M 188 57.18 -34.32 80.12
C ARG M 188 57.42 -35.76 80.59
N ARG M 189 58.55 -35.98 81.26
CA ARG M 189 58.87 -37.32 81.78
C ARG M 189 57.86 -37.72 82.81
N GLU M 190 57.78 -36.93 83.87
CA GLU M 190 56.87 -37.18 84.96
C GLU M 190 55.48 -37.51 84.45
N LEU M 191 55.09 -36.85 83.36
CA LEU M 191 53.79 -37.11 82.75
C LEU M 191 53.72 -38.55 82.28
N ALA M 192 54.78 -38.99 81.60
CA ALA M 192 54.87 -40.35 81.07
C ALA M 192 55.13 -41.38 82.17
N SER M 193 55.94 -40.99 83.15
CA SER M 193 56.26 -41.89 84.25
C SER M 193 55.17 -41.89 85.31
N GLY M 194 53.94 -41.62 84.91
CA GLY M 194 52.82 -41.60 85.84
C GLY M 194 53.00 -40.71 87.06
N GLN M 195 54.15 -40.05 87.18
CA GLN M 195 54.45 -39.17 88.31
C GLN M 195 53.62 -37.88 88.29
N LEU M 196 52.84 -37.69 87.22
CA LEU M 196 51.97 -36.52 87.05
C LEU M 196 50.57 -37.00 86.73
N GLU M 197 49.57 -36.34 87.33
CA GLU M 197 48.17 -36.73 87.11
C GLU M 197 47.72 -36.49 85.67
N ARG M 198 47.53 -37.57 84.92
CA ARG M 198 47.09 -37.49 83.53
C ARG M 198 45.83 -36.66 83.41
N ALA M 199 45.67 -36.04 82.24
CA ALA M 199 44.52 -35.21 81.92
C ALA M 199 44.17 -35.54 80.48
N GLY M 200 45.06 -36.29 79.84
CA GLY M 200 44.87 -36.68 78.45
C GLY M 200 46.26 -36.86 77.86
N ASP M 201 46.34 -37.33 76.62
CA ASP M 201 47.64 -37.52 75.98
C ASP M 201 48.39 -36.20 76.01
N ASN M 202 49.58 -36.20 76.58
CA ASN M 202 50.40 -34.99 76.65
C ASN M 202 49.81 -33.87 77.51
N ALA M 203 48.83 -34.20 78.35
CA ALA M 203 48.21 -33.18 79.19
C ALA M 203 48.08 -33.61 80.64
N ALA M 204 48.51 -32.76 81.55
CA ALA M 204 48.41 -33.04 82.98
C ALA M 204 47.40 -32.10 83.63
N LYS M 205 46.61 -32.62 84.57
CA LYS M 205 45.62 -31.80 85.27
C LYS M 205 46.32 -30.68 86.03
N VAL M 206 45.72 -29.49 86.01
CA VAL M 206 46.30 -28.33 86.68
C VAL M 206 45.24 -27.46 87.33
N SER M 207 45.67 -26.69 88.32
CA SER M 207 44.79 -25.77 89.03
C SER M 207 45.29 -24.36 88.78
N LEU M 208 44.40 -23.38 88.92
CA LEU M 208 44.79 -22.00 88.68
C LEU M 208 44.71 -21.13 89.94
N LYS M 209 45.71 -20.27 90.10
CA LYS M 209 45.80 -19.38 91.24
C LYS M 209 45.96 -17.93 90.77
N LEU M 210 44.86 -17.19 90.82
CA LEU M 210 44.81 -15.78 90.40
C LEU M 210 45.83 -14.93 91.17
N GLU M 211 46.31 -13.86 90.53
CA GLU M 211 47.29 -12.97 91.17
C GLU M 211 46.64 -12.34 92.39
N ASP M 212 45.36 -12.67 92.53
CA ASP M 212 44.55 -12.20 93.64
C ASP M 212 45.02 -13.00 94.85
N GLY M 213 45.36 -14.26 94.60
CA GLY M 213 45.80 -15.16 95.65
C GLY M 213 44.78 -16.27 95.72
N SER M 214 43.54 -15.94 95.38
CA SER M 214 42.45 -16.90 95.40
C SER M 214 42.66 -18.10 94.48
N GLN M 215 41.84 -19.13 94.69
CA GLN M 215 41.91 -20.36 93.92
C GLN M 215 40.75 -20.50 92.95
N TYR M 216 41.04 -20.38 91.66
CA TYR M 216 39.98 -20.51 90.67
C TYR M 216 39.32 -21.87 90.89
N PRO M 217 38.03 -21.87 91.27
CA PRO M 217 37.25 -23.08 91.53
C PRO M 217 37.41 -24.25 90.57
N LEU M 218 37.40 -23.99 89.27
CA LEU M 218 37.53 -25.09 88.32
C LEU M 218 38.99 -25.37 88.00
N GLU M 219 39.23 -26.44 87.26
CA GLU M 219 40.59 -26.81 86.87
C GLU M 219 40.60 -27.35 85.45
N GLY M 220 41.76 -27.29 84.79
CA GLY M 220 41.85 -27.77 83.43
C GLY M 220 43.17 -28.36 82.99
N ARG M 221 43.22 -28.73 81.72
CA ARG M 221 44.38 -29.33 81.08
C ARG M 221 45.59 -28.41 80.95
N LEU M 222 46.77 -29.01 80.84
CA LEU M 222 48.01 -28.28 80.62
C LEU M 222 48.75 -29.03 79.52
N GLU M 223 48.36 -28.75 78.27
CA GLU M 223 48.97 -29.39 77.11
C GLU M 223 50.48 -29.18 77.08
N PHE M 224 51.22 -30.23 76.72
CA PHE M 224 52.69 -30.13 76.68
C PHE M 224 53.30 -29.88 75.32
N SER M 225 52.48 -29.90 74.27
CA SER M 225 52.99 -29.62 72.93
C SER M 225 53.36 -28.13 72.89
N GLU M 226 54.61 -27.84 72.55
CA GLU M 226 55.09 -26.46 72.51
C GLU M 226 54.32 -25.64 71.50
N VAL M 227 54.20 -24.35 71.79
CA VAL M 227 53.48 -23.41 70.92
C VAL M 227 54.48 -22.43 70.31
N SER M 228 55.55 -22.15 71.05
CA SER M 228 56.58 -21.21 70.59
C SER M 228 57.82 -21.29 71.46
N VAL M 229 58.94 -20.86 70.90
CA VAL M 229 60.21 -20.87 71.60
C VAL M 229 61.03 -19.61 71.33
N ASP M 230 61.28 -18.81 72.38
CA ASP M 230 62.08 -17.60 72.24
C ASP M 230 63.54 -18.06 72.15
N GLU M 231 63.98 -18.43 70.95
CA GLU M 231 65.34 -18.90 70.74
C GLU M 231 66.40 -17.98 71.35
N GLY M 232 66.03 -16.72 71.59
CA GLY M 232 66.95 -15.78 72.18
C GLY M 232 67.07 -16.03 73.68
N THR M 233 66.13 -16.82 74.21
CA THR M 233 66.11 -17.17 75.63
C THR M 233 66.15 -18.69 75.75
N GLY M 234 65.71 -19.36 74.69
CA GLY M 234 65.68 -20.80 74.67
C GLY M 234 64.44 -21.32 75.37
N SER M 235 63.76 -20.45 76.12
CA SER M 235 62.56 -20.81 76.85
C SER M 235 61.39 -21.16 75.95
N VAL M 236 60.58 -22.12 76.39
CA VAL M 236 59.43 -22.57 75.64
C VAL M 236 58.14 -22.02 76.24
N THR M 237 57.07 -22.05 75.46
CA THR M 237 55.77 -21.57 75.92
C THR M 237 54.69 -22.61 75.60
N ILE M 238 54.01 -23.07 76.63
CA ILE M 238 52.94 -24.05 76.48
C ILE M 238 51.65 -23.50 77.04
N ARG M 239 50.53 -24.11 76.65
CA ARG M 239 49.23 -23.63 77.08
C ARG M 239 48.38 -24.51 77.98
N ALA M 240 47.75 -23.87 78.96
CA ALA M 240 46.84 -24.54 79.88
C ALA M 240 45.45 -24.13 79.38
N VAL M 241 44.46 -25.00 79.55
CA VAL M 241 43.12 -24.70 79.08
C VAL M 241 42.03 -24.87 80.14
N PHE M 242 41.62 -23.76 80.75
CA PHE M 242 40.58 -23.81 81.78
C PHE M 242 39.18 -23.47 81.29
N PRO M 243 38.16 -24.09 81.89
CA PRO M 243 36.77 -23.79 81.49
C PRO M 243 36.50 -22.44 82.11
N ASN M 244 35.81 -21.57 81.39
CA ASN M 244 35.56 -20.24 81.93
C ASN M 244 34.14 -19.73 81.70
N PRO M 245 33.14 -20.46 82.20
CA PRO M 245 31.77 -19.97 82.02
C PRO M 245 31.70 -18.84 83.05
N ASN M 246 30.57 -18.18 83.20
CA ASN M 246 30.47 -17.08 84.17
C ASN M 246 31.44 -15.96 83.78
N ASN M 247 32.35 -16.27 82.86
CA ASN M 247 33.32 -15.31 82.36
C ASN M 247 34.09 -14.62 83.48
N GLU M 248 34.49 -15.39 84.48
CA GLU M 248 35.25 -14.86 85.61
C GLU M 248 36.68 -14.53 85.19
N LEU M 249 37.23 -15.32 84.29
CA LEU M 249 38.59 -15.13 83.81
C LEU M 249 38.67 -14.28 82.55
N LEU M 250 39.55 -13.29 82.56
CA LEU M 250 39.71 -12.38 81.42
C LEU M 250 41.16 -12.29 80.95
N PRO M 251 41.36 -12.08 79.64
CA PRO M 251 42.70 -11.97 79.07
C PRO M 251 43.57 -10.96 79.79
N GLY M 252 44.87 -11.21 79.86
CA GLY M 252 45.78 -10.28 80.50
C GLY M 252 46.07 -10.49 81.99
N MET M 253 45.35 -11.41 82.62
CA MET M 253 45.55 -11.71 84.04
C MET M 253 46.89 -12.42 84.25
N PHE M 254 47.60 -12.05 85.31
CA PHE M 254 48.88 -12.70 85.64
C PHE M 254 48.55 -13.78 86.66
N VAL M 255 48.51 -15.03 86.21
CA VAL M 255 48.16 -16.13 87.10
C VAL M 255 49.28 -17.14 87.37
N HIS M 256 48.92 -18.26 87.98
CA HIS M 256 49.84 -19.34 88.32
C HIS M 256 49.19 -20.72 88.17
N ALA M 257 49.75 -21.54 87.31
CA ALA M 257 49.25 -22.89 87.10
C ALA M 257 49.89 -23.73 88.19
N GLN M 258 49.16 -24.74 88.67
CA GLN M 258 49.70 -25.58 89.74
C GLN M 258 49.66 -27.08 89.48
N LEU M 259 50.77 -27.74 89.81
CA LEU M 259 50.91 -29.17 89.66
C LEU M 259 51.35 -29.74 91.00
#